data_5OCH
#
_entry.id   5OCH
#
_cell.length_a   181.080
_cell.length_b   98.500
_cell.length_c   214.870
_cell.angle_alpha   90.00
_cell.angle_beta   90.50
_cell.angle_gamma   90.00
#
_symmetry.space_group_name_H-M   'P 1 21 1'
#
loop_
_entity.id
_entity.type
_entity.pdbx_description
1 polymer 'ATP-binding cassette sub-family B member 8, mitochondrial'
2 polymer 'ATP-binding cassette sub-family B member 8, mitochondrial'
3 polymer 'ATP-binding cassette sub-family B member 8, mitochondrial'
4 polymer 'ATP-binding cassette sub-family B member 8, mitochondrial'
5 polymer 'ATP-binding cassette sub-family B member 8, mitochondrial'
6 non-polymer "ADENOSINE-5'-DIPHOSPHATE"
7 non-polymer 'MAGNESIUM ION'
8 non-polymer 'CHOLESTEROL HEMISUCCINATE'
#
loop_
_entity_poly.entity_id
_entity_poly.type
_entity_poly.pdbx_seq_one_letter_code
_entity_poly.pdbx_strand_id
1 'polypeptide(L)'
;MALCEAEEAPPASSTPHVVGSRFNWKLFWQFLHPHLLVLGVAVVLALGAALVNVQIPLLLGQLVEVVAKYTRDHVGSFMT
ESQNLSTHLLILYGVQGLLTFGYLVLLSHVGERMAVDMRRALFSSLLRQDITFFDANKTGQLVSRLTTDVQEFKSSFKLV
ISQGLRSCTQVAGCLVSLSMLSTRLTLLLMVATPALMGVGTLMGSGLRKLSRQCQEQIARAMGVADEALGNVRTVRAFAM
EQREEERYGAELEACRCRAEELGRGIALFQGLSNIAFNCMVLGTLFIGGSLVAGQQLTGGDLMSFLVASQTVQRSMANLS
VLFGQVVRGLSAGARVFEYMALNPCIPLSGGCCVPKEQLRGSVTFQNVCFSYP(YCM)RPGFEVLKDFTLTLPPGKIVAL
VGQSGGGKTTVASLLERFYDPTAGVVMLDGRDLRTLDPSWLRGQVVGFISQEPVLFGTTIMENIRFGKLEASDEEVYTAA
REANAHEFITSFPEGYNTVVGERGTTLSGGQKQRLAIARALIKQPTVLILDEATSALDAESERVVQEALDRASAGRTVLV
IAHRLSTVRGAHCIVVMADGRVWEAGTHEELLKKGGLYAELIRRQALDAAENLYFQ
;
A,C,D
2 'polypeptide(L)'
;MALCEAEEAPPASSTPHVVGSRFNWKLFWQFLHPHLLVLGVAVVLALGAALVNVQIPLLLGQLVEVVAKYTRDHVGSFMT
ESQNLSTHLLILYGVQGLLTFGYLVLLSHVGERMAVDMRRALFSSLLRQDITFFDANKTGQLVSRLTTDVQEFKSSFKLV
ISQGLRSCTQVAGCLVSLSMLSTRLTLLLMVATPALMGVGTLMGSGLRKLSRQCQEQIARAMGVADEALGNVRTVRAFAM
EQREEERYGAELEACRCRAEELGRGIALFQGLSNIAFNCMVLGTLFIGGSLVAGQQLTGGDLMSFLVASQTVQRSMANLS
VLFGQVVRGLSAGARVFEYMALNPCIPLSGG(YCM)CVPKEQLRGSVTFQNVCFSYP(YCM)RPGFEVLKDFTLTLPPGK
IVALVGQSGGGKTTVASLLERFYDPTAGVVMLDGRDLRTLDPSWLRGQVVGFISQEPVLFGTTIMENIRFGKLEASDEEV
YTAAREANAHEFITSFPEGYNTVVGERGTTLSGGQKQRLAIARALIKQPTVLILDEATSALDAESERVVQEALDRASAGR
TVLVIAHRLSTVRGAHCIVVMADGRVWEAGTHEELLKKGGLYAELIRRQALDAAENLYFQ
;
B
3 'polypeptide(L)'
;MALCEAEEAPPASSTPHVVGSRFNWKLFWQFLHPHLLVLGVAVVLALGAALVNVQIPLLLGQLVEVVAKYTRDHVGSFMT
ESQNLSTHLLILYGVQGLLTFGYLVLLSHVGERMAVDMRRALFSSLLRQDITFFDANKTGQLVSRLTTDVQEFKSSFKLV
ISQGLRSCTQVAGCLVSLSMLSTRLTLLLMVATPALMGVGTLMGSGLRKLSRQCQEQIARAMGVADEALGNVRTVRAFAM
EQREEERYGAELEACR(YCM)RAEELGRGIALFQGLSNIAFNCMVLGTLFIGGSLVAGQQLTGGDLMSFLVASQTVQRSM
ANLSVLFGQVVRGLSAGARVFEYMALNPCIPLSGGCCVPKEQLRGSVTFQNVCFSYP(YCM)RPGFEVLKDFTLTLPPGK
IVALVGQSGGGKTTVASLLERFYDPTAGVVMLDGRDLRTLDPSWLRGQVVGFISQEPVLFGTTIMENIRFGKLEASDEEV
YTAAREANAHEFITSFPEGYNTVVGERGTTLSGGQKQRLAIARALIKQPTVLILDEATSALDAESERVVQEALDRASAGR
TVLVIAHRLSTVRGAHCIVVMADGRVWEAGTHEELLKKGGLYAELIRRQALDAAENLYFQ
;
E
4 'polypeptide(L)'
;MALCEAEEAPPASSTPHVVGSRFNWKLFWQFLHPHLLVLGVAVVLALGAALVNVQIPLLLGQLVEVVAKYTRDHVGSFMT
ESQNLSTHLLILYGVQGLLTFGYLVLLSHVGERMAVDMRRALFSSLLRQDITFFDANKTGQLVSRLTTDVQEFKSSFKLV
ISQGLRSCTQVAGCLVSLSMLSTRLTLLLMVATPALMGVGTLMGSGLRKLSRQCQEQIARAMGVADEALGNVRTVRAFAM
EQREEERYGAELEACRCRAEELGRGIALFQGLSNIAFNCMVLGTLFIGGSLVAGQQLTGGDLMSFLVASQTVQRSMANLS
VLFGQVVRGLSAGARVFEYMALNPCIPLSGGCCVPKEQLRGSVTFQNV(YCM)FSYP(YCM)RPGFEVLKDFTLTLPPGK
IVALVGQSGGGKTTVASLLERFYDPTAGVVMLDGRDLRTLDPSWLRGQVVGFISQEPVLFGTTIMENIRFGKLEASDEEV
YTAAREANAHEFITSFPEGYNTVVGERGTTLSGGQKQRLAIARALIKQPTVLILDEATSALDAESERVVQEALDRASAGR
TVLVIAHRLSTVRGAHCIVVMADGRVWEAGTHEELLKKGGLYAELIRRQALDAAENLYFQ
;
F,G
5 'polypeptide(L)'
;MALCEAEEAPPASSTPHVVGSRFNWKLFWQFLHPHLLVLGVAVVLALGAALVNVQIPLLLGQLVEVVAKYTRDHVGSFMT
ESQNLSTHLLILYGVQGLLTFGYLVLLSHVGERMAVDMRRALFSSLLRQDITFFDANKTGQLVSRLTTDVQEFKSSFKLV
ISQGLRSCTQVAGCLVSLSMLSTRLTLLLMVATPALMGVGTLMGSGLRKLSRQCQEQIARAMGVADEALGNVRTVRAFAM
EQREEERYGAELEACRCRAEELGRGIALFQGLSNIAFNCMVLGTLFIGGSLVAGQQLTGGDLMSFLVASQTVQRSMANLS
VLFGQVVRGLSAGARVFEYMALNPCIPLSGGCCVPKEQLRGSVTFQNVCFSYPCRPGFEVLKDFTLTLPPGKIVALVGQS
GGGKTTVASLLERFYDPTAGVVMLDGRDLRTLDPSWLRGQVVGFISQEPVLFGTTIMENIRFGKLEASDEEVYTAAREAN
AHEFITSFPEGYNTVVGERGTTLSGGQKQRLAIARALIKQPTVLILDEATSALDAESERVVQEALDRASAGRTVLVIAHR
LSTVRGAHCIVVMADGRVWEAGTHEELLKKGGLYAELIRRQALDAAENLYFQ
;
H
#
loop_
_chem_comp.id
_chem_comp.type
_chem_comp.name
_chem_comp.formula
ADP non-polymer ADENOSINE-5'-DIPHOSPHATE 'C10 H15 N5 O10 P2'
MG non-polymer 'MAGNESIUM ION' 'Mg 2'
Y01 non-polymer 'CHOLESTEROL HEMISUCCINATE' 'C31 H50 O4'
#
# COMPACT_ATOMS: atom_id res chain seq x y z
N PHE A 23 -0.62 -25.15 -23.29
CA PHE A 23 -1.03 -25.70 -21.99
C PHE A 23 0.12 -25.66 -20.99
N ASN A 24 1.34 -26.06 -21.41
CA ASN A 24 2.56 -26.06 -20.57
C ASN A 24 3.02 -24.63 -20.28
N TRP A 25 3.03 -23.77 -21.31
CA TRP A 25 3.50 -22.39 -21.21
C TRP A 25 2.34 -21.38 -21.19
N LYS A 26 1.17 -21.75 -21.75
CA LYS A 26 -0.03 -20.90 -21.80
C LYS A 26 -0.57 -20.60 -20.39
N LEU A 27 -0.57 -21.62 -19.51
CA LEU A 27 -1.03 -21.51 -18.12
C LEU A 27 0.07 -20.98 -17.20
N PHE A 28 1.35 -21.27 -17.54
CA PHE A 28 2.53 -20.85 -16.79
C PHE A 28 2.65 -19.32 -16.74
N TRP A 29 2.32 -18.64 -17.86
CA TRP A 29 2.37 -17.18 -17.97
C TRP A 29 1.32 -16.49 -17.11
N GLN A 30 0.17 -17.16 -16.86
CA GLN A 30 -0.93 -16.63 -16.05
C GLN A 30 -0.53 -16.42 -14.59
N PHE A 31 0.35 -17.31 -14.05
CA PHE A 31 0.83 -17.23 -12.67
C PHE A 31 2.05 -16.32 -12.53
N LEU A 32 2.84 -16.18 -13.60
CA LEU A 32 4.06 -15.37 -13.66
C LEU A 32 3.75 -13.87 -13.84
N HIS A 33 2.72 -13.54 -14.64
CA HIS A 33 2.28 -12.18 -14.99
C HIS A 33 2.08 -11.22 -13.77
N PRO A 34 1.39 -11.57 -12.63
CA PRO A 34 1.24 -10.58 -11.55
C PRO A 34 2.53 -10.34 -10.76
N HIS A 35 3.42 -11.34 -10.72
CA HIS A 35 4.70 -11.29 -9.99
C HIS A 35 5.85 -10.72 -10.85
N LEU A 36 5.58 -10.46 -12.14
CA LEU A 36 6.52 -9.96 -13.13
C LEU A 36 7.07 -8.55 -12.79
N LEU A 37 6.26 -7.71 -12.11
CA LEU A 37 6.65 -6.35 -11.71
C LEU A 37 7.75 -6.40 -10.63
N VAL A 38 7.59 -7.32 -9.65
CA VAL A 38 8.52 -7.56 -8.52
C VAL A 38 9.79 -8.22 -9.08
N LEU A 39 9.62 -9.11 -10.07
CA LEU A 39 10.67 -9.85 -10.78
C LEU A 39 11.65 -8.90 -11.49
N GLY A 40 11.12 -7.83 -12.07
CA GLY A 40 11.90 -6.80 -12.76
C GLY A 40 12.82 -6.02 -11.85
N VAL A 41 12.39 -5.77 -10.59
CA VAL A 41 13.14 -5.06 -9.55
C VAL A 41 14.40 -5.87 -9.20
N ALA A 42 14.25 -7.20 -9.07
CA ALA A 42 15.33 -8.15 -8.78
C ALA A 42 16.38 -8.17 -9.88
N VAL A 43 15.97 -7.98 -11.15
CA VAL A 43 16.85 -7.95 -12.33
C VAL A 43 17.77 -6.72 -12.21
N VAL A 44 17.20 -5.56 -11.84
CA VAL A 44 17.91 -4.29 -11.65
C VAL A 44 18.92 -4.45 -10.50
N LEU A 45 18.49 -5.05 -9.38
CA LEU A 45 19.33 -5.30 -8.19
C LEU A 45 20.50 -6.22 -8.51
N ALA A 46 20.27 -7.26 -9.36
CA ALA A 46 21.28 -8.23 -9.80
C ALA A 46 22.32 -7.60 -10.72
N LEU A 47 21.87 -6.71 -11.62
CA LEU A 47 22.74 -5.99 -12.55
C LEU A 47 23.61 -4.98 -11.79
N GLY A 48 23.01 -4.36 -10.77
CA GLY A 48 23.67 -3.40 -9.89
C GLY A 48 24.67 -4.04 -8.95
N ALA A 49 24.38 -5.27 -8.48
CA ALA A 49 25.24 -6.03 -7.57
C ALA A 49 26.56 -6.39 -8.25
N ALA A 50 26.51 -6.87 -9.50
CA ALA A 50 27.69 -7.24 -10.27
C ALA A 50 28.38 -5.99 -10.85
N LEU A 51 27.68 -4.83 -10.86
CA LEU A 51 28.21 -3.55 -11.31
C LEU A 51 29.22 -3.03 -10.28
N VAL A 52 28.95 -3.31 -8.97
CA VAL A 52 29.80 -2.97 -7.83
C VAL A 52 31.04 -3.91 -7.85
N ASN A 53 30.83 -5.17 -8.28
CA ASN A 53 31.86 -6.21 -8.40
C ASN A 53 32.90 -5.88 -9.50
N VAL A 54 32.53 -5.04 -10.49
CA VAL A 54 33.42 -4.61 -11.57
C VAL A 54 34.45 -3.59 -11.03
N GLN A 55 34.00 -2.68 -10.15
CA GLN A 55 34.82 -1.65 -9.53
C GLN A 55 35.64 -2.20 -8.34
N ILE A 56 35.31 -3.41 -7.85
CA ILE A 56 35.99 -4.06 -6.72
C ILE A 56 37.49 -4.34 -7.04
N PRO A 57 37.91 -5.06 -8.12
CA PRO A 57 39.35 -5.24 -8.36
C PRO A 57 40.01 -3.99 -8.97
N LEU A 58 39.19 -3.08 -9.53
CA LEU A 58 39.61 -1.82 -10.13
C LEU A 58 40.18 -0.90 -9.04
N LEU A 59 39.43 -0.74 -7.93
CA LEU A 59 39.83 0.06 -6.77
C LEU A 59 40.84 -0.70 -5.89
N LEU A 60 40.83 -2.05 -5.96
CA LEU A 60 41.76 -2.91 -5.22
C LEU A 60 43.17 -2.79 -5.82
N GLY A 61 43.23 -2.64 -7.14
CA GLY A 61 44.47 -2.45 -7.90
C GLY A 61 45.09 -1.10 -7.63
N GLN A 62 44.25 -0.09 -7.31
CA GLN A 62 44.67 1.27 -6.97
C GLN A 62 45.29 1.30 -5.56
N LEU A 63 44.80 0.44 -4.65
CA LEU A 63 45.29 0.33 -3.27
C LEU A 63 46.65 -0.35 -3.22
N THR A 80 46.73 8.46 5.80
CA THR A 80 45.50 9.21 5.51
C THR A 80 44.94 8.83 4.15
N GLU A 81 45.81 8.55 3.15
CA GLU A 81 45.43 8.16 1.80
C GLU A 81 44.82 6.76 1.80
N SER A 82 45.37 5.85 2.63
CA SER A 82 44.91 4.47 2.77
C SER A 82 43.59 4.40 3.54
N GLN A 83 43.44 5.21 4.61
CA GLN A 83 42.24 5.26 5.47
C GLN A 83 41.02 5.78 4.71
N ASN A 84 41.23 6.70 3.75
CA ASN A 84 40.15 7.28 2.93
C ASN A 84 39.64 6.27 1.89
N LEU A 85 40.54 5.39 1.39
CA LEU A 85 40.24 4.37 0.39
C LEU A 85 39.71 3.08 1.02
N SER A 86 40.18 2.74 2.26
CA SER A 86 39.73 1.55 2.99
C SER A 86 38.30 1.70 3.48
N THR A 87 37.92 2.92 3.93
CA THR A 87 36.56 3.24 4.40
C THR A 87 35.61 3.23 3.20
N HIS A 88 36.10 3.71 2.03
CA HIS A 88 35.34 3.76 0.77
C HIS A 88 35.04 2.34 0.27
N LEU A 89 36.01 1.42 0.38
CA LEU A 89 35.90 0.02 -0.03
C LEU A 89 34.94 -0.77 0.86
N LEU A 90 34.90 -0.44 2.17
CA LEU A 90 34.02 -1.08 3.15
C LEU A 90 32.55 -0.72 2.90
N ILE A 91 32.32 0.49 2.33
CA ILE A 91 30.98 0.99 1.98
C ILE A 91 30.45 0.17 0.79
N LEU A 92 31.32 -0.11 -0.20
CA LEU A 92 30.98 -0.88 -1.41
C LEU A 92 30.63 -2.34 -1.11
N TYR A 93 31.27 -2.95 -0.08
CA TYR A 93 30.99 -4.33 0.31
C TYR A 93 29.57 -4.48 0.90
N GLY A 94 29.20 -3.52 1.75
CA GLY A 94 27.88 -3.46 2.38
C GLY A 94 26.78 -3.18 1.39
N VAL A 95 27.08 -2.39 0.33
CA VAL A 95 26.16 -2.04 -0.74
C VAL A 95 25.92 -3.28 -1.62
N GLN A 96 27.00 -4.00 -2.04
CA GLN A 96 26.91 -5.22 -2.86
C GLN A 96 26.18 -6.33 -2.09
N GLY A 97 26.49 -6.47 -0.80
CA GLY A 97 25.89 -7.46 0.08
C GLY A 97 24.40 -7.24 0.28
N LEU A 98 23.96 -5.97 0.25
CA LEU A 98 22.57 -5.55 0.38
C LEU A 98 21.83 -5.78 -0.95
N LEU A 99 22.52 -5.50 -2.10
CA LEU A 99 22.00 -5.69 -3.46
C LEU A 99 21.77 -7.17 -3.78
N THR A 100 22.68 -8.05 -3.27
CA THR A 100 22.60 -9.51 -3.47
C THR A 100 21.48 -10.08 -2.61
N PHE A 101 21.40 -9.71 -1.32
CA PHE A 101 20.39 -10.15 -0.36
C PHE A 101 18.96 -9.86 -0.86
N GLY A 102 18.72 -8.61 -1.27
CA GLY A 102 17.42 -8.15 -1.78
C GLY A 102 16.97 -8.86 -3.03
N TYR A 103 17.90 -9.05 -3.98
CA TYR A 103 17.68 -9.72 -5.26
C TYR A 103 17.36 -11.22 -5.02
N LEU A 104 17.92 -11.83 -3.96
CA LEU A 104 17.67 -13.22 -3.58
C LEU A 104 16.36 -13.35 -2.79
N VAL A 105 16.03 -12.34 -1.94
CA VAL A 105 14.81 -12.31 -1.13
C VAL A 105 13.59 -12.11 -2.06
N LEU A 106 13.69 -11.18 -3.05
CA LEU A 106 12.63 -10.92 -4.03
C LEU A 106 12.32 -12.15 -4.87
N LEU A 107 13.37 -12.91 -5.24
CA LEU A 107 13.26 -14.13 -6.05
C LEU A 107 12.62 -15.26 -5.23
N SER A 108 12.87 -15.29 -3.90
CA SER A 108 12.29 -16.28 -2.99
C SER A 108 10.82 -15.94 -2.75
N HIS A 109 10.48 -14.63 -2.65
CA HIS A 109 9.12 -14.14 -2.45
C HIS A 109 8.24 -14.42 -3.66
N VAL A 110 8.74 -14.12 -4.89
CA VAL A 110 8.04 -14.34 -6.15
C VAL A 110 7.77 -15.85 -6.34
N GLY A 111 8.79 -16.66 -6.10
CA GLY A 111 8.70 -18.12 -6.19
C GLY A 111 7.70 -18.76 -5.25
N GLU A 112 7.66 -18.29 -3.98
CA GLU A 112 6.75 -18.81 -2.95
C GLU A 112 5.29 -18.36 -3.17
N ARG A 113 5.08 -17.08 -3.57
CA ARG A 113 3.75 -16.54 -3.82
C ARG A 113 3.11 -17.17 -5.06
N MET A 114 3.95 -17.52 -6.07
CA MET A 114 3.53 -18.17 -7.31
C MET A 114 3.09 -19.61 -7.01
N ALA A 115 3.77 -20.27 -6.04
CA ALA A 115 3.49 -21.63 -5.63
C ALA A 115 2.13 -21.74 -4.93
N VAL A 116 1.77 -20.74 -4.09
CA VAL A 116 0.50 -20.69 -3.36
C VAL A 116 -0.65 -20.54 -4.36
N ASP A 117 -0.49 -19.68 -5.38
CA ASP A 117 -1.48 -19.46 -6.44
C ASP A 117 -1.72 -20.75 -7.24
N MET A 118 -0.66 -21.57 -7.44
CA MET A 118 -0.72 -22.84 -8.17
C MET A 118 -1.41 -23.92 -7.33
N ARG A 119 -1.09 -24.02 -6.03
CA ARG A 119 -1.65 -24.99 -5.09
C ARG A 119 -3.13 -24.72 -4.85
N ARG A 120 -3.52 -23.43 -4.79
CA ARG A 120 -4.89 -22.96 -4.60
C ARG A 120 -5.75 -23.35 -5.82
N ALA A 121 -5.23 -23.12 -7.03
CA ALA A 121 -5.89 -23.42 -8.30
C ALA A 121 -5.96 -24.92 -8.59
N LEU A 122 -4.95 -25.71 -8.15
CA LEU A 122 -4.94 -27.16 -8.37
C LEU A 122 -5.90 -27.86 -7.42
N PHE A 123 -5.89 -27.51 -6.12
CA PHE A 123 -6.75 -28.10 -5.09
C PHE A 123 -8.24 -27.85 -5.40
N SER A 124 -8.55 -26.65 -5.93
CA SER A 124 -9.90 -26.24 -6.32
C SER A 124 -10.37 -27.08 -7.51
N SER A 125 -9.48 -27.32 -8.49
CA SER A 125 -9.75 -28.11 -9.70
C SER A 125 -9.85 -29.60 -9.37
N LEU A 126 -9.08 -30.07 -8.35
CA LEU A 126 -9.06 -31.47 -7.90
C LEU A 126 -10.37 -31.84 -7.21
N LEU A 127 -10.90 -30.96 -6.35
CA LEU A 127 -12.15 -31.17 -5.62
C LEU A 127 -13.37 -31.17 -6.55
N ARG A 128 -13.31 -30.37 -7.65
CA ARG A 128 -14.38 -30.27 -8.66
C ARG A 128 -14.50 -31.55 -9.51
N GLN A 129 -13.37 -32.30 -9.66
CA GLN A 129 -13.30 -33.56 -10.42
C GLN A 129 -14.28 -34.61 -9.92
N ASP A 130 -14.93 -35.34 -10.86
CA ASP A 130 -15.91 -36.39 -10.57
C ASP A 130 -15.28 -37.60 -9.84
N ILE A 131 -16.15 -38.42 -9.18
CA ILE A 131 -15.81 -39.59 -8.37
C ILE A 131 -15.05 -40.66 -9.18
N THR A 132 -15.34 -40.78 -10.50
CA THR A 132 -14.67 -41.71 -11.42
C THR A 132 -13.15 -41.53 -11.37
N PHE A 133 -12.70 -40.26 -11.32
CA PHE A 133 -11.29 -39.85 -11.26
C PHE A 133 -10.64 -40.29 -9.94
N PHE A 134 -11.35 -40.11 -8.80
CA PHE A 134 -10.86 -40.46 -7.47
C PHE A 134 -10.73 -41.97 -7.26
N ASP A 135 -11.42 -42.77 -8.09
CA ASP A 135 -11.35 -44.23 -8.05
C ASP A 135 -10.18 -44.71 -8.90
N ALA A 136 -9.86 -43.94 -9.96
CA ALA A 136 -8.75 -44.22 -10.89
C ALA A 136 -7.41 -43.73 -10.35
N ASN A 137 -7.42 -42.63 -9.55
CA ASN A 137 -6.20 -42.04 -8.98
C ASN A 137 -6.18 -42.15 -7.46
N LYS A 138 -5.03 -42.58 -6.89
CA LYS A 138 -4.84 -42.73 -5.44
C LYS A 138 -4.75 -41.39 -4.74
N THR A 139 -5.26 -41.31 -3.48
CA THR A 139 -5.29 -40.09 -2.67
C THR A 139 -3.87 -39.60 -2.34
N GLY A 140 -2.95 -40.53 -2.10
CA GLY A 140 -1.57 -40.23 -1.78
C GLY A 140 -0.82 -39.50 -2.88
N GLN A 141 -0.96 -39.99 -4.14
CA GLN A 141 -0.33 -39.41 -5.33
C GLN A 141 -0.88 -38.01 -5.66
N LEU A 142 -2.15 -37.74 -5.30
CA LEU A 142 -2.79 -36.45 -5.52
C LEU A 142 -2.24 -35.41 -4.55
N VAL A 143 -1.96 -35.83 -3.30
CA VAL A 143 -1.37 -34.99 -2.24
C VAL A 143 0.07 -34.65 -2.63
N SER A 144 0.81 -35.63 -3.20
CA SER A 144 2.19 -35.47 -3.66
C SER A 144 2.28 -34.48 -4.84
N ARG A 145 1.35 -34.58 -5.81
CA ARG A 145 1.30 -33.71 -6.98
C ARG A 145 0.99 -32.25 -6.57
N LEU A 146 0.22 -32.08 -5.49
CA LEU A 146 -0.20 -30.81 -4.95
C LEU A 146 0.89 -30.16 -4.07
N THR A 147 1.71 -30.93 -3.33
CA THR A 147 2.71 -30.33 -2.42
C THR A 147 4.18 -30.57 -2.87
N THR A 148 4.56 -31.80 -3.26
CA THR A 148 5.93 -32.13 -3.69
C THR A 148 6.25 -31.56 -5.09
N ASP A 149 5.41 -31.85 -6.12
CA ASP A 149 5.60 -31.41 -7.51
C ASP A 149 5.64 -29.89 -7.65
N VAL A 150 4.84 -29.16 -6.85
CA VAL A 150 4.81 -27.70 -6.87
C VAL A 150 6.14 -27.17 -6.33
N GLN A 151 6.62 -27.70 -5.18
CA GLN A 151 7.89 -27.32 -4.56
C GLN A 151 9.11 -27.74 -5.40
N GLU A 152 8.98 -28.85 -6.15
CA GLU A 152 10.02 -29.39 -7.05
C GLU A 152 10.24 -28.42 -8.19
N PHE A 153 9.17 -27.78 -8.68
CA PHE A 153 9.18 -26.78 -9.75
C PHE A 153 9.62 -25.42 -9.21
N LYS A 154 9.03 -24.97 -8.07
CA LYS A 154 9.30 -23.69 -7.41
C LYS A 154 10.79 -23.51 -7.13
N SER A 155 11.43 -24.46 -6.40
CA SER A 155 12.85 -24.43 -6.03
C SER A 155 13.75 -24.54 -7.27
N SER A 156 13.28 -25.25 -8.32
CA SER A 156 14.02 -25.40 -9.57
C SER A 156 14.00 -24.06 -10.34
N PHE A 157 12.85 -23.36 -10.33
CA PHE A 157 12.64 -22.05 -10.94
C PHE A 157 13.53 -21.01 -10.24
N LYS A 158 13.65 -21.11 -8.90
CA LYS A 158 14.49 -20.25 -8.06
C LYS A 158 15.96 -20.39 -8.46
N LEU A 159 16.47 -21.64 -8.55
CA LEU A 159 17.86 -21.97 -8.89
C LEU A 159 18.28 -21.54 -10.28
N VAL A 160 17.40 -21.69 -11.29
CA VAL A 160 17.71 -21.34 -12.67
C VAL A 160 17.90 -19.82 -12.78
N ILE A 161 17.02 -19.03 -12.13
CA ILE A 161 17.13 -17.56 -12.17
C ILE A 161 18.28 -17.10 -11.24
N SER A 162 18.47 -17.76 -10.06
CA SER A 162 19.54 -17.40 -9.12
C SER A 162 20.92 -17.51 -9.77
N GLN A 163 21.22 -18.67 -10.39
CA GLN A 163 22.50 -18.91 -11.07
C GLN A 163 22.52 -18.20 -12.41
N GLY A 164 21.44 -18.33 -13.18
CA GLY A 164 21.31 -17.71 -14.51
C GLY A 164 21.54 -16.22 -14.52
N LEU A 165 20.82 -15.48 -13.64
CA LEU A 165 20.96 -14.02 -13.56
C LEU A 165 22.37 -13.65 -13.14
N ARG A 166 22.93 -14.27 -12.09
CA ARG A 166 24.28 -14.03 -11.57
C ARG A 166 25.34 -14.29 -12.65
N SER A 167 25.28 -15.49 -13.30
CA SER A 167 26.20 -15.93 -14.36
C SER A 167 26.13 -15.04 -15.61
N CYS A 168 24.91 -14.63 -16.02
CA CYS A 168 24.69 -13.77 -17.18
C CYS A 168 25.22 -12.35 -16.95
N THR A 169 25.20 -11.87 -15.67
CA THR A 169 25.71 -10.52 -15.36
C THR A 169 27.26 -10.53 -15.37
N GLN A 170 27.89 -11.71 -15.14
CA GLN A 170 29.34 -11.88 -15.20
C GLN A 170 29.83 -11.83 -16.67
N VAL A 171 28.94 -12.17 -17.62
CA VAL A 171 29.18 -12.16 -19.07
C VAL A 171 28.92 -10.74 -19.60
N LEU A 181 31.79 -3.35 -30.73
CA LEU A 181 30.47 -3.35 -31.34
C LEU A 181 30.22 -4.57 -32.26
N SER A 182 31.29 -5.06 -32.94
CA SER A 182 31.23 -6.22 -33.84
C SER A 182 31.36 -7.54 -33.08
N THR A 183 32.26 -7.59 -32.06
CA THR A 183 32.51 -8.76 -31.22
C THR A 183 31.33 -9.10 -30.32
N ARG A 184 30.51 -8.08 -29.97
CA ARG A 184 29.33 -8.22 -29.11
C ARG A 184 28.24 -9.05 -29.81
N LEU A 185 28.01 -8.79 -31.12
CA LEU A 185 27.01 -9.47 -31.94
C LEU A 185 27.33 -10.96 -32.10
N THR A 186 28.62 -11.31 -32.29
CA THR A 186 29.10 -12.69 -32.44
C THR A 186 29.01 -13.45 -31.12
N LEU A 187 29.27 -12.74 -29.99
CA LEU A 187 29.23 -13.29 -28.62
C LEU A 187 27.80 -13.64 -28.21
N LEU A 188 26.82 -12.73 -28.46
CA LEU A 188 25.40 -12.92 -28.15
C LEU A 188 24.81 -14.06 -29.00
N LEU A 189 25.36 -14.23 -30.23
CA LEU A 189 25.00 -15.26 -31.20
C LEU A 189 25.38 -16.66 -30.68
N MET A 190 26.52 -16.77 -29.95
CA MET A 190 27.05 -18.02 -29.37
C MET A 190 26.34 -18.40 -28.05
N VAL A 191 25.73 -17.42 -27.36
CA VAL A 191 24.97 -17.66 -26.12
C VAL A 191 23.58 -18.17 -26.49
N ALA A 192 23.00 -17.63 -27.59
CA ALA A 192 21.67 -17.99 -28.09
C ALA A 192 21.63 -19.40 -28.72
N THR A 193 22.78 -19.91 -29.22
CA THR A 193 22.89 -21.21 -29.88
C THR A 193 22.58 -22.39 -28.92
N PRO A 194 23.23 -22.60 -27.75
CA PRO A 194 22.85 -23.76 -26.91
C PRO A 194 21.43 -23.65 -26.32
N ALA A 195 20.83 -22.45 -26.30
CA ALA A 195 19.45 -22.23 -25.85
C ALA A 195 18.45 -22.71 -26.90
N LEU A 196 18.85 -22.68 -28.20
CA LEU A 196 18.08 -23.10 -29.36
C LEU A 196 18.41 -24.53 -29.81
N MET A 197 19.72 -24.88 -29.91
CA MET A 197 20.26 -26.18 -30.31
C MET A 197 19.83 -27.31 -29.35
N GLY A 198 19.64 -26.96 -28.08
CA GLY A 198 19.16 -27.86 -27.05
C GLY A 198 17.69 -28.18 -27.20
N VAL A 199 17.03 -27.54 -28.19
CA VAL A 199 15.63 -27.68 -28.57
C VAL A 199 15.55 -28.26 -30.01
N GLY A 200 16.54 -27.91 -30.85
CA GLY A 200 16.69 -28.38 -32.23
C GLY A 200 17.15 -29.82 -32.34
N THR A 201 17.64 -30.37 -31.21
CA THR A 201 18.09 -31.75 -31.01
C THR A 201 17.05 -32.53 -30.19
N LEU A 202 16.28 -31.82 -29.33
CA LEU A 202 15.21 -32.39 -28.51
C LEU A 202 14.04 -32.87 -29.38
N MET A 203 14.06 -32.52 -30.69
CA MET A 203 13.07 -32.91 -31.70
C MET A 203 13.22 -34.39 -32.09
N GLY A 204 14.45 -34.92 -32.01
CA GLY A 204 14.76 -36.32 -32.32
C GLY A 204 14.38 -37.24 -31.17
N SER A 205 15.34 -37.51 -30.26
CA SER A 205 15.10 -38.33 -29.08
C SER A 205 14.55 -37.45 -27.95
N GLY A 206 13.50 -37.94 -27.28
CA GLY A 206 12.83 -37.20 -26.22
C GLY A 206 13.17 -37.59 -24.80
N LEU A 207 13.81 -36.65 -24.06
CA LEU A 207 14.13 -36.76 -22.64
C LEU A 207 12.81 -36.72 -21.85
N ARG A 208 11.72 -36.25 -22.50
CA ARG A 208 10.37 -36.17 -21.95
C ARG A 208 9.78 -37.58 -21.75
N LYS A 209 10.07 -38.54 -22.67
CA LYS A 209 9.60 -39.92 -22.57
C LYS A 209 10.32 -40.65 -21.42
N LEU A 210 11.61 -40.33 -21.20
CA LEU A 210 12.43 -40.93 -20.14
C LEU A 210 11.95 -40.52 -18.76
N SER A 211 11.60 -39.23 -18.58
CA SER A 211 11.10 -38.69 -17.31
C SER A 211 9.69 -39.19 -17.02
N ARG A 212 8.84 -39.35 -18.07
CA ARG A 212 7.48 -39.87 -17.95
C ARG A 212 7.49 -41.32 -17.48
N GLN A 213 8.44 -42.13 -18.00
CA GLN A 213 8.65 -43.53 -17.64
C GLN A 213 9.20 -43.65 -16.20
N CYS A 214 10.01 -42.65 -15.78
CA CYS A 214 10.63 -42.56 -14.45
C CYS A 214 9.55 -42.21 -13.41
N GLN A 215 8.64 -41.27 -13.74
CA GLN A 215 7.54 -40.84 -12.86
C GLN A 215 6.50 -41.94 -12.69
N GLU A 216 6.35 -42.81 -13.70
CA GLU A 216 5.43 -43.95 -13.69
C GLU A 216 5.87 -44.99 -12.65
N GLN A 217 7.19 -45.31 -12.62
CA GLN A 217 7.79 -46.26 -11.68
C GLN A 217 7.91 -45.66 -10.28
N ILE A 218 8.03 -44.32 -10.17
CA ILE A 218 8.14 -43.60 -8.89
C ILE A 218 6.81 -43.72 -8.14
N ALA A 219 5.68 -43.58 -8.85
CA ALA A 219 4.33 -43.68 -8.30
C ALA A 219 3.96 -45.13 -8.00
N ARG A 220 4.48 -46.08 -8.82
CA ARG A 220 4.24 -47.52 -8.67
C ARG A 220 4.84 -48.06 -7.37
N ALA A 221 6.11 -47.69 -7.09
CA ALA A 221 6.84 -48.08 -5.87
C ALA A 221 6.26 -47.36 -4.65
N MET A 222 5.69 -46.16 -4.85
CA MET A 222 5.05 -45.35 -3.82
C MET A 222 3.76 -46.01 -3.31
N GLY A 223 3.04 -46.66 -4.22
CA GLY A 223 1.80 -47.38 -3.92
C GLY A 223 2.02 -48.67 -3.14
N VAL A 224 3.21 -49.29 -3.31
CA VAL A 224 3.60 -50.53 -2.62
C VAL A 224 3.87 -50.19 -1.15
N ALA A 225 4.57 -49.07 -0.88
CA ALA A 225 4.89 -48.59 0.46
C ALA A 225 3.61 -48.18 1.21
N ASP A 226 2.69 -47.47 0.53
CA ASP A 226 1.41 -47.01 1.07
C ASP A 226 0.50 -48.17 1.46
N GLU A 227 0.51 -49.26 0.67
CA GLU A 227 -0.30 -50.45 0.93
C GLU A 227 0.32 -51.25 2.08
N ALA A 228 1.66 -51.31 2.15
CA ALA A 228 2.36 -52.06 3.19
C ALA A 228 2.27 -51.36 4.54
N LEU A 229 2.75 -50.09 4.63
CA LEU A 229 2.76 -49.29 5.86
C LEU A 229 1.36 -48.90 6.33
N GLY A 230 0.44 -48.69 5.37
CA GLY A 230 -0.95 -48.32 5.65
C GLY A 230 -1.72 -49.45 6.30
N ASN A 231 -1.42 -50.69 5.90
CA ASN A 231 -2.04 -51.90 6.41
C ASN A 231 -1.01 -52.76 7.15
N VAL A 232 -0.08 -52.10 7.88
CA VAL A 232 1.02 -52.71 8.65
C VAL A 232 0.47 -53.70 9.70
N ARG A 233 -0.66 -53.37 10.32
CA ARG A 233 -1.34 -54.19 11.34
C ARG A 233 -1.72 -55.56 10.77
N THR A 234 -2.21 -55.61 9.51
CA THR A 234 -2.59 -56.83 8.79
C THR A 234 -1.34 -57.62 8.39
N VAL A 235 -0.24 -56.89 8.04
CA VAL A 235 1.06 -57.47 7.65
C VAL A 235 1.62 -58.23 8.85
N ARG A 236 1.58 -57.59 10.03
CA ARG A 236 2.07 -58.16 11.28
C ARG A 236 1.26 -59.36 11.69
N ALA A 237 -0.06 -59.27 11.55
CA ALA A 237 -1.01 -60.31 11.90
C ALA A 237 -0.63 -61.65 11.27
N PHE A 238 -0.25 -61.64 9.99
CA PHE A 238 0.11 -62.86 9.25
C PHE A 238 1.64 -63.02 9.12
N ALA A 239 2.40 -62.16 9.83
CA ALA A 239 3.87 -62.11 9.92
C ALA A 239 4.56 -62.22 8.53
N MET A 240 4.04 -61.48 7.53
CA MET A 240 4.59 -61.47 6.18
C MET A 240 5.28 -60.14 5.91
N GLU A 241 6.29 -59.82 6.74
CA GLU A 241 7.07 -58.57 6.63
C GLU A 241 8.15 -58.69 5.56
N GLN A 242 8.87 -59.84 5.53
CA GLN A 242 9.94 -60.12 4.56
C GLN A 242 9.38 -60.22 3.13
N ARG A 243 8.10 -60.62 2.98
CA ARG A 243 7.40 -60.69 1.69
C ARG A 243 7.11 -59.29 1.18
N GLU A 244 6.73 -58.36 2.09
CA GLU A 244 6.45 -56.96 1.76
C GLU A 244 7.73 -56.20 1.45
N GLU A 245 8.84 -56.56 2.13
CA GLU A 245 10.17 -55.96 1.93
C GLU A 245 10.72 -56.37 0.57
N GLU A 246 10.42 -57.62 0.14
CA GLU A 246 10.81 -58.20 -1.15
C GLU A 246 10.02 -57.53 -2.28
N ARG A 247 8.69 -57.38 -2.07
CA ARG A 247 7.72 -56.76 -3.00
C ARG A 247 8.09 -55.29 -3.24
N TYR A 248 8.57 -54.59 -2.20
CA TYR A 248 9.00 -53.21 -2.28
C TYR A 248 10.40 -53.15 -2.87
N GLY A 249 11.28 -54.06 -2.43
CA GLY A 249 12.65 -54.19 -2.90
C GLY A 249 12.80 -54.38 -4.39
N ALA A 250 11.86 -55.15 -4.99
CA ALA A 250 11.80 -55.41 -6.42
C ALA A 250 11.41 -54.14 -7.18
N GLU A 251 10.41 -53.39 -6.64
CA GLU A 251 9.95 -52.12 -7.20
C GLU A 251 10.99 -51.01 -6.97
N LEU A 252 11.87 -51.21 -5.97
CA LEU A 252 12.94 -50.30 -5.59
C LEU A 252 14.13 -50.39 -6.54
N GLU A 253 14.45 -51.58 -7.06
CA GLU A 253 15.55 -51.76 -8.01
C GLU A 253 15.11 -51.29 -9.39
N ALA A 254 13.80 -51.43 -9.69
CA ALA A 254 13.19 -50.95 -10.93
C ALA A 254 13.11 -49.43 -10.93
N CYS A 255 12.99 -48.82 -9.72
CA CYS A 255 12.96 -47.37 -9.48
C CYS A 255 14.30 -46.78 -9.85
N ARG A 256 15.41 -47.49 -9.55
CA ARG A 256 16.78 -47.12 -9.87
C ARG A 256 17.03 -47.28 -11.36
N CYS A 257 16.61 -48.44 -11.94
CA CYS A 257 16.76 -48.81 -13.35
C CYS A 257 16.24 -47.71 -14.30
N ARG A 258 14.99 -47.23 -14.08
CA ARG A 258 14.38 -46.19 -14.90
C ARG A 258 15.02 -44.81 -14.66
N ALA A 259 15.48 -44.54 -13.43
CA ALA A 259 16.11 -43.28 -13.05
C ALA A 259 17.55 -43.18 -13.57
N GLU A 260 18.23 -44.34 -13.73
CA GLU A 260 19.60 -44.43 -14.24
C GLU A 260 19.59 -44.17 -15.75
N GLU A 261 18.51 -44.61 -16.43
CA GLU A 261 18.28 -44.43 -17.88
C GLU A 261 18.11 -42.94 -18.18
N LEU A 262 17.35 -42.22 -17.32
CA LEU A 262 17.13 -40.78 -17.41
C LEU A 262 18.43 -40.03 -17.04
N GLY A 263 19.14 -40.56 -16.03
CA GLY A 263 20.40 -40.03 -15.55
C GLY A 263 21.48 -40.05 -16.61
N ARG A 264 21.55 -41.16 -17.39
CA ARG A 264 22.47 -41.35 -18.49
C ARG A 264 22.08 -40.44 -19.66
N GLY A 265 20.78 -40.18 -19.79
CA GLY A 265 20.20 -39.31 -20.82
C GLY A 265 20.49 -37.84 -20.60
N ILE A 266 20.33 -37.37 -19.33
CA ILE A 266 20.60 -35.98 -18.94
C ILE A 266 22.11 -35.69 -19.07
N ALA A 267 22.96 -36.69 -18.75
CA ALA A 267 24.42 -36.60 -18.84
C ALA A 267 24.87 -36.56 -20.31
N LEU A 268 24.10 -37.19 -21.23
CA LEU A 268 24.38 -37.20 -22.67
C LEU A 268 24.20 -35.80 -23.24
N PHE A 269 23.14 -35.09 -22.82
CA PHE A 269 22.87 -33.72 -23.24
C PHE A 269 23.99 -32.79 -22.78
N GLN A 270 24.37 -32.88 -21.49
CA GLN A 270 25.41 -32.07 -20.84
C GLN A 270 26.77 -32.21 -21.55
N GLY A 271 27.11 -33.45 -21.93
CA GLY A 271 28.35 -33.79 -22.62
C GLY A 271 28.37 -33.28 -24.05
N LEU A 272 27.28 -33.49 -24.80
CA LEU A 272 27.10 -33.03 -26.19
C LEU A 272 27.06 -31.50 -26.25
N SER A 273 26.51 -30.86 -25.19
CA SER A 273 26.42 -29.41 -25.07
C SER A 273 27.82 -28.79 -24.90
N ASN A 274 28.75 -29.53 -24.27
CA ASN A 274 30.15 -29.12 -24.08
C ASN A 274 30.90 -29.14 -25.41
N ILE A 275 30.63 -30.17 -26.25
CA ILE A 275 31.22 -30.35 -27.58
C ILE A 275 30.65 -29.29 -28.52
N ALA A 276 29.32 -29.04 -28.46
CA ALA A 276 28.60 -28.06 -29.28
C ALA A 276 29.16 -26.65 -29.10
N PHE A 277 29.51 -26.26 -27.85
CA PHE A 277 30.06 -24.94 -27.54
C PHE A 277 31.50 -24.78 -28.08
N ASN A 278 32.34 -25.82 -27.92
CA ASN A 278 33.74 -25.80 -28.40
C ASN A 278 33.80 -25.80 -29.93
N CYS A 279 32.78 -26.40 -30.59
CA CYS A 279 32.66 -26.42 -32.05
C CYS A 279 32.17 -25.05 -32.53
N MET A 280 31.39 -24.33 -31.67
CA MET A 280 30.90 -22.98 -31.96
C MET A 280 32.07 -22.00 -32.01
N VAL A 281 33.09 -22.20 -31.14
CA VAL A 281 34.30 -21.38 -31.06
C VAL A 281 35.09 -21.56 -32.37
N LEU A 282 35.24 -22.83 -32.83
CA LEU A 282 35.94 -23.17 -34.07
C LEU A 282 35.17 -22.68 -35.30
N GLY A 283 33.84 -22.68 -35.21
CA GLY A 283 32.94 -22.22 -36.26
C GLY A 283 33.01 -20.73 -36.52
N THR A 284 32.96 -19.91 -35.44
CA THR A 284 33.02 -18.46 -35.53
C THR A 284 34.44 -17.98 -35.91
N LEU A 285 35.48 -18.80 -35.61
CA LEU A 285 36.88 -18.50 -35.94
C LEU A 285 37.09 -18.54 -37.46
N PHE A 286 36.40 -19.47 -38.16
CA PHE A 286 36.48 -19.63 -39.61
C PHE A 286 35.49 -18.70 -40.33
N ILE A 287 34.34 -18.40 -39.70
CA ILE A 287 33.32 -17.51 -40.26
C ILE A 287 33.79 -16.06 -40.14
N THR A 298 38.13 -6.50 -37.81
CA THR A 298 39.57 -6.33 -37.56
C THR A 298 40.15 -7.56 -36.85
N GLY A 299 41.46 -7.74 -36.97
CA GLY A 299 42.22 -8.84 -36.37
C GLY A 299 42.23 -8.81 -34.85
N GLY A 300 42.13 -7.60 -34.29
CA GLY A 300 42.07 -7.37 -32.85
C GLY A 300 40.78 -7.84 -32.22
N ASP A 301 39.67 -7.81 -33.01
CA ASP A 301 38.34 -8.25 -32.59
C ASP A 301 38.28 -9.77 -32.47
N LEU A 302 38.81 -10.50 -33.48
CA LEU A 302 38.87 -11.97 -33.54
C LEU A 302 39.73 -12.51 -32.39
N MET A 303 40.84 -11.82 -32.08
CA MET A 303 41.77 -12.15 -31.00
C MET A 303 41.10 -11.95 -29.62
N SER A 304 40.29 -10.88 -29.49
CA SER A 304 39.56 -10.54 -28.27
C SER A 304 38.39 -11.49 -28.01
N PHE A 305 37.70 -11.91 -29.10
CA PHE A 305 36.54 -12.80 -29.06
C PHE A 305 36.89 -14.18 -28.50
N LEU A 306 38.09 -14.70 -28.85
CA LEU A 306 38.56 -16.00 -28.38
C LEU A 306 38.78 -16.02 -26.87
N VAL A 307 39.20 -14.88 -26.29
CA VAL A 307 39.39 -14.74 -24.84
C VAL A 307 38.01 -14.55 -24.18
N ALA A 308 37.09 -13.86 -24.89
CA ALA A 308 35.72 -13.57 -24.45
C ALA A 308 34.85 -14.82 -24.43
N SER A 309 35.02 -15.74 -25.42
CA SER A 309 34.28 -17.00 -25.52
C SER A 309 34.67 -17.96 -24.41
N GLN A 310 35.95 -17.89 -23.97
CA GLN A 310 36.51 -18.69 -22.88
C GLN A 310 35.86 -18.31 -21.53
N THR A 311 35.47 -17.02 -21.39
CA THR A 311 34.81 -16.46 -20.20
C THR A 311 33.32 -16.92 -20.17
N VAL A 312 32.69 -16.99 -21.36
CA VAL A 312 31.29 -17.41 -21.53
C VAL A 312 31.20 -18.93 -21.29
N GLN A 313 32.21 -19.71 -21.78
CA GLN A 313 32.30 -21.17 -21.63
C GLN A 313 32.24 -21.59 -20.15
N ARG A 314 32.87 -20.79 -19.26
CA ARG A 314 32.89 -21.02 -17.82
C ARG A 314 31.53 -20.69 -17.17
N SER A 315 30.83 -19.67 -17.74
CA SER A 315 29.53 -19.20 -17.27
C SER A 315 28.38 -20.11 -17.73
N MET A 316 28.48 -20.65 -18.97
CA MET A 316 27.50 -21.56 -19.56
C MET A 316 27.57 -22.92 -18.88
N ALA A 317 28.77 -23.30 -18.40
CA ALA A 317 29.07 -24.53 -17.68
C ALA A 317 28.27 -24.63 -16.37
N ASN A 318 28.00 -23.48 -15.70
CA ASN A 318 27.23 -23.41 -14.45
C ASN A 318 25.75 -23.76 -14.69
N LEU A 319 25.19 -23.35 -15.85
CA LEU A 319 23.81 -23.63 -16.25
C LEU A 319 23.67 -25.08 -16.74
N SER A 320 24.73 -25.62 -17.38
CA SER A 320 24.79 -27.00 -17.88
C SER A 320 24.75 -28.01 -16.72
N VAL A 321 25.25 -27.62 -15.52
CA VAL A 321 25.26 -28.42 -14.29
C VAL A 321 23.83 -28.53 -13.76
N LEU A 322 23.08 -27.42 -13.80
CA LEU A 322 21.70 -27.33 -13.33
C LEU A 322 20.67 -27.91 -14.33
N PHE A 323 21.12 -28.44 -15.49
CA PHE A 323 20.23 -29.00 -16.51
C PHE A 323 19.40 -30.17 -15.94
N GLY A 324 19.97 -30.92 -14.99
CA GLY A 324 19.30 -32.01 -14.31
C GLY A 324 18.10 -31.52 -13.53
N GLN A 325 18.22 -30.32 -12.94
CA GLN A 325 17.16 -29.64 -12.20
C GLN A 325 16.11 -29.09 -13.16
N VAL A 326 16.56 -28.62 -14.35
CA VAL A 326 15.69 -28.07 -15.39
C VAL A 326 14.72 -29.16 -15.87
N VAL A 327 15.23 -30.40 -16.07
CA VAL A 327 14.46 -31.57 -16.49
C VAL A 327 13.46 -31.93 -15.39
N ARG A 328 13.96 -32.13 -14.15
CA ARG A 328 13.20 -32.50 -12.95
C ARG A 328 12.08 -31.48 -12.66
N GLY A 329 12.41 -30.19 -12.78
CA GLY A 329 11.51 -29.07 -12.54
C GLY A 329 10.41 -28.91 -13.56
N LEU A 330 10.74 -29.03 -14.86
CA LEU A 330 9.77 -28.92 -15.95
C LEU A 330 8.82 -30.10 -15.97
N SER A 331 9.33 -31.32 -15.66
CA SER A 331 8.53 -32.55 -15.56
C SER A 331 7.52 -32.41 -14.43
N ALA A 332 7.97 -31.79 -13.31
CA ALA A 332 7.19 -31.54 -12.10
C ALA A 332 6.02 -30.58 -12.34
N GLY A 333 6.29 -29.42 -12.95
CA GLY A 333 5.28 -28.41 -13.25
C GLY A 333 4.27 -28.83 -14.28
N ALA A 334 4.67 -29.74 -15.20
CA ALA A 334 3.82 -30.30 -16.26
C ALA A 334 2.68 -31.12 -15.69
N ARG A 335 2.96 -31.85 -14.60
CA ARG A 335 2.01 -32.68 -13.87
C ARG A 335 1.05 -31.79 -13.07
N VAL A 336 1.56 -30.62 -12.58
CA VAL A 336 0.77 -29.64 -11.82
C VAL A 336 -0.29 -29.01 -12.75
N PHE A 337 0.11 -28.63 -13.99
CA PHE A 337 -0.80 -28.04 -14.98
C PHE A 337 -1.67 -29.09 -15.67
N GLU A 338 -1.26 -30.38 -15.60
CA GLU A 338 -1.96 -31.52 -16.20
C GLU A 338 -3.35 -31.67 -15.58
N TYR A 339 -3.41 -31.81 -14.24
CA TYR A 339 -4.65 -32.02 -13.48
C TYR A 339 -5.38 -30.71 -13.19
N MET A 340 -4.72 -29.57 -13.38
CA MET A 340 -5.32 -28.26 -13.15
C MET A 340 -6.31 -27.89 -14.26
N ALA A 341 -6.00 -28.30 -15.51
CA ALA A 341 -6.80 -28.00 -16.71
C ALA A 341 -8.00 -28.94 -16.88
N LEU A 342 -7.99 -30.11 -16.18
CA LEU A 342 -9.04 -31.14 -16.25
C LEU A 342 -10.44 -30.61 -15.89
N ASN A 343 -11.43 -30.95 -16.75
CA ASN A 343 -12.83 -30.58 -16.58
C ASN A 343 -13.68 -31.84 -16.31
N PRO A 344 -14.47 -31.88 -15.21
CA PRO A 344 -15.27 -33.08 -14.93
C PRO A 344 -16.50 -33.19 -15.83
N CYS A 345 -17.16 -34.38 -15.82
CA CYS A 345 -18.36 -34.65 -16.61
C CYS A 345 -19.56 -33.94 -15.99
N ILE A 346 -19.75 -34.11 -14.67
CA ILE A 346 -20.84 -33.48 -13.91
C ILE A 346 -20.30 -32.21 -13.21
N PRO A 347 -20.93 -31.02 -13.41
CA PRO A 347 -20.43 -29.80 -12.76
C PRO A 347 -20.88 -29.72 -11.30
N LEU A 348 -20.64 -28.57 -10.64
CA LEU A 348 -21.02 -28.40 -9.24
C LEU A 348 -22.06 -27.28 -9.07
N SER A 349 -22.00 -26.23 -9.91
CA SER A 349 -22.92 -25.10 -9.82
C SER A 349 -23.95 -25.06 -10.97
N GLY A 350 -23.65 -25.75 -12.07
CA GLY A 350 -24.49 -25.78 -13.26
C GLY A 350 -25.83 -26.48 -13.11
N GLY A 351 -26.89 -25.69 -12.94
CA GLY A 351 -28.25 -26.18 -12.79
C GLY A 351 -29.24 -25.16 -12.22
N CYS A 352 -30.46 -25.64 -11.93
CA CYS A 352 -31.56 -24.82 -11.39
C CYS A 352 -31.95 -25.26 -9.98
N CYS A 353 -32.41 -24.30 -9.16
CA CYS A 353 -32.87 -24.52 -7.79
C CYS A 353 -34.39 -24.47 -7.73
N VAL A 354 -34.98 -25.27 -6.84
CA VAL A 354 -36.42 -25.33 -6.60
C VAL A 354 -36.68 -24.82 -5.16
N PRO A 355 -37.58 -23.84 -4.94
CA PRO A 355 -37.81 -23.37 -3.56
C PRO A 355 -38.50 -24.43 -2.67
N LYS A 356 -38.35 -24.29 -1.33
CA LYS A 356 -38.93 -25.18 -0.32
C LYS A 356 -40.47 -25.24 -0.41
N GLU A 357 -41.09 -24.14 -0.89
CA GLU A 357 -42.55 -24.03 -1.07
C GLU A 357 -43.02 -24.88 -2.26
N GLN A 358 -42.17 -25.06 -3.28
CA GLN A 358 -42.46 -25.84 -4.50
C GLN A 358 -42.01 -27.33 -4.36
N LEU A 359 -40.86 -27.54 -3.67
CA LEU A 359 -40.28 -28.87 -3.46
C LEU A 359 -41.18 -29.71 -2.52
N ARG A 360 -41.64 -30.88 -3.00
CA ARG A 360 -42.49 -31.80 -2.24
C ARG A 360 -41.73 -33.09 -1.85
N GLY A 361 -40.83 -33.54 -2.72
CA GLY A 361 -39.98 -34.70 -2.48
C GLY A 361 -40.42 -35.99 -3.13
N SER A 362 -40.74 -35.94 -4.43
CA SER A 362 -41.16 -37.13 -5.18
C SER A 362 -40.01 -37.56 -6.09
N VAL A 363 -39.35 -38.70 -5.76
CA VAL A 363 -38.22 -39.25 -6.53
C VAL A 363 -38.77 -40.29 -7.52
N THR A 364 -38.38 -40.22 -8.79
CA THR A 364 -38.85 -41.16 -9.81
C THR A 364 -37.72 -41.63 -10.70
N PHE A 365 -37.52 -42.96 -10.76
CA PHE A 365 -36.56 -43.64 -11.61
C PHE A 365 -37.34 -44.25 -12.76
N GLN A 366 -37.13 -43.76 -14.00
CA GLN A 366 -37.86 -44.28 -15.15
C GLN A 366 -36.91 -45.01 -16.09
N ASN A 367 -37.03 -46.36 -16.14
CA ASN A 367 -36.24 -47.30 -16.96
C ASN A 367 -34.75 -46.94 -16.88
N VAL A 368 -34.24 -46.77 -15.65
CA VAL A 368 -32.86 -46.37 -15.37
C VAL A 368 -31.93 -47.60 -15.50
N CYS A 369 -31.04 -47.52 -16.49
CA CYS A 369 -30.03 -48.52 -16.76
C CYS A 369 -28.68 -47.87 -16.49
N PHE A 370 -27.81 -48.57 -15.74
CA PHE A 370 -26.50 -48.06 -15.39
C PHE A 370 -25.41 -49.13 -15.43
N SER A 371 -24.20 -48.67 -15.70
CA SER A 371 -22.95 -49.40 -15.73
C SER A 371 -21.86 -48.42 -15.35
N TYR A 372 -20.94 -48.80 -14.44
CA TYR A 372 -19.85 -47.94 -13.96
C TYR A 372 -18.87 -47.55 -15.11
N PRO A 373 -18.26 -46.34 -15.09
CA PRO A 373 -17.34 -45.97 -16.18
C PRO A 373 -16.06 -46.81 -16.20
N YCM A 374 -15.71 -47.40 -15.05
CA YCM A 374 -14.55 -48.27 -14.86
CB YCM A 374 -14.29 -48.53 -13.38
SG YCM A 374 -14.25 -47.03 -12.36
CD YCM A 374 -15.89 -47.07 -11.59
CE YCM A 374 -16.14 -45.92 -10.64
OZ1 YCM A 374 -16.15 -46.09 -9.42
NZ2 YCM A 374 -16.33 -44.74 -11.21
C YCM A 374 -14.75 -49.60 -15.60
O YCM A 374 -13.86 -50.03 -16.32
N ARG A 375 -15.95 -50.23 -15.43
CA ARG A 375 -16.35 -51.47 -16.08
C ARG A 375 -17.51 -51.17 -17.04
N PRO A 376 -17.24 -50.68 -18.28
CA PRO A 376 -18.34 -50.33 -19.19
C PRO A 376 -19.16 -51.54 -19.66
N GLY A 377 -18.59 -52.73 -19.60
CA GLY A 377 -19.24 -53.97 -19.99
C GLY A 377 -20.16 -54.54 -18.94
N PHE A 378 -19.68 -54.59 -17.67
CA PHE A 378 -20.41 -55.14 -16.53
C PHE A 378 -21.54 -54.21 -16.08
N GLU A 379 -22.80 -54.57 -16.44
CA GLU A 379 -24.01 -53.82 -16.13
C GLU A 379 -24.46 -54.08 -14.69
N VAL A 380 -24.51 -53.01 -13.88
CA VAL A 380 -24.86 -53.01 -12.46
C VAL A 380 -26.39 -52.87 -12.28
N LEU A 381 -27.00 -51.86 -12.92
CA LEU A 381 -28.43 -51.57 -12.88
C LEU A 381 -29.02 -51.79 -14.28
N LYS A 382 -30.02 -52.67 -14.39
CA LYS A 382 -30.64 -52.99 -15.66
C LYS A 382 -32.15 -52.71 -15.62
N ASP A 383 -32.63 -51.72 -16.41
CA ASP A 383 -34.04 -51.32 -16.55
C ASP A 383 -34.73 -51.22 -15.17
N PHE A 384 -34.19 -50.31 -14.33
CA PHE A 384 -34.65 -50.11 -12.95
C PHE A 384 -35.69 -48.99 -12.89
N THR A 385 -36.95 -49.37 -12.55
CA THR A 385 -38.08 -48.45 -12.40
C THR A 385 -38.58 -48.50 -10.96
N LEU A 386 -38.58 -47.34 -10.29
CA LEU A 386 -39.04 -47.17 -8.91
C LEU A 386 -39.45 -45.70 -8.68
N THR A 387 -40.57 -45.50 -7.98
CA THR A 387 -41.08 -44.17 -7.65
C THR A 387 -41.31 -44.08 -6.13
N LEU A 388 -40.73 -43.05 -5.50
CA LEU A 388 -40.81 -42.77 -4.06
C LEU A 388 -41.85 -41.67 -3.78
N PRO A 389 -42.98 -41.99 -3.10
CA PRO A 389 -44.00 -40.95 -2.82
C PRO A 389 -43.54 -39.92 -1.79
N PRO A 390 -43.93 -38.62 -1.92
CA PRO A 390 -43.45 -37.61 -0.95
C PRO A 390 -43.96 -37.85 0.48
N GLY A 391 -43.02 -37.88 1.42
CA GLY A 391 -43.29 -38.10 2.84
C GLY A 391 -43.31 -39.57 3.25
N LYS A 392 -43.47 -40.49 2.27
CA LYS A 392 -43.53 -41.93 2.46
C LYS A 392 -42.12 -42.56 2.50
N ILE A 393 -41.96 -43.59 3.37
CA ILE A 393 -40.69 -44.29 3.60
C ILE A 393 -40.67 -45.57 2.74
N VAL A 394 -39.82 -45.56 1.68
CA VAL A 394 -39.68 -46.69 0.76
C VAL A 394 -38.47 -47.52 1.15
N ALA A 395 -38.70 -48.83 1.35
CA ALA A 395 -37.68 -49.80 1.70
C ALA A 395 -37.02 -50.36 0.45
N LEU A 396 -35.75 -50.75 0.58
CA LEU A 396 -34.97 -51.33 -0.51
C LEU A 396 -34.22 -52.56 0.01
N VAL A 397 -34.64 -53.75 -0.45
CA VAL A 397 -34.10 -55.06 -0.03
C VAL A 397 -33.47 -55.77 -1.25
N GLY A 398 -32.47 -56.60 -1.00
CA GLY A 398 -31.80 -57.36 -2.05
C GLY A 398 -30.51 -58.03 -1.62
N GLN A 399 -29.91 -58.79 -2.56
CA GLN A 399 -28.66 -59.50 -2.33
C GLN A 399 -27.48 -58.54 -2.45
N SER A 400 -26.37 -58.84 -1.74
CA SER A 400 -25.15 -58.04 -1.75
C SER A 400 -24.51 -58.03 -3.14
N GLY A 401 -24.46 -56.85 -3.75
CA GLY A 401 -23.93 -56.63 -5.09
C GLY A 401 -25.00 -56.41 -6.15
N GLY A 402 -26.24 -56.26 -5.70
CA GLY A 402 -27.41 -56.04 -6.55
C GLY A 402 -27.60 -54.64 -7.10
N GLY A 403 -26.81 -53.69 -6.59
CA GLY A 403 -26.84 -52.30 -7.01
C GLY A 403 -27.55 -51.36 -6.04
N LYS A 404 -27.75 -51.81 -4.79
CA LYS A 404 -28.44 -51.06 -3.73
C LYS A 404 -27.73 -49.73 -3.44
N THR A 405 -26.44 -49.76 -3.08
CA THR A 405 -25.63 -48.58 -2.80
C THR A 405 -25.44 -47.76 -4.11
N THR A 406 -25.44 -48.43 -5.30
CA THR A 406 -25.32 -47.79 -6.61
C THR A 406 -26.57 -46.91 -6.88
N VAL A 407 -27.78 -47.39 -6.48
CA VAL A 407 -29.05 -46.67 -6.63
C VAL A 407 -28.94 -45.30 -5.91
N ALA A 408 -28.48 -45.34 -4.65
CA ALA A 408 -28.30 -44.21 -3.75
C ALA A 408 -27.36 -43.15 -4.32
N SER A 409 -26.21 -43.57 -4.88
CA SER A 409 -25.21 -42.67 -5.46
C SER A 409 -25.73 -41.94 -6.69
N LEU A 410 -26.70 -42.55 -7.42
CA LEU A 410 -27.32 -41.95 -8.61
C LEU A 410 -28.28 -40.83 -8.20
N LEU A 411 -28.94 -40.98 -7.04
CA LEU A 411 -29.85 -39.98 -6.47
C LEU A 411 -29.05 -38.77 -5.95
N GLU A 412 -27.86 -39.02 -5.38
CA GLU A 412 -26.94 -37.97 -4.89
C GLU A 412 -26.20 -37.33 -6.09
N ARG A 413 -26.51 -37.81 -7.31
CA ARG A 413 -25.96 -37.41 -8.62
C ARG A 413 -24.43 -37.50 -8.64
N PHE A 414 -23.86 -38.60 -8.11
CA PHE A 414 -22.41 -38.85 -8.15
C PHE A 414 -22.04 -39.31 -9.55
N TYR A 415 -23.00 -39.99 -10.20
CA TYR A 415 -22.97 -40.52 -11.57
C TYR A 415 -24.33 -40.30 -12.22
N ASP A 416 -24.37 -40.28 -13.55
CA ASP A 416 -25.62 -40.14 -14.32
C ASP A 416 -25.94 -41.47 -15.01
N PRO A 417 -27.23 -41.86 -15.18
CA PRO A 417 -27.54 -43.16 -15.80
C PRO A 417 -27.08 -43.26 -17.27
N THR A 418 -26.78 -44.50 -17.72
CA THR A 418 -26.36 -44.78 -19.10
C THR A 418 -27.61 -44.73 -20.03
N ALA A 419 -28.79 -44.99 -19.44
CA ALA A 419 -30.11 -44.96 -20.09
C ALA A 419 -31.18 -44.65 -19.05
N GLY A 420 -32.23 -43.94 -19.46
CA GLY A 420 -33.32 -43.55 -18.57
C GLY A 420 -33.00 -42.30 -17.77
N VAL A 421 -33.97 -41.83 -16.95
CA VAL A 421 -33.79 -40.61 -16.17
C VAL A 421 -34.24 -40.77 -14.72
N VAL A 422 -33.62 -39.97 -13.82
CA VAL A 422 -33.91 -39.87 -12.39
C VAL A 422 -34.48 -38.47 -12.16
N MET A 423 -35.74 -38.37 -11.71
CA MET A 423 -36.42 -37.10 -11.53
C MET A 423 -36.81 -36.81 -10.09
N LEU A 424 -36.67 -35.54 -9.68
CA LEU A 424 -37.07 -34.99 -8.39
C LEU A 424 -38.21 -34.02 -8.66
N ASP A 425 -39.44 -34.40 -8.28
CA ASP A 425 -40.69 -33.65 -8.47
C ASP A 425 -40.86 -33.22 -9.93
N GLY A 426 -40.82 -34.20 -10.83
CA GLY A 426 -40.97 -34.00 -12.27
C GLY A 426 -39.75 -33.45 -12.98
N ARG A 427 -38.84 -32.79 -12.24
CA ARG A 427 -37.62 -32.18 -12.76
C ARG A 427 -36.46 -33.17 -12.73
N ASP A 428 -35.82 -33.39 -13.89
CA ASP A 428 -34.66 -34.27 -14.07
C ASP A 428 -33.45 -33.71 -13.30
N LEU A 429 -32.66 -34.59 -12.66
CA LEU A 429 -31.48 -34.23 -11.88
C LEU A 429 -30.38 -33.56 -12.72
N ARG A 430 -30.36 -33.84 -14.05
CA ARG A 430 -29.40 -33.26 -14.99
C ARG A 430 -29.56 -31.74 -15.09
N THR A 431 -30.83 -31.26 -15.10
CA THR A 431 -31.15 -29.84 -15.19
C THR A 431 -31.03 -29.15 -13.82
N LEU A 432 -30.96 -29.93 -12.73
CA LEU A 432 -30.85 -29.43 -11.35
C LEU A 432 -29.40 -29.13 -10.91
N ASP A 433 -29.25 -28.19 -9.96
CA ASP A 433 -27.97 -27.76 -9.37
C ASP A 433 -27.48 -28.84 -8.39
N PRO A 434 -26.32 -29.46 -8.69
CA PRO A 434 -25.80 -30.53 -7.82
C PRO A 434 -25.52 -30.10 -6.38
N SER A 435 -24.93 -28.89 -6.18
CA SER A 435 -24.60 -28.37 -4.84
C SER A 435 -25.87 -28.12 -4.02
N TRP A 436 -26.95 -27.68 -4.70
CA TRP A 436 -28.25 -27.44 -4.11
C TRP A 436 -28.90 -28.75 -3.70
N LEU A 437 -28.81 -29.78 -4.56
CA LEU A 437 -29.41 -31.09 -4.32
C LEU A 437 -28.74 -31.81 -3.14
N ARG A 438 -27.40 -31.88 -3.13
CA ARG A 438 -26.65 -32.58 -2.09
C ARG A 438 -26.61 -31.80 -0.77
N GLY A 439 -26.50 -30.48 -0.86
CA GLY A 439 -26.38 -29.60 0.31
C GLY A 439 -27.65 -29.09 0.97
N GLN A 440 -28.85 -29.27 0.33
CA GLN A 440 -30.11 -28.77 0.88
C GLN A 440 -31.31 -29.71 0.71
N VAL A 441 -31.32 -30.56 -0.35
CA VAL A 441 -32.44 -31.46 -0.63
C VAL A 441 -32.26 -32.87 -0.05
N VAL A 442 -31.15 -33.56 -0.38
CA VAL A 442 -30.92 -34.96 0.02
C VAL A 442 -29.95 -35.07 1.23
N GLY A 443 -30.36 -35.89 2.20
CA GLY A 443 -29.59 -36.19 3.40
C GLY A 443 -29.11 -37.63 3.38
N PHE A 444 -27.81 -37.84 3.10
CA PHE A 444 -27.22 -39.17 2.99
C PHE A 444 -26.59 -39.65 4.30
N ILE A 445 -26.79 -40.95 4.62
CA ILE A 445 -26.27 -41.64 5.81
C ILE A 445 -25.66 -42.98 5.34
N SER A 446 -24.31 -43.10 5.39
CA SER A 446 -23.58 -44.31 4.99
C SER A 446 -23.45 -45.31 6.13
N GLN A 447 -23.10 -46.58 5.80
CA GLN A 447 -22.93 -47.68 6.75
C GLN A 447 -21.70 -47.46 7.66
N GLU A 448 -20.73 -46.67 7.18
CA GLU A 448 -19.51 -46.28 7.91
C GLU A 448 -19.41 -44.75 7.93
N PRO A 449 -19.58 -44.09 9.10
CA PRO A 449 -19.55 -42.61 9.11
C PRO A 449 -18.14 -42.05 9.01
N VAL A 450 -18.02 -40.82 8.46
CA VAL A 450 -16.74 -40.14 8.29
C VAL A 450 -16.74 -38.86 9.13
N LEU A 451 -15.84 -38.79 10.13
CA LEU A 451 -15.68 -37.63 11.01
C LEU A 451 -14.33 -36.97 10.79
N PHE A 452 -14.33 -35.65 10.54
CA PHE A 452 -13.13 -34.87 10.28
C PHE A 452 -12.37 -34.55 11.58
N GLY A 453 -11.13 -34.08 11.43
CA GLY A 453 -10.24 -33.75 12.54
C GLY A 453 -10.42 -32.37 13.13
N THR A 454 -11.68 -32.04 13.51
CA THR A 454 -12.05 -30.77 14.15
C THR A 454 -12.90 -31.07 15.40
N THR A 455 -13.54 -30.04 16.00
CA THR A 455 -14.40 -30.22 17.18
C THR A 455 -15.74 -30.85 16.79
N ILE A 456 -16.44 -31.45 17.76
CA ILE A 456 -17.75 -32.10 17.59
C ILE A 456 -18.78 -31.08 17.08
N MET A 457 -18.79 -29.85 17.66
CA MET A 457 -19.69 -28.74 17.28
C MET A 457 -19.47 -28.31 15.83
N GLU A 458 -18.21 -28.30 15.35
CA GLU A 458 -17.86 -27.94 13.98
C GLU A 458 -18.08 -29.12 13.02
N ASN A 459 -17.96 -30.36 13.53
CA ASN A 459 -18.14 -31.58 12.74
C ASN A 459 -19.60 -31.75 12.33
N ILE A 460 -20.55 -31.42 13.24
CA ILE A 460 -22.00 -31.50 12.97
C ILE A 460 -22.37 -30.33 12.05
N ARG A 461 -21.78 -29.13 12.29
CA ARG A 461 -21.99 -27.88 11.55
C ARG A 461 -21.61 -28.00 10.05
N PHE A 462 -21.14 -29.19 9.61
CA PHE A 462 -20.77 -29.48 8.23
C PHE A 462 -22.02 -29.57 7.33
N GLY A 463 -23.18 -29.86 7.92
CA GLY A 463 -24.46 -30.00 7.23
C GLY A 463 -24.99 -28.73 6.61
N LYS A 464 -24.94 -27.62 7.37
CA LYS A 464 -25.34 -26.29 6.93
C LYS A 464 -24.25 -25.29 7.33
N LEU A 465 -23.67 -24.59 6.33
CA LEU A 465 -22.58 -23.62 6.53
C LEU A 465 -23.01 -22.41 7.37
N GLU A 466 -24.18 -21.82 7.06
CA GLU A 466 -24.73 -20.64 7.74
C GLU A 466 -25.65 -21.05 8.92
N ALA A 467 -25.19 -22.01 9.75
CA ALA A 467 -25.94 -22.50 10.90
C ALA A 467 -25.38 -21.96 12.22
N SER A 468 -26.28 -21.45 13.09
CA SER A 468 -25.97 -20.87 14.40
C SER A 468 -25.63 -21.96 15.43
N ASP A 469 -25.03 -21.56 16.58
CA ASP A 469 -24.66 -22.47 17.67
C ASP A 469 -25.90 -23.18 18.24
N GLU A 470 -27.03 -22.45 18.34
CA GLU A 470 -28.31 -22.95 18.85
C GLU A 470 -28.94 -23.99 17.91
N GLU A 471 -28.66 -23.89 16.59
CA GLU A 471 -29.17 -24.82 15.56
C GLU A 471 -28.55 -26.21 15.67
N VAL A 472 -27.25 -26.27 16.07
CA VAL A 472 -26.50 -27.51 16.21
C VAL A 472 -27.05 -28.34 17.38
N TYR A 473 -27.26 -27.71 18.56
CA TYR A 473 -27.77 -28.36 19.78
C TYR A 473 -29.20 -28.89 19.57
N THR A 474 -30.03 -28.18 18.79
CA THR A 474 -31.41 -28.57 18.47
C THR A 474 -31.39 -29.80 17.56
N ALA A 475 -30.41 -29.85 16.61
CA ALA A 475 -30.22 -30.97 15.68
C ALA A 475 -29.65 -32.20 16.41
N ALA A 476 -28.74 -31.97 17.38
CA ALA A 476 -28.11 -33.02 18.18
C ALA A 476 -29.10 -33.70 19.11
N ARG A 477 -30.09 -32.94 19.62
CA ARG A 477 -31.15 -33.44 20.50
C ARG A 477 -32.12 -34.34 19.72
N GLU A 478 -32.27 -34.12 18.41
CA GLU A 478 -33.14 -34.87 17.52
C GLU A 478 -32.51 -36.23 17.14
N ALA A 479 -31.18 -36.36 17.29
CA ALA A 479 -30.44 -37.58 16.96
C ALA A 479 -29.85 -38.28 18.22
N ASN A 480 -30.36 -37.90 19.43
CA ASN A 480 -29.96 -38.41 20.76
C ASN A 480 -28.44 -38.33 20.96
N ALA A 481 -27.83 -37.26 20.44
CA ALA A 481 -26.39 -37.02 20.49
C ALA A 481 -26.02 -36.08 21.65
N HIS A 482 -26.84 -35.04 21.91
CA HIS A 482 -26.66 -34.05 22.96
C HIS A 482 -26.49 -34.67 24.36
N GLU A 483 -27.14 -35.83 24.61
CA GLU A 483 -27.09 -36.56 25.87
C GLU A 483 -25.68 -37.06 26.22
N PHE A 484 -24.93 -37.62 25.23
CA PHE A 484 -23.58 -38.13 25.49
C PHE A 484 -22.49 -37.09 25.21
N ILE A 485 -22.76 -36.05 24.37
CA ILE A 485 -21.78 -34.99 24.06
C ILE A 485 -21.54 -34.13 25.31
N THR A 486 -22.62 -33.73 26.02
CA THR A 486 -22.58 -32.92 27.25
C THR A 486 -21.81 -33.68 28.38
N SER A 487 -21.90 -35.02 28.38
CA SER A 487 -21.24 -35.92 29.35
C SER A 487 -19.71 -35.82 29.31
N PHE A 488 -19.13 -35.43 28.16
CA PHE A 488 -17.68 -35.28 27.98
C PHE A 488 -17.13 -34.09 28.78
N PRO A 489 -15.82 -34.08 29.17
CA PRO A 489 -15.29 -32.94 29.95
C PRO A 489 -15.39 -31.60 29.22
N GLU A 490 -14.86 -31.49 27.98
CA GLU A 490 -14.92 -30.28 27.19
C GLU A 490 -16.29 -30.14 26.52
N GLY A 491 -16.86 -31.27 26.11
CA GLY A 491 -18.18 -31.35 25.48
C GLY A 491 -18.14 -31.19 23.98
N TYR A 492 -18.72 -30.09 23.47
CA TYR A 492 -18.79 -29.77 22.05
C TYR A 492 -17.44 -29.23 21.52
N ASN A 493 -16.58 -28.78 22.43
CA ASN A 493 -15.26 -28.25 22.09
C ASN A 493 -14.20 -29.38 22.02
N THR A 494 -14.65 -30.64 22.16
CA THR A 494 -13.79 -31.84 22.10
C THR A 494 -13.46 -32.19 20.65
N VAL A 495 -12.16 -32.30 20.34
CA VAL A 495 -11.69 -32.68 19.00
C VAL A 495 -11.91 -34.18 18.81
N VAL A 496 -12.18 -34.60 17.57
CA VAL A 496 -12.43 -36.00 17.23
C VAL A 496 -11.54 -36.40 16.02
N GLY A 497 -11.27 -37.69 15.91
CA GLY A 497 -10.47 -38.27 14.83
C GLY A 497 -9.21 -38.94 15.33
N GLU A 498 -8.11 -38.78 14.54
CA GLU A 498 -6.79 -39.34 14.83
C GLU A 498 -6.18 -38.71 16.09
N ARG A 499 -6.13 -37.36 16.14
CA ARG A 499 -5.58 -36.60 17.27
C ARG A 499 -6.58 -36.54 18.44
N GLY A 500 -7.88 -36.53 18.12
CA GLY A 500 -8.95 -36.45 19.10
C GLY A 500 -9.30 -37.77 19.77
N THR A 501 -10.34 -37.74 20.62
CA THR A 501 -10.86 -38.89 21.37
C THR A 501 -11.56 -39.86 20.41
N THR A 502 -11.21 -41.16 20.52
CA THR A 502 -11.79 -42.22 19.70
C THR A 502 -13.19 -42.55 20.24
N LEU A 503 -14.19 -42.58 19.33
CA LEU A 503 -15.59 -42.83 19.67
C LEU A 503 -16.10 -44.17 19.12
N SER A 504 -17.05 -44.79 19.84
CA SER A 504 -17.69 -46.06 19.50
C SER A 504 -18.56 -45.90 18.25
N GLY A 505 -18.78 -47.02 17.54
CA GLY A 505 -19.57 -47.08 16.31
C GLY A 505 -20.93 -46.41 16.40
N GLY A 506 -21.66 -46.69 17.48
CA GLY A 506 -22.98 -46.14 17.76
C GLY A 506 -22.97 -44.65 18.05
N GLN A 507 -21.88 -44.16 18.66
CA GLN A 507 -21.69 -42.75 18.99
C GLN A 507 -21.39 -41.94 17.73
N LYS A 508 -20.55 -42.50 16.83
CA LYS A 508 -20.13 -41.89 15.56
C LYS A 508 -21.30 -41.70 14.60
N GLN A 509 -22.17 -42.74 14.47
CA GLN A 509 -23.34 -42.73 13.58
C GLN A 509 -24.40 -41.75 14.06
N ARG A 510 -24.56 -41.58 15.40
CA ARG A 510 -25.51 -40.64 16.01
C ARG A 510 -25.17 -39.20 15.63
N LEU A 511 -23.87 -38.88 15.51
CA LEU A 511 -23.36 -37.57 15.11
C LEU A 511 -23.63 -37.29 13.63
N ALA A 512 -23.52 -38.32 12.78
CA ALA A 512 -23.75 -38.26 11.33
C ALA A 512 -25.22 -37.93 11.01
N ILE A 513 -26.16 -38.45 11.83
CA ILE A 513 -27.62 -38.22 11.69
C ILE A 513 -27.91 -36.74 11.97
N ALA A 514 -27.34 -36.18 13.06
CA ALA A 514 -27.49 -34.78 13.47
C ALA A 514 -26.91 -33.84 12.43
N ARG A 515 -25.82 -34.27 11.74
CA ARG A 515 -25.13 -33.52 10.69
C ARG A 515 -26.06 -33.34 9.48
N ALA A 516 -26.73 -34.43 9.04
CA ALA A 516 -27.63 -34.44 7.89
C ALA A 516 -28.98 -33.76 8.17
N LEU A 517 -29.34 -33.58 9.46
CA LEU A 517 -30.62 -32.98 9.83
C LEU A 517 -30.62 -31.44 9.88
N ILE A 518 -29.43 -30.77 9.98
CA ILE A 518 -29.35 -29.30 10.05
C ILE A 518 -29.82 -28.67 8.73
N LYS A 519 -29.38 -29.21 7.58
CA LYS A 519 -29.73 -28.69 6.25
C LYS A 519 -31.24 -28.83 5.91
N GLN A 520 -32.03 -29.47 6.84
CA GLN A 520 -33.48 -29.73 6.77
C GLN A 520 -33.77 -30.44 5.44
N PRO A 521 -33.44 -31.77 5.34
CA PRO A 521 -33.62 -32.47 4.06
C PRO A 521 -35.07 -32.83 3.76
N THR A 522 -35.40 -32.85 2.47
CA THR A 522 -36.72 -33.22 1.96
C THR A 522 -36.70 -34.72 1.63
N VAL A 523 -35.52 -35.21 1.17
CA VAL A 523 -35.22 -36.60 0.83
C VAL A 523 -34.14 -37.10 1.79
N LEU A 524 -34.22 -38.37 2.21
CA LEU A 524 -33.27 -38.97 3.14
C LEU A 524 -32.84 -40.37 2.66
N ILE A 525 -31.53 -40.61 2.56
CA ILE A 525 -31.00 -41.92 2.17
C ILE A 525 -30.33 -42.56 3.39
N LEU A 526 -30.75 -43.79 3.73
CA LEU A 526 -30.18 -44.54 4.86
C LEU A 526 -29.65 -45.88 4.35
N ASP A 527 -28.35 -45.90 3.98
CA ASP A 527 -27.69 -47.10 3.45
C ASP A 527 -26.96 -47.87 4.56
N GLU A 528 -27.65 -48.90 5.11
CA GLU A 528 -27.21 -49.82 6.17
C GLU A 528 -26.60 -49.07 7.37
N ALA A 529 -27.29 -48.00 7.83
CA ALA A 529 -26.87 -47.13 8.94
C ALA A 529 -26.48 -47.89 10.23
N THR A 530 -27.12 -49.05 10.50
CA THR A 530 -26.84 -49.87 11.69
C THR A 530 -26.18 -51.21 11.30
N SER A 531 -25.18 -51.17 10.39
CA SER A 531 -24.49 -52.38 9.90
C SER A 531 -23.58 -53.02 10.96
N ALA A 532 -22.41 -52.42 11.25
CA ALA A 532 -21.43 -52.97 12.20
C ALA A 532 -21.61 -52.40 13.62
N LEU A 533 -22.87 -52.25 14.06
CA LEU A 533 -23.18 -51.74 15.39
C LEU A 533 -23.52 -52.89 16.34
N ASP A 534 -23.08 -52.75 17.61
CA ASP A 534 -23.33 -53.68 18.71
C ASP A 534 -24.83 -53.69 19.03
N ALA A 535 -25.37 -54.85 19.46
CA ALA A 535 -26.78 -55.07 19.79
C ALA A 535 -27.45 -53.88 20.52
N GLU A 536 -26.78 -53.33 21.55
CA GLU A 536 -27.26 -52.21 22.36
C GLU A 536 -27.25 -50.90 21.56
N SER A 537 -26.11 -50.56 20.93
CA SER A 537 -25.91 -49.34 20.13
C SER A 537 -26.86 -49.29 18.92
N GLU A 538 -27.13 -50.47 18.31
CA GLU A 538 -28.02 -50.67 17.17
C GLU A 538 -29.45 -50.22 17.47
N ARG A 539 -29.95 -50.55 18.68
CA ARG A 539 -31.30 -50.20 19.14
C ARG A 539 -31.44 -48.69 19.37
N VAL A 540 -30.37 -48.02 19.84
CA VAL A 540 -30.34 -46.59 20.15
C VAL A 540 -30.39 -45.77 18.87
N VAL A 541 -29.46 -46.04 17.92
CA VAL A 541 -29.29 -45.35 16.64
C VAL A 541 -30.57 -45.49 15.78
N GLN A 542 -31.16 -46.71 15.69
CA GLN A 542 -32.38 -46.97 14.90
C GLN A 542 -33.57 -46.16 15.42
N GLU A 543 -33.68 -46.01 16.77
CA GLU A 543 -34.74 -45.27 17.44
C GLU A 543 -34.71 -43.78 17.06
N ALA A 544 -33.51 -43.20 16.92
CA ALA A 544 -33.31 -41.80 16.54
C ALA A 544 -33.50 -41.61 15.03
N LEU A 545 -33.21 -42.66 14.22
CA LEU A 545 -33.35 -42.65 12.76
C LEU A 545 -34.82 -42.59 12.36
N ASP A 546 -35.69 -43.28 13.10
CA ASP A 546 -37.14 -43.32 12.87
C ASP A 546 -37.78 -41.96 13.14
N ARG A 547 -37.28 -41.23 14.18
CA ARG A 547 -37.74 -39.89 14.56
C ARG A 547 -37.42 -38.88 13.46
N ALA A 548 -36.22 -39.01 12.86
CA ALA A 548 -35.73 -38.16 11.76
C ALA A 548 -36.44 -38.49 10.45
N SER A 549 -36.94 -39.74 10.30
CA SER A 549 -37.65 -40.24 9.11
C SER A 549 -39.08 -39.68 9.00
N ALA A 550 -39.62 -39.11 10.08
CA ALA A 550 -40.97 -38.56 10.14
C ALA A 550 -41.10 -37.30 9.28
N GLY A 551 -42.11 -37.32 8.40
CA GLY A 551 -42.45 -36.22 7.49
C GLY A 551 -41.42 -35.95 6.40
N ARG A 552 -40.74 -37.00 5.94
CA ARG A 552 -39.72 -36.92 4.88
C ARG A 552 -39.78 -38.13 3.97
N THR A 553 -39.26 -37.98 2.72
CA THR A 553 -39.17 -39.08 1.75
C THR A 553 -37.91 -39.84 2.15
N VAL A 554 -38.04 -41.09 2.57
CA VAL A 554 -36.88 -41.84 3.05
C VAL A 554 -36.67 -43.12 2.24
N LEU A 555 -35.43 -43.32 1.74
CA LEU A 555 -35.01 -44.51 1.02
C LEU A 555 -34.16 -45.34 1.99
N VAL A 556 -34.81 -46.29 2.65
CA VAL A 556 -34.18 -47.17 3.63
C VAL A 556 -33.58 -48.35 2.91
N ILE A 557 -32.26 -48.51 3.02
CA ILE A 557 -31.54 -49.66 2.49
C ILE A 557 -31.08 -50.39 3.72
N ALA A 558 -31.87 -51.32 4.22
CA ALA A 558 -31.51 -52.02 5.45
C ALA A 558 -31.25 -53.51 5.21
N HIS A 559 -30.38 -54.07 6.07
CA HIS A 559 -30.03 -55.49 6.09
C HIS A 559 -31.02 -56.23 7.03
N ARG A 560 -31.38 -55.60 8.17
CA ARG A 560 -32.34 -56.14 9.12
C ARG A 560 -33.75 -55.90 8.57
N LEU A 561 -34.44 -56.99 8.18
CA LEU A 561 -35.78 -56.94 7.61
C LEU A 561 -36.86 -56.52 8.62
N SER A 562 -36.55 -56.58 9.92
CA SER A 562 -37.44 -56.23 11.01
C SER A 562 -37.85 -54.74 11.02
N THR A 563 -36.93 -53.84 10.59
CA THR A 563 -37.18 -52.40 10.56
C THR A 563 -37.96 -51.98 9.29
N VAL A 564 -37.81 -52.73 8.19
CA VAL A 564 -38.46 -52.43 6.91
C VAL A 564 -39.89 -53.03 6.83
N ARG A 565 -40.34 -53.74 7.89
CA ARG A 565 -41.67 -54.35 7.95
C ARG A 565 -42.79 -53.30 7.93
N GLY A 566 -42.55 -52.14 8.56
CA GLY A 566 -43.50 -51.05 8.61
C GLY A 566 -43.16 -49.88 7.72
N ALA A 567 -43.00 -50.15 6.41
CA ALA A 567 -42.67 -49.15 5.39
C ALA A 567 -43.84 -48.96 4.43
N HIS A 568 -43.75 -47.94 3.54
CA HIS A 568 -44.79 -47.64 2.54
C HIS A 568 -44.92 -48.83 1.57
N CYS A 569 -43.77 -49.37 1.12
CA CYS A 569 -43.62 -50.55 0.26
C CYS A 569 -42.13 -50.96 0.21
N ILE A 570 -41.89 -52.26 -0.08
CA ILE A 570 -40.58 -52.92 -0.18
C ILE A 570 -40.25 -53.21 -1.66
N VAL A 571 -38.95 -53.11 -2.03
CA VAL A 571 -38.44 -53.37 -3.38
C VAL A 571 -37.30 -54.41 -3.30
N VAL A 572 -37.59 -55.70 -3.63
CA VAL A 572 -36.61 -56.80 -3.65
C VAL A 572 -35.82 -56.70 -4.95
N MET A 573 -34.47 -56.75 -4.87
CA MET A 573 -33.58 -56.57 -6.04
C MET A 573 -32.61 -57.73 -6.30
N ALA A 574 -32.59 -58.18 -7.56
CA ALA A 574 -31.74 -59.25 -8.08
C ALA A 574 -31.22 -58.91 -9.49
N ASP A 575 -29.88 -58.99 -9.67
CA ASP A 575 -29.12 -58.70 -10.90
C ASP A 575 -29.47 -57.31 -11.49
N GLY A 576 -29.60 -56.33 -10.59
CA GLY A 576 -29.90 -54.94 -10.93
C GLY A 576 -31.27 -54.68 -11.51
N ARG A 577 -32.26 -55.51 -11.16
CA ARG A 577 -33.64 -55.39 -11.64
C ARG A 577 -34.62 -55.46 -10.48
N VAL A 578 -35.79 -54.81 -10.59
CA VAL A 578 -36.84 -54.89 -9.56
C VAL A 578 -37.50 -56.29 -9.68
N TRP A 579 -37.10 -57.20 -8.77
CA TRP A 579 -37.54 -58.60 -8.71
C TRP A 579 -38.97 -58.71 -8.11
N GLU A 580 -39.19 -58.04 -6.97
CA GLU A 580 -40.47 -58.01 -6.25
C GLU A 580 -40.71 -56.63 -5.68
N ALA A 581 -41.97 -56.20 -5.62
CA ALA A 581 -42.36 -54.89 -5.09
C ALA A 581 -43.77 -54.94 -4.52
N GLY A 582 -43.99 -54.14 -3.49
CA GLY A 582 -45.28 -54.03 -2.81
C GLY A 582 -45.13 -53.91 -1.32
N THR A 583 -46.24 -53.82 -0.59
CA THR A 583 -46.26 -53.70 0.88
C THR A 583 -45.80 -55.01 1.54
N HIS A 584 -45.68 -55.00 2.89
CA HIS A 584 -45.26 -56.16 3.68
C HIS A 584 -46.22 -57.35 3.50
N GLU A 585 -47.54 -57.10 3.60
CA GLU A 585 -48.61 -58.10 3.47
C GLU A 585 -48.72 -58.61 2.03
N GLU A 586 -48.57 -57.72 1.03
CA GLU A 586 -48.65 -58.05 -0.38
C GLU A 586 -47.56 -59.04 -0.81
N LEU A 587 -46.33 -58.88 -0.28
CA LEU A 587 -45.17 -59.69 -0.62
C LEU A 587 -45.17 -61.05 0.10
N LEU A 588 -45.99 -61.17 1.15
CA LEU A 588 -46.19 -62.41 1.88
C LEU A 588 -47.25 -63.26 1.17
N LYS A 589 -48.31 -62.60 0.66
CA LYS A 589 -49.41 -63.22 -0.10
C LYS A 589 -48.89 -63.68 -1.48
N LYS A 590 -47.89 -62.96 -2.05
CA LYS A 590 -47.25 -63.27 -3.33
C LYS A 590 -46.39 -64.53 -3.23
N GLY A 591 -45.83 -64.81 -2.05
CA GLY A 591 -45.00 -65.97 -1.76
C GLY A 591 -43.71 -66.00 -2.55
N GLY A 592 -43.03 -64.85 -2.59
CA GLY A 592 -41.79 -64.67 -3.33
C GLY A 592 -40.53 -64.71 -2.51
N LEU A 593 -39.50 -63.98 -2.97
CA LEU A 593 -38.18 -63.87 -2.34
C LEU A 593 -38.30 -63.32 -0.93
N TYR A 594 -39.18 -62.31 -0.71
CA TYR A 594 -39.43 -61.69 0.58
C TYR A 594 -39.96 -62.75 1.56
N ALA A 595 -40.96 -63.53 1.11
CA ALA A 595 -41.62 -64.58 1.89
C ALA A 595 -40.63 -65.66 2.34
N GLU A 596 -39.69 -66.08 1.45
CA GLU A 596 -38.67 -67.09 1.78
C GLU A 596 -37.63 -66.51 2.75
N LEU A 597 -37.31 -65.20 2.59
CA LEU A 597 -36.36 -64.46 3.43
C LEU A 597 -36.91 -64.28 4.86
N ILE A 598 -38.19 -63.88 4.98
CA ILE A 598 -38.88 -63.68 6.27
C ILE A 598 -39.18 -65.03 6.95
N ARG A 599 -39.32 -66.14 6.17
CA ARG A 599 -39.56 -67.49 6.70
C ARG A 599 -38.33 -67.95 7.47
N ARG A 600 -37.12 -67.71 6.92
CA ARG A 600 -35.83 -68.05 7.54
C ARG A 600 -35.57 -67.16 8.76
N GLN A 601 -36.03 -65.88 8.69
CA GLN A 601 -35.93 -64.87 9.74
C GLN A 601 -36.80 -65.23 10.94
N ALA A 602 -38.01 -65.78 10.68
CA ALA A 602 -38.96 -66.19 11.71
C ALA A 602 -38.49 -67.43 12.46
N LEU A 603 -37.72 -68.33 11.80
CA LEU A 603 -37.18 -69.55 12.41
C LEU A 603 -36.04 -69.20 13.36
N ASP A 604 -35.19 -68.23 12.96
CA ASP A 604 -34.05 -67.74 13.74
C ASP A 604 -34.50 -67.00 14.99
N ALA A 605 -35.59 -66.21 14.86
CA ALA A 605 -36.18 -65.40 15.93
C ALA A 605 -36.83 -66.27 17.01
N ALA A 606 -37.54 -67.34 16.60
CA ALA A 606 -38.23 -68.28 17.48
C ALA A 606 -37.22 -69.07 18.30
N GLU A 607 -36.05 -69.37 17.69
CA GLU A 607 -34.95 -70.10 18.33
C GLU A 607 -34.27 -69.25 19.41
N ASN A 608 -34.22 -67.92 19.20
CA ASN A 608 -33.62 -66.95 20.14
C ASN A 608 -34.51 -66.68 21.36
N LEU A 609 -35.82 -67.02 21.28
CA LEU A 609 -36.78 -66.83 22.35
C LEU A 609 -36.70 -67.98 23.35
N PHE B 23 24.97 -39.64 14.50
CA PHE B 23 23.74 -40.16 13.91
C PHE B 23 23.51 -39.59 12.51
N ASN B 24 23.68 -38.26 12.33
CA ASN B 24 23.51 -37.56 11.05
C ASN B 24 24.63 -37.93 10.07
N TRP B 25 25.88 -37.96 10.55
CA TRP B 25 27.07 -38.25 9.73
C TRP B 25 27.62 -39.67 9.97
N LYS B 26 27.34 -40.27 11.15
CA LYS B 26 27.78 -41.61 11.52
C LYS B 26 27.15 -42.68 10.60
N LEU B 27 25.83 -42.52 10.29
CA LEU B 27 25.08 -43.43 9.42
C LEU B 27 25.27 -43.09 7.94
N PHE B 28 25.51 -41.79 7.64
CA PHE B 28 25.72 -41.28 6.28
C PHE B 28 26.96 -41.91 5.63
N TRP B 29 28.03 -42.12 6.42
CA TRP B 29 29.28 -42.70 5.96
C TRP B 29 29.14 -44.18 5.61
N GLN B 30 28.19 -44.89 6.25
CA GLN B 30 27.92 -46.31 6.02
C GLN B 30 27.38 -46.59 4.60
N PHE B 31 26.59 -45.65 4.05
CA PHE B 31 26.01 -45.76 2.72
C PHE B 31 26.97 -45.24 1.63
N LEU B 32 27.84 -44.29 1.98
CA LEU B 32 28.82 -43.65 1.08
C LEU B 32 30.05 -44.54 0.85
N HIS B 33 30.51 -45.26 1.88
CA HIS B 33 31.69 -46.14 1.90
C HIS B 33 31.75 -47.17 0.73
N PRO B 34 30.70 -47.95 0.36
CA PRO B 34 30.88 -48.91 -0.75
C PRO B 34 30.93 -48.25 -2.13
N HIS B 35 30.31 -47.07 -2.28
CA HIS B 35 30.25 -46.32 -3.53
C HIS B 35 31.45 -45.34 -3.69
N LEU B 36 32.29 -45.24 -2.64
CA LEU B 36 33.47 -44.35 -2.57
C LEU B 36 34.54 -44.69 -3.63
N LEU B 37 34.66 -45.97 -4.02
CA LEU B 37 35.63 -46.44 -5.03
C LEU B 37 35.26 -45.91 -6.43
N VAL B 38 33.95 -45.95 -6.77
CA VAL B 38 33.35 -45.47 -8.02
C VAL B 38 33.41 -43.94 -8.05
N LEU B 39 33.21 -43.31 -6.88
CA LEU B 39 33.25 -41.87 -6.64
C LEU B 39 34.63 -41.27 -6.98
N GLY B 40 35.69 -42.01 -6.64
CA GLY B 40 37.08 -41.62 -6.90
C GLY B 40 37.43 -41.58 -8.38
N VAL B 41 36.83 -42.48 -9.18
CA VAL B 41 37.01 -42.58 -10.63
C VAL B 41 36.47 -41.31 -11.29
N ALA B 42 35.29 -40.84 -10.83
CA ALA B 42 34.63 -39.62 -11.31
C ALA B 42 35.47 -38.37 -11.03
N VAL B 43 36.22 -38.36 -9.91
CA VAL B 43 37.12 -37.25 -9.52
C VAL B 43 38.24 -37.14 -10.56
N VAL B 44 38.82 -38.28 -10.96
CA VAL B 44 39.90 -38.40 -11.95
C VAL B 44 39.38 -37.90 -13.33
N LEU B 45 38.16 -38.33 -13.73
CA LEU B 45 37.54 -37.93 -15.00
C LEU B 45 37.27 -36.43 -15.06
N ALA B 46 36.89 -35.83 -13.92
CA ALA B 46 36.61 -34.39 -13.81
C ALA B 46 37.90 -33.57 -13.87
N LEU B 47 39.01 -34.13 -13.32
CA LEU B 47 40.32 -33.49 -13.34
C LEU B 47 40.93 -33.56 -14.73
N GLY B 48 40.57 -34.61 -15.48
CA GLY B 48 41.01 -34.83 -16.85
C GLY B 48 40.26 -33.99 -17.86
N ALA B 49 38.94 -33.78 -17.65
CA ALA B 49 38.07 -33.01 -18.53
C ALA B 49 38.46 -31.52 -18.54
N ALA B 50 38.79 -30.97 -17.36
CA ALA B 50 39.21 -29.57 -17.22
C ALA B 50 40.65 -29.39 -17.68
N LEU B 51 41.44 -30.49 -17.68
CA LEU B 51 42.83 -30.53 -18.14
C LEU B 51 42.87 -30.31 -19.66
N VAL B 52 41.89 -30.87 -20.40
CA VAL B 52 41.76 -30.74 -21.87
C VAL B 52 41.30 -29.31 -22.19
N ASN B 53 40.40 -28.74 -21.35
CA ASN B 53 39.86 -27.38 -21.49
C ASN B 53 40.96 -26.31 -21.42
N VAL B 54 42.09 -26.61 -20.73
CA VAL B 54 43.25 -25.72 -20.61
C VAL B 54 44.03 -25.67 -21.95
N GLN B 55 44.14 -26.83 -22.63
CA GLN B 55 44.83 -26.98 -23.91
C GLN B 55 43.95 -26.54 -25.10
N ILE B 56 42.63 -26.28 -24.87
CA ILE B 56 41.68 -25.85 -25.89
C ILE B 56 42.07 -24.45 -26.47
N PRO B 57 42.25 -23.34 -25.69
CA PRO B 57 42.66 -22.07 -26.33
C PRO B 57 44.14 -22.04 -26.67
N LEU B 58 44.94 -22.95 -26.07
CA LEU B 58 46.37 -23.10 -26.30
C LEU B 58 46.62 -23.60 -27.73
N LEU B 59 45.90 -24.66 -28.15
CA LEU B 59 45.99 -25.24 -29.50
C LEU B 59 45.18 -24.42 -30.51
N LEU B 60 44.10 -23.75 -30.07
CA LEU B 60 43.27 -22.89 -30.94
C LEU B 60 44.03 -21.62 -31.33
N GLY B 61 44.90 -21.14 -30.43
CA GLY B 61 45.76 -19.97 -30.66
C GLY B 61 46.88 -20.28 -31.64
N GLN B 62 47.31 -21.56 -31.69
CA GLN B 62 48.34 -22.06 -32.60
C GLN B 62 47.79 -22.15 -34.03
N LEU B 63 46.48 -22.45 -34.17
CA LEU B 63 45.80 -22.56 -35.45
C LEU B 63 45.64 -21.18 -36.12
N VAL B 64 45.38 -20.10 -35.33
CA VAL B 64 45.22 -18.74 -35.85
C VAL B 64 46.58 -18.18 -36.29
N MET B 79 46.82 -25.74 -46.69
CA MET B 79 45.54 -26.43 -46.62
C MET B 79 45.69 -27.78 -45.90
N THR B 80 46.79 -28.53 -46.20
CA THR B 80 47.09 -29.83 -45.61
C THR B 80 47.59 -29.68 -44.17
N GLU B 81 48.27 -28.56 -43.85
CA GLU B 81 48.78 -28.25 -42.51
C GLU B 81 47.63 -27.93 -41.56
N SER B 82 46.59 -27.23 -42.08
CA SER B 82 45.38 -26.85 -41.35
C SER B 82 44.47 -28.06 -41.13
N GLN B 83 44.35 -28.95 -42.14
CA GLN B 83 43.53 -30.17 -42.13
C GLN B 83 44.02 -31.17 -41.08
N ASN B 84 45.36 -31.26 -40.88
CA ASN B 84 45.99 -32.16 -39.92
C ASN B 84 45.78 -31.68 -38.47
N LEU B 85 45.72 -30.35 -38.27
CA LEU B 85 45.52 -29.72 -36.96
C LEU B 85 44.03 -29.61 -36.59
N SER B 86 43.15 -29.42 -37.60
CA SER B 86 41.69 -29.32 -37.39
C SER B 86 41.10 -30.67 -36.99
N THR B 87 41.60 -31.78 -37.59
CA THR B 87 41.17 -33.15 -37.29
C THR B 87 41.67 -33.52 -35.87
N HIS B 88 42.87 -33.05 -35.49
CA HIS B 88 43.49 -33.27 -34.19
C HIS B 88 42.69 -32.57 -33.08
N LEU B 89 42.22 -31.33 -33.34
CA LEU B 89 41.42 -30.54 -32.40
C LEU B 89 40.02 -31.13 -32.19
N LEU B 90 39.43 -31.74 -33.26
CA LEU B 90 38.11 -32.38 -33.21
C LEU B 90 38.14 -33.65 -32.34
N ILE B 91 39.31 -34.31 -32.26
CA ILE B 91 39.55 -35.51 -31.43
C ILE B 91 39.54 -35.08 -29.95
N LEU B 92 40.18 -33.92 -29.65
CA LEU B 92 40.29 -33.33 -28.32
C LEU B 92 38.92 -32.92 -27.73
N TYR B 93 37.98 -32.46 -28.58
CA TYR B 93 36.63 -32.05 -28.18
C TYR B 93 35.79 -33.27 -27.78
N GLY B 94 35.95 -34.35 -28.56
CA GLY B 94 35.29 -35.62 -28.36
C GLY B 94 35.79 -36.34 -27.13
N VAL B 95 37.05 -36.06 -26.73
CA VAL B 95 37.68 -36.63 -25.54
C VAL B 95 37.21 -35.82 -24.31
N GLN B 96 37.08 -34.47 -24.44
CA GLN B 96 36.59 -33.61 -23.35
C GLN B 96 35.12 -33.93 -23.00
N GLY B 97 34.29 -34.08 -24.03
CA GLY B 97 32.87 -34.40 -23.91
C GLY B 97 32.61 -35.76 -23.31
N LEU B 98 33.48 -36.75 -23.63
CA LEU B 98 33.42 -38.12 -23.14
C LEU B 98 33.80 -38.17 -21.65
N LEU B 99 34.78 -37.33 -21.23
CA LEU B 99 35.22 -37.24 -19.82
C LEU B 99 34.21 -36.47 -18.97
N THR B 100 33.38 -35.62 -19.61
CA THR B 100 32.32 -34.85 -18.95
C THR B 100 31.07 -35.72 -18.74
N PHE B 101 30.74 -36.56 -19.75
CA PHE B 101 29.61 -37.49 -19.74
C PHE B 101 29.79 -38.60 -18.71
N GLY B 102 30.95 -39.27 -18.74
CA GLY B 102 31.30 -40.37 -17.84
C GLY B 102 31.34 -39.99 -16.38
N TYR B 103 31.85 -38.78 -16.08
CA TYR B 103 31.97 -38.21 -14.73
C TYR B 103 30.56 -37.87 -14.19
N LEU B 104 29.64 -37.42 -15.08
CA LEU B 104 28.26 -37.11 -14.73
C LEU B 104 27.43 -38.40 -14.57
N VAL B 105 27.71 -39.45 -15.39
CA VAL B 105 27.04 -40.75 -15.36
C VAL B 105 27.41 -41.49 -14.07
N LEU B 106 28.70 -41.49 -13.70
CA LEU B 106 29.20 -42.15 -12.47
C LEU B 106 28.59 -41.51 -11.23
N LEU B 107 28.42 -40.17 -11.24
CA LEU B 107 27.84 -39.42 -10.12
C LEU B 107 26.34 -39.68 -10.00
N SER B 108 25.66 -39.91 -11.14
CA SER B 108 24.24 -40.24 -11.18
C SER B 108 24.03 -41.66 -10.69
N HIS B 109 24.95 -42.59 -11.05
CA HIS B 109 24.91 -43.99 -10.64
C HIS B 109 25.13 -44.15 -9.14
N VAL B 110 26.16 -43.47 -8.58
CA VAL B 110 26.50 -43.49 -7.15
C VAL B 110 25.32 -42.92 -6.33
N GLY B 111 24.78 -41.79 -6.77
CA GLY B 111 23.65 -41.13 -6.13
C GLY B 111 22.37 -41.94 -6.08
N GLU B 112 22.05 -42.64 -7.19
CA GLU B 112 20.85 -43.47 -7.31
C GLU B 112 20.98 -44.77 -6.52
N ARG B 113 22.17 -45.42 -6.57
CA ARG B 113 22.42 -46.69 -5.86
C ARG B 113 22.43 -46.48 -4.34
N MET B 114 22.91 -45.30 -3.89
CA MET B 114 22.95 -44.91 -2.48
C MET B 114 21.53 -44.67 -1.97
N ALA B 115 20.64 -44.13 -2.83
CA ALA B 115 19.24 -43.84 -2.51
C ALA B 115 18.44 -45.13 -2.28
N VAL B 116 18.70 -46.17 -3.10
CA VAL B 116 18.02 -47.47 -3.01
C VAL B 116 18.41 -48.15 -1.69
N ASP B 117 19.70 -48.08 -1.30
CA ASP B 117 20.21 -48.65 -0.05
C ASP B 117 19.57 -47.97 1.17
N MET B 118 19.29 -46.65 1.06
CA MET B 118 18.66 -45.85 2.12
C MET B 118 17.17 -46.17 2.24
N ARG B 119 16.45 -46.28 1.10
CA ARG B 119 15.02 -46.58 1.05
C ARG B 119 14.73 -48.01 1.54
N ARG B 120 15.64 -48.96 1.22
CA ARG B 120 15.58 -50.37 1.64
C ARG B 120 15.74 -50.48 3.16
N ALA B 121 16.72 -49.74 3.72
CA ALA B 121 17.03 -49.73 5.15
C ALA B 121 15.98 -48.96 5.97
N LEU B 122 15.34 -47.90 5.38
CA LEU B 122 14.32 -47.13 6.09
C LEU B 122 13.00 -47.89 6.14
N PHE B 123 12.56 -48.49 5.00
CA PHE B 123 11.32 -49.27 4.91
C PHE B 123 11.34 -50.47 5.83
N SER B 124 12.51 -51.13 5.97
CA SER B 124 12.74 -52.28 6.84
C SER B 124 12.62 -51.86 8.31
N SER B 125 13.19 -50.69 8.66
CA SER B 125 13.15 -50.12 10.01
C SER B 125 11.75 -49.60 10.36
N LEU B 126 11.00 -49.11 9.35
CA LEU B 126 9.65 -48.58 9.50
C LEU B 126 8.65 -49.68 9.82
N LEU B 127 8.76 -50.83 9.13
CA LEU B 127 7.88 -51.99 9.32
C LEU B 127 8.11 -52.65 10.68
N ARG B 128 9.36 -52.59 11.21
CA ARG B 128 9.74 -53.16 12.51
C ARG B 128 9.16 -52.37 13.70
N GLN B 129 8.89 -51.05 13.53
CA GLN B 129 8.36 -50.15 14.56
C GLN B 129 7.04 -50.63 15.13
N ASP B 130 6.85 -50.59 16.47
CA ASP B 130 5.62 -51.02 17.17
C ASP B 130 4.41 -50.11 16.82
N ILE B 131 3.20 -50.70 16.89
CA ILE B 131 1.87 -50.15 16.53
C ILE B 131 1.63 -48.75 17.13
N THR B 132 2.19 -48.48 18.32
CA THR B 132 2.10 -47.19 19.02
C THR B 132 2.56 -46.04 18.09
N PHE B 133 3.66 -46.28 17.34
CA PHE B 133 4.27 -45.35 16.39
C PHE B 133 3.33 -45.08 15.21
N PHE B 134 2.69 -46.13 14.65
CA PHE B 134 1.78 -46.02 13.51
C PHE B 134 0.49 -45.27 13.85
N ASP B 135 0.15 -45.19 15.14
CA ASP B 135 -1.04 -44.47 15.62
C ASP B 135 -0.68 -42.99 15.84
N ALA B 136 0.60 -42.73 16.17
CA ALA B 136 1.13 -41.39 16.38
C ALA B 136 1.54 -40.70 15.06
N ASN B 137 1.98 -41.49 14.05
CA ASN B 137 2.41 -40.97 12.76
C ASN B 137 1.47 -41.42 11.63
N LYS B 138 1.08 -40.48 10.76
CA LYS B 138 0.20 -40.71 9.59
C LYS B 138 0.92 -41.52 8.52
N THR B 139 0.16 -42.37 7.79
CA THR B 139 0.68 -43.23 6.72
C THR B 139 1.24 -42.43 5.54
N GLY B 140 0.58 -41.31 5.22
CA GLY B 140 0.97 -40.41 4.14
C GLY B 140 2.35 -39.80 4.34
N GLN B 141 2.62 -39.27 5.56
CA GLN B 141 3.90 -38.63 5.93
C GLN B 141 5.06 -39.64 5.92
N LEU B 142 4.77 -40.93 6.21
CA LEU B 142 5.77 -42.00 6.23
C LEU B 142 6.19 -42.35 4.80
N VAL B 143 5.23 -42.34 3.86
CA VAL B 143 5.45 -42.60 2.43
C VAL B 143 6.30 -41.44 1.83
N SER B 144 6.00 -40.19 2.24
CA SER B 144 6.70 -38.98 1.80
C SER B 144 8.16 -38.99 2.27
N ARG B 145 8.41 -39.37 3.54
CA ARG B 145 9.75 -39.44 4.13
C ARG B 145 10.62 -40.51 3.44
N LEU B 146 9.97 -41.58 2.97
CA LEU B 146 10.59 -42.71 2.31
C LEU B 146 10.89 -42.41 0.82
N THR B 147 10.05 -41.61 0.15
CA THR B 147 10.26 -41.34 -1.27
C THR B 147 10.79 -39.92 -1.50
N THR B 148 9.98 -38.88 -1.14
CA THR B 148 10.29 -37.46 -1.37
C THR B 148 11.59 -37.02 -0.66
N ASP B 149 11.69 -37.20 0.68
CA ASP B 149 12.86 -36.79 1.48
C ASP B 149 14.16 -37.44 1.02
N VAL B 150 14.13 -38.72 0.56
CA VAL B 150 15.30 -39.43 0.05
C VAL B 150 15.75 -38.77 -1.26
N GLN B 151 14.82 -38.57 -2.20
CA GLN B 151 15.09 -37.93 -3.50
C GLN B 151 15.50 -36.47 -3.33
N GLU B 152 15.00 -35.79 -2.28
CA GLU B 152 15.32 -34.40 -1.95
C GLU B 152 16.77 -34.29 -1.54
N PHE B 153 17.27 -35.31 -0.83
CA PHE B 153 18.66 -35.41 -0.37
C PHE B 153 19.56 -35.88 -1.52
N LYS B 154 19.16 -36.96 -2.23
CA LYS B 154 19.89 -37.57 -3.34
C LYS B 154 20.25 -36.54 -4.42
N SER B 155 19.23 -35.82 -4.96
CA SER B 155 19.41 -34.80 -6.02
C SER B 155 20.22 -33.60 -5.51
N SER B 156 20.12 -33.29 -4.20
CA SER B 156 20.86 -32.20 -3.57
C SER B 156 22.34 -32.59 -3.45
N PHE B 157 22.60 -33.87 -3.09
CA PHE B 157 23.94 -34.48 -2.98
C PHE B 157 24.60 -34.49 -4.37
N LYS B 158 23.79 -34.80 -5.40
CA LYS B 158 24.19 -34.83 -6.80
C LYS B 158 24.68 -33.45 -7.27
N LEU B 159 23.90 -32.39 -6.99
CA LEU B 159 24.18 -31.00 -7.38
C LEU B 159 25.40 -30.40 -6.68
N VAL B 160 25.61 -30.69 -5.38
CA VAL B 160 26.73 -30.15 -4.63
C VAL B 160 28.04 -30.73 -5.19
N ILE B 161 28.08 -32.03 -5.53
CA ILE B 161 29.29 -32.64 -6.09
C ILE B 161 29.43 -32.25 -7.58
N SER B 162 28.31 -32.15 -8.35
CA SER B 162 28.35 -31.77 -9.78
C SER B 162 28.98 -30.38 -9.96
N GLN B 163 28.48 -29.39 -9.22
CA GLN B 163 28.99 -28.01 -9.27
C GLN B 163 30.30 -27.91 -8.51
N GLY B 164 30.34 -28.51 -7.31
CA GLY B 164 31.49 -28.52 -6.42
C GLY B 164 32.75 -29.08 -7.03
N LEU B 165 32.68 -30.25 -7.69
CA LEU B 165 33.84 -30.88 -8.33
C LEU B 165 34.29 -30.05 -9.53
N ARG B 166 33.35 -29.60 -10.38
CA ARG B 166 33.62 -28.77 -11.57
C ARG B 166 34.29 -27.43 -11.18
N SER B 167 33.73 -26.75 -10.17
CA SER B 167 34.19 -25.46 -9.63
C SER B 167 35.54 -25.59 -8.93
N CYS B 168 35.76 -26.68 -8.15
CA CYS B 168 37.00 -26.94 -7.40
C CYS B 168 38.17 -27.26 -8.35
N THR B 169 37.89 -27.89 -9.52
CA THR B 169 38.94 -28.21 -10.50
C THR B 169 39.42 -26.90 -11.18
N GLN B 170 38.53 -25.91 -11.32
CA GLN B 170 38.85 -24.60 -11.91
C GLN B 170 39.76 -23.79 -10.97
N VAL B 171 39.68 -24.07 -9.65
CA VAL B 171 40.46 -23.43 -8.58
C VAL B 171 41.82 -24.13 -8.43
N ALA B 172 41.83 -25.49 -8.38
CA ALA B 172 43.03 -26.33 -8.24
C ALA B 172 44.04 -26.08 -9.38
N GLY B 173 43.51 -25.91 -10.60
CA GLY B 173 44.29 -25.64 -11.80
C GLY B 173 44.96 -24.27 -11.78
N CYS B 174 44.27 -23.28 -11.20
CA CYS B 174 44.77 -21.92 -11.07
C CYS B 174 45.75 -21.80 -9.89
N LEU B 175 45.50 -22.56 -8.80
CA LEU B 175 46.31 -22.57 -7.57
C LEU B 175 47.73 -23.09 -7.79
N VAL B 176 47.87 -24.26 -8.47
CA VAL B 176 49.17 -24.89 -8.74
C VAL B 176 50.00 -24.06 -9.72
N SER B 177 49.32 -23.44 -10.71
CA SER B 177 49.91 -22.62 -11.77
C SER B 177 50.39 -21.23 -11.33
N LEU B 178 49.66 -20.56 -10.40
CA LEU B 178 50.00 -19.19 -10.00
C LEU B 178 50.70 -19.05 -8.66
N SER B 179 50.16 -19.66 -7.60
CA SER B 179 50.69 -19.53 -6.25
C SER B 179 52.00 -20.29 -6.02
N MET B 180 52.88 -19.71 -5.16
CA MET B 180 54.15 -20.31 -4.70
C MET B 180 53.87 -21.05 -3.37
N LEU B 181 54.91 -21.44 -2.62
CA LEU B 181 54.78 -22.18 -1.35
C LEU B 181 54.03 -21.38 -0.24
N SER B 182 54.24 -20.04 -0.21
CA SER B 182 53.65 -19.15 0.77
C SER B 182 52.24 -18.69 0.37
N THR B 183 52.03 -18.38 -0.94
CA THR B 183 50.75 -17.91 -1.49
C THR B 183 49.70 -19.05 -1.50
N ARG B 184 50.14 -20.33 -1.53
CA ARG B 184 49.26 -21.51 -1.51
C ARG B 184 48.52 -21.64 -0.19
N LEU B 185 49.25 -21.44 0.93
CA LEU B 185 48.74 -21.52 2.31
C LEU B 185 47.67 -20.46 2.58
N THR B 186 47.89 -19.23 2.07
CA THR B 186 46.96 -18.09 2.22
C THR B 186 45.70 -18.30 1.39
N LEU B 187 45.84 -18.93 0.20
CA LEU B 187 44.74 -19.22 -0.71
C LEU B 187 43.80 -20.31 -0.13
N LEU B 188 44.38 -21.42 0.38
CA LEU B 188 43.64 -22.54 0.98
C LEU B 188 42.93 -22.12 2.26
N LEU B 189 43.51 -21.16 3.01
CA LEU B 189 42.92 -20.63 4.24
C LEU B 189 41.67 -19.81 3.93
N MET B 190 41.70 -19.05 2.82
CA MET B 190 40.57 -18.21 2.39
C MET B 190 39.38 -19.06 1.88
N VAL B 191 39.66 -20.29 1.39
CA VAL B 191 38.62 -21.22 0.91
C VAL B 191 37.99 -21.93 2.14
N ALA B 192 38.82 -22.24 3.15
CA ALA B 192 38.42 -22.91 4.40
C ALA B 192 37.60 -22.00 5.34
N THR B 193 37.75 -20.66 5.23
CA THR B 193 37.03 -19.70 6.08
C THR B 193 35.49 -19.76 5.86
N PRO B 194 34.91 -19.57 4.64
CA PRO B 194 33.44 -19.64 4.52
C PRO B 194 32.88 -21.05 4.77
N ALA B 195 33.71 -22.10 4.64
CA ALA B 195 33.33 -23.48 4.90
C ALA B 195 33.13 -23.69 6.40
N LEU B 196 33.97 -23.03 7.24
CA LEU B 196 33.92 -23.08 8.70
C LEU B 196 32.68 -22.33 9.20
N MET B 197 32.33 -21.24 8.51
CA MET B 197 31.14 -20.43 8.79
C MET B 197 29.88 -21.18 8.29
N GLY B 198 30.02 -21.88 7.17
CA GLY B 198 28.97 -22.63 6.50
C GLY B 198 28.33 -23.73 7.32
N VAL B 199 29.16 -24.69 7.77
CA VAL B 199 28.75 -25.84 8.58
C VAL B 199 28.25 -25.34 9.97
N GLY B 200 29.01 -24.42 10.58
CA GLY B 200 28.72 -23.83 11.89
C GLY B 200 27.34 -23.22 12.05
N THR B 201 26.85 -22.52 11.00
CA THR B 201 25.53 -21.87 10.97
C THR B 201 24.43 -22.90 10.73
N LEU B 202 24.71 -23.95 9.92
CA LEU B 202 23.79 -25.04 9.59
C LEU B 202 23.47 -25.90 10.81
N MET B 203 24.37 -25.92 11.80
CA MET B 203 24.25 -26.67 13.06
C MET B 203 23.58 -25.81 14.16
N GLY B 204 23.68 -24.49 14.01
CA GLY B 204 23.15 -23.49 14.93
C GLY B 204 21.64 -23.47 15.15
N SER B 205 21.20 -22.60 16.07
CA SER B 205 19.80 -22.42 16.47
C SER B 205 19.00 -21.56 15.46
N GLY B 206 19.71 -20.98 14.48
CA GLY B 206 19.11 -20.13 13.45
C GLY B 206 18.43 -20.89 12.34
N LEU B 207 19.21 -21.26 11.31
CA LEU B 207 18.76 -21.96 10.10
C LEU B 207 18.08 -23.29 10.39
N ARG B 208 18.59 -24.06 11.38
CA ARG B 208 18.06 -25.37 11.75
C ARG B 208 16.64 -25.30 12.34
N LYS B 209 16.34 -24.25 13.14
CA LYS B 209 15.02 -24.07 13.74
C LYS B 209 14.01 -23.56 12.71
N LEU B 210 14.47 -22.75 11.71
CA LEU B 210 13.64 -22.19 10.65
C LEU B 210 13.12 -23.28 9.71
N SER B 211 13.99 -24.25 9.34
CA SER B 211 13.65 -25.37 8.45
C SER B 211 12.74 -26.37 9.16
N ARG B 212 12.96 -26.58 10.47
CA ARG B 212 12.15 -27.48 11.30
C ARG B 212 10.72 -26.95 11.42
N GLN B 213 10.57 -25.61 11.56
CA GLN B 213 9.29 -24.91 11.65
C GLN B 213 8.57 -24.93 10.28
N CYS B 214 9.36 -24.91 9.18
CA CYS B 214 8.88 -24.95 7.79
C CYS B 214 8.35 -26.34 7.46
N GLN B 215 9.05 -27.40 7.90
CA GLN B 215 8.67 -28.81 7.69
C GLN B 215 7.43 -29.17 8.49
N GLU B 216 7.23 -28.51 9.65
CA GLU B 216 6.08 -28.70 10.54
C GLU B 216 4.79 -28.22 9.86
N GLN B 217 4.84 -27.04 9.22
CA GLN B 217 3.71 -26.43 8.51
C GLN B 217 3.47 -27.12 7.15
N ILE B 218 4.53 -27.69 6.54
CA ILE B 218 4.44 -28.42 5.27
C ILE B 218 3.61 -29.70 5.45
N ALA B 219 3.85 -30.41 6.56
CA ALA B 219 3.14 -31.64 6.92
C ALA B 219 1.72 -31.34 7.40
N ARG B 220 1.51 -30.18 8.06
CA ARG B 220 0.21 -29.73 8.60
C ARG B 220 -0.77 -29.45 7.46
N ALA B 221 -0.32 -28.72 6.43
CA ALA B 221 -1.13 -28.38 5.26
C ALA B 221 -1.36 -29.62 4.39
N MET B 222 -0.42 -30.57 4.42
CA MET B 222 -0.48 -31.84 3.70
C MET B 222 -1.59 -32.73 4.26
N GLY B 223 -1.80 -32.67 5.57
CA GLY B 223 -2.82 -33.43 6.30
C GLY B 223 -4.23 -32.92 6.05
N VAL B 224 -4.37 -31.61 5.73
CA VAL B 224 -5.65 -30.97 5.42
C VAL B 224 -6.13 -31.45 4.04
N ALA B 225 -5.20 -31.50 3.06
CA ALA B 225 -5.47 -31.99 1.70
C ALA B 225 -5.84 -33.47 1.71
N ASP B 226 -5.11 -34.30 2.48
CA ASP B 226 -5.32 -35.75 2.62
C ASP B 226 -6.67 -36.06 3.25
N GLU B 227 -7.12 -35.24 4.21
CA GLU B 227 -8.41 -35.43 4.87
C GLU B 227 -9.54 -34.99 3.95
N ALA B 228 -9.32 -33.91 3.16
CA ALA B 228 -10.33 -33.38 2.24
C ALA B 228 -10.52 -34.31 1.03
N LEU B 229 -9.43 -34.56 0.27
CA LEU B 229 -9.43 -35.39 -0.95
C LEU B 229 -9.67 -36.87 -0.65
N GLY B 230 -9.21 -37.34 0.51
CA GLY B 230 -9.38 -38.72 0.94
C GLY B 230 -10.82 -39.05 1.29
N ASN B 231 -11.55 -38.07 1.84
CA ASN B 231 -12.95 -38.19 2.22
C ASN B 231 -13.81 -37.24 1.37
N VAL B 232 -13.44 -37.10 0.07
CA VAL B 232 -14.09 -36.22 -0.92
C VAL B 232 -15.59 -36.54 -1.06
N ARG B 233 -15.95 -37.84 -1.01
CA ARG B 233 -17.32 -38.32 -1.15
C ARG B 233 -18.22 -37.75 -0.04
N THR B 234 -17.69 -37.66 1.20
CA THR B 234 -18.39 -37.11 2.36
C THR B 234 -18.50 -35.58 2.24
N VAL B 235 -17.44 -34.92 1.69
CA VAL B 235 -17.37 -33.46 1.47
C VAL B 235 -18.44 -33.06 0.46
N ARG B 236 -18.61 -33.86 -0.61
CA ARG B 236 -19.60 -33.65 -1.66
C ARG B 236 -21.02 -33.88 -1.15
N ALA B 237 -21.22 -34.93 -0.34
CA ALA B 237 -22.48 -35.34 0.25
C ALA B 237 -23.16 -34.20 1.02
N PHE B 238 -22.37 -33.34 1.71
CA PHE B 238 -22.88 -32.21 2.48
C PHE B 238 -22.56 -30.87 1.80
N ALA B 239 -22.04 -30.93 0.55
CA ALA B 239 -21.66 -29.81 -0.33
C ALA B 239 -20.87 -28.70 0.38
N MET B 240 -19.88 -29.10 1.21
CA MET B 240 -19.03 -28.15 1.93
C MET B 240 -17.62 -28.16 1.33
N GLU B 241 -17.53 -27.83 0.02
CA GLU B 241 -16.27 -27.78 -0.74
C GLU B 241 -15.53 -26.47 -0.48
N GLN B 242 -16.27 -25.32 -0.49
CA GLN B 242 -15.73 -23.98 -0.26
C GLN B 242 -15.18 -23.84 1.16
N ARG B 243 -15.74 -24.60 2.13
CA ARG B 243 -15.29 -24.64 3.53
C ARG B 243 -13.94 -25.34 3.62
N GLU B 244 -13.77 -26.45 2.85
CA GLU B 244 -12.53 -27.22 2.79
C GLU B 244 -11.43 -26.46 2.04
N GLU B 245 -11.82 -25.66 1.02
CA GLU B 245 -10.90 -24.84 0.24
C GLU B 245 -10.37 -23.68 1.10
N GLU B 246 -11.22 -23.17 2.01
CA GLU B 246 -10.91 -22.10 2.96
C GLU B 246 -9.96 -22.62 4.04
N ARG B 247 -10.27 -23.82 4.57
CA ARG B 247 -9.50 -24.54 5.60
C ARG B 247 -8.08 -24.86 5.08
N TYR B 248 -7.97 -25.20 3.79
CA TYR B 248 -6.70 -25.49 3.13
C TYR B 248 -6.00 -24.18 2.78
N GLY B 249 -6.76 -23.21 2.29
CA GLY B 249 -6.28 -21.88 1.91
C GLY B 249 -5.59 -21.14 3.04
N ALA B 250 -6.11 -21.30 4.28
CA ALA B 250 -5.56 -20.71 5.50
C ALA B 250 -4.21 -21.36 5.84
N GLU B 251 -4.14 -22.70 5.72
CA GLU B 251 -2.93 -23.49 5.95
C GLU B 251 -1.90 -23.27 4.82
N LEU B 252 -2.40 -22.83 3.65
CA LEU B 252 -1.61 -22.55 2.45
C LEU B 252 -0.87 -21.20 2.54
N GLU B 253 -1.50 -20.18 3.18
CA GLU B 253 -0.86 -18.88 3.36
C GLU B 253 0.18 -18.97 4.49
N ALA B 254 -0.08 -19.85 5.48
CA ALA B 254 0.82 -20.12 6.59
C ALA B 254 2.04 -20.91 6.10
N CYS B 255 1.84 -21.74 5.04
CA CYS B 255 2.86 -22.54 4.39
C CYS B 255 3.88 -21.63 3.71
N ARG B 256 3.39 -20.50 3.14
CA ARG B 256 4.22 -19.46 2.49
C ARG B 256 4.96 -18.65 3.55
N CYS B 257 4.24 -18.24 4.61
CA CYS B 257 4.72 -17.44 5.74
C CYS B 257 5.99 -18.04 6.37
N ARG B 258 5.96 -19.33 6.72
CA ARG B 258 7.10 -20.04 7.33
C ARG B 258 8.24 -20.28 6.33
N ALA B 259 7.93 -20.46 5.05
CA ALA B 259 8.91 -20.70 3.98
C ALA B 259 9.60 -19.40 3.56
N GLU B 260 8.90 -18.25 3.70
CA GLU B 260 9.44 -16.92 3.38
C GLU B 260 10.44 -16.50 4.47
N GLU B 261 10.18 -16.91 5.73
CA GLU B 261 11.04 -16.65 6.90
C GLU B 261 12.38 -17.39 6.72
N LEU B 262 12.32 -18.65 6.23
CA LEU B 262 13.50 -19.47 5.95
C LEU B 262 14.22 -18.90 4.71
N GLY B 263 13.44 -18.45 3.72
CA GLY B 263 13.92 -17.85 2.49
C GLY B 263 14.72 -16.58 2.72
N ARG B 264 14.24 -15.74 3.66
CA ARG B 264 14.89 -14.49 4.07
C ARG B 264 16.17 -14.81 4.89
N GLY B 265 16.12 -15.92 5.62
CA GLY B 265 17.24 -16.42 6.43
C GLY B 265 18.38 -16.97 5.62
N ILE B 266 18.06 -17.79 4.58
CA ILE B 266 19.04 -18.40 3.67
C ILE B 266 19.71 -17.30 2.84
N ALA B 267 18.95 -16.26 2.45
CA ALA B 267 19.43 -15.10 1.69
C ALA B 267 20.36 -14.24 2.53
N LEU B 268 20.15 -14.20 3.87
CA LEU B 268 20.99 -13.45 4.81
C LEU B 268 22.38 -14.05 4.87
N PHE B 269 22.46 -15.40 4.91
CA PHE B 269 23.73 -16.14 4.92
C PHE B 269 24.51 -15.88 3.63
N GLN B 270 23.85 -16.01 2.46
CA GLN B 270 24.41 -15.81 1.13
C GLN B 270 25.02 -14.40 0.96
N GLY B 271 24.32 -13.38 1.46
CA GLY B 271 24.73 -11.99 1.43
C GLY B 271 25.92 -11.70 2.33
N LEU B 272 25.87 -12.20 3.58
CA LEU B 272 26.94 -12.06 4.58
C LEU B 272 28.20 -12.82 4.16
N SER B 273 28.00 -13.95 3.44
CA SER B 273 29.07 -14.79 2.92
C SER B 273 29.85 -14.05 1.82
N ASN B 274 29.16 -13.18 1.05
CA ASN B 274 29.75 -12.37 -0.01
C ASN B 274 30.64 -11.26 0.59
N ILE B 275 30.19 -10.66 1.72
CA ILE B 275 30.91 -9.62 2.45
C ILE B 275 32.13 -10.25 3.14
N ALA B 276 31.95 -11.42 3.77
CA ALA B 276 33.00 -12.17 4.47
C ALA B 276 34.19 -12.49 3.57
N PHE B 277 33.94 -12.90 2.32
CA PHE B 277 34.98 -13.25 1.35
C PHE B 277 35.74 -12.01 0.87
N ASN B 278 35.03 -10.90 0.59
CA ASN B 278 35.62 -9.65 0.11
C ASN B 278 36.44 -8.94 1.19
N CYS B 279 36.13 -9.22 2.47
CA CYS B 279 36.86 -8.71 3.63
C CYS B 279 38.12 -9.56 3.83
N MET B 280 38.06 -10.86 3.45
CA MET B 280 39.19 -11.78 3.51
C MET B 280 40.28 -11.36 2.51
N VAL B 281 39.86 -10.85 1.33
CA VAL B 281 40.75 -10.35 0.28
C VAL B 281 41.48 -9.10 0.79
N LEU B 282 40.75 -8.18 1.47
CA LEU B 282 41.29 -6.96 2.06
C LEU B 282 42.25 -7.29 3.22
N GLY B 283 41.93 -8.34 3.97
CA GLY B 283 42.71 -8.81 5.11
C GLY B 283 44.06 -9.38 4.74
N THR B 284 44.11 -10.22 3.69
CA THR B 284 45.35 -10.84 3.21
C THR B 284 46.22 -9.84 2.43
N LEU B 285 45.60 -8.78 1.85
CA LEU B 285 46.29 -7.72 1.11
C LEU B 285 47.17 -6.87 2.06
N PHE B 286 46.69 -6.65 3.30
CA PHE B 286 47.41 -5.88 4.31
C PHE B 286 48.39 -6.76 5.09
N ILE B 287 48.05 -8.06 5.29
CA ILE B 287 48.90 -9.04 5.99
C ILE B 287 50.10 -9.39 5.11
N GLY B 288 49.82 -9.74 3.84
CA GLY B 288 50.84 -10.08 2.86
C GLY B 288 51.67 -8.89 2.41
N GLY B 289 51.02 -7.74 2.32
CA GLY B 289 51.62 -6.45 1.94
C GLY B 289 52.70 -5.97 2.88
N SER B 290 52.57 -6.32 4.18
CA SER B 290 53.53 -5.99 5.23
C SER B 290 54.81 -6.80 5.06
N LEU B 291 54.69 -8.03 4.52
CA LEU B 291 55.80 -8.96 4.25
C LEU B 291 56.49 -8.63 2.91
N VAL B 292 55.74 -8.00 1.97
CA VAL B 292 56.22 -7.61 0.62
C VAL B 292 57.31 -6.53 0.74
N ALA B 293 57.12 -5.54 1.63
CA ALA B 293 58.07 -4.45 1.85
C ALA B 293 59.33 -4.93 2.58
N GLY B 294 59.20 -5.99 3.38
CA GLY B 294 60.30 -6.57 4.16
C GLY B 294 61.06 -7.69 3.50
N GLN B 295 61.08 -7.73 2.14
CA GLN B 295 61.77 -8.69 1.26
C GLN B 295 61.41 -10.18 1.55
N GLN B 296 60.41 -10.44 2.41
CA GLN B 296 59.96 -11.79 2.77
C GLN B 296 59.18 -12.45 1.63
N LEU B 297 58.37 -11.66 0.90
CA LEU B 297 57.57 -12.08 -0.26
C LEU B 297 57.71 -11.08 -1.39
N THR B 298 57.82 -11.55 -2.64
CA THR B 298 57.98 -10.68 -3.80
C THR B 298 56.65 -9.97 -4.13
N GLY B 299 56.78 -8.82 -4.80
CA GLY B 299 55.66 -7.98 -5.24
C GLY B 299 54.82 -8.66 -6.30
N GLY B 300 55.44 -9.54 -7.08
CA GLY B 300 54.79 -10.33 -8.11
C GLY B 300 53.85 -11.39 -7.56
N ASP B 301 54.14 -11.89 -6.34
CA ASP B 301 53.35 -12.91 -5.64
C ASP B 301 52.04 -12.30 -5.11
N LEU B 302 52.12 -11.11 -4.47
CA LEU B 302 50.99 -10.36 -3.92
C LEU B 302 50.04 -9.95 -5.06
N MET B 303 50.61 -9.53 -6.21
CA MET B 303 49.89 -9.13 -7.42
C MET B 303 49.19 -10.33 -8.05
N SER B 304 49.81 -11.52 -8.02
CA SER B 304 49.26 -12.76 -8.56
C SER B 304 48.14 -13.30 -7.68
N PHE B 305 48.29 -13.19 -6.35
CA PHE B 305 47.31 -13.66 -5.36
C PHE B 305 45.97 -12.94 -5.49
N LEU B 306 46.00 -11.61 -5.76
CA LEU B 306 44.80 -10.79 -5.93
C LEU B 306 44.00 -11.21 -7.17
N VAL B 307 44.69 -11.68 -8.23
CA VAL B 307 44.06 -12.18 -9.45
C VAL B 307 43.54 -13.60 -9.20
N ALA B 308 44.24 -14.36 -8.32
CA ALA B 308 43.90 -15.73 -7.95
C ALA B 308 42.67 -15.78 -7.04
N SER B 309 42.54 -14.81 -6.10
CA SER B 309 41.41 -14.71 -5.17
C SER B 309 40.12 -14.32 -5.91
N GLN B 310 40.25 -13.51 -6.98
CA GLN B 310 39.16 -13.06 -7.85
C GLN B 310 38.58 -14.25 -8.64
N THR B 311 39.42 -15.25 -8.95
CA THR B 311 39.06 -16.49 -9.65
C THR B 311 38.30 -17.42 -8.70
N VAL B 312 38.72 -17.46 -7.41
CA VAL B 312 38.09 -18.27 -6.35
C VAL B 312 36.73 -17.66 -5.99
N GLN B 313 36.64 -16.31 -5.92
CA GLN B 313 35.41 -15.56 -5.62
C GLN B 313 34.26 -15.91 -6.58
N ARG B 314 34.59 -16.14 -7.87
CA ARG B 314 33.65 -16.52 -8.92
C ARG B 314 33.22 -17.98 -8.75
N SER B 315 34.13 -18.85 -8.27
CA SER B 315 33.92 -20.28 -8.05
C SER B 315 33.13 -20.56 -6.77
N MET B 316 33.38 -19.76 -5.71
CA MET B 316 32.70 -19.86 -4.42
C MET B 316 31.26 -19.38 -4.55
N ALA B 317 31.02 -18.40 -5.47
CA ALA B 317 29.72 -17.80 -5.78
C ALA B 317 28.74 -18.84 -6.30
N ASN B 318 29.23 -19.87 -7.04
CA ASN B 318 28.42 -20.96 -7.61
C ASN B 318 27.85 -21.86 -6.50
N LEU B 319 28.66 -22.11 -5.44
CA LEU B 319 28.28 -22.93 -4.29
C LEU B 319 27.35 -22.15 -3.36
N SER B 320 27.52 -20.81 -3.28
CA SER B 320 26.70 -19.90 -2.47
C SER B 320 25.26 -19.85 -2.99
N VAL B 321 25.07 -20.06 -4.32
CA VAL B 321 23.76 -20.10 -5.00
C VAL B 321 23.01 -21.38 -4.58
N LEU B 322 23.74 -22.51 -4.50
CA LEU B 322 23.20 -23.82 -4.13
C LEU B 322 22.99 -24.00 -2.63
N PHE B 323 23.31 -22.97 -1.80
CA PHE B 323 23.16 -23.04 -0.33
C PHE B 323 21.72 -23.35 0.09
N GLY B 324 20.75 -22.87 -0.70
CA GLY B 324 19.34 -23.13 -0.48
C GLY B 324 19.02 -24.62 -0.59
N GLN B 325 19.70 -25.29 -1.52
CA GLN B 325 19.57 -26.74 -1.74
C GLN B 325 20.29 -27.50 -0.64
N VAL B 326 21.43 -26.96 -0.13
CA VAL B 326 22.23 -27.55 0.94
C VAL B 326 21.37 -27.64 2.21
N VAL B 327 20.61 -26.58 2.52
CA VAL B 327 19.70 -26.50 3.67
C VAL B 327 18.57 -27.52 3.49
N ARG B 328 17.87 -27.45 2.34
CA ARG B 328 16.75 -28.33 1.97
C ARG B 328 17.14 -29.80 1.99
N GLY B 329 18.32 -30.13 1.46
CA GLY B 329 18.87 -31.47 1.36
C GLY B 329 19.26 -32.09 2.68
N LEU B 330 19.95 -31.30 3.54
CA LEU B 330 20.38 -31.76 4.87
C LEU B 330 19.19 -31.94 5.80
N SER B 331 18.18 -31.05 5.71
CA SER B 331 16.96 -31.11 6.52
C SER B 331 16.17 -32.38 6.19
N ALA B 332 16.06 -32.73 4.89
CA ALA B 332 15.36 -33.91 4.39
C ALA B 332 16.17 -35.19 4.67
N GLY B 333 17.50 -35.07 4.59
CA GLY B 333 18.43 -36.18 4.87
C GLY B 333 18.41 -36.59 6.33
N ALA B 334 18.22 -35.61 7.23
CA ALA B 334 18.16 -35.80 8.68
C ALA B 334 16.88 -36.55 9.07
N ARG B 335 15.75 -36.23 8.40
CA ARG B 335 14.44 -36.85 8.62
C ARG B 335 14.47 -38.35 8.27
N VAL B 336 15.23 -38.71 7.23
CA VAL B 336 15.38 -40.08 6.75
C VAL B 336 16.19 -40.90 7.78
N PHE B 337 17.33 -40.38 8.24
CA PHE B 337 18.14 -41.06 9.24
C PHE B 337 17.51 -41.01 10.64
N GLU B 338 16.52 -40.14 10.88
CA GLU B 338 15.82 -40.02 12.17
C GLU B 338 15.00 -41.28 12.46
N TYR B 339 14.16 -41.71 11.49
CA TYR B 339 13.29 -42.86 11.64
C TYR B 339 14.01 -44.18 11.32
N MET B 340 15.19 -44.11 10.68
CA MET B 340 15.99 -45.29 10.34
C MET B 340 16.68 -45.88 11.57
N ALA B 341 17.11 -45.01 12.51
CA ALA B 341 17.81 -45.39 13.73
C ALA B 341 16.88 -45.85 14.85
N LEU B 342 15.57 -45.54 14.75
CA LEU B 342 14.55 -45.88 15.75
C LEU B 342 14.48 -47.38 16.04
N ASN B 343 14.47 -47.74 17.36
CA ASN B 343 14.38 -49.11 17.84
C ASN B 343 13.04 -49.31 18.56
N PRO B 344 12.19 -50.28 18.13
CA PRO B 344 10.89 -50.46 18.79
C PRO B 344 11.03 -51.16 20.15
N CYS B 345 9.95 -51.15 20.94
CA CYS B 345 9.90 -51.79 22.26
C CYS B 345 9.88 -53.31 22.11
N ILE B 346 8.96 -53.82 21.25
CA ILE B 346 8.80 -55.24 20.95
C ILE B 346 9.54 -55.58 19.64
N PRO B 347 10.44 -56.59 19.64
CA PRO B 347 11.14 -56.96 18.39
C PRO B 347 10.26 -57.83 17.49
N LEU B 348 10.82 -58.43 16.44
CA LEU B 348 10.03 -59.28 15.56
C LEU B 348 10.53 -60.71 15.55
N SER B 349 11.85 -60.92 15.69
CA SER B 349 12.43 -62.26 15.66
C SER B 349 12.97 -62.72 17.02
N GLY B 350 13.13 -61.79 17.97
CA GLY B 350 13.64 -62.08 19.30
C GLY B 350 12.74 -62.94 20.16
N GLY B 351 13.10 -64.22 20.32
CA GLY B 351 12.35 -65.17 21.14
C GLY B 351 12.62 -66.64 20.88
N YCM B 352 11.80 -67.51 21.52
CA YCM B 352 11.88 -68.97 21.44
CB YCM B 352 12.10 -69.58 22.83
SG YCM B 352 13.78 -69.38 23.47
CD YCM B 352 13.96 -70.85 24.54
CE YCM B 352 13.49 -70.72 25.97
OZ1 YCM B 352 12.98 -71.66 26.56
NZ2 YCM B 352 13.71 -69.54 26.53
C YCM B 352 10.63 -69.60 20.80
O YCM B 352 9.52 -69.07 20.95
N CYS B 353 10.83 -70.72 20.11
CA CYS B 353 9.79 -71.48 19.42
C CYS B 353 9.43 -72.71 20.21
N VAL B 354 8.17 -73.11 20.15
CA VAL B 354 7.65 -74.30 20.84
C VAL B 354 7.29 -75.33 19.77
N PRO B 355 7.81 -76.58 19.89
CA PRO B 355 7.53 -77.59 18.86
C PRO B 355 6.06 -78.02 18.85
N LYS B 356 5.58 -78.51 17.67
CA LYS B 356 4.20 -78.98 17.46
C LYS B 356 3.80 -80.11 18.43
N GLU B 357 4.79 -80.92 18.86
CA GLU B 357 4.62 -82.02 19.81
C GLU B 357 4.37 -81.51 21.24
N GLN B 358 4.94 -80.34 21.59
CA GLN B 358 4.82 -79.71 22.90
C GLN B 358 3.67 -78.70 22.93
N LEU B 359 3.42 -77.99 21.82
CA LEU B 359 2.36 -76.97 21.69
C LEU B 359 0.99 -77.61 21.75
N ARG B 360 0.20 -77.21 22.76
CA ARG B 360 -1.16 -77.72 23.00
C ARG B 360 -2.20 -76.63 22.75
N GLY B 361 -1.86 -75.38 23.08
CA GLY B 361 -2.73 -74.22 22.89
C GLY B 361 -3.49 -73.76 24.12
N SER B 362 -2.80 -73.60 25.25
CA SER B 362 -3.42 -73.13 26.49
C SER B 362 -3.01 -71.67 26.73
N VAL B 363 -3.95 -70.74 26.57
CA VAL B 363 -3.72 -69.30 26.77
C VAL B 363 -4.12 -68.94 28.20
N THR B 364 -3.25 -68.21 28.93
CA THR B 364 -3.54 -67.82 30.31
C THR B 364 -3.17 -66.36 30.56
N PHE B 365 -4.14 -65.58 31.01
CA PHE B 365 -4.00 -64.18 31.41
C PHE B 365 -4.00 -64.15 32.92
N GLN B 366 -2.87 -63.76 33.54
CA GLN B 366 -2.77 -63.74 35.00
C GLN B 366 -2.62 -62.31 35.50
N ASN B 367 -3.68 -61.77 36.12
CA ASN B 367 -3.80 -60.42 36.68
C ASN B 367 -3.24 -59.37 35.69
N VAL B 368 -3.72 -59.44 34.45
CA VAL B 368 -3.29 -58.60 33.33
C VAL B 368 -3.93 -57.22 33.40
N CYS B 369 -3.07 -56.21 33.50
CA CYS B 369 -3.44 -54.80 33.50
C CYS B 369 -2.85 -54.16 32.26
N PHE B 370 -3.63 -53.30 31.60
CA PHE B 370 -3.18 -52.60 30.41
C PHE B 370 -3.83 -51.24 30.28
N SER B 371 -3.00 -50.27 29.89
CA SER B 371 -3.35 -48.90 29.59
C SER B 371 -2.56 -48.54 28.33
N TYR B 372 -3.26 -48.06 27.29
CA TYR B 372 -2.63 -47.72 26.02
C TYR B 372 -1.48 -46.70 26.19
N PRO B 373 -0.38 -46.75 25.39
CA PRO B 373 0.71 -45.77 25.60
C PRO B 373 0.31 -44.35 25.23
N YCM B 374 -0.75 -44.20 24.42
CA YCM B 374 -1.31 -42.91 24.00
CB YCM B 374 -2.28 -43.10 22.83
SG YCM B 374 -1.61 -44.11 21.47
CD YCM B 374 -2.42 -45.70 21.79
CE YCM B 374 -2.06 -46.75 20.76
OZ1 YCM B 374 -2.87 -47.10 19.90
NZ2 YCM B 374 -0.84 -47.26 20.86
C YCM B 374 -2.02 -42.23 25.16
O YCM B 374 -1.80 -41.04 25.39
N ARG B 375 -2.85 -42.98 25.90
CA ARG B 375 -3.59 -42.52 27.09
C ARG B 375 -3.03 -43.25 28.32
N PRO B 376 -1.88 -42.81 28.91
CA PRO B 376 -1.31 -43.56 30.05
C PRO B 376 -2.17 -43.52 31.32
N GLY B 377 -3.05 -42.52 31.42
CA GLY B 377 -3.95 -42.36 32.56
C GLY B 377 -5.18 -43.23 32.48
N PHE B 378 -5.84 -43.27 31.30
CA PHE B 378 -7.07 -44.03 31.04
C PHE B 378 -6.79 -45.54 30.97
N GLU B 379 -7.10 -46.26 32.08
CA GLU B 379 -6.92 -47.71 32.21
C GLU B 379 -8.02 -48.45 31.49
N VAL B 380 -7.66 -49.21 30.44
CA VAL B 380 -8.57 -49.97 29.57
C VAL B 380 -8.84 -51.35 30.19
N LEU B 381 -7.77 -52.06 30.59
CA LEU B 381 -7.83 -53.39 31.18
C LEU B 381 -7.34 -53.35 32.63
N LYS B 382 -8.21 -53.72 33.58
CA LYS B 382 -7.89 -53.70 35.01
C LYS B 382 -8.05 -55.08 35.63
N ASP B 383 -6.93 -55.67 36.11
CA ASP B 383 -6.84 -56.98 36.77
C ASP B 383 -7.64 -58.06 36.02
N PHE B 384 -7.23 -58.36 34.77
CA PHE B 384 -7.89 -59.34 33.91
C PHE B 384 -7.29 -60.72 34.14
N THR B 385 -8.14 -61.69 34.51
CA THR B 385 -7.72 -63.07 34.77
C THR B 385 -8.63 -64.02 33.99
N LEU B 386 -8.11 -64.60 32.90
CA LEU B 386 -8.84 -65.55 32.04
C LEU B 386 -7.90 -66.63 31.53
N THR B 387 -8.37 -67.89 31.54
CA THR B 387 -7.60 -69.02 31.04
C THR B 387 -8.44 -69.78 29.99
N LEU B 388 -7.87 -69.99 28.80
CA LEU B 388 -8.47 -70.66 27.65
C LEU B 388 -7.99 -72.13 27.57
N PRO B 389 -8.87 -73.13 27.77
CA PRO B 389 -8.42 -74.53 27.71
C PRO B 389 -8.06 -74.98 26.28
N PRO B 390 -7.04 -75.85 26.09
CA PRO B 390 -6.67 -76.26 24.73
C PRO B 390 -7.75 -77.07 24.02
N GLY B 391 -8.08 -76.64 22.79
CA GLY B 391 -9.10 -77.23 21.94
C GLY B 391 -10.51 -76.72 22.19
N LYS B 392 -10.72 -76.07 23.36
CA LYS B 392 -12.00 -75.51 23.80
C LYS B 392 -12.21 -74.09 23.25
N ILE B 393 -13.47 -73.77 22.90
CA ILE B 393 -13.90 -72.49 22.34
C ILE B 393 -14.44 -71.61 23.48
N VAL B 394 -13.68 -70.57 23.86
CA VAL B 394 -14.06 -69.64 24.92
C VAL B 394 -14.67 -68.38 24.30
N ALA B 395 -15.89 -68.03 24.73
CA ALA B 395 -16.61 -66.85 24.25
C ALA B 395 -16.32 -65.64 25.13
N LEU B 396 -16.22 -64.46 24.50
CA LEU B 396 -15.95 -63.19 25.17
C LEU B 396 -17.04 -62.17 24.82
N VAL B 397 -17.86 -61.82 25.82
CA VAL B 397 -18.98 -60.88 25.71
C VAL B 397 -18.76 -59.69 26.64
N GLY B 398 -19.23 -58.52 26.23
CA GLY B 398 -19.11 -57.29 26.99
C GLY B 398 -19.66 -56.06 26.28
N GLN B 399 -19.69 -54.93 27.01
CA GLN B 399 -20.18 -53.65 26.47
C GLN B 399 -19.14 -53.03 25.54
N SER B 400 -19.59 -52.23 24.54
CA SER B 400 -18.71 -51.58 23.57
C SER B 400 -17.78 -50.58 24.25
N GLY B 401 -16.48 -50.88 24.19
CA GLY B 401 -15.43 -50.08 24.82
C GLY B 401 -14.89 -50.67 26.10
N GLY B 402 -15.35 -51.88 26.45
CA GLY B 402 -14.97 -52.60 27.65
C GLY B 402 -13.62 -53.30 27.60
N GLY B 403 -12.93 -53.16 26.46
CA GLY B 403 -11.61 -53.75 26.22
C GLY B 403 -11.64 -55.18 25.70
N LYS B 404 -12.47 -55.44 24.68
CA LYS B 404 -12.62 -56.78 24.09
C LYS B 404 -11.57 -57.00 22.99
N THR B 405 -11.48 -56.07 22.02
CA THR B 405 -10.50 -56.08 20.93
C THR B 405 -9.09 -55.86 21.52
N THR B 406 -8.99 -55.15 22.68
CA THR B 406 -7.74 -54.87 23.40
C THR B 406 -7.10 -56.18 23.91
N VAL B 407 -7.93 -57.14 24.39
CA VAL B 407 -7.49 -58.46 24.86
C VAL B 407 -6.82 -59.20 23.69
N ALA B 408 -7.52 -59.23 22.53
CA ALA B 408 -7.10 -59.88 21.29
C ALA B 408 -5.75 -59.40 20.81
N SER B 409 -5.51 -58.08 20.83
CA SER B 409 -4.26 -57.45 20.39
C SER B 409 -3.09 -57.80 21.33
N LEU B 410 -3.38 -58.06 22.63
CA LEU B 410 -2.36 -58.44 23.63
C LEU B 410 -1.90 -59.87 23.38
N LEU B 411 -2.81 -60.76 22.91
CA LEU B 411 -2.52 -62.15 22.58
C LEU B 411 -1.68 -62.22 21.29
N GLU B 412 -1.94 -61.31 20.31
CA GLU B 412 -1.17 -61.21 19.07
C GLU B 412 0.17 -60.49 19.34
N ARG B 413 0.40 -60.09 20.62
CA ARG B 413 1.56 -59.39 21.15
C ARG B 413 1.84 -58.08 20.39
N PHE B 414 0.78 -57.29 20.12
CA PHE B 414 0.90 -55.98 19.49
C PHE B 414 1.39 -54.99 20.55
N TYR B 415 0.97 -55.25 21.80
CA TYR B 415 1.34 -54.51 23.01
C TYR B 415 1.61 -55.50 24.14
N ASP B 416 2.39 -55.08 25.14
CA ASP B 416 2.70 -55.89 26.31
C ASP B 416 1.95 -55.30 27.53
N PRO B 417 1.47 -56.14 28.49
CA PRO B 417 0.73 -55.58 29.64
C PRO B 417 1.57 -54.67 30.53
N THR B 418 0.91 -53.71 31.20
CA THR B 418 1.53 -52.75 32.13
C THR B 418 1.83 -53.48 33.46
N ALA B 419 1.05 -54.54 33.75
CA ALA B 419 1.17 -55.42 34.92
C ALA B 419 0.59 -56.79 34.58
N GLY B 420 1.15 -57.84 35.16
CA GLY B 420 0.73 -59.22 34.91
C GLY B 420 1.34 -59.81 33.65
N VAL B 421 1.05 -61.08 33.36
CA VAL B 421 1.61 -61.76 32.18
C VAL B 421 0.55 -62.54 31.39
N VAL B 422 0.81 -62.69 30.08
CA VAL B 422 0.01 -63.46 29.13
C VAL B 422 0.88 -64.64 28.71
N MET B 423 0.43 -65.87 28.99
CA MET B 423 1.20 -67.09 28.73
C MET B 423 0.54 -68.02 27.74
N LEU B 424 1.36 -68.63 26.87
CA LEU B 424 0.97 -69.66 25.90
C LEU B 424 1.65 -70.95 26.34
N ASP B 425 0.87 -71.90 26.86
CA ASP B 425 1.30 -73.21 27.37
C ASP B 425 2.42 -73.05 28.40
N GLY B 426 2.14 -72.26 29.43
CA GLY B 426 3.07 -71.98 30.52
C GLY B 426 4.19 -71.00 30.21
N ARG B 427 4.49 -70.81 28.92
CA ARG B 427 5.53 -69.92 28.44
C ARG B 427 4.99 -68.52 28.17
N ASP B 428 5.61 -67.49 28.80
CA ASP B 428 5.27 -66.08 28.64
C ASP B 428 5.56 -65.61 27.21
N LEU B 429 4.67 -64.76 26.64
CA LEU B 429 4.78 -64.24 25.28
C LEU B 429 6.02 -63.39 25.08
N ARG B 430 6.57 -62.79 26.16
CA ARG B 430 7.77 -61.95 26.13
C ARG B 430 9.00 -62.76 25.69
N THR B 431 9.11 -64.00 26.19
CA THR B 431 10.22 -64.91 25.90
C THR B 431 10.02 -65.61 24.55
N LEU B 432 8.79 -65.58 23.99
CA LEU B 432 8.44 -66.24 22.73
C LEU B 432 8.72 -65.37 21.49
N ASP B 433 9.08 -66.03 20.38
CA ASP B 433 9.35 -65.39 19.09
C ASP B 433 8.05 -64.79 18.56
N PRO B 434 7.97 -63.44 18.44
CA PRO B 434 6.72 -62.82 17.98
C PRO B 434 6.24 -63.29 16.59
N SER B 435 7.17 -63.40 15.61
CA SER B 435 6.88 -63.85 14.25
C SER B 435 6.44 -65.31 14.21
N TRP B 436 6.99 -66.17 15.11
CA TRP B 436 6.58 -67.58 15.21
C TRP B 436 5.15 -67.61 15.71
N LEU B 437 4.83 -66.80 16.71
CA LEU B 437 3.51 -66.74 17.34
C LEU B 437 2.42 -66.23 16.35
N ARG B 438 2.64 -65.08 15.69
CA ARG B 438 1.67 -64.49 14.78
C ARG B 438 1.59 -65.25 13.46
N GLY B 439 2.73 -65.76 13.00
CA GLY B 439 2.85 -66.45 11.72
C GLY B 439 2.56 -67.94 11.67
N GLN B 440 2.52 -68.62 12.83
CA GLN B 440 2.30 -70.07 12.88
C GLN B 440 1.38 -70.55 14.00
N VAL B 441 1.28 -69.81 15.14
CA VAL B 441 0.51 -70.25 16.32
C VAL B 441 -0.90 -69.63 16.41
N VAL B 442 -1.06 -68.31 16.16
CA VAL B 442 -2.35 -67.60 16.28
C VAL B 442 -2.91 -67.17 14.91
N GLY B 443 -4.18 -67.46 14.70
CA GLY B 443 -4.94 -67.10 13.50
C GLY B 443 -5.99 -66.05 13.82
N PHE B 444 -5.73 -64.79 13.43
CA PHE B 444 -6.60 -63.66 13.72
C PHE B 444 -7.58 -63.38 12.59
N ILE B 445 -8.84 -63.06 12.95
CA ILE B 445 -9.96 -62.72 12.04
C ILE B 445 -10.64 -61.44 12.58
N SER B 446 -10.47 -60.31 11.88
CA SER B 446 -11.05 -59.01 12.28
C SER B 446 -12.46 -58.84 11.73
N GLN B 447 -13.22 -57.86 12.28
CA GLN B 447 -14.60 -57.54 11.89
C GLN B 447 -14.67 -56.96 10.47
N GLU B 448 -13.57 -56.35 10.01
CA GLU B 448 -13.41 -55.77 8.67
C GLU B 448 -12.16 -56.40 8.03
N PRO B 449 -12.32 -57.25 6.98
CA PRO B 449 -11.14 -57.89 6.37
C PRO B 449 -10.36 -56.94 5.49
N VAL B 450 -9.03 -57.19 5.37
CA VAL B 450 -8.13 -56.37 4.55
C VAL B 450 -7.56 -57.24 3.41
N LEU B 451 -7.89 -56.88 2.16
CA LEU B 451 -7.42 -57.58 0.97
C LEU B 451 -6.51 -56.67 0.16
N PHE B 452 -5.31 -57.18 -0.16
CA PHE B 452 -4.29 -56.44 -0.91
C PHE B 452 -4.59 -56.40 -2.41
N GLY B 453 -3.87 -55.54 -3.13
CA GLY B 453 -4.04 -55.34 -4.57
C GLY B 453 -3.30 -56.33 -5.46
N THR B 454 -3.50 -57.64 -5.21
CA THR B 454 -2.90 -58.74 -5.98
C THR B 454 -4.01 -59.75 -6.36
N THR B 455 -3.65 -60.94 -6.87
CA THR B 455 -4.62 -61.97 -7.24
C THR B 455 -5.19 -62.66 -6.00
N ILE B 456 -6.36 -63.32 -6.14
CA ILE B 456 -7.05 -64.05 -5.08
C ILE B 456 -6.13 -65.17 -4.54
N MET B 457 -5.48 -65.94 -5.43
CA MET B 457 -4.58 -67.04 -5.08
C MET B 457 -3.37 -66.54 -4.28
N GLU B 458 -2.85 -65.35 -4.61
CA GLU B 458 -1.72 -64.75 -3.89
C GLU B 458 -2.18 -64.06 -2.60
N ASN B 459 -3.45 -63.60 -2.56
CA ASN B 459 -4.03 -62.91 -1.39
C ASN B 459 -4.26 -63.89 -0.25
N ILE B 460 -4.69 -65.14 -0.56
CA ILE B 460 -4.90 -66.19 0.44
C ILE B 460 -3.52 -66.72 0.88
N ARG B 461 -2.57 -66.86 -0.09
CA ARG B 461 -1.18 -67.31 0.10
C ARG B 461 -0.37 -66.40 1.07
N PHE B 462 -1.01 -65.35 1.62
CA PHE B 462 -0.39 -64.43 2.57
C PHE B 462 -0.24 -65.13 3.93
N GLY B 463 -1.00 -66.21 4.14
CA GLY B 463 -0.94 -67.05 5.33
C GLY B 463 0.43 -67.66 5.47
N LYS B 464 0.73 -68.68 4.63
CA LYS B 464 2.04 -69.34 4.60
C LYS B 464 2.82 -68.88 3.35
N LEU B 465 4.05 -68.32 3.54
CA LEU B 465 4.89 -67.84 2.44
C LEU B 465 5.34 -68.98 1.51
N GLU B 466 5.79 -70.12 2.08
CA GLU B 466 6.25 -71.29 1.32
C GLU B 466 5.11 -72.31 1.14
N ALA B 467 3.94 -71.83 0.70
CA ALA B 467 2.77 -72.68 0.47
C ALA B 467 2.59 -72.97 -1.01
N SER B 468 2.27 -74.22 -1.33
CA SER B 468 2.06 -74.68 -2.71
C SER B 468 0.68 -74.28 -3.22
N ASP B 469 0.47 -74.36 -4.54
CA ASP B 469 -0.80 -74.05 -5.21
C ASP B 469 -1.93 -74.96 -4.71
N GLU B 470 -1.62 -76.24 -4.46
CA GLU B 470 -2.55 -77.26 -3.97
C GLU B 470 -2.99 -76.98 -2.51
N GLU B 471 -2.12 -76.32 -1.71
CA GLU B 471 -2.39 -75.98 -0.31
C GLU B 471 -3.47 -74.90 -0.18
N VAL B 472 -3.48 -73.94 -1.14
CA VAL B 472 -4.42 -72.82 -1.17
C VAL B 472 -5.85 -73.32 -1.43
N TYR B 473 -6.03 -74.18 -2.45
CA TYR B 473 -7.33 -74.74 -2.84
C TYR B 473 -7.94 -75.62 -1.73
N THR B 474 -7.08 -76.35 -0.97
CA THR B 474 -7.50 -77.19 0.15
C THR B 474 -8.00 -76.31 1.30
N ALA B 475 -7.31 -75.15 1.51
CA ALA B 475 -7.66 -74.18 2.54
C ALA B 475 -8.93 -73.40 2.18
N ALA B 476 -9.11 -73.10 0.87
CA ALA B 476 -10.27 -72.38 0.33
C ALA B 476 -11.55 -73.22 0.42
N ARG B 477 -11.41 -74.56 0.27
CA ARG B 477 -12.52 -75.51 0.36
C ARG B 477 -13.03 -75.63 1.81
N GLU B 478 -12.13 -75.41 2.79
CA GLU B 478 -12.43 -75.47 4.22
C GLU B 478 -13.18 -74.22 4.70
N ALA B 479 -13.10 -73.11 3.93
CA ALA B 479 -13.75 -71.84 4.26
C ALA B 479 -14.89 -71.48 3.27
N ASN B 480 -15.37 -72.48 2.48
CA ASN B 480 -16.44 -72.37 1.47
C ASN B 480 -16.17 -71.23 0.47
N ALA B 481 -14.88 -71.02 0.14
CA ALA B 481 -14.42 -69.96 -0.77
C ALA B 481 -14.25 -70.48 -2.19
N HIS B 482 -13.73 -71.72 -2.35
CA HIS B 482 -13.46 -72.40 -3.63
C HIS B 482 -14.71 -72.43 -4.54
N GLU B 483 -15.91 -72.52 -3.94
CA GLU B 483 -17.20 -72.58 -4.63
C GLU B 483 -17.49 -71.31 -5.44
N PHE B 484 -17.25 -70.11 -4.88
CA PHE B 484 -17.51 -68.86 -5.57
C PHE B 484 -16.28 -68.33 -6.34
N ILE B 485 -15.04 -68.74 -5.97
CA ILE B 485 -13.81 -68.30 -6.66
C ILE B 485 -13.76 -68.91 -8.06
N THR B 486 -14.07 -70.23 -8.20
CA THR B 486 -14.10 -70.98 -9.47
C THR B 486 -15.16 -70.38 -10.42
N SER B 487 -16.27 -69.84 -9.86
CA SER B 487 -17.39 -69.22 -10.59
C SER B 487 -16.97 -67.97 -11.40
N PHE B 488 -15.87 -67.29 -10.99
CA PHE B 488 -15.35 -66.11 -11.67
C PHE B 488 -14.72 -66.47 -13.03
N PRO B 489 -14.65 -65.53 -14.01
CA PRO B 489 -14.07 -65.88 -15.33
C PRO B 489 -12.61 -66.35 -15.25
N GLU B 490 -11.73 -65.53 -14.64
CA GLU B 490 -10.31 -65.87 -14.48
C GLU B 490 -10.13 -66.83 -13.29
N GLY B 491 -10.93 -66.63 -12.24
CA GLY B 491 -10.92 -67.46 -11.04
C GLY B 491 -9.94 -66.98 -9.99
N TYR B 492 -8.91 -67.78 -9.73
CA TYR B 492 -7.87 -67.48 -8.73
C TYR B 492 -6.86 -66.46 -9.26
N ASN B 493 -6.82 -66.26 -10.59
CA ASN B 493 -5.92 -65.30 -11.23
C ASN B 493 -6.58 -63.90 -11.31
N THR B 494 -7.78 -63.74 -10.71
CA THR B 494 -8.51 -62.47 -10.70
C THR B 494 -7.95 -61.54 -9.62
N VAL B 495 -7.59 -60.31 -10.01
CA VAL B 495 -7.07 -59.30 -9.10
C VAL B 495 -8.21 -58.73 -8.26
N VAL B 496 -7.92 -58.31 -7.02
CA VAL B 496 -8.90 -57.76 -6.09
C VAL B 496 -8.38 -56.42 -5.52
N GLY B 497 -9.29 -55.56 -5.09
CA GLY B 497 -8.97 -54.25 -4.53
C GLY B 497 -9.53 -53.10 -5.33
N GLU B 498 -8.75 -52.00 -5.42
CA GLU B 498 -9.12 -50.78 -6.15
C GLU B 498 -9.18 -51.03 -7.66
N ARG B 499 -8.12 -51.63 -8.24
CA ARG B 499 -8.03 -51.95 -9.67
C ARG B 499 -8.84 -53.21 -10.02
N GLY B 500 -8.92 -54.14 -9.06
CA GLY B 500 -9.62 -55.41 -9.22
C GLY B 500 -11.12 -55.33 -9.01
N THR B 501 -11.79 -56.51 -9.09
CA THR B 501 -13.23 -56.68 -8.91
C THR B 501 -13.61 -56.45 -7.44
N THR B 502 -14.63 -55.60 -7.18
CA THR B 502 -15.13 -55.31 -5.83
C THR B 502 -15.97 -56.49 -5.35
N LEU B 503 -15.67 -56.99 -4.12
CA LEU B 503 -16.36 -58.14 -3.54
C LEU B 503 -17.24 -57.77 -2.35
N SER B 504 -18.34 -58.53 -2.16
CA SER B 504 -19.31 -58.37 -1.08
C SER B 504 -18.69 -58.73 0.26
N GLY B 505 -19.24 -58.17 1.34
CA GLY B 505 -18.78 -58.37 2.72
C GLY B 505 -18.57 -59.83 3.11
N GLY B 506 -19.56 -60.67 2.78
CA GLY B 506 -19.55 -62.10 3.04
C GLY B 506 -18.51 -62.85 2.25
N GLN B 507 -18.22 -62.39 1.02
CA GLN B 507 -17.22 -62.98 0.12
C GLN B 507 -15.81 -62.67 0.60
N LYS B 508 -15.57 -61.41 1.06
CA LYS B 508 -14.29 -60.91 1.56
C LYS B 508 -13.86 -61.64 2.83
N GLN B 509 -14.80 -61.83 3.78
CA GLN B 509 -14.56 -62.50 5.06
C GLN B 509 -14.25 -64.00 4.87
N ARG B 510 -14.89 -64.65 3.88
CA ARG B 510 -14.67 -66.07 3.56
C ARG B 510 -13.23 -66.31 3.10
N LEU B 511 -12.64 -65.34 2.39
CA LEU B 511 -11.26 -65.37 1.91
C LEU B 511 -10.27 -65.22 3.05
N ALA B 512 -10.60 -64.35 4.05
CA ALA B 512 -9.78 -64.08 5.24
C ALA B 512 -9.64 -65.32 6.12
N ILE B 513 -10.71 -66.16 6.19
CA ILE B 513 -10.75 -67.41 6.97
C ILE B 513 -9.76 -68.41 6.34
N ALA B 514 -9.81 -68.56 5.00
CA ALA B 514 -8.94 -69.45 4.23
C ALA B 514 -7.46 -69.02 4.34
N ARG B 515 -7.23 -67.71 4.45
CA ARG B 515 -5.89 -67.10 4.60
C ARG B 515 -5.26 -67.53 5.94
N ALA B 516 -6.03 -67.43 7.04
CA ALA B 516 -5.58 -67.77 8.39
C ALA B 516 -5.47 -69.29 8.61
N LEU B 517 -6.12 -70.12 7.77
CA LEU B 517 -6.11 -71.57 7.93
C LEU B 517 -4.89 -72.28 7.29
N ILE B 518 -4.17 -71.63 6.34
CA ILE B 518 -2.99 -72.23 5.68
C ILE B 518 -1.86 -72.47 6.68
N LYS B 519 -1.56 -71.48 7.54
CA LYS B 519 -0.48 -71.56 8.55
C LYS B 519 -0.75 -72.63 9.63
N GLN B 520 -1.94 -73.29 9.58
CA GLN B 520 -2.41 -74.33 10.51
C GLN B 520 -2.32 -73.80 11.95
N PRO B 521 -3.27 -72.92 12.35
CA PRO B 521 -3.16 -72.32 13.69
C PRO B 521 -3.60 -73.25 14.82
N THR B 522 -2.98 -73.07 16.00
CA THR B 522 -3.28 -73.82 17.22
C THR B 522 -4.29 -72.99 18.02
N VAL B 523 -4.17 -71.65 17.94
CA VAL B 523 -5.03 -70.65 18.58
C VAL B 523 -5.74 -69.87 17.48
N LEU B 524 -7.00 -69.49 17.70
CA LEU B 524 -7.80 -68.76 16.74
C LEU B 524 -8.56 -67.61 17.40
N ILE B 525 -8.41 -66.38 16.88
CA ILE B 525 -9.12 -65.22 17.41
C ILE B 525 -10.19 -64.80 16.38
N LEU B 526 -11.44 -64.69 16.82
CA LEU B 526 -12.55 -64.28 15.97
C LEU B 526 -13.22 -63.04 16.58
N ASP B 527 -12.77 -61.84 16.18
CA ASP B 527 -13.28 -60.57 16.69
C ASP B 527 -14.37 -60.01 15.76
N GLU B 528 -15.64 -60.28 16.11
CA GLU B 528 -16.89 -59.85 15.44
C GLU B 528 -16.83 -60.12 13.92
N ALA B 529 -16.39 -61.34 13.53
CA ALA B 529 -16.22 -61.78 12.14
C ALA B 529 -17.47 -61.54 11.25
N THR B 530 -18.67 -61.63 11.82
CA THR B 530 -19.94 -61.45 11.09
C THR B 530 -20.65 -60.16 11.55
N SER B 531 -19.91 -59.04 11.66
CA SER B 531 -20.44 -57.75 12.14
C SER B 531 -21.38 -57.09 11.10
N ALA B 532 -20.82 -56.51 10.01
CA ALA B 532 -21.59 -55.80 8.99
C ALA B 532 -22.01 -56.70 7.82
N LEU B 533 -22.38 -57.97 8.12
CA LEU B 533 -22.82 -58.92 7.10
C LEU B 533 -24.33 -59.03 7.04
N ASP B 534 -24.87 -59.17 5.81
CA ASP B 534 -26.30 -59.35 5.52
C ASP B 534 -26.75 -60.69 6.06
N ALA B 535 -28.03 -60.78 6.48
CA ALA B 535 -28.65 -61.98 7.07
C ALA B 535 -28.25 -63.30 6.39
N GLU B 536 -28.25 -63.33 5.03
CA GLU B 536 -27.90 -64.50 4.23
C GLU B 536 -26.39 -64.80 4.29
N SER B 537 -25.54 -63.78 4.03
CA SER B 537 -24.07 -63.88 4.06
C SER B 537 -23.55 -64.28 5.46
N GLU B 538 -24.21 -63.77 6.52
CA GLU B 538 -23.89 -64.01 7.93
C GLU B 538 -24.00 -65.51 8.27
N ARG B 539 -25.05 -66.19 7.75
CA ARG B 539 -25.30 -67.61 7.98
C ARG B 539 -24.26 -68.50 7.28
N VAL B 540 -23.76 -68.06 6.10
CA VAL B 540 -22.77 -68.78 5.29
C VAL B 540 -21.39 -68.76 5.96
N VAL B 541 -20.90 -67.54 6.30
CA VAL B 541 -19.58 -67.27 6.90
C VAL B 541 -19.47 -67.98 8.26
N GLN B 542 -20.53 -67.92 9.10
CA GLN B 542 -20.54 -68.57 10.41
C GLN B 542 -20.46 -70.09 10.26
N GLU B 543 -21.15 -70.65 9.23
CA GLU B 543 -21.15 -72.09 8.92
C GLU B 543 -19.73 -72.59 8.59
N ALA B 544 -18.87 -71.70 8.04
CA ALA B 544 -17.47 -71.98 7.70
C ALA B 544 -16.59 -71.87 8.95
N LEU B 545 -16.68 -70.71 9.67
CA LEU B 545 -15.94 -70.40 10.90
C LEU B 545 -16.09 -71.49 11.95
N ASP B 546 -17.32 -72.03 12.09
CA ASP B 546 -17.65 -73.09 13.04
C ASP B 546 -16.88 -74.37 12.74
N ARG B 547 -16.79 -74.74 11.44
CA ARG B 547 -16.07 -75.95 11.01
C ARG B 547 -14.56 -75.78 11.23
N ALA B 548 -14.05 -74.55 11.00
CA ALA B 548 -12.65 -74.16 11.17
C ALA B 548 -12.25 -74.14 12.65
N SER B 549 -13.21 -73.74 13.52
CA SER B 549 -13.04 -73.68 14.98
C SER B 549 -12.89 -75.08 15.62
N ALA B 550 -13.14 -76.16 14.85
CA ALA B 550 -13.05 -77.55 15.31
C ALA B 550 -11.60 -77.99 15.56
N GLY B 551 -11.35 -78.51 16.76
CA GLY B 551 -10.06 -79.00 17.23
C GLY B 551 -8.98 -77.94 17.41
N ARG B 552 -9.40 -76.73 17.81
CA ARG B 552 -8.51 -75.57 18.02
C ARG B 552 -8.97 -74.75 19.23
N THR B 553 -8.04 -73.98 19.84
CA THR B 553 -8.37 -73.06 20.94
C THR B 553 -8.93 -71.81 20.27
N VAL B 554 -10.19 -71.47 20.54
CA VAL B 554 -10.81 -70.32 19.87
C VAL B 554 -11.29 -69.29 20.88
N LEU B 555 -10.96 -68.02 20.63
CA LEU B 555 -11.42 -66.88 21.42
C LEU B 555 -12.44 -66.13 20.56
N VAL B 556 -13.73 -66.43 20.75
CA VAL B 556 -14.82 -65.83 19.96
C VAL B 556 -15.35 -64.57 20.66
N ILE B 557 -15.10 -63.41 20.04
CA ILE B 557 -15.58 -62.12 20.51
C ILE B 557 -16.76 -61.78 19.57
N ALA B 558 -17.95 -62.29 19.89
CA ALA B 558 -19.13 -62.08 19.03
C ALA B 558 -20.15 -61.14 19.66
N HIS B 559 -20.88 -60.41 18.79
CA HIS B 559 -21.96 -59.48 19.14
C HIS B 559 -23.29 -60.23 19.22
N ARG B 560 -23.50 -61.22 18.32
CA ARG B 560 -24.69 -62.07 18.26
C ARG B 560 -24.55 -63.20 19.29
N LEU B 561 -25.24 -63.05 20.44
CA LEU B 561 -25.19 -63.98 21.57
C LEU B 561 -25.70 -65.39 21.21
N SER B 562 -26.42 -65.52 20.08
CA SER B 562 -26.97 -66.78 19.59
C SER B 562 -25.86 -67.79 19.18
N THR B 563 -24.70 -67.29 18.67
CA THR B 563 -23.59 -68.16 18.24
C THR B 563 -22.70 -68.57 19.43
N VAL B 564 -22.64 -67.75 20.51
CA VAL B 564 -21.83 -68.03 21.69
C VAL B 564 -22.55 -68.92 22.72
N ARG B 565 -23.82 -69.32 22.42
CA ARG B 565 -24.64 -70.16 23.29
C ARG B 565 -24.02 -71.56 23.48
N GLY B 566 -23.38 -72.08 22.43
CA GLY B 566 -22.73 -73.40 22.45
C GLY B 566 -21.22 -73.35 22.51
N ALA B 567 -20.68 -72.65 23.54
CA ALA B 567 -19.24 -72.51 23.78
C ALA B 567 -18.82 -73.27 25.03
N HIS B 568 -17.50 -73.38 25.30
CA HIS B 568 -16.96 -74.05 26.49
C HIS B 568 -17.41 -73.31 27.75
N CYS B 569 -17.33 -71.97 27.73
CA CYS B 569 -17.78 -71.04 28.76
C CYS B 569 -17.77 -69.61 28.21
N ILE B 570 -18.66 -68.77 28.72
CA ILE B 570 -18.82 -67.38 28.31
C ILE B 570 -18.23 -66.48 29.41
N VAL B 571 -17.51 -65.44 28.98
CA VAL B 571 -16.88 -64.46 29.87
C VAL B 571 -17.62 -63.13 29.68
N VAL B 572 -17.83 -62.38 30.77
CA VAL B 572 -18.53 -61.09 30.73
C VAL B 572 -17.58 -60.01 31.26
N MET B 573 -17.35 -58.95 30.46
CA MET B 573 -16.44 -57.86 30.80
C MET B 573 -17.15 -56.57 31.21
N ALA B 574 -16.75 -56.00 32.37
CA ALA B 574 -17.29 -54.76 32.91
C ALA B 574 -16.16 -53.90 33.48
N ASP B 575 -15.96 -52.71 32.89
CA ASP B 575 -14.94 -51.70 33.23
C ASP B 575 -13.50 -52.29 33.18
N GLY B 576 -13.27 -53.19 32.21
CA GLY B 576 -11.98 -53.85 31.97
C GLY B 576 -11.64 -55.01 32.90
N ARG B 577 -12.66 -55.58 33.59
CA ARG B 577 -12.48 -56.70 34.50
C ARG B 577 -13.51 -57.79 34.22
N VAL B 578 -13.17 -59.07 34.52
CA VAL B 578 -14.07 -60.23 34.34
C VAL B 578 -15.16 -60.17 35.44
N TRP B 579 -16.37 -59.75 35.05
CA TRP B 579 -17.53 -59.57 35.94
C TRP B 579 -18.23 -60.91 36.23
N GLU B 580 -18.51 -61.70 35.17
CA GLU B 580 -19.19 -62.98 35.27
C GLU B 580 -18.55 -64.01 34.35
N ALA B 581 -18.46 -65.27 34.82
CA ALA B 581 -17.86 -66.37 34.06
C ALA B 581 -18.58 -67.69 34.31
N GLY B 582 -18.63 -68.52 33.28
CA GLY B 582 -19.27 -69.84 33.32
C GLY B 582 -19.95 -70.21 32.04
N THR B 583 -20.57 -71.40 31.99
CA THR B 583 -21.29 -71.92 30.82
C THR B 583 -22.59 -71.12 30.56
N HIS B 584 -23.31 -71.44 29.47
CA HIS B 584 -24.57 -70.80 29.07
C HIS B 584 -25.64 -70.94 30.17
N GLU B 585 -25.85 -72.17 30.68
CA GLU B 585 -26.83 -72.49 31.71
C GLU B 585 -26.46 -71.91 33.06
N GLU B 586 -25.16 -71.92 33.42
CA GLU B 586 -24.64 -71.41 34.68
C GLU B 586 -24.90 -69.91 34.87
N LEU B 587 -24.67 -69.11 33.81
CA LEU B 587 -24.84 -67.65 33.84
C LEU B 587 -26.32 -67.26 33.89
N LEU B 588 -27.21 -68.11 33.34
CA LEU B 588 -28.66 -67.88 33.34
C LEU B 588 -29.21 -68.13 34.74
N LYS B 589 -28.73 -69.19 35.42
CA LYS B 589 -29.11 -69.59 36.77
C LYS B 589 -28.56 -68.60 37.79
N LYS B 590 -27.42 -67.95 37.49
CA LYS B 590 -26.77 -66.93 38.33
C LYS B 590 -27.60 -65.65 38.37
N GLY B 591 -28.26 -65.33 37.24
CA GLY B 591 -29.11 -64.16 37.08
C GLY B 591 -28.39 -62.83 37.20
N GLY B 592 -27.32 -62.66 36.43
CA GLY B 592 -26.52 -61.45 36.46
C GLY B 592 -26.60 -60.61 35.20
N LEU B 593 -25.41 -60.14 34.73
CA LEU B 593 -25.22 -59.31 33.53
C LEU B 593 -25.60 -60.08 32.27
N TYR B 594 -25.27 -61.39 32.19
CA TYR B 594 -25.61 -62.26 31.06
C TYR B 594 -27.12 -62.47 30.97
N ALA B 595 -27.80 -62.58 32.12
CA ALA B 595 -29.25 -62.76 32.20
C ALA B 595 -30.01 -61.53 31.68
N GLU B 596 -29.49 -60.31 31.96
CA GLU B 596 -30.08 -59.05 31.50
C GLU B 596 -29.83 -58.86 30.01
N LEU B 597 -28.69 -59.37 29.50
CA LEU B 597 -28.30 -59.32 28.08
C LEU B 597 -29.15 -60.27 27.24
N ILE B 598 -29.42 -61.48 27.76
CA ILE B 598 -30.22 -62.49 27.07
C ILE B 598 -31.73 -62.13 27.13
N ARG B 599 -32.13 -61.27 28.10
CA ARG B 599 -33.50 -60.78 28.28
C ARG B 599 -33.83 -59.72 27.22
N ARG B 600 -32.87 -58.82 26.93
CA ARG B 600 -33.01 -57.77 25.91
C ARG B 600 -32.99 -58.40 24.51
N GLN B 601 -32.24 -59.51 24.35
CA GLN B 601 -32.13 -60.28 23.10
C GLN B 601 -33.44 -61.03 22.82
N ALA B 602 -34.14 -61.45 23.88
CA ALA B 602 -35.43 -62.14 23.79
C ALA B 602 -36.55 -61.19 23.34
N LEU B 603 -36.48 -59.91 23.75
CA LEU B 603 -37.44 -58.86 23.39
C LEU B 603 -37.28 -58.45 21.93
N ASP B 604 -36.02 -58.42 21.43
CA ASP B 604 -35.67 -58.10 20.04
C ASP B 604 -36.11 -59.24 19.10
N ALA B 605 -36.02 -60.51 19.58
CA ALA B 605 -36.41 -61.72 18.84
C ALA B 605 -37.92 -61.80 18.66
N ALA B 606 -38.70 -61.44 19.71
CA ALA B 606 -40.16 -61.43 19.69
C ALA B 606 -40.69 -60.35 18.73
N GLU B 607 -39.95 -59.23 18.61
CA GLU B 607 -40.28 -58.12 17.71
C GLU B 607 -40.05 -58.52 16.24
N ASN B 608 -39.09 -59.44 15.99
CA ASN B 608 -38.75 -59.95 14.65
C ASN B 608 -39.77 -61.01 14.17
N LEU B 609 -40.59 -61.56 15.08
CA LEU B 609 -41.63 -62.55 14.76
C LEU B 609 -42.91 -61.85 14.30
N PHE C 23 -58.47 0.73 -40.97
CA PHE C 23 -59.01 0.30 -39.68
C PHE C 23 -57.98 0.49 -38.56
N ASN C 24 -56.72 0.10 -38.80
CA ASN C 24 -55.61 0.22 -37.84
C ASN C 24 -55.20 1.69 -37.69
N TRP C 25 -55.06 2.43 -38.81
CA TRP C 25 -54.64 3.83 -38.82
C TRP C 25 -55.81 4.80 -39.02
N LYS C 26 -56.91 4.33 -39.63
CA LYS C 26 -58.12 5.12 -39.89
C LYS C 26 -58.80 5.55 -38.59
N LEU C 27 -58.87 4.62 -37.60
CA LEU C 27 -59.47 4.87 -36.29
C LEU C 27 -58.46 5.53 -35.33
N PHE C 28 -57.15 5.25 -35.51
CA PHE C 28 -56.05 5.79 -34.70
C PHE C 28 -55.99 7.33 -34.80
N TRP C 29 -56.23 7.87 -36.01
CA TRP C 29 -56.21 9.31 -36.28
C TRP C 29 -57.37 10.05 -35.60
N GLN C 30 -58.52 9.36 -35.39
CA GLN C 30 -59.72 9.92 -34.75
C GLN C 30 -59.47 10.28 -33.27
N PHE C 31 -58.63 9.50 -32.57
CA PHE C 31 -58.29 9.72 -31.16
C PHE C 31 -57.12 10.70 -31.00
N LEU C 32 -56.22 10.77 -32.01
CA LEU C 32 -55.04 11.62 -32.03
C LEU C 32 -55.38 13.08 -32.39
N HIS C 33 -56.33 13.29 -33.30
CA HIS C 33 -56.79 14.59 -33.82
C HIS C 33 -57.14 15.65 -32.73
N PRO C 34 -57.92 15.39 -31.65
CA PRO C 34 -58.21 16.47 -30.68
C PRO C 34 -57.02 16.84 -29.79
N HIS C 35 -56.10 15.87 -29.56
CA HIS C 35 -54.90 16.04 -28.73
C HIS C 35 -53.70 16.57 -29.53
N LEU C 36 -53.84 16.69 -30.87
CA LEU C 36 -52.82 17.14 -31.81
C LEU C 36 -52.34 18.59 -31.55
N LEU C 37 -53.24 19.46 -31.03
CA LEU C 37 -52.94 20.86 -30.71
C LEU C 37 -51.95 20.95 -29.54
N VAL C 38 -52.17 20.12 -28.49
CA VAL C 38 -51.34 20.02 -27.28
C VAL C 38 -50.00 19.36 -27.64
N LEU C 39 -50.06 18.38 -28.56
CA LEU C 39 -48.92 17.61 -29.08
C LEU C 39 -47.91 18.52 -29.79
N GLY C 40 -48.41 19.52 -30.53
CA GLY C 40 -47.61 20.50 -31.26
C GLY C 40 -46.80 21.41 -30.35
N VAL C 41 -47.37 21.75 -29.17
CA VAL C 41 -46.74 22.60 -28.14
C VAL C 41 -45.47 21.88 -27.62
N ALA C 42 -45.58 20.56 -27.36
CA ALA C 42 -44.50 19.70 -26.88
C ALA C 42 -43.34 19.62 -27.89
N VAL C 43 -43.66 19.66 -29.21
CA VAL C 43 -42.69 19.62 -30.31
C VAL C 43 -41.83 20.90 -30.25
N VAL C 44 -42.48 22.07 -30.05
CA VAL C 44 -41.85 23.38 -29.94
C VAL C 44 -40.92 23.41 -28.70
N LEU C 45 -41.41 22.88 -27.56
CA LEU C 45 -40.66 22.81 -26.30
C LEU C 45 -39.43 21.92 -26.43
N ALA C 46 -39.53 20.81 -27.19
CA ALA C 46 -38.44 19.85 -27.44
C ALA C 46 -37.38 20.47 -28.34
N LEU C 47 -37.79 21.23 -29.37
CA LEU C 47 -36.89 21.90 -30.30
C LEU C 47 -36.13 23.01 -29.59
N GLY C 48 -36.82 23.70 -28.68
CA GLY C 48 -36.28 24.79 -27.88
C GLY C 48 -35.29 24.35 -26.82
N ALA C 49 -35.57 23.24 -26.12
CA ALA C 49 -34.72 22.70 -25.06
C ALA C 49 -33.34 22.24 -25.58
N ALA C 50 -33.32 21.55 -26.74
CA ALA C 50 -32.08 21.05 -27.37
C ALA C 50 -31.33 22.18 -28.11
N LEU C 51 -32.01 23.33 -28.32
CA LEU C 51 -31.44 24.54 -28.90
C LEU C 51 -30.58 25.25 -27.84
N VAL C 52 -30.99 25.10 -26.55
CA VAL C 52 -30.29 25.61 -25.36
C VAL C 52 -29.03 24.75 -25.18
N ASN C 53 -29.20 23.42 -25.40
CA ASN C 53 -28.15 22.39 -25.35
C ASN C 53 -27.10 22.62 -26.43
N VAL C 54 -27.48 23.29 -27.56
CA VAL C 54 -26.59 23.62 -28.66
C VAL C 54 -25.65 24.76 -28.26
N GLN C 55 -26.12 25.65 -27.35
CA GLN C 55 -25.36 26.79 -26.83
C GLN C 55 -24.72 26.46 -25.46
N ILE C 56 -24.88 25.20 -24.99
CA ILE C 56 -24.32 24.72 -23.73
C ILE C 56 -22.78 24.49 -23.85
N PRO C 57 -22.23 23.68 -24.81
CA PRO C 57 -20.77 23.51 -24.86
C PRO C 57 -20.05 24.70 -25.52
N LEU C 58 -20.81 25.56 -26.24
CA LEU C 58 -20.30 26.77 -26.91
C LEU C 58 -19.87 27.81 -25.87
N LEU C 59 -20.71 28.02 -24.83
CA LEU C 59 -20.41 28.95 -23.73
C LEU C 59 -19.48 28.28 -22.70
N LEU C 60 -19.48 26.93 -22.64
CA LEU C 60 -18.62 26.14 -21.75
C LEU C 60 -17.18 26.22 -22.23
N GLY C 61 -16.99 26.22 -23.55
CA GLY C 61 -15.70 26.35 -24.21
C GLY C 61 -15.09 27.72 -24.03
N GLN C 62 -15.96 28.75 -23.88
CA GLN C 62 -15.56 30.14 -23.65
C GLN C 62 -15.05 30.32 -22.22
N LEU C 63 -15.62 29.55 -21.26
CA LEU C 63 -15.24 29.59 -19.85
C LEU C 63 -13.86 28.95 -19.63
N VAL C 64 -13.53 27.87 -20.37
CA VAL C 64 -12.23 27.20 -20.24
C VAL C 64 -11.13 28.06 -20.89
N THR C 80 -14.88 38.75 -11.22
CA THR C 80 -16.11 39.38 -11.68
C THR C 80 -16.51 38.89 -13.07
N GLU C 81 -15.51 38.58 -13.93
CA GLU C 81 -15.71 38.07 -15.29
C GLU C 81 -16.27 36.64 -15.25
N SER C 82 -15.80 35.83 -14.29
CA SER C 82 -16.22 34.45 -14.07
C SER C 82 -17.61 34.38 -13.44
N GLN C 83 -17.89 35.32 -12.49
CA GLN C 83 -19.16 35.43 -11.76
C GLN C 83 -20.32 35.80 -12.70
N ASN C 84 -20.06 36.63 -13.73
CA ASN C 84 -21.04 37.06 -14.71
C ASN C 84 -21.40 35.93 -15.69
N LEU C 85 -20.43 35.05 -15.99
CA LEU C 85 -20.60 33.91 -16.91
C LEU C 85 -21.16 32.68 -16.19
N SER C 86 -20.83 32.48 -14.89
CA SER C 86 -21.32 31.37 -14.07
C SER C 86 -22.82 31.53 -13.77
N THR C 87 -23.26 32.77 -13.49
CA THR C 87 -24.67 33.11 -13.22
C THR C 87 -25.48 32.94 -14.51
N HIS C 88 -24.87 33.29 -15.66
CA HIS C 88 -25.48 33.17 -16.99
C HIS C 88 -25.70 31.71 -17.38
N LEU C 89 -24.72 30.83 -17.06
CA LEU C 89 -24.78 29.39 -17.34
C LEU C 89 -25.82 28.68 -16.46
N LEU C 90 -25.93 29.14 -15.19
CA LEU C 90 -26.88 28.62 -14.19
C LEU C 90 -28.33 28.91 -14.57
N ILE C 91 -28.56 30.02 -15.29
CA ILE C 91 -29.88 30.44 -15.77
C ILE C 91 -30.31 29.58 -16.97
N LEU C 92 -29.34 29.14 -17.81
CA LEU C 92 -29.60 28.30 -18.97
C LEU C 92 -29.96 26.87 -18.57
N TYR C 93 -29.37 26.34 -17.47
CA TYR C 93 -29.65 24.99 -16.97
C TYR C 93 -31.09 24.88 -16.44
N GLY C 94 -31.53 25.91 -15.72
CA GLY C 94 -32.88 26.01 -15.18
C GLY C 94 -33.93 26.14 -16.26
N VAL C 95 -33.59 26.90 -17.32
CA VAL C 95 -34.44 27.12 -18.50
C VAL C 95 -34.59 25.82 -19.29
N GLN C 96 -33.51 25.01 -19.35
CA GLN C 96 -33.49 23.71 -20.04
C GLN C 96 -34.25 22.67 -19.20
N GLY C 97 -34.19 22.81 -17.88
CA GLY C 97 -34.87 21.93 -16.92
C GLY C 97 -36.38 21.99 -17.03
N LEU C 98 -36.94 23.22 -17.12
CA LEU C 98 -38.37 23.47 -17.25
C LEU C 98 -38.86 23.08 -18.66
N LEU C 99 -38.05 23.38 -19.71
CA LEU C 99 -38.36 23.10 -21.12
C LEU C 99 -38.43 21.58 -21.43
N THR C 100 -37.71 20.74 -20.67
CA THR C 100 -37.75 19.29 -20.87
C THR C 100 -38.95 18.72 -20.12
N PHE C 101 -39.18 19.20 -18.87
CA PHE C 101 -40.27 18.79 -17.98
C PHE C 101 -41.64 19.03 -18.61
N GLY C 102 -41.87 20.24 -19.12
CA GLY C 102 -43.13 20.63 -19.77
C GLY C 102 -43.39 19.84 -21.05
N TYR C 103 -42.31 19.52 -21.78
CA TYR C 103 -42.33 18.73 -23.01
C TYR C 103 -42.69 17.27 -22.68
N LEU C 104 -42.28 16.77 -21.49
CA LEU C 104 -42.57 15.41 -21.04
C LEU C 104 -43.97 15.29 -20.41
N VAL C 105 -44.40 16.32 -19.66
CA VAL C 105 -45.69 16.38 -18.97
C VAL C 105 -46.85 16.39 -20.00
N LEU C 106 -46.74 17.21 -21.07
CA LEU C 106 -47.78 17.26 -22.12
C LEU C 106 -47.88 15.92 -22.85
N LEU C 107 -46.73 15.26 -23.10
CA LEU C 107 -46.69 13.96 -23.77
C LEU C 107 -47.34 12.89 -22.90
N SER C 108 -47.21 12.99 -21.56
CA SER C 108 -47.84 12.07 -20.61
C SER C 108 -49.34 12.35 -20.54
N HIS C 109 -49.74 13.65 -20.60
CA HIS C 109 -51.14 14.08 -20.57
C HIS C 109 -51.88 13.64 -21.83
N VAL C 110 -51.29 13.86 -23.01
CA VAL C 110 -51.85 13.48 -24.32
C VAL C 110 -52.04 11.96 -24.37
N GLY C 111 -51.03 11.20 -23.96
CA GLY C 111 -51.04 9.74 -23.93
C GLY C 111 -52.10 9.15 -23.01
N GLU C 112 -52.29 9.74 -21.81
CA GLU C 112 -53.28 9.29 -20.83
C GLU C 112 -54.72 9.64 -21.24
N ARG C 113 -54.94 10.87 -21.77
CA ARG C 113 -56.26 11.34 -22.19
C ARG C 113 -56.76 10.56 -23.41
N MET C 114 -55.82 10.17 -24.30
CA MET C 114 -56.09 9.37 -25.51
C MET C 114 -56.51 7.95 -25.11
N ALA C 115 -55.91 7.42 -24.03
CA ALA C 115 -56.18 6.09 -23.51
C ALA C 115 -57.60 5.99 -22.94
N VAL C 116 -58.06 7.04 -22.23
CA VAL C 116 -59.40 7.10 -21.61
C VAL C 116 -60.46 7.10 -22.73
N ASP C 117 -60.23 7.88 -23.80
CA ASP C 117 -61.13 7.96 -24.96
C ASP C 117 -61.25 6.60 -25.67
N MET C 118 -60.15 5.82 -25.70
CA MET C 118 -60.09 4.48 -26.30
C MET C 118 -60.84 3.46 -25.46
N ARG C 119 -60.61 3.47 -24.12
CA ARG C 119 -61.24 2.57 -23.15
C ARG C 119 -62.74 2.78 -23.06
N ARG C 120 -63.17 4.06 -23.15
CA ARG C 120 -64.58 4.49 -23.12
C ARG C 120 -65.30 3.95 -24.36
N ALA C 121 -64.68 4.10 -25.55
CA ALA C 121 -65.22 3.66 -26.84
C ALA C 121 -65.23 2.14 -26.99
N LEU C 122 -64.23 1.43 -26.40
CA LEU C 122 -64.16 -0.03 -26.49
C LEU C 122 -65.18 -0.70 -25.57
N PHE C 123 -65.29 -0.22 -24.30
CA PHE C 123 -66.21 -0.75 -23.30
C PHE C 123 -67.67 -0.59 -23.75
N SER C 124 -67.98 0.54 -24.40
CA SER C 124 -69.30 0.87 -24.93
C SER C 124 -69.65 -0.08 -26.07
N SER C 125 -68.68 -0.37 -26.96
CA SER C 125 -68.83 -1.27 -28.10
C SER C 125 -68.92 -2.73 -27.65
N LEU C 126 -68.22 -3.08 -26.55
CA LEU C 126 -68.19 -4.43 -25.97
C LEU C 126 -69.53 -4.81 -25.36
N LEU C 127 -70.16 -3.87 -24.63
CA LEU C 127 -71.44 -4.07 -23.97
C LEU C 127 -72.60 -4.19 -24.99
N ARG C 128 -72.47 -3.50 -26.16
CA ARG C 128 -73.46 -3.51 -27.24
C ARG C 128 -73.53 -4.86 -27.96
N GLN C 129 -72.43 -5.64 -27.94
CA GLN C 129 -72.32 -6.98 -28.57
C GLN C 129 -73.30 -7.99 -27.98
N ASP C 130 -73.85 -8.88 -28.85
CA ASP C 130 -74.82 -9.93 -28.50
C ASP C 130 -74.19 -11.05 -27.65
N ILE C 131 -75.06 -11.87 -27.00
CA ILE C 131 -74.71 -12.99 -26.09
C ILE C 131 -73.85 -14.06 -26.80
N THR C 132 -74.04 -14.26 -28.13
CA THR C 132 -73.29 -15.23 -28.94
C THR C 132 -71.77 -14.96 -28.86
N PHE C 133 -71.37 -13.68 -28.82
CA PHE C 133 -69.97 -13.23 -28.71
C PHE C 133 -69.41 -13.50 -27.31
N PHE C 134 -70.20 -13.24 -26.25
CA PHE C 134 -69.80 -13.44 -24.85
C PHE C 134 -69.65 -14.93 -24.49
N ASP C 135 -70.27 -15.83 -25.28
CA ASP C 135 -70.16 -17.27 -25.10
C ASP C 135 -68.92 -17.79 -25.82
N ALA C 136 -68.53 -17.12 -26.91
CA ALA C 136 -67.35 -17.44 -27.73
C ALA C 136 -66.06 -16.85 -27.15
N ASN C 137 -66.16 -15.69 -26.46
CA ASN C 137 -65.01 -15.01 -25.86
C ASN C 137 -65.09 -14.99 -24.33
N LYS C 138 -63.97 -15.31 -23.64
CA LYS C 138 -63.87 -15.32 -22.17
C LYS C 138 -63.91 -13.90 -21.60
N THR C 139 -64.54 -13.73 -20.41
CA THR C 139 -64.69 -12.44 -19.73
C THR C 139 -63.34 -11.85 -19.31
N GLY C 140 -62.42 -12.72 -18.88
CA GLY C 140 -61.08 -12.33 -18.47
C GLY C 140 -60.26 -11.68 -19.55
N GLN C 141 -60.24 -12.29 -20.76
CA GLN C 141 -59.51 -11.79 -21.93
C GLN C 141 -60.06 -10.46 -22.44
N LEU C 142 -61.38 -10.21 -22.27
CA LEU C 142 -62.04 -8.96 -22.67
C LEU C 142 -61.61 -7.82 -21.75
N VAL C 143 -61.46 -8.10 -20.44
CA VAL C 143 -61.02 -7.14 -19.42
C VAL C 143 -59.54 -6.79 -19.69
N SER C 144 -58.72 -7.77 -20.10
CA SER C 144 -57.30 -7.57 -20.39
C SER C 144 -57.09 -6.74 -21.67
N ARG C 145 -57.93 -6.96 -22.70
CA ARG C 145 -57.89 -6.21 -23.97
C ARG C 145 -58.25 -4.73 -23.74
N LEU C 146 -59.12 -4.48 -22.75
CA LEU C 146 -59.61 -3.16 -22.36
C LEU C 146 -58.63 -2.41 -21.45
N THR C 147 -57.86 -3.11 -20.58
CA THR C 147 -56.96 -2.46 -19.62
C THR C 147 -55.46 -2.67 -19.95
N THR C 148 -55.00 -3.93 -20.08
CA THR C 148 -53.59 -4.27 -20.32
C THR C 148 -53.12 -3.97 -21.75
N ASP C 149 -53.98 -4.16 -22.77
CA ASP C 149 -53.62 -3.91 -24.17
C ASP C 149 -53.56 -2.40 -24.49
N VAL C 150 -54.36 -1.59 -23.79
CA VAL C 150 -54.38 -0.13 -23.97
C VAL C 150 -53.11 0.48 -23.37
N GLN C 151 -52.81 0.13 -22.08
CA GLN C 151 -51.65 0.60 -21.32
C GLN C 151 -50.31 0.16 -21.95
N GLU C 152 -50.32 -0.92 -22.76
CA GLU C 152 -49.14 -1.40 -23.46
C GLU C 152 -48.83 -0.46 -24.63
N PHE C 153 -49.87 -0.07 -25.40
CA PHE C 153 -49.79 0.85 -26.54
C PHE C 153 -49.49 2.29 -26.07
N LYS C 154 -50.19 2.77 -25.01
CA LYS C 154 -50.03 4.11 -24.42
C LYS C 154 -48.61 4.32 -23.93
N SER C 155 -48.03 3.32 -23.23
CA SER C 155 -46.65 3.38 -22.72
C SER C 155 -45.64 3.34 -23.86
N SER C 156 -45.98 2.62 -24.96
CA SER C 156 -45.15 2.50 -26.16
C SER C 156 -45.12 3.84 -26.91
N PHE C 157 -46.32 4.43 -27.13
CA PHE C 157 -46.52 5.73 -27.80
C PHE C 157 -45.75 6.84 -27.09
N LYS C 158 -45.78 6.83 -25.74
CA LYS C 158 -45.12 7.80 -24.88
C LYS C 158 -43.61 7.76 -25.03
N LEU C 159 -42.99 6.56 -25.02
CA LEU C 159 -41.54 6.37 -25.13
C LEU C 159 -41.00 6.66 -26.53
N VAL C 160 -41.73 6.25 -27.58
CA VAL C 160 -41.33 6.45 -28.98
C VAL C 160 -41.03 7.95 -29.21
N ILE C 161 -41.98 8.83 -28.86
CA ILE C 161 -41.87 10.27 -29.02
C ILE C 161 -40.92 10.86 -27.95
N SER C 162 -40.77 10.21 -26.78
CA SER C 162 -39.88 10.67 -25.70
C SER C 162 -38.40 10.62 -26.15
N GLN C 163 -37.99 9.53 -26.80
CA GLN C 163 -36.63 9.34 -27.31
C GLN C 163 -36.53 9.98 -28.71
N GLY C 164 -37.59 9.85 -29.49
CA GLY C 164 -37.71 10.38 -30.85
C GLY C 164 -37.63 11.89 -30.95
N LEU C 165 -38.34 12.61 -30.06
CA LEU C 165 -38.33 14.08 -30.05
C LEU C 165 -37.12 14.63 -29.27
N ARG C 166 -36.20 13.72 -28.85
CA ARG C 166 -34.97 14.04 -28.14
C ARG C 166 -33.75 13.90 -29.08
N SER C 167 -33.62 12.72 -29.75
CA SER C 167 -32.53 12.40 -30.68
C SER C 167 -32.69 13.04 -32.08
N CYS C 168 -33.94 13.26 -32.56
CA CYS C 168 -34.19 13.88 -33.87
C CYS C 168 -33.70 15.33 -33.85
N THR C 169 -33.88 16.01 -32.69
CA THR C 169 -33.43 17.38 -32.46
C THR C 169 -31.90 17.45 -32.51
N GLN C 170 -31.25 16.32 -32.19
CA GLN C 170 -29.79 16.19 -32.25
C GLN C 170 -29.33 16.12 -33.72
N VAL C 171 -30.21 15.58 -34.61
CA VAL C 171 -29.97 15.44 -36.05
C VAL C 171 -30.42 16.72 -36.76
N THR C 183 -26.43 18.28 -49.85
CA THR C 183 -26.12 17.35 -48.78
C THR C 183 -27.36 17.07 -47.88
N ARG C 184 -28.30 18.04 -47.82
CA ARG C 184 -29.52 17.95 -47.03
C ARG C 184 -30.47 16.88 -47.57
N LEU C 185 -30.63 16.82 -48.92
CA LEU C 185 -31.48 15.88 -49.65
C LEU C 185 -30.99 14.44 -49.48
N THR C 186 -29.66 14.23 -49.51
CA THR C 186 -29.03 12.92 -49.35
C THR C 186 -29.14 12.43 -47.90
N LEU C 187 -29.09 13.35 -46.92
CA LEU C 187 -29.21 13.07 -45.49
C LEU C 187 -30.63 12.62 -45.13
N LEU C 188 -31.65 13.37 -45.59
CA LEU C 188 -33.08 13.08 -45.37
C LEU C 188 -33.50 11.76 -46.02
N LEU C 189 -32.89 11.41 -47.18
CA LEU C 189 -33.16 10.17 -47.91
C LEU C 189 -32.65 8.96 -47.13
N MET C 190 -31.49 9.10 -46.43
CA MET C 190 -30.88 8.05 -45.63
C MET C 190 -31.67 7.77 -44.34
N VAL C 191 -32.43 8.78 -43.84
CA VAL C 191 -33.26 8.66 -42.63
C VAL C 191 -34.59 7.99 -43.02
N GLY C 204 -45.91 -7.36 -42.87
CA GLY C 204 -45.45 -8.63 -43.44
C GLY C 204 -45.94 -9.86 -42.71
N SER C 205 -45.73 -11.04 -43.33
CA SER C 205 -46.13 -12.35 -42.81
C SER C 205 -45.14 -12.88 -41.74
N GLY C 206 -44.03 -12.17 -41.55
CA GLY C 206 -42.99 -12.54 -40.60
C GLY C 206 -43.31 -12.17 -39.17
N LEU C 207 -42.96 -10.92 -38.79
CA LEU C 207 -43.12 -10.36 -37.44
C LEU C 207 -44.58 -10.35 -36.96
N ARG C 208 -45.55 -10.08 -37.86
CA ARG C 208 -46.98 -10.01 -37.54
C ARG C 208 -47.55 -11.38 -37.13
N LYS C 209 -47.10 -12.48 -37.79
CA LYS C 209 -47.57 -13.83 -37.47
C LYS C 209 -46.93 -14.34 -36.18
N LEU C 210 -45.68 -13.92 -35.89
CA LEU C 210 -44.95 -14.30 -34.67
C LEU C 210 -45.59 -13.74 -33.42
N SER C 211 -46.03 -12.44 -33.46
CA SER C 211 -46.67 -11.76 -32.34
C SER C 211 -48.09 -12.29 -32.11
N ARG C 212 -48.80 -12.65 -33.20
CA ARG C 212 -50.16 -13.21 -33.16
C ARG C 212 -50.13 -14.59 -32.51
N GLN C 213 -49.09 -15.40 -32.80
CA GLN C 213 -48.87 -16.73 -32.24
C GLN C 213 -48.47 -16.64 -30.77
N CYS C 214 -47.76 -15.55 -30.39
CA CYS C 214 -47.29 -15.25 -29.02
C CYS C 214 -48.49 -14.86 -28.14
N GLN C 215 -49.41 -14.02 -28.69
CA GLN C 215 -50.62 -13.55 -27.99
C GLN C 215 -51.63 -14.69 -27.80
N GLU C 216 -51.62 -15.68 -28.71
CA GLU C 216 -52.48 -16.86 -28.69
C GLU C 216 -52.11 -17.77 -27.51
N GLN C 217 -50.80 -17.99 -27.28
CA GLN C 217 -50.27 -18.81 -26.18
C GLN C 217 -50.36 -18.06 -24.84
N ILE C 218 -50.32 -16.71 -24.87
CA ILE C 218 -50.43 -15.87 -23.68
C ILE C 218 -51.83 -16.00 -23.06
N ALA C 219 -52.87 -16.00 -23.93
CA ALA C 219 -54.27 -16.15 -23.54
C ALA C 219 -54.60 -17.60 -23.14
N ARG C 220 -53.93 -18.58 -23.78
CA ARG C 220 -54.10 -20.03 -23.52
C ARG C 220 -53.63 -20.38 -22.11
N ALA C 221 -52.44 -19.90 -21.70
CA ALA C 221 -51.85 -20.12 -20.39
C ALA C 221 -52.63 -19.34 -19.32
N MET C 222 -53.23 -18.21 -19.71
CA MET C 222 -54.06 -17.35 -18.85
C MET C 222 -55.36 -18.05 -18.44
N GLY C 223 -55.92 -18.85 -19.35
CA GLY C 223 -57.13 -19.63 -19.14
C GLY C 223 -56.95 -20.80 -18.20
N VAL C 224 -55.71 -21.34 -18.14
CA VAL C 224 -55.32 -22.47 -17.27
C VAL C 224 -55.27 -21.97 -15.82
N ALA C 225 -54.67 -20.78 -15.60
CA ALA C 225 -54.57 -20.13 -14.29
C ALA C 225 -55.94 -19.75 -13.75
N ASP C 226 -56.81 -19.17 -14.61
CA ASP C 226 -58.18 -18.75 -14.29
C ASP C 226 -59.07 -19.93 -13.88
N GLU C 227 -58.89 -21.10 -14.53
CA GLU C 227 -59.65 -22.30 -14.24
C GLU C 227 -59.16 -22.94 -12.93
N ALA C 228 -57.83 -22.89 -12.69
CA ALA C 228 -57.21 -23.46 -11.50
C ALA C 228 -57.52 -22.63 -10.25
N LEU C 229 -57.15 -21.33 -10.25
CA LEU C 229 -57.34 -20.40 -9.13
C LEU C 229 -58.83 -20.06 -8.89
N GLY C 230 -59.61 -20.04 -9.97
CA GLY C 230 -61.05 -19.76 -9.90
C GLY C 230 -61.83 -20.86 -9.21
N ASN C 231 -61.39 -22.12 -9.42
CA ASN C 231 -62.00 -23.32 -8.84
C ASN C 231 -61.01 -24.01 -7.89
N VAL C 232 -60.23 -23.19 -7.15
CA VAL C 232 -59.19 -23.61 -6.20
C VAL C 232 -59.77 -24.55 -5.11
N ARG C 233 -61.00 -24.26 -4.66
CA ARG C 233 -61.72 -25.03 -3.63
C ARG C 233 -61.91 -26.48 -4.07
N THR C 234 -62.25 -26.69 -5.36
CA THR C 234 -62.45 -28.02 -5.96
C THR C 234 -61.10 -28.75 -6.13
N VAL C 235 -60.03 -27.98 -6.48
CA VAL C 235 -58.66 -28.47 -6.67
C VAL C 235 -58.13 -29.01 -5.34
N ARG C 236 -58.40 -28.27 -4.24
CA ARG C 236 -57.99 -28.65 -2.88
C ARG C 236 -58.77 -29.86 -2.38
N ALA C 237 -60.09 -29.90 -2.66
CA ALA C 237 -61.01 -30.95 -2.25
C ALA C 237 -60.53 -32.35 -2.69
N PHE C 238 -59.90 -32.46 -3.88
CA PHE C 238 -59.40 -33.72 -4.42
C PHE C 238 -57.86 -33.77 -4.39
N ALA C 239 -57.24 -32.78 -3.72
CA ALA C 239 -55.79 -32.60 -3.50
C ALA C 239 -54.94 -32.82 -4.78
N MET C 240 -55.40 -32.26 -5.92
CA MET C 240 -54.70 -32.37 -7.20
C MET C 240 -54.09 -31.00 -7.56
N GLU C 241 -53.21 -30.50 -6.67
CA GLU C 241 -52.50 -29.23 -6.84
C GLU C 241 -51.29 -29.39 -7.76
N GLN C 242 -50.52 -30.49 -7.59
CA GLN C 242 -49.32 -30.81 -8.39
C GLN C 242 -49.69 -31.07 -9.86
N ARG C 243 -50.92 -31.56 -10.11
CA ARG C 243 -51.46 -31.81 -11.45
C ARG C 243 -51.76 -30.49 -12.15
N GLU C 244 -52.31 -29.51 -11.40
CA GLU C 244 -52.63 -28.17 -11.89
C GLU C 244 -51.36 -27.35 -12.12
N GLU C 245 -50.33 -27.55 -11.29
CA GLU C 245 -49.04 -26.88 -11.40
C GLU C 245 -48.29 -27.38 -12.64
N GLU C 246 -48.46 -28.68 -12.96
CA GLU C 246 -47.88 -29.35 -14.12
C GLU C 246 -48.55 -28.87 -15.40
N ARG C 247 -49.91 -28.80 -15.37
CA ARG C 247 -50.79 -28.35 -16.47
C ARG C 247 -50.48 -26.89 -16.83
N TYR C 248 -50.18 -26.06 -15.81
CA TYR C 248 -49.84 -24.66 -16.00
C TYR C 248 -48.37 -24.55 -16.43
N GLY C 249 -47.50 -25.35 -15.80
CA GLY C 249 -46.06 -25.40 -16.08
C GLY C 249 -45.73 -25.74 -17.52
N ALA C 250 -46.53 -26.64 -18.13
CA ALA C 250 -46.40 -27.05 -19.52
C ALA C 250 -46.77 -25.89 -20.46
N GLU C 251 -47.86 -25.17 -20.13
CA GLU C 251 -48.33 -24.00 -20.87
C GLU C 251 -47.40 -22.80 -20.66
N LEU C 252 -46.63 -22.83 -19.54
CA LEU C 252 -45.68 -21.79 -19.15
C LEU C 252 -44.37 -21.89 -19.94
N GLU C 253 -43.92 -23.12 -20.27
CA GLU C 253 -42.70 -23.32 -21.06
C GLU C 253 -42.99 -23.01 -22.52
N ALA C 254 -44.25 -23.27 -22.97
CA ALA C 254 -44.72 -22.99 -24.32
C ALA C 254 -44.89 -21.47 -24.50
N CYS C 255 -45.20 -20.75 -23.40
CA CYS C 255 -45.35 -19.30 -23.33
C CYS C 255 -43.99 -18.64 -23.62
N ARG C 256 -42.89 -19.24 -23.11
CA ARG C 256 -41.51 -18.81 -23.32
C ARG C 256 -41.07 -19.12 -24.75
N CYS C 257 -41.35 -20.35 -25.22
CA CYS C 257 -41.02 -20.90 -26.54
C CYS C 257 -41.47 -19.95 -27.67
N ARG C 258 -42.74 -19.53 -27.66
CA ARG C 258 -43.33 -18.64 -28.67
C ARG C 258 -42.79 -17.21 -28.55
N ALA C 259 -42.47 -16.75 -27.32
CA ALA C 259 -41.95 -15.42 -27.05
C ALA C 259 -40.46 -15.29 -27.42
N GLU C 260 -39.73 -16.41 -27.34
CA GLU C 260 -38.31 -16.48 -27.69
C GLU C 260 -38.14 -16.43 -29.21
N GLU C 261 -39.10 -17.04 -29.94
CA GLU C 261 -39.16 -17.06 -31.40
C GLU C 261 -39.38 -15.64 -31.94
N LEU C 262 -40.26 -14.86 -31.28
CA LEU C 262 -40.54 -13.47 -31.61
C LEU C 262 -39.32 -12.61 -31.23
N GLY C 263 -38.71 -12.92 -30.08
CA GLY C 263 -37.53 -12.25 -29.57
C GLY C 263 -36.33 -12.36 -30.49
N ARG C 264 -36.13 -13.56 -31.06
CA ARG C 264 -35.07 -13.86 -32.02
C ARG C 264 -35.35 -13.17 -33.36
N GLY C 265 -36.64 -13.03 -33.68
CA GLY C 265 -37.13 -12.38 -34.89
C GLY C 265 -36.94 -10.88 -34.88
N ILE C 266 -37.28 -10.23 -33.75
CA ILE C 266 -37.13 -8.78 -33.55
C ILE C 266 -35.64 -8.40 -33.57
N ALA C 267 -34.79 -9.26 -33.00
CA ALA C 267 -33.34 -9.08 -32.94
C ALA C 267 -32.72 -9.21 -34.34
N LEU C 268 -33.32 -10.05 -35.21
CA LEU C 268 -32.86 -10.26 -36.59
C LEU C 268 -33.06 -8.99 -37.40
N PHE C 269 -34.22 -8.33 -37.25
CA PHE C 269 -34.55 -7.07 -37.93
C PHE C 269 -33.57 -5.98 -37.51
N GLN C 270 -33.34 -5.84 -36.18
CA GLN C 270 -32.44 -4.85 -35.55
C GLN C 270 -30.98 -5.00 -36.00
N GLY C 271 -30.57 -6.23 -36.31
CA GLY C 271 -29.21 -6.53 -36.78
C GLY C 271 -29.06 -6.22 -38.26
N LEU C 272 -30.05 -6.64 -39.06
CA LEU C 272 -30.08 -6.44 -40.51
C LEU C 272 -30.28 -4.97 -40.89
N SER C 273 -31.05 -4.21 -40.08
CA SER C 273 -31.30 -2.78 -40.31
C SER C 273 -30.02 -1.97 -40.01
N ASN C 274 -29.22 -2.45 -39.03
CA ASN C 274 -27.93 -1.85 -38.66
C ASN C 274 -26.89 -2.10 -39.75
N ILE C 275 -27.01 -3.26 -40.44
CA ILE C 275 -26.16 -3.67 -41.56
C ILE C 275 -26.62 -2.99 -42.86
N ALA C 276 -27.91 -2.59 -42.93
CA ALA C 276 -28.50 -1.91 -44.09
C ALA C 276 -28.14 -0.43 -44.09
N PHE C 277 -28.10 0.20 -42.89
CA PHE C 277 -27.73 1.61 -42.71
C PHE C 277 -26.28 1.84 -43.13
N ASN C 278 -25.38 0.90 -42.82
CA ASN C 278 -23.97 0.96 -43.18
C ASN C 278 -23.78 0.88 -44.69
N CYS C 279 -24.63 0.08 -45.36
CA CYS C 279 -24.63 -0.08 -46.82
C CYS C 279 -25.18 1.19 -47.49
N MET C 280 -26.07 1.91 -46.78
CA MET C 280 -26.64 3.18 -47.25
C MET C 280 -25.56 4.25 -47.30
N VAL C 281 -24.61 4.22 -46.33
CA VAL C 281 -23.47 5.14 -46.23
C VAL C 281 -22.53 4.90 -47.44
N LEU C 282 -22.26 3.61 -47.76
CA LEU C 282 -21.43 3.20 -48.89
C LEU C 282 -22.11 3.53 -50.22
N GLY C 283 -23.44 3.45 -50.25
CA GLY C 283 -24.27 3.75 -51.41
C GLY C 283 -24.25 5.22 -51.80
N THR C 284 -24.45 6.12 -50.81
CA THR C 284 -24.46 7.58 -51.02
C THR C 284 -23.05 8.11 -51.33
N LEU C 285 -22.00 7.39 -50.86
CA LEU C 285 -20.59 7.75 -51.10
C LEU C 285 -20.23 7.58 -52.58
N PHE C 286 -20.79 6.55 -53.24
CA PHE C 286 -20.57 6.28 -54.67
C PHE C 286 -21.54 7.07 -55.55
N ILE C 287 -22.77 7.34 -55.06
CA ILE C 287 -23.79 8.13 -55.77
C ILE C 287 -23.37 9.61 -55.79
N GLY C 288 -23.01 10.14 -54.60
CA GLY C 288 -22.58 11.52 -54.43
C GLY C 288 -21.20 11.76 -54.99
N ASP C 301 -18.55 19.00 -49.25
CA ASP C 301 -19.89 18.54 -48.92
C ASP C 301 -19.91 17.02 -48.69
N LEU C 302 -19.26 16.25 -49.60
CA LEU C 302 -19.15 14.78 -49.54
C LEU C 302 -18.38 14.37 -48.29
N MET C 303 -17.33 15.13 -47.94
CA MET C 303 -16.48 14.91 -46.76
C MET C 303 -17.27 15.20 -45.47
N SER C 304 -18.13 16.23 -45.49
CA SER C 304 -18.96 16.64 -44.36
C SER C 304 -20.11 15.66 -44.12
N PHE C 305 -20.71 15.13 -45.23
CA PHE C 305 -21.83 14.17 -45.21
C PHE C 305 -21.44 12.86 -44.53
N LEU C 306 -20.19 12.40 -44.77
CA LEU C 306 -19.62 11.17 -44.20
C LEU C 306 -19.52 11.24 -42.67
N VAL C 307 -19.24 12.45 -42.13
CA VAL C 307 -19.15 12.72 -40.69
C VAL C 307 -20.57 12.94 -40.13
N ALA C 308 -21.47 13.51 -40.98
CA ALA C 308 -22.88 13.79 -40.66
C ALA C 308 -23.70 12.50 -40.54
N SER C 309 -23.43 11.50 -41.42
CA SER C 309 -24.11 10.19 -41.42
C SER C 309 -23.73 9.38 -40.18
N GLN C 310 -22.49 9.54 -39.70
CA GLN C 310 -21.95 8.90 -38.50
C GLN C 310 -22.67 9.39 -37.24
N THR C 311 -23.14 10.66 -37.26
CA THR C 311 -23.89 11.31 -36.18
C THR C 311 -25.34 10.80 -36.18
N VAL C 312 -25.91 10.56 -37.38
CA VAL C 312 -27.26 10.03 -37.57
C VAL C 312 -27.30 8.54 -37.17
N GLN C 313 -26.22 7.77 -37.51
CA GLN C 313 -26.07 6.35 -37.18
C GLN C 313 -26.17 6.10 -35.66
N ARG C 314 -25.64 7.02 -34.85
CA ARG C 314 -25.68 6.96 -33.39
C ARG C 314 -27.10 7.29 -32.86
N SER C 315 -27.82 8.20 -33.56
CA SER C 315 -29.17 8.64 -33.22
C SER C 315 -30.22 7.61 -33.63
N MET C 316 -30.03 6.94 -34.79
CA MET C 316 -30.91 5.91 -35.33
C MET C 316 -30.79 4.63 -34.49
N ALA C 317 -29.61 4.41 -33.89
CA ALA C 317 -29.30 3.26 -33.01
C ALA C 317 -30.18 3.26 -31.75
N ASN C 318 -30.56 4.46 -31.25
CA ASN C 318 -31.42 4.63 -30.07
C ASN C 318 -32.86 4.16 -30.37
N LEU C 319 -33.35 4.43 -31.60
CA LEU C 319 -34.68 4.03 -32.07
C LEU C 319 -34.71 2.54 -32.42
N SER C 320 -33.57 1.98 -32.88
CA SER C 320 -33.41 0.56 -33.22
C SER C 320 -33.54 -0.32 -31.97
N VAL C 321 -33.16 0.22 -30.79
CA VAL C 321 -33.24 -0.43 -29.48
C VAL C 321 -34.73 -0.54 -29.07
N LEU C 322 -35.51 0.52 -29.32
CA LEU C 322 -36.94 0.61 -29.00
C LEU C 322 -37.85 -0.11 -30.03
N PHE C 323 -37.27 -0.76 -31.07
CA PHE C 323 -38.03 -1.49 -32.10
C PHE C 323 -38.88 -2.61 -31.48
N GLY C 324 -38.38 -3.21 -30.39
CA GLY C 324 -39.08 -4.24 -29.63
C GLY C 324 -40.36 -3.70 -29.04
N GLN C 325 -40.34 -2.42 -28.60
CA GLN C 325 -41.50 -1.71 -28.06
C GLN C 325 -42.46 -1.33 -29.19
N VAL C 326 -41.92 -0.99 -30.39
CA VAL C 326 -42.71 -0.64 -31.57
C VAL C 326 -43.59 -1.82 -31.98
N VAL C 327 -43.02 -3.05 -31.96
CA VAL C 327 -43.70 -4.30 -32.28
C VAL C 327 -44.78 -4.57 -31.22
N ARG C 328 -44.38 -4.57 -29.94
CA ARG C 328 -45.24 -4.80 -28.76
C ARG C 328 -46.42 -3.82 -28.70
N GLY C 329 -46.14 -2.55 -28.99
CA GLY C 329 -47.10 -1.45 -28.98
C GLY C 329 -48.14 -1.52 -30.08
N LEU C 330 -47.69 -1.79 -31.32
CA LEU C 330 -48.57 -1.91 -32.49
C LEU C 330 -49.45 -3.17 -32.40
N SER C 331 -48.89 -4.29 -31.89
CA SER C 331 -49.63 -5.55 -31.68
C SER C 331 -50.75 -5.33 -30.67
N ALA C 332 -50.46 -4.56 -29.60
CA ALA C 332 -51.40 -4.20 -28.54
C ALA C 332 -52.45 -3.23 -29.09
N GLY C 333 -52.02 -2.27 -29.91
CA GLY C 333 -52.89 -1.28 -30.52
C GLY C 333 -53.95 -1.88 -31.42
N ALA C 334 -53.56 -2.85 -32.27
CA ALA C 334 -54.43 -3.56 -33.22
C ALA C 334 -55.58 -4.31 -32.53
N ARG C 335 -55.31 -4.88 -31.34
CA ARG C 335 -56.28 -5.63 -30.55
C ARG C 335 -57.35 -4.71 -29.95
N VAL C 336 -57.01 -3.42 -29.68
CA VAL C 336 -57.93 -2.43 -29.10
C VAL C 336 -58.98 -2.00 -30.16
N PHE C 337 -58.53 -1.83 -31.41
CA PHE C 337 -59.37 -1.38 -32.53
C PHE C 337 -60.15 -2.52 -33.21
N GLU C 338 -59.75 -3.79 -32.97
CA GLU C 338 -60.36 -5.00 -33.54
C GLU C 338 -61.82 -5.18 -33.06
N TYR C 339 -62.04 -5.13 -31.73
CA TYR C 339 -63.34 -5.33 -31.09
C TYR C 339 -64.15 -4.02 -30.97
N MET C 340 -63.50 -2.87 -31.21
CA MET C 340 -64.15 -1.56 -31.13
C MET C 340 -65.02 -1.29 -32.36
N ALA C 341 -64.62 -1.83 -33.53
CA ALA C 341 -65.32 -1.66 -34.81
C ALA C 341 -66.49 -2.64 -34.98
N LEU C 342 -66.52 -3.75 -34.20
CA LEU C 342 -67.55 -4.80 -34.27
C LEU C 342 -68.98 -4.30 -34.07
N ASN C 343 -69.91 -4.73 -34.95
CA ASN C 343 -71.33 -4.38 -34.93
C ASN C 343 -72.18 -5.63 -34.64
N PRO C 344 -73.07 -5.60 -33.60
CA PRO C 344 -73.86 -6.80 -33.29
C PRO C 344 -75.02 -7.05 -34.25
N CYS C 345 -75.59 -8.27 -34.20
CA CYS C 345 -76.71 -8.70 -35.03
C CYS C 345 -78.00 -8.02 -34.54
N ILE C 346 -78.28 -8.10 -33.22
CA ILE C 346 -79.45 -7.50 -32.58
C ILE C 346 -79.04 -6.15 -31.95
N PRO C 347 -79.74 -5.03 -32.28
CA PRO C 347 -79.36 -3.75 -31.68
C PRO C 347 -79.95 -3.57 -30.28
N LEU C 348 -79.81 -2.37 -29.68
CA LEU C 348 -80.32 -2.07 -28.35
C LEU C 348 -81.39 -0.98 -28.37
N SER C 349 -81.28 -0.02 -29.31
CA SER C 349 -82.22 1.10 -29.42
C SER C 349 -83.17 0.99 -30.63
N GLY C 350 -82.80 0.16 -31.61
CA GLY C 350 -83.58 -0.06 -32.83
C GLY C 350 -84.91 -0.75 -32.65
N GLY C 351 -85.99 0.03 -32.74
CA GLY C 351 -87.34 -0.48 -32.60
C GLY C 351 -88.40 0.54 -32.22
N CYS C 352 -89.64 0.05 -32.02
CA CYS C 352 -90.81 0.87 -31.67
C CYS C 352 -91.31 0.56 -30.26
N CYS C 353 -91.86 1.57 -29.59
CA CYS C 353 -92.44 1.47 -28.24
C CYS C 353 -93.96 1.47 -28.31
N VAL C 354 -94.61 0.75 -27.39
CA VAL C 354 -96.07 0.64 -27.28
C VAL C 354 -96.49 1.32 -25.95
N PRO C 355 -97.47 2.26 -25.94
CA PRO C 355 -97.85 2.91 -24.67
C PRO C 355 -98.53 1.95 -23.69
N LYS C 356 -98.49 2.28 -22.39
CA LYS C 356 -99.09 1.50 -21.28
C LYS C 356 -100.60 1.31 -21.46
N GLU C 357 -101.26 2.28 -22.12
CA GLU C 357 -102.70 2.26 -22.41
C GLU C 357 -103.04 1.22 -23.49
N GLN C 358 -102.10 0.98 -24.44
CA GLN C 358 -102.26 0.04 -25.55
C GLN C 358 -101.70 -1.36 -25.20
N LEU C 359 -100.61 -1.42 -24.41
CA LEU C 359 -99.95 -2.65 -23.99
C LEU C 359 -100.84 -3.44 -23.02
N ARG C 360 -101.21 -4.67 -23.41
CA ARG C 360 -102.07 -5.57 -22.62
C ARG C 360 -101.29 -6.76 -22.05
N GLY C 361 -100.31 -7.25 -22.81
CA GLY C 361 -99.44 -8.34 -22.40
C GLY C 361 -99.81 -9.72 -22.94
N SER C 362 -100.04 -9.81 -24.26
CA SER C 362 -100.37 -11.07 -24.92
C SER C 362 -99.15 -11.57 -25.70
N VAL C 363 -98.50 -12.64 -25.21
CA VAL C 363 -97.33 -13.23 -25.85
C VAL C 363 -97.77 -14.39 -26.75
N THR C 364 -97.28 -14.43 -28.01
CA THR C 364 -97.66 -15.49 -28.95
C THR C 364 -96.44 -16.01 -29.73
N PHE C 365 -96.21 -17.33 -29.63
CA PHE C 365 -95.17 -18.07 -30.33
C PHE C 365 -95.81 -18.82 -31.47
N GLN C 366 -95.49 -18.46 -32.72
CA GLN C 366 -96.10 -19.11 -33.87
C GLN C 366 -95.04 -19.90 -34.66
N ASN C 367 -95.13 -21.25 -34.59
CA ASN C 367 -94.25 -22.22 -35.26
C ASN C 367 -92.77 -21.81 -35.11
N VAL C 368 -92.37 -21.52 -33.85
CA VAL C 368 -91.04 -21.04 -33.48
C VAL C 368 -90.03 -22.21 -33.46
N CYS C 369 -89.03 -22.12 -34.33
CA CYS C 369 -87.93 -23.09 -34.42
C CYS C 369 -86.66 -22.37 -34.06
N PHE C 370 -85.84 -22.98 -33.19
CA PHE C 370 -84.58 -22.36 -32.79
C PHE C 370 -83.46 -23.36 -32.60
N SER C 371 -82.28 -22.96 -33.09
CA SER C 371 -81.00 -23.66 -33.02
C SER C 371 -79.94 -22.61 -32.70
N TYR C 372 -79.18 -22.82 -31.59
CA TYR C 372 -78.14 -21.90 -31.11
C TYR C 372 -77.10 -21.58 -32.21
N PRO C 373 -76.53 -20.34 -32.26
CA PRO C 373 -75.55 -20.03 -33.32
C PRO C 373 -74.24 -20.81 -33.18
N YCM C 374 -73.95 -21.30 -31.96
CA YCM C 374 -72.77 -22.09 -31.62
CB YCM C 374 -72.62 -22.21 -30.10
SG YCM C 374 -72.71 -20.62 -29.23
CD YCM C 374 -74.40 -20.67 -28.57
CE YCM C 374 -74.75 -19.45 -27.75
OZ1 YCM C 374 -74.83 -19.51 -26.51
NZ2 YCM C 374 -74.96 -18.33 -28.43
C YCM C 374 -72.88 -23.49 -32.24
O YCM C 374 -71.92 -23.96 -32.85
N ARG C 375 -74.06 -24.14 -32.10
CA ARG C 375 -74.37 -25.46 -32.67
C ARG C 375 -75.47 -25.29 -33.72
N PRO C 376 -75.13 -24.88 -34.98
CA PRO C 376 -76.18 -24.66 -35.99
C PRO C 376 -76.93 -25.93 -36.41
N GLY C 377 -76.31 -27.09 -36.21
CA GLY C 377 -76.90 -28.38 -36.54
C GLY C 377 -77.86 -28.91 -35.50
N PHE C 378 -77.46 -28.83 -34.20
CA PHE C 378 -78.27 -29.31 -33.09
C PHE C 378 -79.47 -28.38 -32.85
N GLU C 379 -80.68 -28.87 -33.18
CA GLU C 379 -81.95 -28.15 -33.02
C GLU C 379 -82.49 -28.33 -31.60
N VAL C 380 -82.59 -27.21 -30.86
CA VAL C 380 -83.06 -27.16 -29.48
C VAL C 380 -84.59 -27.03 -29.41
N LEU C 381 -85.16 -26.09 -30.20
CA LEU C 381 -86.59 -25.81 -30.28
C LEU C 381 -87.11 -26.18 -31.67
N LYS C 382 -88.08 -27.11 -31.74
CA LYS C 382 -88.65 -27.55 -33.01
C LYS C 382 -90.16 -27.35 -33.03
N ASP C 383 -90.64 -26.47 -33.95
CA ASP C 383 -92.05 -26.12 -34.19
C ASP C 383 -92.83 -25.86 -32.88
N PHE C 384 -92.41 -24.81 -32.15
CA PHE C 384 -93.01 -24.42 -30.88
C PHE C 384 -94.17 -23.44 -31.11
N THR C 385 -95.38 -23.80 -30.63
CA THR C 385 -96.58 -22.99 -30.77
C THR C 385 -97.27 -22.85 -29.40
N LEU C 386 -97.16 -21.67 -28.78
CA LEU C 386 -97.76 -21.36 -27.48
C LEU C 386 -98.21 -19.91 -27.40
N THR C 387 -99.39 -19.67 -26.81
CA THR C 387 -99.94 -18.32 -26.65
C THR C 387 -100.31 -18.09 -25.17
N LEU C 388 -99.80 -16.97 -24.60
CA LEU C 388 -100.01 -16.55 -23.21
C LEU C 388 -101.09 -15.47 -23.12
N PRO C 389 -102.26 -15.75 -22.48
CA PRO C 389 -103.31 -14.73 -22.37
C PRO C 389 -102.94 -13.58 -21.41
N PRO C 390 -103.35 -12.32 -21.70
CA PRO C 390 -102.97 -11.20 -20.82
C PRO C 390 -103.58 -11.31 -19.42
N GLY C 391 -102.72 -11.19 -18.40
CA GLY C 391 -103.10 -11.27 -17.00
C GLY C 391 -103.10 -12.68 -16.43
N LYS C 392 -103.15 -13.70 -17.31
CA LYS C 392 -103.17 -15.13 -16.98
C LYS C 392 -101.77 -15.69 -16.76
N ILE C 393 -101.63 -16.62 -15.80
CA ILE C 393 -100.36 -17.26 -15.42
C ILE C 393 -100.25 -18.62 -16.15
N VAL C 394 -99.35 -18.71 -17.14
CA VAL C 394 -99.12 -19.92 -17.93
C VAL C 394 -97.90 -20.67 -17.37
N ALA C 395 -98.09 -21.96 -17.04
CA ALA C 395 -97.04 -22.82 -16.51
C ALA C 395 -96.32 -23.58 -17.63
N LEU C 396 -95.00 -23.76 -17.49
CA LEU C 396 -94.15 -24.45 -18.46
C LEU C 396 -93.37 -25.57 -17.78
N VAL C 397 -93.70 -26.82 -18.12
CA VAL C 397 -93.09 -28.03 -17.55
C VAL C 397 -92.37 -28.84 -18.64
N GLY C 398 -91.31 -29.54 -18.24
CA GLY C 398 -90.51 -30.37 -19.14
C GLY C 398 -89.25 -30.94 -18.52
N GLN C 399 -88.61 -31.88 -19.24
CA GLN C 399 -87.38 -32.53 -18.80
C GLN C 399 -86.18 -31.60 -18.98
N SER C 400 -85.13 -31.79 -18.15
CA SER C 400 -83.89 -31.00 -18.17
C SER C 400 -83.17 -31.14 -19.52
N GLY C 401 -83.07 -30.01 -20.24
CA GLY C 401 -82.43 -29.92 -21.55
C GLY C 401 -83.39 -29.88 -22.72
N GLY C 402 -84.69 -29.77 -22.44
CA GLY C 402 -85.74 -29.75 -23.46
C GLY C 402 -86.02 -28.42 -24.12
N GLY C 403 -85.43 -27.34 -23.59
CA GLY C 403 -85.58 -25.99 -24.09
C GLY C 403 -86.53 -25.14 -23.27
N LYS C 404 -86.44 -25.24 -21.93
CA LYS C 404 -87.27 -24.48 -20.98
C LYS C 404 -86.74 -23.04 -20.82
N THR C 405 -85.42 -22.90 -20.57
CA THR C 405 -84.72 -21.63 -20.38
C THR C 405 -84.49 -20.95 -21.75
N THR C 406 -84.39 -21.76 -22.84
CA THR C 406 -84.20 -21.29 -24.22
C THR C 406 -85.44 -20.48 -24.67
N VAL C 407 -86.64 -20.94 -24.26
CA VAL C 407 -87.95 -20.33 -24.54
C VAL C 407 -88.06 -18.94 -23.88
N ALA C 408 -87.49 -18.79 -22.67
CA ALA C 408 -87.46 -17.56 -21.87
C ALA C 408 -86.52 -16.51 -22.46
N SER C 409 -85.32 -16.95 -22.91
CA SER C 409 -84.30 -16.07 -23.51
C SER C 409 -84.76 -15.49 -24.86
N LEU C 410 -85.63 -16.21 -25.60
CA LEU C 410 -86.19 -15.76 -26.88
C LEU C 410 -87.21 -14.64 -26.67
N LEU C 411 -87.96 -14.70 -25.54
CA LEU C 411 -88.95 -13.69 -25.14
C LEU C 411 -88.23 -12.40 -24.69
N GLU C 412 -87.07 -12.55 -24.01
CA GLU C 412 -86.23 -11.42 -23.58
C GLU C 412 -85.43 -10.87 -24.77
N ARG C 413 -85.60 -11.49 -25.95
CA ARG C 413 -84.98 -11.19 -27.25
C ARG C 413 -83.44 -11.20 -27.16
N PHE C 414 -82.88 -12.23 -26.47
CA PHE C 414 -81.43 -12.43 -26.38
C PHE C 414 -80.94 -13.01 -27.70
N TYR C 415 -81.83 -13.80 -28.34
CA TYR C 415 -81.66 -14.44 -29.64
C TYR C 415 -82.98 -14.34 -30.42
N ASP C 416 -82.90 -14.44 -31.75
CA ASP C 416 -84.07 -14.43 -32.63
C ASP C 416 -84.30 -15.83 -33.21
N PRO C 417 -85.57 -16.27 -33.42
CA PRO C 417 -85.79 -17.65 -33.94
C PRO C 417 -85.23 -17.88 -35.35
N THR C 418 -84.86 -19.14 -35.64
CA THR C 418 -84.33 -19.55 -36.95
C THR C 418 -85.50 -19.64 -37.96
N ALA C 419 -86.73 -19.88 -37.44
CA ALA C 419 -87.99 -19.97 -38.17
C ALA C 419 -89.14 -19.61 -37.24
N GLY C 420 -90.18 -18.97 -37.79
CA GLY C 420 -91.34 -18.53 -37.03
C GLY C 420 -91.13 -17.20 -36.34
N VAL C 421 -92.16 -16.69 -35.63
CA VAL C 421 -92.07 -15.39 -34.94
C VAL C 421 -92.65 -15.43 -33.53
N VAL C 422 -92.13 -14.54 -32.66
CA VAL C 422 -92.56 -14.31 -31.29
C VAL C 422 -93.17 -12.91 -31.25
N MET C 423 -94.46 -12.82 -30.91
CA MET C 423 -95.20 -11.54 -30.90
C MET C 423 -95.70 -11.13 -29.53
N LEU C 424 -95.61 -9.81 -29.25
CA LEU C 424 -96.12 -9.16 -28.06
C LEU C 424 -97.26 -8.24 -28.49
N ASP C 425 -98.50 -8.62 -28.16
CA ASP C 425 -99.76 -7.93 -28.50
C ASP C 425 -99.84 -7.66 -30.02
N GLY C 426 -99.71 -8.74 -30.80
CA GLY C 426 -99.76 -8.71 -32.26
C GLY C 426 -98.51 -8.19 -32.95
N ARG C 427 -97.68 -7.42 -32.23
CA ARG C 427 -96.45 -6.84 -32.74
C ARG C 427 -95.27 -7.77 -32.52
N ASP C 428 -94.53 -8.08 -33.60
CA ASP C 428 -93.32 -8.93 -33.61
C ASP C 428 -92.19 -8.24 -32.82
N LEU C 429 -91.43 -9.03 -32.03
CA LEU C 429 -90.33 -8.54 -31.19
C LEU C 429 -89.20 -7.91 -32.02
N ARG C 430 -89.06 -8.31 -33.31
CA ARG C 430 -88.04 -7.79 -34.23
C ARG C 430 -88.25 -6.30 -34.50
N THR C 431 -89.51 -5.87 -34.66
CA THR C 431 -89.88 -4.47 -34.91
C THR C 431 -89.91 -3.65 -33.61
N LEU C 432 -89.92 -4.32 -32.45
CA LEU C 432 -89.95 -3.69 -31.13
C LEU C 432 -88.57 -3.28 -30.61
N ASP C 433 -88.55 -2.25 -29.75
CA ASP C 433 -87.36 -1.70 -29.11
C ASP C 433 -86.87 -2.67 -28.01
N PRO C 434 -85.65 -3.25 -28.15
CA PRO C 434 -85.16 -4.20 -27.14
C PRO C 434 -85.01 -3.61 -25.73
N SER C 435 -84.50 -2.36 -25.61
CA SER C 435 -84.30 -1.69 -24.33
C SER C 435 -85.64 -1.42 -23.62
N TRP C 436 -86.68 -1.10 -24.40
CA TRP C 436 -88.04 -0.85 -23.92
C TRP C 436 -88.67 -2.16 -23.42
N LEU C 437 -88.47 -3.25 -24.18
CA LEU C 437 -89.01 -4.58 -23.88
C LEU C 437 -88.42 -5.16 -22.60
N ARG C 438 -87.07 -5.15 -22.46
CA ARG C 438 -86.38 -5.72 -21.30
C ARG C 438 -86.44 -4.80 -20.06
N GLY C 439 -86.35 -3.49 -20.28
CA GLY C 439 -86.33 -2.49 -19.21
C GLY C 439 -87.64 -1.95 -18.68
N GLN C 440 -88.77 -2.23 -19.36
CA GLN C 440 -90.08 -1.72 -18.92
C GLN C 440 -91.23 -2.72 -19.05
N VAL C 441 -91.12 -3.71 -19.95
CA VAL C 441 -92.22 -4.66 -20.18
C VAL C 441 -92.00 -5.99 -19.46
N VAL C 442 -90.88 -6.69 -19.76
CA VAL C 442 -90.61 -8.03 -19.22
C VAL C 442 -89.74 -7.98 -17.95
N GLY C 443 -90.21 -8.68 -16.91
CA GLY C 443 -89.53 -8.83 -15.64
C GLY C 443 -89.02 -10.26 -15.49
N PHE C 444 -87.70 -10.46 -15.67
CA PHE C 444 -87.08 -11.78 -15.62
C PHE C 444 -86.52 -12.11 -14.23
N ILE C 445 -86.72 -13.37 -13.79
CA ILE C 445 -86.26 -13.93 -12.52
C ILE C 445 -85.59 -15.30 -12.80
N SER C 446 -84.25 -15.36 -12.65
CA SER C 446 -83.45 -16.58 -12.89
C SER C 446 -83.38 -17.46 -11.64
N GLN C 447 -82.97 -18.73 -11.82
CA GLN C 447 -82.83 -19.74 -10.76
C GLN C 447 -81.69 -19.39 -9.79
N GLU C 448 -80.71 -18.60 -10.28
CA GLU C 448 -79.55 -18.11 -9.52
C GLU C 448 -79.50 -16.58 -9.65
N PRO C 449 -79.78 -15.81 -8.57
CA PRO C 449 -79.79 -14.35 -8.70
C PRO C 449 -78.40 -13.75 -8.76
N VAL C 450 -78.27 -12.58 -9.42
CA VAL C 450 -76.99 -11.88 -9.58
C VAL C 450 -77.07 -10.53 -8.85
N LEU C 451 -76.24 -10.36 -7.79
CA LEU C 451 -76.17 -9.13 -7.01
C LEU C 451 -74.82 -8.47 -7.20
N PHE C 452 -74.82 -7.19 -7.57
CA PHE C 452 -73.60 -6.40 -7.82
C PHE C 452 -72.94 -5.95 -6.50
N GLY C 453 -71.70 -5.46 -6.61
CA GLY C 453 -70.88 -5.01 -5.48
C GLY C 453 -71.13 -3.59 -5.04
N THR C 454 -72.40 -3.24 -4.78
CA THR C 454 -72.86 -1.93 -4.30
C THR C 454 -73.79 -2.14 -3.08
N THR C 455 -74.48 -1.07 -2.62
CA THR C 455 -75.41 -1.15 -1.49
C THR C 455 -76.71 -1.85 -1.92
N ILE C 456 -77.47 -2.37 -0.94
CA ILE C 456 -78.75 -3.07 -1.14
C ILE C 456 -79.76 -2.12 -1.82
N MET C 457 -79.84 -0.85 -1.35
CA MET C 457 -80.73 0.19 -1.88
C MET C 457 -80.42 0.50 -3.36
N GLU C 458 -79.13 0.51 -3.74
CA GLU C 458 -78.69 0.76 -5.12
C GLU C 458 -78.82 -0.49 -5.99
N ASN C 459 -78.71 -1.69 -5.37
CA ASN C 459 -78.82 -2.97 -6.06
C ASN C 459 -80.24 -3.23 -6.54
N ILE C 460 -81.27 -2.86 -5.73
CA ILE C 460 -82.69 -3.02 -6.08
C ILE C 460 -83.04 -1.93 -7.13
N ARG C 461 -82.49 -0.69 -6.95
CA ARG C 461 -82.67 0.47 -7.82
C ARG C 461 -82.16 0.25 -9.26
N PHE C 462 -81.69 -0.97 -9.58
CA PHE C 462 -81.21 -1.38 -10.90
C PHE C 462 -82.39 -1.60 -11.88
N GLY C 463 -83.59 -1.87 -11.34
CA GLY C 463 -84.81 -2.13 -12.11
C GLY C 463 -85.32 -0.93 -12.91
N LYS C 464 -85.34 0.25 -12.26
CA LYS C 464 -85.75 1.52 -12.85
C LYS C 464 -84.70 2.60 -12.52
N LEU C 465 -84.11 3.22 -13.56
CA LEU C 465 -83.05 4.22 -13.45
C LEU C 465 -83.50 5.50 -12.70
N GLU C 466 -84.67 6.05 -13.08
CA GLU C 466 -85.20 7.28 -12.48
C GLU C 466 -86.18 6.95 -11.34
N ALA C 467 -85.77 6.07 -10.41
CA ALA C 467 -86.59 5.68 -9.25
C ALA C 467 -86.13 6.38 -7.98
N SER C 468 -87.10 6.87 -7.19
CA SER C 468 -86.86 7.57 -5.93
C SER C 468 -86.58 6.57 -4.79
N ASP C 469 -86.06 7.07 -3.65
CA ASP C 469 -85.75 6.27 -2.46
C ASP C 469 -87.02 5.63 -1.90
N GLU C 470 -88.16 6.34 -1.94
CA GLU C 470 -89.47 5.88 -1.46
C GLU C 470 -90.04 4.75 -2.34
N GLU C 471 -89.68 4.72 -3.65
CA GLU C 471 -90.11 3.70 -4.60
C GLU C 471 -89.48 2.33 -4.33
N VAL C 472 -88.23 2.32 -3.85
CA VAL C 472 -87.46 1.11 -3.53
C VAL C 472 -88.09 0.38 -2.33
N TYR C 473 -88.37 1.12 -1.23
CA TYR C 473 -88.96 0.58 0.00
C TYR C 473 -90.36 0.01 -0.23
N THR C 474 -91.15 0.64 -1.14
CA THR C 474 -92.51 0.20 -1.49
C THR C 474 -92.41 -1.13 -2.29
N ALA C 475 -91.39 -1.24 -3.16
CA ALA C 475 -91.11 -2.43 -3.97
C ALA C 475 -90.57 -3.58 -3.10
N ALA C 476 -89.73 -3.25 -2.10
CA ALA C 476 -89.13 -4.20 -1.16
C ALA C 476 -90.18 -4.82 -0.24
N ARG C 477 -91.21 -4.04 0.13
CA ARG C 477 -92.32 -4.48 0.99
C ARG C 477 -93.23 -5.47 0.24
N GLU C 478 -93.29 -5.36 -1.10
CA GLU C 478 -94.10 -6.22 -1.97
C GLU C 478 -93.42 -7.60 -2.18
N ALA C 479 -92.11 -7.68 -1.93
CA ALA C 479 -91.31 -8.90 -2.11
C ALA C 479 -90.80 -9.47 -0.75
N ASN C 480 -91.39 -9.00 0.38
CA ASN C 480 -91.06 -9.38 1.77
C ASN C 480 -89.55 -9.25 2.07
N ALA C 481 -88.93 -8.21 1.48
CA ALA C 481 -87.50 -7.93 1.62
C ALA C 481 -87.22 -6.89 2.70
N HIS C 482 -88.08 -5.85 2.81
CA HIS C 482 -87.99 -4.74 3.78
C HIS C 482 -87.89 -5.24 5.23
N GLU C 483 -88.54 -6.39 5.55
CA GLU C 483 -88.56 -7.01 6.87
C GLU C 483 -87.16 -7.43 7.36
N PHE C 484 -86.35 -8.06 6.47
CA PHE C 484 -85.01 -8.53 6.86
C PHE C 484 -83.91 -7.49 6.55
N ILE C 485 -84.15 -6.53 5.60
CA ILE C 485 -83.16 -5.50 5.27
C ILE C 485 -83.01 -4.51 6.44
N THR C 486 -84.14 -4.09 7.05
CA THR C 486 -84.18 -3.16 8.20
C THR C 486 -83.48 -3.80 9.42
N SER C 487 -83.54 -5.14 9.55
CA SER C 487 -82.94 -5.93 10.63
C SER C 487 -81.40 -5.82 10.68
N PHE C 488 -80.75 -5.52 9.53
CA PHE C 488 -79.30 -5.36 9.42
C PHE C 488 -78.83 -4.08 10.16
N PRO C 489 -77.55 -4.01 10.63
CA PRO C 489 -77.09 -2.81 11.36
C PRO C 489 -77.17 -1.52 10.52
N GLU C 490 -76.57 -1.51 9.32
CA GLU C 490 -76.60 -0.35 8.42
C GLU C 490 -77.93 -0.31 7.65
N GLY C 491 -78.44 -1.49 7.29
CA GLY C 491 -79.70 -1.66 6.59
C GLY C 491 -79.57 -1.62 5.08
N TYR C 492 -80.14 -0.59 4.45
CA TYR C 492 -80.12 -0.39 3.00
C TYR C 492 -78.76 0.15 2.53
N ASN C 493 -77.96 0.70 3.44
CA ASN C 493 -76.64 1.25 3.15
C ASN C 493 -75.55 0.15 3.27
N THR C 494 -75.96 -1.11 3.51
CA THR C 494 -75.06 -2.25 3.63
C THR C 494 -74.66 -2.74 2.24
N VAL C 495 -73.34 -2.87 1.99
CA VAL C 495 -72.81 -3.37 0.73
C VAL C 495 -72.98 -4.88 0.67
N VAL C 496 -73.16 -5.43 -0.54
CA VAL C 496 -73.35 -6.87 -0.77
C VAL C 496 -72.36 -7.34 -1.85
N GLY C 497 -72.03 -8.64 -1.81
CA GLY C 497 -71.12 -9.27 -2.76
C GLY C 497 -69.88 -9.84 -2.11
N GLU C 498 -68.73 -9.71 -2.79
CA GLU C 498 -67.43 -10.21 -2.32
C GLU C 498 -66.95 -9.43 -1.09
N ARG C 499 -66.94 -8.09 -1.16
CA ARG C 499 -66.53 -7.19 -0.08
C ARG C 499 -67.62 -7.07 1.00
N GLY C 500 -68.88 -7.16 0.58
CA GLY C 500 -70.04 -7.04 1.45
C GLY C 500 -70.41 -8.29 2.19
N THR C 501 -71.54 -8.21 2.94
CA THR C 501 -72.09 -9.31 3.73
C THR C 501 -72.69 -10.38 2.82
N THR C 502 -72.32 -11.66 3.05
CA THR C 502 -72.81 -12.81 2.28
C THR C 502 -74.24 -13.13 2.74
N LEU C 503 -75.17 -13.26 1.78
CA LEU C 503 -76.59 -13.52 2.04
C LEU C 503 -77.03 -14.92 1.59
N SER C 504 -78.01 -15.49 2.32
CA SER C 504 -78.60 -16.80 2.06
C SER C 504 -79.39 -16.79 0.74
N GLY C 505 -79.54 -17.97 0.13
CA GLY C 505 -80.25 -18.17 -1.12
C GLY C 505 -81.63 -17.54 -1.19
N GLY C 506 -82.42 -17.74 -0.14
CA GLY C 506 -83.77 -17.21 0.00
C GLY C 506 -83.81 -15.69 0.14
N GLN C 507 -82.77 -15.12 0.78
CA GLN C 507 -82.62 -13.67 0.99
C GLN C 507 -82.26 -12.98 -0.33
N LYS C 508 -81.34 -13.59 -1.12
CA LYS C 508 -80.86 -13.08 -2.40
C LYS C 508 -81.96 -13.01 -3.44
N GLN C 509 -82.79 -14.08 -3.54
CA GLN C 509 -83.90 -14.19 -4.49
C GLN C 509 -85.02 -13.19 -4.18
N ARG C 510 -85.26 -12.90 -2.89
CA ARG C 510 -86.27 -11.93 -2.43
C ARG C 510 -85.94 -10.52 -2.92
N LEU C 511 -84.63 -10.18 -2.99
CA LEU C 511 -84.12 -8.90 -3.47
C LEU C 511 -84.29 -8.76 -4.99
N ALA C 512 -84.10 -9.88 -5.73
CA ALA C 512 -84.24 -9.94 -7.19
C ALA C 512 -85.68 -9.68 -7.64
N ILE C 513 -86.68 -10.14 -6.84
CA ILE C 513 -88.11 -9.96 -7.09
C ILE C 513 -88.45 -8.46 -6.98
N ALA C 514 -87.97 -7.79 -5.90
CA ALA C 514 -88.17 -6.36 -5.63
C ALA C 514 -87.53 -5.49 -6.72
N ARG C 515 -86.40 -5.97 -7.28
CA ARG C 515 -85.65 -5.31 -8.37
C ARG C 515 -86.49 -5.27 -9.65
N ALA C 516 -87.09 -6.41 -10.04
CA ALA C 516 -87.92 -6.56 -11.23
C ALA C 516 -89.30 -5.88 -11.11
N LEU C 517 -89.77 -5.59 -9.87
CA LEU C 517 -91.07 -4.99 -9.63
C LEU C 517 -91.11 -3.45 -9.76
N ILE C 518 -89.95 -2.76 -9.63
CA ILE C 518 -89.89 -1.28 -9.71
C ILE C 518 -90.29 -0.79 -11.12
N LYS C 519 -89.76 -1.42 -12.19
CA LYS C 519 -90.04 -1.06 -13.59
C LYS C 519 -91.52 -1.29 -13.98
N GLN C 520 -92.35 -1.86 -13.07
CA GLN C 520 -93.77 -2.17 -13.22
C GLN C 520 -93.97 -3.03 -14.49
N PRO C 521 -93.61 -4.34 -14.42
CA PRO C 521 -93.68 -5.18 -15.63
C PRO C 521 -95.11 -5.62 -16.00
N THR C 522 -95.33 -5.79 -17.31
CA THR C 522 -96.59 -6.27 -17.88
C THR C 522 -96.50 -7.80 -18.05
N VAL C 523 -95.29 -8.28 -18.39
CA VAL C 523 -94.93 -9.70 -18.56
C VAL C 523 -93.89 -10.07 -17.51
N LEU C 524 -94.00 -11.27 -16.94
CA LEU C 524 -93.10 -11.77 -15.89
C LEU C 524 -92.62 -13.18 -16.18
N ILE C 525 -91.29 -13.39 -16.18
CA ILE C 525 -90.70 -14.71 -16.40
C ILE C 525 -90.12 -15.21 -15.09
N LEU C 526 -90.51 -16.42 -14.66
CA LEU C 526 -90.02 -17.04 -13.44
C LEU C 526 -89.40 -18.40 -13.78
N ASP C 527 -88.08 -18.43 -14.06
CA ASP C 527 -87.35 -19.63 -14.43
C ASP C 527 -86.68 -20.27 -13.20
N GLU C 528 -87.38 -21.28 -12.61
CA GLU C 528 -86.98 -22.08 -11.44
C GLU C 528 -86.49 -21.19 -10.26
N ALA C 529 -87.24 -20.12 -9.96
CA ALA C 529 -86.95 -19.13 -8.91
C ALA C 529 -86.63 -19.76 -7.54
N THR C 530 -87.26 -20.90 -7.20
CA THR C 530 -87.06 -21.60 -5.93
C THR C 530 -86.34 -22.96 -6.14
N SER C 531 -85.26 -22.96 -6.96
CA SER C 531 -84.49 -24.17 -7.28
C SER C 531 -83.67 -24.70 -6.09
N ALA C 532 -82.54 -24.04 -5.75
CA ALA C 532 -81.64 -24.47 -4.68
C ALA C 532 -81.98 -23.80 -3.33
N LEU C 533 -83.28 -23.65 -3.04
CA LEU C 533 -83.72 -23.04 -1.77
C LEU C 533 -84.16 -24.11 -0.77
N ASP C 534 -83.83 -23.87 0.51
CA ASP C 534 -84.19 -24.71 1.65
C ASP C 534 -85.71 -24.70 1.84
N ALA C 535 -86.28 -25.82 2.33
CA ALA C 535 -87.72 -26.01 2.56
C ALA C 535 -88.43 -24.78 3.15
N GLU C 536 -87.84 -24.13 4.17
CA GLU C 536 -88.38 -22.93 4.83
C GLU C 536 -88.30 -21.70 3.92
N SER C 537 -87.10 -21.41 3.35
CA SER C 537 -86.87 -20.27 2.46
C SER C 537 -87.72 -20.35 1.18
N GLU C 538 -87.94 -21.57 0.67
CA GLU C 538 -88.72 -21.88 -0.53
C GLU C 538 -90.19 -21.44 -0.37
N ARG C 539 -90.77 -21.67 0.82
CA ARG C 539 -92.16 -21.30 1.14
C ARG C 539 -92.34 -19.78 1.25
N VAL C 540 -91.30 -19.06 1.73
CA VAL C 540 -91.31 -17.59 1.91
C VAL C 540 -91.27 -16.89 0.54
N VAL C 541 -90.27 -17.24 -0.30
CA VAL C 541 -90.02 -16.66 -1.63
C VAL C 541 -91.22 -16.89 -2.57
N GLN C 542 -91.78 -18.12 -2.58
CA GLN C 542 -92.94 -18.49 -3.42
C GLN C 542 -94.18 -17.68 -3.06
N GLU C 543 -94.40 -17.41 -1.75
CA GLU C 543 -95.53 -16.64 -1.22
C GLU C 543 -95.50 -15.19 -1.74
N ALA C 544 -94.29 -14.60 -1.83
CA ALA C 544 -94.09 -13.23 -2.33
C ALA C 544 -94.17 -13.17 -3.86
N LEU C 545 -93.78 -14.28 -4.54
CA LEU C 545 -93.82 -14.41 -6.00
C LEU C 545 -95.25 -14.42 -6.52
N ASP C 546 -96.18 -15.08 -5.78
CA ASP C 546 -97.59 -15.18 -6.12
C ASP C 546 -98.29 -13.81 -6.01
N ARG C 547 -97.89 -12.98 -5.03
CA ARG C 547 -98.40 -11.63 -4.78
C ARG C 547 -98.02 -10.71 -5.96
N ALA C 548 -96.78 -10.85 -6.45
CA ALA C 548 -96.23 -10.09 -7.57
C ALA C 548 -96.84 -10.57 -8.91
N SER C 549 -97.28 -11.84 -8.97
CA SER C 549 -97.88 -12.48 -10.15
C SER C 549 -99.32 -11.99 -10.42
N ALA C 550 -99.96 -11.32 -9.44
CA ALA C 550 -101.32 -10.81 -9.54
C ALA C 550 -101.43 -9.66 -10.54
N GLY C 551 -102.36 -9.80 -11.49
CA GLY C 551 -102.65 -8.83 -12.54
C GLY C 551 -101.56 -8.64 -13.58
N ARG C 552 -100.82 -9.72 -13.88
CA ARG C 552 -99.71 -9.72 -14.85
C ARG C 552 -99.67 -11.04 -15.63
N THR C 553 -99.09 -11.00 -16.84
CA THR C 553 -98.88 -12.20 -17.66
C THR C 553 -97.64 -12.88 -17.10
N VAL C 554 -97.78 -14.09 -16.53
CA VAL C 554 -96.64 -14.77 -15.91
C VAL C 554 -96.33 -16.12 -16.55
N LEU C 555 -95.06 -16.31 -16.96
CA LEU C 555 -94.55 -17.56 -17.54
C LEU C 555 -93.74 -18.26 -16.45
N VAL C 556 -94.38 -19.20 -15.73
CA VAL C 556 -93.76 -19.91 -14.62
C VAL C 556 -93.13 -21.23 -15.12
N ILE C 557 -91.78 -21.29 -15.09
CA ILE C 557 -91.00 -22.48 -15.46
C ILE C 557 -90.52 -23.09 -14.16
N ALA C 558 -91.41 -23.83 -13.46
CA ALA C 558 -91.10 -24.43 -12.17
C ALA C 558 -90.84 -25.93 -12.24
N HIS C 559 -89.98 -26.42 -11.34
CA HIS C 559 -89.61 -27.82 -11.16
C HIS C 559 -90.61 -28.51 -10.23
N ARG C 560 -91.06 -27.80 -9.16
CA ARG C 560 -92.06 -28.28 -8.21
C ARG C 560 -93.44 -28.13 -8.84
N LEU C 561 -94.09 -29.27 -9.16
CA LEU C 561 -95.39 -29.32 -9.81
C LEU C 561 -96.53 -28.82 -8.90
N SER C 562 -96.28 -28.72 -7.59
CA SER C 562 -97.25 -28.28 -6.58
C SER C 562 -97.69 -26.82 -6.78
N THR C 563 -96.77 -25.94 -7.24
CA THR C 563 -97.05 -24.53 -7.45
C THR C 563 -97.74 -24.27 -8.81
N VAL C 564 -97.52 -25.14 -9.81
CA VAL C 564 -98.09 -24.98 -11.14
C VAL C 564 -99.50 -25.60 -11.25
N ARG C 565 -100.00 -26.21 -10.15
CA ARG C 565 -101.32 -26.85 -10.09
C ARG C 565 -102.47 -25.84 -10.29
N GLY C 566 -102.29 -24.62 -9.78
CA GLY C 566 -103.26 -23.55 -9.88
C GLY C 566 -102.89 -22.46 -10.87
N ALA C 567 -102.65 -22.87 -12.14
CA ALA C 567 -102.30 -21.96 -13.24
C ALA C 567 -103.43 -21.90 -14.27
N HIS C 568 -103.33 -20.99 -15.26
CA HIS C 568 -104.31 -20.82 -16.33
C HIS C 568 -104.36 -22.10 -17.19
N CYS C 569 -103.16 -22.65 -17.52
CA CYS C 569 -102.94 -23.90 -18.26
C CYS C 569 -101.46 -24.29 -18.16
N ILE C 570 -101.18 -25.59 -18.20
CA ILE C 570 -99.84 -26.16 -18.11
C ILE C 570 -99.42 -26.66 -19.50
N VAL C 571 -98.15 -26.41 -19.87
CA VAL C 571 -97.56 -26.82 -21.15
C VAL C 571 -96.46 -27.84 -20.88
N VAL C 572 -96.53 -29.01 -21.53
CA VAL C 572 -95.57 -30.11 -21.38
C VAL C 572 -94.71 -30.19 -22.65
N MET C 573 -93.37 -30.08 -22.50
CA MET C 573 -92.43 -30.11 -23.62
C MET C 573 -91.70 -31.44 -23.74
N ALA C 574 -91.54 -31.91 -24.99
CA ALA C 574 -90.82 -33.14 -25.33
C ALA C 574 -89.98 -32.94 -26.58
N ASP C 575 -88.63 -32.94 -26.42
CA ASP C 575 -87.60 -32.77 -27.45
C ASP C 575 -87.79 -31.46 -28.26
N GLY C 576 -88.14 -30.39 -27.54
CA GLY C 576 -88.32 -29.06 -28.11
C GLY C 576 -89.64 -28.78 -28.79
N ARG C 577 -90.61 -29.72 -28.67
CA ARG C 577 -91.94 -29.58 -29.27
C ARG C 577 -93.03 -29.76 -28.20
N VAL C 578 -94.16 -29.03 -28.37
CA VAL C 578 -95.31 -29.05 -27.46
C VAL C 578 -95.96 -30.43 -27.54
N TRP C 579 -95.88 -31.21 -26.44
CA TRP C 579 -96.40 -32.57 -26.38
C TRP C 579 -97.83 -32.62 -25.85
N GLU C 580 -98.08 -31.95 -24.71
CA GLU C 580 -99.38 -31.89 -24.04
C GLU C 580 -99.66 -30.47 -23.54
N ALA C 581 -100.90 -30.00 -23.68
CA ALA C 581 -101.32 -28.67 -23.25
C ALA C 581 -102.75 -28.69 -22.72
N GLY C 582 -103.01 -27.83 -21.73
CA GLY C 582 -104.31 -27.71 -21.09
C GLY C 582 -104.22 -27.45 -19.61
N THR C 583 -105.39 -27.34 -18.94
CA THR C 583 -105.49 -27.08 -17.49
C THR C 583 -105.01 -28.30 -16.68
N HIS C 584 -104.96 -28.15 -15.33
CA HIS C 584 -104.54 -29.19 -14.38
C HIS C 584 -105.42 -30.44 -14.50
N GLU C 585 -106.76 -30.27 -14.51
CA GLU C 585 -107.73 -31.35 -14.60
C GLU C 585 -107.74 -32.00 -15.98
N GLU C 586 -107.57 -31.21 -17.05
CA GLU C 586 -107.56 -31.67 -18.45
C GLU C 586 -106.41 -32.64 -18.74
N LEU C 587 -105.19 -32.34 -18.24
CA LEU C 587 -104.00 -33.17 -18.44
C LEU C 587 -104.05 -34.47 -17.63
N LEU C 588 -104.77 -34.46 -16.49
CA LEU C 588 -104.95 -35.63 -15.63
C LEU C 588 -105.93 -36.61 -16.29
N LYS C 589 -107.02 -36.07 -16.88
CA LYS C 589 -108.05 -36.82 -17.59
C LYS C 589 -107.51 -37.39 -18.90
N LYS C 590 -106.53 -36.69 -19.52
CA LYS C 590 -105.87 -37.11 -20.77
C LYS C 590 -105.00 -38.34 -20.55
N GLY C 591 -104.40 -38.43 -19.35
CA GLY C 591 -103.54 -39.53 -18.93
C GLY C 591 -102.28 -39.70 -19.74
N GLY C 592 -101.53 -38.61 -19.93
CA GLY C 592 -100.30 -38.60 -20.72
C GLY C 592 -99.04 -38.43 -19.91
N LEU C 593 -98.14 -37.54 -20.39
CA LEU C 593 -96.83 -37.24 -19.79
C LEU C 593 -97.00 -36.58 -18.41
N TYR C 594 -97.98 -35.66 -18.27
CA TYR C 594 -98.29 -34.94 -17.03
C TYR C 594 -98.81 -35.91 -15.96
N ALA C 595 -99.64 -36.90 -16.37
CA ALA C 595 -100.25 -37.90 -15.48
C ALA C 595 -99.22 -38.88 -14.92
N GLU C 596 -98.15 -39.16 -15.69
CA GLU C 596 -97.05 -40.03 -15.26
C GLU C 596 -96.13 -39.26 -14.31
N LEU C 597 -95.95 -37.95 -14.58
CA LEU C 597 -95.11 -37.05 -13.78
C LEU C 597 -95.73 -36.78 -12.40
N ILE C 598 -97.07 -36.73 -12.30
CA ILE C 598 -97.78 -36.48 -11.05
C ILE C 598 -97.98 -37.82 -10.28
N ARG C 599 -97.87 -38.97 -10.99
CA ARG C 599 -97.99 -40.31 -10.40
C ARG C 599 -96.81 -40.59 -9.47
N ARG C 600 -95.59 -40.24 -9.93
CA ARG C 600 -94.36 -40.37 -9.15
C ARG C 600 -94.36 -39.36 -8.02
N GLN C 601 -94.98 -38.18 -8.24
CA GLN C 601 -95.09 -37.09 -7.27
C GLN C 601 -95.97 -37.47 -6.06
N ALA C 602 -97.12 -38.13 -6.32
CA ALA C 602 -98.08 -38.56 -5.30
C ALA C 602 -97.55 -39.74 -4.47
N LEU C 603 -96.70 -40.59 -5.07
CA LEU C 603 -96.09 -41.73 -4.40
C LEU C 603 -94.94 -41.29 -3.49
N ASP C 604 -94.17 -40.26 -3.94
CA ASP C 604 -93.05 -39.69 -3.21
C ASP C 604 -93.54 -38.91 -1.98
N ALA C 605 -94.70 -38.23 -2.11
CA ALA C 605 -95.33 -37.43 -1.05
C ALA C 605 -95.87 -38.32 0.08
N ALA C 606 -96.47 -39.47 -0.27
CA ALA C 606 -97.03 -40.44 0.67
C ALA C 606 -95.92 -41.11 1.48
N GLU C 607 -94.74 -41.31 0.85
CA GLU C 607 -93.55 -41.91 1.46
C GLU C 607 -92.94 -40.95 2.49
N ASN C 608 -93.07 -39.63 2.26
CA ASN C 608 -92.56 -38.57 3.16
C ASN C 608 -93.44 -38.40 4.41
N LEU C 609 -94.70 -38.89 4.38
CA LEU C 609 -95.65 -38.81 5.49
C LEU C 609 -95.42 -39.95 6.48
N PHE D 23 -36.09 -8.74 0.77
CA PHE D 23 -37.25 -9.40 0.15
C PHE D 23 -37.39 -8.99 -1.32
N ASN D 24 -37.24 -7.69 -1.63
CA ASN D 24 -37.36 -7.17 -2.99
C ASN D 24 -36.14 -7.56 -3.86
N TRP D 25 -34.92 -7.49 -3.28
CA TRP D 25 -33.65 -7.81 -3.96
C TRP D 25 -33.08 -9.16 -3.52
N LYS D 26 -33.45 -9.63 -2.32
CA LYS D 26 -32.99 -10.92 -1.76
C LYS D 26 -33.53 -12.10 -2.58
N LEU D 27 -34.80 -12.04 -3.02
CA LEU D 27 -35.45 -13.06 -3.83
C LEU D 27 -35.14 -12.88 -5.32
N PHE D 28 -34.91 -11.63 -5.76
CA PHE D 28 -34.59 -11.25 -7.14
C PHE D 28 -33.28 -11.90 -7.61
N TRP D 29 -32.28 -11.98 -6.72
CA TRP D 29 -30.96 -12.57 -7.00
C TRP D 29 -31.04 -14.09 -7.21
N GLN D 30 -32.04 -14.78 -6.60
CA GLN D 30 -32.26 -16.22 -6.74
C GLN D 30 -32.75 -16.59 -8.16
N PHE D 31 -33.32 -15.62 -8.89
CA PHE D 31 -33.80 -15.79 -10.26
C PHE D 31 -32.76 -15.37 -11.29
N LEU D 32 -31.83 -14.49 -10.88
CA LEU D 32 -30.79 -13.95 -11.74
C LEU D 32 -29.58 -14.88 -11.79
N HIS D 33 -29.20 -15.46 -10.64
CA HIS D 33 -28.01 -16.30 -10.43
C HIS D 33 -27.76 -17.41 -11.50
N PRO D 34 -28.69 -18.34 -11.89
CA PRO D 34 -28.31 -19.35 -12.90
C PRO D 34 -28.01 -18.79 -14.30
N HIS D 35 -28.66 -17.67 -14.68
CA HIS D 35 -28.49 -17.03 -15.99
C HIS D 35 -27.38 -15.95 -15.97
N LEU D 36 -26.52 -15.94 -14.93
CA LEU D 36 -25.45 -14.95 -14.77
C LEU D 36 -24.30 -15.13 -15.77
N LEU D 37 -23.89 -16.38 -16.08
CA LEU D 37 -22.80 -16.69 -17.02
C LEU D 37 -23.20 -16.32 -18.45
N VAL D 38 -24.47 -16.56 -18.81
CA VAL D 38 -25.06 -16.22 -20.11
C VAL D 38 -25.14 -14.69 -20.19
N LEU D 39 -25.49 -14.04 -19.06
CA LEU D 39 -25.58 -12.59 -18.88
C LEU D 39 -24.20 -11.93 -19.04
N GLY D 40 -23.15 -12.63 -18.61
CA GLY D 40 -21.77 -12.17 -18.73
C GLY D 40 -21.29 -12.18 -20.17
N VAL D 41 -21.69 -13.22 -20.94
CA VAL D 41 -21.37 -13.40 -22.36
C VAL D 41 -21.98 -12.24 -23.16
N ALA D 42 -23.20 -11.79 -22.76
CA ALA D 42 -23.90 -10.67 -23.38
C ALA D 42 -23.08 -9.37 -23.25
N VAL D 43 -22.35 -9.19 -22.11
CA VAL D 43 -21.48 -8.04 -21.84
C VAL D 43 -20.28 -8.08 -22.80
N VAL D 44 -19.67 -9.28 -22.95
CA VAL D 44 -18.53 -9.55 -23.84
C VAL D 44 -18.91 -9.15 -25.27
N LEU D 45 -20.06 -9.67 -25.77
CA LEU D 45 -20.59 -9.39 -27.11
C LEU D 45 -20.93 -7.91 -27.28
N ALA D 46 -21.36 -7.23 -26.20
CA ALA D 46 -21.69 -5.81 -26.22
C ALA D 46 -20.41 -4.96 -26.33
N LEU D 47 -19.28 -5.47 -25.78
CA LEU D 47 -17.99 -4.78 -25.80
C LEU D 47 -17.34 -4.87 -27.18
N GLY D 48 -17.41 -6.04 -27.79
CA GLY D 48 -16.89 -6.30 -29.13
C GLY D 48 -17.67 -5.56 -30.20
N ALA D 49 -18.98 -5.35 -29.96
CA ALA D 49 -19.90 -4.63 -30.85
C ALA D 49 -19.58 -3.14 -30.95
N ALA D 50 -19.23 -2.48 -29.83
CA ALA D 50 -18.91 -1.05 -29.80
C ALA D 50 -17.44 -0.78 -30.17
N LEU D 51 -16.57 -1.80 -30.02
CA LEU D 51 -15.15 -1.73 -30.35
C LEU D 51 -14.95 -1.61 -31.87
N VAL D 52 -15.81 -2.31 -32.64
CA VAL D 52 -15.85 -2.32 -34.10
C VAL D 52 -16.39 -0.96 -34.57
N ASN D 53 -17.37 -0.39 -33.80
CA ASN D 53 -18.01 0.90 -34.07
C ASN D 53 -17.05 2.09 -33.93
N VAL D 54 -15.95 1.93 -33.16
CA VAL D 54 -14.92 2.97 -32.95
C VAL D 54 -14.08 3.10 -34.24
N GLN D 55 -13.71 1.95 -34.85
CA GLN D 55 -12.91 1.87 -36.06
C GLN D 55 -13.74 2.13 -37.33
N ILE D 56 -15.09 2.12 -37.23
CA ILE D 56 -16.01 2.34 -38.35
C ILE D 56 -15.83 3.75 -38.96
N PRO D 57 -15.94 4.91 -38.24
CA PRO D 57 -15.72 6.21 -38.91
C PRO D 57 -14.24 6.51 -39.14
N LEU D 58 -13.35 5.80 -38.41
CA LEU D 58 -11.90 5.92 -38.50
C LEU D 58 -11.42 5.42 -39.87
N LEU D 59 -11.88 4.22 -40.28
CA LEU D 59 -11.56 3.61 -41.56
C LEU D 59 -12.39 4.25 -42.68
N LEU D 60 -13.57 4.81 -42.35
CA LEU D 60 -14.47 5.49 -43.30
C LEU D 60 -13.84 6.81 -43.75
N GLY D 61 -13.16 7.48 -42.83
CA GLY D 61 -12.45 8.73 -43.09
C GLY D 61 -11.24 8.53 -43.98
N GLN D 62 -10.62 7.33 -43.88
CA GLN D 62 -9.46 6.93 -44.67
C GLN D 62 -9.86 6.64 -46.11
N LEU D 63 -11.09 6.11 -46.31
CA LEU D 63 -11.65 5.77 -47.62
C LEU D 63 -12.00 7.03 -48.42
N VAL D 64 -12.50 8.10 -47.76
CA VAL D 64 -12.84 9.35 -48.42
C VAL D 64 -11.54 10.04 -48.92
N GLU D 65 -10.39 9.75 -48.28
CA GLU D 65 -9.07 10.24 -48.69
C GLU D 65 -8.66 9.58 -50.02
N VAL D 66 -8.99 8.28 -50.18
CA VAL D 66 -8.74 7.49 -51.38
C VAL D 66 -9.71 7.93 -52.49
N VAL D 67 -10.97 8.24 -52.12
CA VAL D 67 -12.03 8.72 -53.03
C VAL D 67 -11.63 10.11 -53.60
N ALA D 68 -11.00 10.96 -52.76
CA ALA D 68 -10.52 12.29 -53.12
C ALA D 68 -9.40 12.23 -54.18
N LYS D 69 -8.53 11.21 -54.10
CA LYS D 69 -7.42 10.99 -55.04
C LYS D 69 -7.92 10.45 -56.37
N MET D 79 -8.07 2.66 -57.78
CA MET D 79 -9.25 1.79 -57.88
C MET D 79 -9.03 0.48 -57.12
N THR D 80 -7.82 -0.10 -57.22
CA THR D 80 -7.44 -1.35 -56.55
C THR D 80 -7.22 -1.13 -55.05
N GLU D 81 -6.73 0.08 -54.67
CA GLU D 81 -6.49 0.48 -53.28
C GLU D 81 -7.82 0.66 -52.53
N SER D 82 -8.84 1.19 -53.24
CA SER D 82 -10.19 1.41 -52.72
C SER D 82 -10.96 0.09 -52.61
N GLN D 83 -10.78 -0.83 -53.59
CA GLN D 83 -11.42 -2.14 -53.65
C GLN D 83 -10.97 -3.05 -52.49
N ASN D 84 -9.70 -2.94 -52.07
CA ASN D 84 -9.11 -3.72 -50.98
C ASN D 84 -9.63 -3.24 -49.60
N LEU D 85 -9.92 -1.92 -49.47
CA LEU D 85 -10.41 -1.29 -48.26
C LEU D 85 -11.95 -1.37 -48.15
N SER D 86 -12.67 -1.37 -49.30
CA SER D 86 -14.13 -1.47 -49.34
C SER D 86 -14.60 -2.86 -48.95
N THR D 87 -13.85 -3.90 -49.40
CA THR D 87 -14.14 -5.30 -49.08
C THR D 87 -13.85 -5.54 -47.59
N HIS D 88 -12.79 -4.90 -47.05
CA HIS D 88 -12.38 -4.97 -45.65
C HIS D 88 -13.44 -4.33 -44.72
N LEU D 89 -14.01 -3.17 -45.13
CA LEU D 89 -15.04 -2.45 -44.39
C LEU D 89 -16.36 -3.23 -44.36
N LEU D 90 -16.68 -3.94 -45.45
CA LEU D 90 -17.89 -4.76 -45.58
C LEU D 90 -17.85 -5.94 -44.61
N ILE D 91 -16.64 -6.48 -44.34
CA ILE D 91 -16.39 -7.59 -43.41
C ILE D 91 -16.70 -7.11 -41.97
N LEU D 92 -16.28 -5.88 -41.62
CA LEU D 92 -16.49 -5.27 -40.31
C LEU D 92 -17.97 -5.01 -40.01
N TYR D 93 -18.78 -4.69 -41.04
CA TYR D 93 -20.22 -4.45 -40.88
C TYR D 93 -20.96 -5.74 -40.50
N GLY D 94 -20.59 -6.83 -41.16
CA GLY D 94 -21.13 -8.17 -40.94
C GLY D 94 -20.74 -8.77 -39.61
N VAL D 95 -19.57 -8.35 -39.07
CA VAL D 95 -19.07 -8.77 -37.75
C VAL D 95 -19.86 -7.99 -36.69
N GLN D 96 -20.04 -6.66 -36.91
CA GLN D 96 -20.79 -5.77 -36.02
C GLN D 96 -22.27 -6.16 -35.95
N GLY D 97 -22.84 -6.57 -37.09
CA GLY D 97 -24.24 -7.00 -37.20
C GLY D 97 -24.52 -8.33 -36.52
N LEU D 98 -23.49 -9.20 -36.48
CA LEU D 98 -23.53 -10.51 -35.84
C LEU D 98 -23.42 -10.35 -34.32
N LEU D 99 -22.56 -9.42 -33.85
CA LEU D 99 -22.31 -9.12 -32.43
C LEU D 99 -23.54 -8.52 -31.75
N THR D 100 -24.29 -7.66 -32.46
CA THR D 100 -25.48 -6.97 -31.96
C THR D 100 -26.64 -7.95 -31.79
N PHE D 101 -26.85 -8.85 -32.76
CA PHE D 101 -27.93 -9.84 -32.77
C PHE D 101 -27.75 -10.88 -31.66
N GLY D 102 -26.54 -11.40 -31.52
CA GLY D 102 -26.19 -12.40 -30.51
C GLY D 102 -26.35 -11.92 -29.08
N TYR D 103 -26.00 -10.65 -28.82
CA TYR D 103 -26.10 -10.01 -27.51
C TYR D 103 -27.58 -9.73 -27.17
N LEU D 104 -28.40 -9.39 -28.17
CA LEU D 104 -29.83 -9.11 -28.01
C LEU D 104 -30.64 -10.39 -27.78
N VAL D 105 -30.27 -11.51 -28.45
CA VAL D 105 -30.91 -12.83 -28.36
C VAL D 105 -30.59 -13.45 -26.98
N LEU D 106 -29.35 -13.23 -26.48
CA LEU D 106 -28.92 -13.73 -25.16
C LEU D 106 -29.58 -12.97 -24.01
N LEU D 107 -30.04 -11.73 -24.26
CA LEU D 107 -30.72 -10.91 -23.26
C LEU D 107 -32.21 -11.24 -23.21
N SER D 108 -32.81 -11.60 -24.36
CA SER D 108 -34.21 -12.01 -24.45
C SER D 108 -34.38 -13.38 -23.82
N HIS D 109 -33.36 -14.27 -23.99
CA HIS D 109 -33.34 -15.62 -23.42
C HIS D 109 -33.28 -15.55 -21.89
N VAL D 110 -32.40 -14.70 -21.32
CA VAL D 110 -32.26 -14.49 -19.88
C VAL D 110 -33.58 -13.89 -19.35
N GLY D 111 -34.08 -12.86 -20.05
CA GLY D 111 -35.32 -12.17 -19.71
C GLY D 111 -36.54 -13.07 -19.61
N GLU D 112 -36.71 -13.97 -20.60
CA GLU D 112 -37.83 -14.92 -20.66
C GLU D 112 -37.71 -16.07 -19.67
N ARG D 113 -36.49 -16.68 -19.54
CA ARG D 113 -36.24 -17.81 -18.64
C ARG D 113 -36.41 -17.40 -17.18
N MET D 114 -36.20 -16.10 -16.88
CA MET D 114 -36.38 -15.51 -15.56
C MET D 114 -37.88 -15.34 -15.28
N ALA D 115 -38.66 -14.92 -16.31
CA ALA D 115 -40.11 -14.68 -16.23
C ALA D 115 -40.90 -15.97 -16.02
N VAL D 116 -40.38 -17.12 -16.50
CA VAL D 116 -41.02 -18.42 -16.35
C VAL D 116 -40.90 -18.87 -14.90
N ASP D 117 -39.66 -18.89 -14.35
CA ASP D 117 -39.37 -19.28 -12.97
C ASP D 117 -40.09 -18.39 -11.95
N MET D 118 -40.36 -17.12 -12.31
CA MET D 118 -41.07 -16.16 -11.47
C MET D 118 -42.57 -16.48 -11.42
N ARG D 119 -43.18 -16.79 -12.58
CA ARG D 119 -44.61 -17.14 -12.66
C ARG D 119 -44.85 -18.49 -11.97
N ARG D 120 -43.99 -19.48 -12.28
CA ARG D 120 -44.00 -20.85 -11.74
C ARG D 120 -44.02 -20.83 -10.22
N ALA D 121 -43.14 -20.02 -9.59
CA ALA D 121 -43.04 -19.90 -8.13
C ALA D 121 -44.18 -19.05 -7.53
N LEU D 122 -44.75 -18.11 -8.31
CA LEU D 122 -45.85 -17.27 -7.83
C LEU D 122 -47.15 -18.08 -7.81
N PHE D 123 -47.46 -18.79 -8.93
CA PHE D 123 -48.65 -19.64 -9.09
C PHE D 123 -48.68 -20.76 -8.06
N SER D 124 -47.50 -21.31 -7.72
CA SER D 124 -47.33 -22.36 -6.71
C SER D 124 -47.65 -21.81 -5.32
N SER D 125 -47.20 -20.57 -5.02
CA SER D 125 -47.44 -19.89 -3.74
C SER D 125 -48.90 -19.44 -3.62
N LEU D 126 -49.54 -19.09 -4.76
CA LEU D 126 -50.94 -18.65 -4.83
C LEU D 126 -51.90 -19.78 -4.54
N LEU D 127 -51.65 -20.98 -5.09
CA LEU D 127 -52.47 -22.19 -4.90
C LEU D 127 -52.36 -22.71 -3.46
N ARG D 128 -51.18 -22.51 -2.83
CA ARG D 128 -50.87 -22.91 -1.47
C ARG D 128 -51.52 -21.94 -0.42
N GLN D 129 -52.01 -20.75 -0.86
CA GLN D 129 -52.67 -19.76 0.01
C GLN D 129 -54.05 -20.24 0.43
N ASP D 130 -54.43 -19.97 1.71
CA ASP D 130 -55.69 -20.38 2.35
C ASP D 130 -56.95 -19.75 1.71
N ILE D 131 -58.13 -20.37 1.96
CA ILE D 131 -59.45 -19.99 1.41
C ILE D 131 -59.84 -18.55 1.80
N THR D 132 -59.43 -18.10 3.00
CA THR D 132 -59.68 -16.75 3.53
C THR D 132 -59.19 -15.68 2.51
N PHE D 133 -58.00 -15.91 1.93
CA PHE D 133 -57.35 -15.04 0.95
C PHE D 133 -58.15 -14.98 -0.36
N PHE D 134 -58.64 -16.14 -0.84
CA PHE D 134 -59.41 -16.25 -2.09
C PHE D 134 -60.78 -15.57 -2.00
N ASP D 135 -61.30 -15.38 -0.77
CA ASP D 135 -62.57 -14.70 -0.52
C ASP D 135 -62.34 -13.19 -0.46
N ALA D 136 -61.14 -12.78 -0.02
CA ALA D 136 -60.72 -11.38 0.10
C ALA D 136 -60.20 -10.82 -1.23
N ASN D 137 -59.58 -11.68 -2.07
CA ASN D 137 -59.02 -11.27 -3.36
C ASN D 137 -59.77 -11.90 -4.54
N LYS D 138 -60.07 -11.08 -5.56
CA LYS D 138 -60.75 -11.46 -6.80
C LYS D 138 -59.84 -12.33 -7.68
N THR D 139 -60.44 -13.30 -8.38
CA THR D 139 -59.73 -14.24 -9.26
C THR D 139 -59.07 -13.52 -10.45
N GLY D 140 -59.74 -12.50 -10.98
CA GLY D 140 -59.24 -11.70 -12.08
C GLY D 140 -57.93 -10.98 -11.81
N GLN D 141 -57.85 -10.32 -10.65
CA GLN D 141 -56.66 -9.56 -10.20
C GLN D 141 -55.46 -10.49 -9.95
N LEU D 142 -55.72 -11.74 -9.53
CA LEU D 142 -54.69 -12.75 -9.28
C LEU D 142 -54.07 -13.23 -10.60
N VAL D 143 -54.91 -13.38 -11.64
CA VAL D 143 -54.50 -13.80 -12.99
C VAL D 143 -53.65 -12.67 -13.62
N SER D 144 -54.04 -11.40 -13.40
CA SER D 144 -53.33 -10.22 -13.90
C SER D 144 -51.95 -10.09 -13.25
N ARG D 145 -51.85 -10.32 -11.93
CA ARG D 145 -50.60 -10.25 -11.17
C ARG D 145 -49.63 -11.37 -11.62
N LEU D 146 -50.19 -12.51 -12.02
CA LEU D 146 -49.45 -13.68 -12.48
C LEU D 146 -49.00 -13.56 -13.94
N THR D 147 -49.76 -12.85 -14.81
CA THR D 147 -49.42 -12.76 -16.23
C THR D 147 -48.95 -11.35 -16.67
N THR D 148 -49.74 -10.28 -16.41
CA THR D 148 -49.44 -8.91 -16.82
C THR D 148 -48.25 -8.33 -16.03
N ASP D 149 -48.30 -8.35 -14.68
CA ASP D 149 -47.26 -7.81 -13.80
C ASP D 149 -45.88 -8.40 -14.05
N VAL D 150 -45.79 -9.72 -14.27
CA VAL D 150 -44.53 -10.43 -14.54
C VAL D 150 -43.93 -9.93 -15.87
N GLN D 151 -44.76 -9.89 -16.93
CA GLN D 151 -44.38 -9.45 -18.27
C GLN D 151 -44.03 -7.96 -18.29
N GLU D 152 -44.66 -7.17 -17.38
CA GLU D 152 -44.42 -5.74 -17.20
C GLU D 152 -43.00 -5.53 -16.66
N PHE D 153 -42.54 -6.44 -15.77
CA PHE D 153 -41.21 -6.44 -15.16
C PHE D 153 -40.17 -7.00 -16.13
N LYS D 154 -40.49 -8.14 -16.79
CA LYS D 154 -39.62 -8.85 -17.75
C LYS D 154 -39.19 -7.93 -18.90
N SER D 155 -40.16 -7.32 -19.63
CA SER D 155 -39.91 -6.42 -20.77
C SER D 155 -39.19 -5.14 -20.34
N SER D 156 -39.44 -4.68 -19.09
CA SER D 156 -38.79 -3.50 -18.52
C SER D 156 -37.33 -3.81 -18.21
N PHE D 157 -37.06 -5.02 -17.68
CA PHE D 157 -35.73 -5.55 -17.36
C PHE D 157 -34.90 -5.67 -18.64
N LYS D 158 -35.53 -6.14 -19.73
CA LYS D 158 -34.91 -6.30 -21.05
C LYS D 158 -34.49 -4.94 -21.63
N LEU D 159 -35.36 -3.91 -21.54
CA LEU D 159 -35.12 -2.55 -22.05
C LEU D 159 -34.00 -1.83 -21.32
N VAL D 160 -33.93 -1.96 -19.97
CA VAL D 160 -32.92 -1.28 -19.17
C VAL D 160 -31.52 -1.84 -19.52
N ILE D 161 -31.37 -3.15 -19.70
CA ILE D 161 -30.05 -3.69 -20.05
C ILE D 161 -29.80 -3.52 -21.57
N SER D 162 -30.85 -3.55 -22.43
CA SER D 162 -30.72 -3.39 -23.90
C SER D 162 -30.19 -1.99 -24.27
N GLN D 163 -30.64 -0.94 -23.55
CA GLN D 163 -30.18 0.43 -23.80
C GLN D 163 -29.06 0.82 -22.83
N GLY D 164 -29.05 0.20 -21.65
CA GLY D 164 -28.04 0.42 -20.62
C GLY D 164 -26.67 -0.15 -20.95
N LEU D 165 -26.61 -1.43 -21.38
CA LEU D 165 -25.35 -2.07 -21.74
C LEU D 165 -24.78 -1.42 -23.02
N ARG D 166 -25.63 -1.17 -24.04
CA ARG D 166 -25.25 -0.54 -25.32
C ARG D 166 -24.68 0.88 -25.09
N SER D 167 -25.37 1.70 -24.28
CA SER D 167 -25.02 3.08 -23.94
C SER D 167 -23.74 3.14 -23.08
N CYS D 168 -23.61 2.22 -22.10
CA CYS D 168 -22.46 2.15 -21.19
C CYS D 168 -21.20 1.72 -21.92
N THR D 169 -21.31 0.90 -22.99
CA THR D 169 -20.13 0.46 -23.76
C THR D 169 -19.63 1.62 -24.66
N GLN D 170 -20.53 2.56 -25.04
CA GLN D 170 -20.16 3.75 -25.82
C GLN D 170 -19.32 4.72 -24.96
N VAL D 171 -19.53 4.67 -23.62
CA VAL D 171 -18.83 5.48 -22.62
C VAL D 171 -17.51 4.79 -22.23
N ALA D 172 -17.56 3.48 -21.90
CA ALA D 172 -16.41 2.67 -21.48
C ALA D 172 -15.33 2.61 -22.57
N GLY D 173 -15.74 2.55 -23.84
CA GLY D 173 -14.85 2.53 -24.98
C GLY D 173 -14.09 3.82 -25.17
N CYS D 174 -14.76 4.96 -24.88
CA CYS D 174 -14.19 6.29 -24.97
C CYS D 174 -13.27 6.58 -23.76
N LEU D 175 -13.66 6.09 -22.57
CA LEU D 175 -12.97 6.30 -21.30
C LEU D 175 -11.59 5.63 -21.24
N VAL D 176 -11.48 4.36 -21.67
CA VAL D 176 -10.26 3.55 -21.58
C VAL D 176 -9.12 4.01 -22.49
N SER D 177 -9.28 3.89 -23.82
CA SER D 177 -8.23 4.20 -24.81
C SER D 177 -7.69 5.63 -24.69
N LEU D 178 -8.46 6.56 -24.11
CA LEU D 178 -8.10 7.96 -23.98
C LEU D 178 -7.16 8.27 -22.79
N SER D 179 -7.73 8.36 -21.56
CA SER D 179 -7.01 8.81 -20.37
C SER D 179 -6.58 7.69 -19.42
N MET D 180 -5.70 8.08 -18.46
CA MET D 180 -5.13 7.24 -17.41
C MET D 180 -6.11 7.15 -16.19
N LEU D 181 -5.65 6.53 -15.09
CA LEU D 181 -6.44 6.28 -13.86
C LEU D 181 -6.88 7.55 -13.11
N SER D 182 -6.17 8.69 -13.29
CA SER D 182 -6.49 9.94 -12.61
C SER D 182 -7.64 10.73 -13.27
N THR D 183 -7.65 10.78 -14.61
CA THR D 183 -8.62 11.52 -15.42
C THR D 183 -9.94 10.75 -15.58
N ARG D 184 -9.88 9.40 -15.61
CA ARG D 184 -11.07 8.54 -15.75
C ARG D 184 -11.90 8.51 -14.45
N LEU D 185 -11.22 8.69 -13.29
CA LEU D 185 -11.80 8.70 -11.94
C LEU D 185 -12.84 9.83 -11.76
N THR D 186 -12.58 11.01 -12.38
CA THR D 186 -13.47 12.18 -12.33
C THR D 186 -14.78 11.90 -13.09
N LEU D 187 -14.68 11.18 -14.22
CA LEU D 187 -15.81 10.80 -15.06
C LEU D 187 -16.70 9.76 -14.39
N LEU D 188 -16.08 8.75 -13.74
CA LEU D 188 -16.78 7.66 -13.04
C LEU D 188 -17.60 8.18 -11.87
N LEU D 189 -17.11 9.24 -11.19
CA LEU D 189 -17.79 9.88 -10.06
C LEU D 189 -19.06 10.59 -10.53
N MET D 190 -19.01 11.23 -11.72
CA MET D 190 -20.14 11.95 -12.30
C MET D 190 -21.24 11.00 -12.80
N VAL D 191 -20.89 9.74 -13.15
CA VAL D 191 -21.83 8.71 -13.60
C VAL D 191 -22.53 8.11 -12.36
N ALA D 192 -21.78 7.95 -11.25
CA ALA D 192 -22.25 7.38 -9.99
C ALA D 192 -23.19 8.33 -9.22
N THR D 193 -23.09 9.65 -9.45
CA THR D 193 -23.91 10.66 -8.76
C THR D 193 -25.43 10.53 -9.11
N PRO D 194 -25.90 10.56 -10.39
CA PRO D 194 -27.34 10.42 -10.64
C PRO D 194 -27.88 9.04 -10.30
N ALA D 195 -27.00 8.01 -10.24
CA ALA D 195 -27.37 6.64 -9.87
C ALA D 195 -27.72 6.57 -8.37
N LEU D 196 -26.98 7.35 -7.54
CA LEU D 196 -27.18 7.46 -6.09
C LEU D 196 -28.50 8.20 -5.80
N MET D 197 -28.81 9.20 -6.65
CA MET D 197 -30.06 9.99 -6.56
C MET D 197 -31.23 9.15 -7.10
N GLY D 198 -30.95 8.33 -8.13
CA GLY D 198 -31.91 7.47 -8.82
C GLY D 198 -32.59 6.45 -7.95
N VAL D 199 -31.80 5.59 -7.30
CA VAL D 199 -32.26 4.51 -6.41
C VAL D 199 -32.92 5.12 -5.16
N GLY D 200 -32.27 6.14 -4.58
CA GLY D 200 -32.73 6.85 -3.39
C GLY D 200 -34.13 7.42 -3.45
N THR D 201 -34.52 7.96 -4.61
CA THR D 201 -35.85 8.53 -4.85
C THR D 201 -36.89 7.43 -5.09
N LEU D 202 -36.48 6.32 -5.74
CA LEU D 202 -37.32 5.15 -6.04
C LEU D 202 -37.75 4.41 -4.77
N MET D 203 -36.96 4.54 -3.68
CA MET D 203 -37.21 3.93 -2.38
C MET D 203 -38.03 4.87 -1.47
N GLY D 204 -37.95 6.17 -1.75
CA GLY D 204 -38.62 7.24 -1.01
C GLY D 204 -40.14 7.21 -0.97
N SER D 205 -40.72 8.13 -0.18
CA SER D 205 -42.17 8.28 0.03
C SER D 205 -42.86 9.02 -1.15
N GLY D 206 -42.06 9.52 -2.09
CA GLY D 206 -42.56 10.24 -3.25
C GLY D 206 -43.09 9.35 -4.36
N LEU D 207 -42.18 8.92 -5.25
CA LEU D 207 -42.47 8.08 -6.41
C LEU D 207 -43.14 6.75 -6.07
N ARG D 208 -42.72 6.10 -4.97
CA ARG D 208 -43.25 4.81 -4.51
C ARG D 208 -44.72 4.88 -4.10
N LYS D 209 -45.14 5.99 -3.45
CA LYS D 209 -46.53 6.17 -3.00
C LYS D 209 -47.43 6.54 -4.18
N LEU D 210 -46.90 7.25 -5.19
CA LEU D 210 -47.64 7.67 -6.38
C LEU D 210 -48.01 6.47 -7.25
N SER D 211 -47.07 5.52 -7.43
CA SER D 211 -47.29 4.31 -8.23
C SER D 211 -48.23 3.34 -7.53
N ARG D 212 -48.15 3.26 -6.18
CA ARG D 212 -49.01 2.41 -5.35
C ARG D 212 -50.46 2.89 -5.42
N GLN D 213 -50.66 4.22 -5.43
CA GLN D 213 -51.97 4.86 -5.54
C GLN D 213 -52.54 4.69 -6.96
N CYS D 214 -51.65 4.65 -7.97
CA CYS D 214 -51.99 4.46 -9.39
C CYS D 214 -52.45 3.02 -9.64
N GLN D 215 -51.75 2.03 -9.03
CA GLN D 215 -52.07 0.60 -9.16
C GLN D 215 -53.36 0.25 -8.44
N GLU D 216 -53.70 1.01 -7.37
CA GLU D 216 -54.92 0.85 -6.59
C GLU D 216 -56.14 1.19 -7.42
N GLN D 217 -56.08 2.32 -8.17
CA GLN D 217 -57.15 2.80 -9.03
C GLN D 217 -57.25 1.97 -10.32
N ILE D 218 -56.12 1.39 -10.78
CA ILE D 218 -56.05 0.55 -11.98
C ILE D 218 -56.84 -0.74 -11.75
N ALA D 219 -56.69 -1.35 -10.56
CA ALA D 219 -57.38 -2.57 -10.15
C ALA D 219 -58.85 -2.29 -9.83
N ARG D 220 -59.16 -1.08 -9.29
CA ARG D 220 -60.52 -0.66 -8.93
C ARG D 220 -61.41 -0.53 -10.16
N ALA D 221 -60.89 0.12 -11.22
CA ALA D 221 -61.59 0.31 -12.50
C ALA D 221 -61.70 -1.02 -13.25
N MET D 222 -60.72 -1.92 -13.05
CA MET D 222 -60.67 -3.26 -13.65
C MET D 222 -61.79 -4.15 -13.11
N GLY D 223 -62.11 -3.98 -11.83
CA GLY D 223 -63.17 -4.72 -11.13
C GLY D 223 -64.57 -4.31 -11.56
N VAL D 224 -64.74 -3.04 -12.01
CA VAL D 224 -66.00 -2.49 -12.49
C VAL D 224 -66.32 -3.11 -13.84
N ALA D 225 -65.32 -3.22 -14.73
CA ALA D 225 -65.43 -3.83 -16.06
C ALA D 225 -65.76 -5.32 -15.97
N ASP D 226 -65.06 -6.04 -15.06
CA ASP D 226 -65.21 -7.48 -14.81
C ASP D 226 -66.62 -7.81 -14.29
N GLU D 227 -67.17 -6.94 -13.44
CA GLU D 227 -68.51 -7.13 -12.87
C GLU D 227 -69.58 -6.82 -13.93
N ALA D 228 -69.34 -5.80 -14.77
CA ALA D 228 -70.27 -5.39 -15.81
C ALA D 228 -70.31 -6.41 -16.96
N LEU D 229 -69.17 -6.68 -17.60
CA LEU D 229 -69.04 -7.60 -18.74
C LEU D 229 -69.27 -9.06 -18.34
N GLY D 230 -68.86 -9.42 -17.12
CA GLY D 230 -69.03 -10.77 -16.59
C GLY D 230 -70.48 -11.13 -16.35
N ASN D 231 -71.28 -10.15 -15.93
CA ASN D 231 -72.71 -10.30 -15.65
C ASN D 231 -73.53 -9.44 -16.63
N VAL D 232 -73.07 -9.37 -17.90
CA VAL D 232 -73.66 -8.61 -19.00
C VAL D 232 -75.14 -9.00 -19.23
N ARG D 233 -75.46 -10.31 -19.10
CA ARG D 233 -76.82 -10.85 -19.28
C ARG D 233 -77.81 -10.23 -18.29
N THR D 234 -77.37 -10.02 -17.03
CA THR D 234 -78.16 -9.42 -15.95
C THR D 234 -78.31 -7.90 -16.21
N VAL D 235 -77.25 -7.25 -16.75
CA VAL D 235 -77.22 -5.81 -17.08
C VAL D 235 -78.24 -5.54 -18.19
N ARG D 236 -78.31 -6.44 -19.20
CA ARG D 236 -79.23 -6.34 -20.32
C ARG D 236 -80.67 -6.60 -19.88
N ALA D 237 -80.87 -7.59 -18.99
CA ALA D 237 -82.17 -7.99 -18.45
C ALA D 237 -82.94 -6.82 -17.82
N PHE D 238 -82.23 -5.89 -17.16
CA PHE D 238 -82.83 -4.71 -16.52
C PHE D 238 -82.51 -3.42 -17.30
N ALA D 239 -81.90 -3.56 -18.50
CA ALA D 239 -81.52 -2.52 -19.47
C ALA D 239 -80.81 -1.31 -18.80
N MET D 240 -79.86 -1.59 -17.88
CA MET D 240 -79.09 -0.57 -17.19
C MET D 240 -77.64 -0.57 -17.72
N GLU D 241 -77.49 -0.34 -19.03
CA GLU D 241 -76.18 -0.29 -19.70
C GLU D 241 -75.51 1.07 -19.52
N GLN D 242 -76.30 2.17 -19.67
CA GLN D 242 -75.83 3.56 -19.52
C GLN D 242 -75.39 3.84 -18.08
N ARG D 243 -75.98 3.13 -17.09
CA ARG D 243 -75.64 3.24 -15.67
C ARG D 243 -74.28 2.59 -15.43
N GLU D 244 -74.00 1.44 -16.08
CA GLU D 244 -72.73 0.71 -15.99
C GLU D 244 -71.62 1.46 -16.72
N GLU D 245 -71.95 2.15 -17.83
CA GLU D 245 -71.01 2.96 -18.61
C GLU D 245 -70.59 4.20 -17.83
N GLU D 246 -71.53 4.75 -17.02
CA GLU D 246 -71.33 5.91 -16.15
C GLU D 246 -70.45 5.51 -14.96
N ARG D 247 -70.75 4.35 -14.34
CA ARG D 247 -70.05 3.75 -13.19
C ARG D 247 -68.60 3.45 -13.57
N TYR D 248 -68.36 3.01 -14.82
CA TYR D 248 -67.03 2.72 -15.35
C TYR D 248 -66.34 4.02 -15.76
N GLY D 249 -67.10 4.92 -16.40
CA GLY D 249 -66.65 6.23 -16.86
C GLY D 249 -66.09 7.11 -15.76
N ALA D 250 -66.71 7.03 -14.56
CA ALA D 250 -66.29 7.77 -13.37
C ALA D 250 -64.96 7.22 -12.85
N GLU D 251 -64.82 5.88 -12.82
CA GLU D 251 -63.61 5.18 -12.41
C GLU D 251 -62.50 5.34 -13.46
N LEU D 252 -62.89 5.65 -14.71
CA LEU D 252 -62.00 5.84 -15.86
C LEU D 252 -61.33 7.22 -15.83
N GLU D 253 -62.05 8.26 -15.36
CA GLU D 253 -61.48 9.62 -15.25
C GLU D 253 -60.54 9.68 -14.04
N ALA D 254 -60.87 8.90 -12.99
CA ALA D 254 -60.06 8.77 -11.77
C ALA D 254 -58.78 8.00 -12.07
N CYS D 255 -58.85 7.06 -13.05
CA CYS D 255 -57.74 6.24 -13.54
C CYS D 255 -56.69 7.14 -14.21
N ARG D 256 -57.15 8.17 -14.94
CA ARG D 256 -56.32 9.16 -15.61
C ARG D 256 -55.70 10.12 -14.59
N CYS D 257 -56.53 10.60 -13.63
CA CYS D 257 -56.19 11.54 -12.56
C CYS D 257 -54.96 11.06 -11.76
N ARG D 258 -54.98 9.80 -11.28
CA ARG D 258 -53.89 9.21 -10.49
C ARG D 258 -52.64 8.94 -11.35
N ALA D 259 -52.84 8.60 -12.64
CA ALA D 259 -51.75 8.31 -13.59
C ALA D 259 -51.05 9.58 -14.06
N GLU D 260 -51.78 10.71 -14.11
CA GLU D 260 -51.26 12.01 -14.51
C GLU D 260 -50.38 12.58 -13.40
N GLU D 261 -50.75 12.30 -12.13
CA GLU D 261 -50.02 12.72 -10.92
C GLU D 261 -48.65 12.02 -10.88
N LEU D 262 -48.62 10.72 -11.24
CA LEU D 262 -47.41 9.91 -11.32
C LEU D 262 -46.57 10.36 -12.51
N GLY D 263 -47.25 10.68 -13.62
CA GLY D 263 -46.66 11.16 -14.87
C GLY D 263 -45.92 12.47 -14.69
N ARG D 264 -46.52 13.41 -13.92
CA ARG D 264 -45.94 14.70 -13.58
C ARG D 264 -44.76 14.53 -12.62
N GLY D 265 -44.84 13.50 -11.77
CA GLY D 265 -43.81 13.15 -10.80
C GLY D 265 -42.56 12.55 -11.42
N ILE D 266 -42.75 11.62 -12.38
CA ILE D 266 -41.66 10.96 -13.11
C ILE D 266 -40.94 11.98 -13.98
N ALA D 267 -41.69 12.94 -14.57
CA ALA D 267 -41.15 14.02 -15.40
C ALA D 267 -40.34 15.03 -14.58
N LEU D 268 -40.70 15.19 -13.29
CA LEU D 268 -39.99 16.09 -12.36
C LEU D 268 -38.59 15.54 -12.07
N PHE D 269 -38.48 14.22 -11.86
CA PHE D 269 -37.20 13.53 -11.64
C PHE D 269 -36.30 13.69 -12.86
N GLN D 270 -36.82 13.40 -14.07
CA GLN D 270 -36.12 13.47 -15.36
C GLN D 270 -35.55 14.88 -15.62
N GLY D 271 -36.33 15.91 -15.30
CA GLY D 271 -35.95 17.31 -15.46
C GLY D 271 -34.88 17.75 -14.48
N LEU D 272 -35.04 17.39 -13.19
CA LEU D 272 -34.09 17.69 -12.11
C LEU D 272 -32.79 16.94 -12.32
N SER D 273 -32.86 15.72 -12.92
CA SER D 273 -31.71 14.89 -13.24
C SER D 273 -30.84 15.52 -14.33
N ASN D 274 -31.48 16.29 -15.26
CA ASN D 274 -30.80 17.00 -16.33
C ASN D 274 -30.02 18.19 -15.77
N ILE D 275 -30.60 18.90 -14.77
CA ILE D 275 -29.99 20.03 -14.09
C ILE D 275 -28.82 19.52 -13.23
N ALA D 276 -29.04 18.38 -12.52
CA ALA D 276 -28.06 17.73 -11.65
C ALA D 276 -26.77 17.37 -12.41
N PHE D 277 -26.89 16.88 -13.67
CA PHE D 277 -25.74 16.52 -14.50
C PHE D 277 -24.99 17.75 -14.98
N ASN D 278 -25.72 18.80 -15.41
CA ASN D 278 -25.18 20.07 -15.89
C ASN D 278 -24.41 20.82 -14.79
N CYS D 279 -24.81 20.59 -13.52
CA CYS D 279 -24.19 21.17 -12.32
C CYS D 279 -22.95 20.36 -11.93
N MET D 280 -22.96 19.04 -12.24
CA MET D 280 -21.82 18.15 -11.97
C MET D 280 -20.64 18.52 -12.86
N VAL D 281 -20.92 18.93 -14.12
CA VAL D 281 -19.91 19.36 -15.10
C VAL D 281 -19.23 20.64 -14.57
N LEU D 282 -20.03 21.60 -14.06
CA LEU D 282 -19.56 22.86 -13.49
C LEU D 282 -18.79 22.60 -12.18
N GLY D 283 -19.23 21.60 -11.42
CA GLY D 283 -18.62 21.19 -10.16
C GLY D 283 -17.24 20.60 -10.31
N THR D 284 -17.09 19.64 -11.24
CA THR D 284 -15.81 18.96 -11.51
C THR D 284 -14.83 19.90 -12.23
N LEU D 285 -15.33 20.94 -12.94
CA LEU D 285 -14.50 21.93 -13.64
C LEU D 285 -13.76 22.82 -12.63
N PHE D 286 -14.41 23.14 -11.50
CA PHE D 286 -13.82 23.95 -10.42
C PHE D 286 -12.99 23.09 -9.47
N ILE D 287 -13.38 21.81 -9.26
CA ILE D 287 -12.66 20.88 -8.39
C ILE D 287 -11.35 20.44 -9.08
N GLY D 288 -11.45 20.04 -10.36
CA GLY D 288 -10.33 19.63 -11.19
C GLY D 288 -9.43 20.80 -11.56
N GLY D 289 -10.03 21.96 -11.79
CA GLY D 289 -9.36 23.20 -12.16
C GLY D 289 -8.42 23.73 -11.09
N SER D 290 -8.73 23.46 -9.81
CA SER D 290 -7.92 23.85 -8.65
C SER D 290 -6.64 23.00 -8.59
N LEU D 291 -6.72 21.74 -9.07
CA LEU D 291 -5.61 20.79 -9.12
C LEU D 291 -4.75 21.01 -10.38
N VAL D 292 -5.33 21.60 -11.44
CA VAL D 292 -4.67 21.89 -12.72
C VAL D 292 -3.58 22.95 -12.55
N ALA D 293 -3.85 24.00 -11.74
CA ALA D 293 -2.90 25.09 -11.44
C ALA D 293 -1.76 24.62 -10.52
N GLY D 294 -2.03 23.61 -9.69
CA GLY D 294 -1.07 23.06 -8.75
C GLY D 294 -0.26 21.87 -9.25
N GLN D 295 -0.06 21.76 -10.59
CA GLN D 295 0.70 20.73 -11.31
C GLN D 295 0.26 19.26 -10.98
N GLN D 296 -0.86 19.07 -10.24
CA GLN D 296 -1.40 17.77 -9.85
C GLN D 296 -2.05 17.06 -11.05
N LEU D 297 -2.72 17.82 -11.93
CA LEU D 297 -3.38 17.33 -13.14
C LEU D 297 -3.06 18.26 -14.32
N THR D 298 -2.80 17.69 -15.50
CA THR D 298 -2.45 18.47 -16.69
C THR D 298 -3.69 19.20 -17.25
N GLY D 299 -3.42 20.30 -17.97
CA GLY D 299 -4.42 21.13 -18.62
C GLY D 299 -5.15 20.40 -19.74
N GLY D 300 -4.47 19.44 -20.37
CA GLY D 300 -5.00 18.60 -21.43
C GLY D 300 -6.05 17.62 -20.93
N ASP D 301 -5.95 17.20 -19.66
CA ASP D 301 -6.87 16.28 -18.99
C ASP D 301 -8.21 16.96 -18.71
N LEU D 302 -8.18 18.18 -18.15
CA LEU D 302 -9.35 19.00 -17.83
C LEU D 302 -10.12 19.37 -19.11
N MET D 303 -9.37 19.68 -20.19
CA MET D 303 -9.89 20.02 -21.51
C MET D 303 -10.57 18.81 -22.18
N SER D 304 -9.98 17.60 -22.02
CA SER D 304 -10.53 16.36 -22.59
C SER D 304 -11.75 15.88 -21.80
N PHE D 305 -11.75 16.08 -20.46
CA PHE D 305 -12.85 15.69 -19.57
C PHE D 305 -14.15 16.41 -19.95
N LEU D 306 -14.08 17.70 -20.31
CA LEU D 306 -15.23 18.51 -20.71
C LEU D 306 -15.88 17.97 -22.01
N VAL D 307 -15.06 17.44 -22.94
CA VAL D 307 -15.54 16.84 -24.19
C VAL D 307 -16.08 15.44 -23.88
N ALA D 308 -15.46 14.74 -22.90
CA ALA D 308 -15.84 13.40 -22.45
C ALA D 308 -17.16 13.39 -21.69
N SER D 309 -17.42 14.44 -20.87
CA SER D 309 -18.66 14.59 -20.09
C SER D 309 -19.84 14.86 -21.01
N GLN D 310 -19.60 15.55 -22.14
CA GLN D 310 -20.60 15.87 -23.17
C GLN D 310 -21.07 14.59 -23.88
N THR D 311 -20.18 13.58 -23.97
CA THR D 311 -20.43 12.27 -24.59
C THR D 311 -21.27 11.40 -23.61
N VAL D 312 -20.99 11.53 -22.30
CA VAL D 312 -21.68 10.82 -21.21
C VAL D 312 -23.09 11.41 -21.05
N GLN D 313 -23.23 12.76 -21.16
CA GLN D 313 -24.51 13.49 -21.08
C GLN D 313 -25.54 12.97 -22.08
N ARG D 314 -25.08 12.61 -23.30
CA ARG D 314 -25.91 12.07 -24.38
C ARG D 314 -26.30 10.62 -24.08
N SER D 315 -25.41 9.85 -23.42
CA SER D 315 -25.60 8.45 -23.04
C SER D 315 -26.50 8.29 -21.81
N MET D 316 -26.38 9.21 -20.84
CA MET D 316 -27.18 9.24 -19.61
C MET D 316 -28.61 9.64 -19.93
N ALA D 317 -28.78 10.49 -20.97
CA ALA D 317 -30.07 10.98 -21.46
C ALA D 317 -30.96 9.85 -21.95
N ASN D 318 -30.37 8.77 -22.52
CA ASN D 318 -31.08 7.59 -23.03
C ASN D 318 -31.72 6.80 -21.88
N LEU D 319 -31.01 6.71 -20.72
CA LEU D 319 -31.48 6.01 -19.52
C LEU D 319 -32.52 6.84 -18.78
N SER D 320 -32.40 8.19 -18.84
CA SER D 320 -33.32 9.14 -18.22
C SER D 320 -34.71 9.07 -18.89
N VAL D 321 -34.76 8.70 -20.19
CA VAL D 321 -35.99 8.54 -20.98
C VAL D 321 -36.73 7.27 -20.51
N LEU D 322 -35.97 6.20 -20.23
CA LEU D 322 -36.51 4.90 -19.78
C LEU D 322 -36.84 4.89 -18.28
N PHE D 323 -36.65 6.01 -17.55
CA PHE D 323 -36.95 6.10 -16.10
C PHE D 323 -38.42 5.77 -15.80
N GLY D 324 -39.32 6.11 -16.72
CA GLY D 324 -40.74 5.81 -16.62
C GLY D 324 -41.00 4.32 -16.60
N GLN D 325 -40.19 3.57 -17.39
CA GLN D 325 -40.24 2.11 -17.45
C GLN D 325 -39.62 1.50 -16.20
N VAL D 326 -38.57 2.14 -15.66
CA VAL D 326 -37.87 1.71 -14.45
C VAL D 326 -38.85 1.70 -13.27
N VAL D 327 -39.67 2.76 -13.15
CA VAL D 327 -40.70 2.92 -12.12
C VAL D 327 -41.78 1.85 -12.31
N ARG D 328 -42.37 1.76 -13.52
CA ARG D 328 -43.42 0.82 -13.92
C ARG D 328 -43.01 -0.65 -13.69
N GLY D 329 -41.78 -0.98 -14.09
CA GLY D 329 -41.21 -2.32 -13.98
C GLY D 329 -40.93 -2.77 -12.56
N LEU D 330 -40.33 -1.88 -11.73
CA LEU D 330 -40.01 -2.17 -10.34
C LEU D 330 -41.29 -2.32 -9.50
N SER D 331 -42.30 -1.46 -9.77
CA SER D 331 -43.60 -1.49 -9.09
C SER D 331 -44.33 -2.80 -9.38
N ALA D 332 -44.28 -3.26 -10.64
CA ALA D 332 -44.90 -4.50 -11.12
C ALA D 332 -44.20 -5.73 -10.51
N GLY D 333 -42.87 -5.71 -10.50
CA GLY D 333 -42.04 -6.78 -9.93
C GLY D 333 -42.24 -6.92 -8.43
N ALA D 334 -42.51 -5.78 -7.74
CA ALA D 334 -42.79 -5.74 -6.31
C ALA D 334 -44.08 -6.50 -5.97
N ARG D 335 -45.12 -6.35 -6.82
CA ARG D 335 -46.43 -7.03 -6.67
C ARG D 335 -46.28 -8.53 -6.84
N VAL D 336 -45.30 -8.96 -7.67
CA VAL D 336 -44.98 -10.36 -7.92
C VAL D 336 -44.36 -10.93 -6.65
N PHE D 337 -43.35 -10.24 -6.08
CA PHE D 337 -42.67 -10.70 -4.86
C PHE D 337 -43.51 -10.48 -3.58
N GLU D 338 -44.62 -9.72 -3.69
CA GLU D 338 -45.53 -9.44 -2.57
C GLU D 338 -46.30 -10.71 -2.18
N TYR D 339 -47.01 -11.32 -3.14
CA TYR D 339 -47.83 -12.52 -2.93
C TYR D 339 -46.99 -13.81 -3.01
N MET D 340 -45.74 -13.73 -3.51
CA MET D 340 -44.81 -14.86 -3.65
C MET D 340 -44.17 -15.24 -2.31
N ALA D 341 -44.06 -14.27 -1.40
CA ALA D 341 -43.45 -14.44 -0.07
C ALA D 341 -44.49 -14.81 1.01
N LEU D 342 -45.80 -14.63 0.72
CA LEU D 342 -46.92 -14.92 1.64
C LEU D 342 -46.91 -16.37 2.13
N ASN D 343 -47.04 -16.55 3.47
CA ASN D 343 -47.09 -17.85 4.15
C ASN D 343 -48.50 -18.10 4.72
N PRO D 344 -49.17 -19.22 4.32
CA PRO D 344 -50.55 -19.45 4.80
C PRO D 344 -50.59 -19.94 6.25
N CYS D 345 -51.79 -19.92 6.85
CA CYS D 345 -52.03 -20.38 8.22
C CYS D 345 -51.94 -21.92 8.27
N ILE D 346 -52.69 -22.60 7.37
CA ILE D 346 -52.73 -24.06 7.28
C ILE D 346 -51.80 -24.50 6.12
N PRO D 347 -50.85 -25.43 6.36
CA PRO D 347 -49.97 -25.89 5.28
C PRO D 347 -50.67 -26.94 4.39
N LEU D 348 -49.93 -27.60 3.49
CA LEU D 348 -50.53 -28.62 2.63
C LEU D 348 -49.90 -30.00 2.85
N SER D 349 -48.62 -30.06 3.22
CA SER D 349 -47.92 -31.33 3.43
C SER D 349 -47.62 -31.61 4.92
N GLY D 350 -47.79 -30.60 5.78
CA GLY D 350 -47.51 -30.69 7.20
C GLY D 350 -48.46 -31.53 8.03
N GLY D 351 -47.97 -32.69 8.48
CA GLY D 351 -48.75 -33.58 9.33
C GLY D 351 -48.35 -35.04 9.39
N CYS D 352 -49.31 -35.89 9.81
CA CYS D 352 -49.19 -37.33 10.00
C CYS D 352 -50.24 -38.09 9.21
N CYS D 353 -49.84 -39.23 8.66
CA CYS D 353 -50.73 -40.12 7.91
C CYS D 353 -51.07 -41.32 8.78
N VAL D 354 -52.28 -41.86 8.60
CA VAL D 354 -52.78 -43.04 9.31
C VAL D 354 -52.95 -44.17 8.28
N PRO D 355 -52.37 -45.38 8.49
CA PRO D 355 -52.54 -46.46 7.49
C PRO D 355 -53.98 -46.97 7.40
N LYS D 356 -54.34 -47.57 6.25
CA LYS D 356 -55.66 -48.13 5.95
C LYS D 356 -56.06 -49.21 6.96
N GLU D 357 -55.07 -49.92 7.52
CA GLU D 357 -55.26 -50.98 8.52
C GLU D 357 -55.69 -50.40 9.87
N GLN D 358 -55.22 -49.17 10.19
CA GLN D 358 -55.52 -48.47 11.46
C GLN D 358 -56.73 -47.53 11.32
N LEU D 359 -56.92 -46.92 10.13
CA LEU D 359 -58.01 -45.99 9.85
C LEU D 359 -59.36 -46.72 9.82
N ARG D 360 -60.28 -46.29 10.70
CA ARG D 360 -61.62 -46.87 10.84
C ARG D 360 -62.70 -45.88 10.36
N GLY D 361 -62.49 -44.59 10.61
CA GLY D 361 -63.40 -43.53 10.18
C GLY D 361 -64.33 -43.00 11.25
N SER D 362 -63.80 -42.68 12.42
CA SER D 362 -64.60 -42.12 13.50
C SER D 362 -64.30 -40.62 13.64
N VAL D 363 -65.28 -39.77 13.26
CA VAL D 363 -65.14 -38.31 13.31
C VAL D 363 -65.74 -37.81 14.64
N THR D 364 -65.01 -36.96 15.37
CA THR D 364 -65.47 -36.44 16.65
C THR D 364 -65.21 -34.93 16.78
N PHE D 365 -66.27 -34.17 17.04
CA PHE D 365 -66.26 -32.73 17.28
C PHE D 365 -66.44 -32.53 18.77
N GLN D 366 -65.41 -32.00 19.46
CA GLN D 366 -65.49 -31.80 20.90
C GLN D 366 -65.48 -30.31 21.24
N ASN D 367 -66.64 -29.80 21.68
CA ASN D 367 -66.89 -28.41 22.07
C ASN D 367 -66.28 -27.42 21.04
N VAL D 368 -66.61 -27.66 19.75
CA VAL D 368 -66.10 -26.91 18.62
C VAL D 368 -66.84 -25.59 18.45
N CYS D 369 -66.08 -24.51 18.47
CA CYS D 369 -66.58 -23.17 18.21
C CYS D 369 -65.91 -22.69 16.95
N PHE D 370 -66.63 -21.92 16.12
CA PHE D 370 -66.05 -21.39 14.91
C PHE D 370 -66.66 -20.05 14.53
N SER D 371 -65.79 -19.10 14.24
CA SER D 371 -66.09 -17.76 13.78
C SER D 371 -65.17 -17.49 12.59
N TYR D 372 -65.73 -17.18 11.40
CA TYR D 372 -64.96 -16.95 10.17
C TYR D 372 -63.90 -15.83 10.33
N PRO D 373 -62.69 -15.91 9.69
CA PRO D 373 -61.67 -14.87 9.88
C PRO D 373 -62.09 -13.49 9.33
N YCM D 374 -63.05 -13.47 8.39
CA YCM D 374 -63.60 -12.25 7.78
CB YCM D 374 -64.46 -12.60 6.56
SG YCM D 374 -63.66 -13.68 5.35
CD YCM D 374 -64.30 -15.30 5.85
CE YCM D 374 -63.73 -16.43 5.02
OZ1 YCM D 374 -64.35 -16.88 4.04
NZ2 YCM D 374 -62.55 -16.89 5.41
C YCM D 374 -64.44 -11.48 8.79
O YCM D 374 -64.28 -10.27 8.93
N ARG D 375 -65.33 -12.19 9.51
CA ARG D 375 -66.19 -11.66 10.55
C ARG D 375 -65.75 -12.24 11.91
N PRO D 376 -64.69 -11.69 12.57
CA PRO D 376 -64.22 -12.29 13.84
C PRO D 376 -65.21 -12.16 15.00
N GLY D 377 -66.12 -11.19 14.90
CA GLY D 377 -67.16 -10.95 15.89
C GLY D 377 -68.36 -11.87 15.78
N PHE D 378 -68.87 -12.06 14.54
CA PHE D 378 -70.04 -12.89 14.24
C PHE D 378 -69.71 -14.39 14.35
N GLU D 379 -70.13 -15.01 15.47
CA GLU D 379 -69.91 -16.43 15.78
C GLU D 379 -70.88 -17.31 15.00
N VAL D 380 -70.33 -18.23 14.17
CA VAL D 380 -71.11 -19.16 13.34
C VAL D 380 -71.44 -20.43 14.16
N LEU D 381 -70.42 -21.10 14.73
CA LEU D 381 -70.60 -22.31 15.53
C LEU D 381 -70.36 -22.01 17.01
N LYS D 382 -71.31 -22.39 17.88
CA LYS D 382 -71.23 -22.13 19.32
C LYS D 382 -71.39 -23.42 20.13
N ASP D 383 -70.26 -23.99 20.62
CA ASP D 383 -70.14 -25.21 21.45
C ASP D 383 -70.78 -26.43 20.74
N PHE D 384 -70.20 -26.82 19.59
CA PHE D 384 -70.68 -27.94 18.77
C PHE D 384 -70.03 -29.23 19.24
N THR D 385 -70.86 -30.22 19.60
CA THR D 385 -70.40 -31.54 20.07
C THR D 385 -71.16 -32.64 19.33
N LEU D 386 -70.48 -33.30 18.37
CA LEU D 386 -71.06 -34.38 17.55
C LEU D 386 -70.00 -35.44 17.27
N THR D 387 -70.41 -36.72 17.34
CA THR D 387 -69.52 -37.85 17.06
C THR D 387 -70.19 -38.76 16.01
N LEU D 388 -69.46 -39.06 14.92
CA LEU D 388 -69.89 -39.88 13.79
C LEU D 388 -69.32 -41.31 13.92
N PRO D 389 -70.16 -42.34 14.13
CA PRO D 389 -69.64 -43.72 14.27
C PRO D 389 -69.08 -44.27 12.96
N PRO D 390 -67.99 -45.09 12.99
CA PRO D 390 -67.43 -45.61 11.73
C PRO D 390 -68.37 -46.55 10.99
N GLY D 391 -68.58 -46.25 9.70
CA GLY D 391 -69.46 -47.01 8.82
C GLY D 391 -70.92 -46.56 8.85
N LYS D 392 -71.33 -45.82 9.90
CA LYS D 392 -72.67 -45.31 10.11
C LYS D 392 -72.90 -43.98 9.41
N ILE D 393 -74.13 -43.78 8.89
CA ILE D 393 -74.55 -42.59 8.14
C ILE D 393 -75.28 -41.63 9.09
N VAL D 394 -74.61 -40.51 9.44
CA VAL D 394 -75.17 -39.49 10.34
C VAL D 394 -75.76 -38.34 9.50
N ALA D 395 -77.05 -38.02 9.75
CA ALA D 395 -77.77 -36.95 9.07
C ALA D 395 -77.64 -35.63 9.83
N LEU D 396 -77.54 -34.51 9.08
CA LEU D 396 -77.39 -33.17 9.65
C LEU D 396 -78.46 -32.25 9.07
N VAL D 397 -79.41 -31.82 9.94
CA VAL D 397 -80.54 -30.98 9.59
C VAL D 397 -80.47 -29.63 10.34
N GLY D 398 -80.98 -28.57 9.71
CA GLY D 398 -81.00 -27.23 10.29
C GLY D 398 -81.53 -26.16 9.36
N GLN D 399 -81.76 -24.95 9.91
CA GLN D 399 -82.23 -23.79 9.16
C GLN D 399 -81.09 -23.19 8.33
N SER D 400 -81.42 -22.51 7.21
CA SER D 400 -80.45 -21.88 6.31
C SER D 400 -79.67 -20.77 7.05
N GLY D 401 -78.36 -20.99 7.18
CA GLY D 401 -77.44 -20.08 7.85
C GLY D 401 -77.03 -20.52 9.25
N GLY D 402 -77.41 -21.74 9.60
CA GLY D 402 -77.13 -22.34 10.90
C GLY D 402 -75.71 -22.87 11.10
N GLY D 403 -74.93 -22.89 10.02
CA GLY D 403 -73.55 -23.35 10.03
C GLY D 403 -73.38 -24.78 9.53
N LYS D 404 -74.28 -25.25 8.64
CA LYS D 404 -74.29 -26.61 8.09
C LYS D 404 -73.08 -26.89 7.17
N THR D 405 -72.84 -26.02 6.17
CA THR D 405 -71.71 -26.14 5.25
C THR D 405 -70.42 -25.80 6.00
N THR D 406 -70.53 -24.98 7.07
CA THR D 406 -69.41 -24.55 7.91
C THR D 406 -68.78 -25.77 8.61
N VAL D 407 -69.61 -26.71 9.12
CA VAL D 407 -69.16 -27.93 9.80
C VAL D 407 -68.37 -28.79 8.80
N ALA D 408 -68.90 -28.95 7.57
CA ALA D 408 -68.32 -29.73 6.48
C ALA D 408 -66.93 -29.22 6.07
N SER D 409 -66.78 -27.88 5.95
CA SER D 409 -65.51 -27.24 5.58
C SER D 409 -64.44 -27.40 6.67
N LEU D 410 -64.86 -27.53 7.95
CA LEU D 410 -63.95 -27.73 9.09
C LEU D 410 -63.38 -29.16 9.08
N LEU D 411 -64.19 -30.14 8.61
CA LEU D 411 -63.79 -31.54 8.48
C LEU D 411 -62.80 -31.69 7.32
N GLU D 412 -62.99 -30.91 6.22
CA GLU D 412 -62.09 -30.90 5.06
C GLU D 412 -60.83 -30.07 5.38
N ARG D 413 -60.78 -29.51 6.62
CA ARG D 413 -59.73 -28.66 7.21
C ARG D 413 -59.42 -27.43 6.32
N PHE D 414 -60.49 -26.75 5.84
CA PHE D 414 -60.36 -25.52 5.06
C PHE D 414 -60.05 -24.37 6.02
N TYR D 415 -60.59 -24.51 7.24
CA TYR D 415 -60.42 -23.62 8.39
C TYR D 415 -60.24 -24.45 9.66
N ASP D 416 -59.63 -23.88 10.68
CA ASP D 416 -59.44 -24.55 11.97
C ASP D 416 -60.37 -23.91 13.02
N PRO D 417 -60.91 -24.69 14.01
CA PRO D 417 -61.84 -24.07 14.99
C PRO D 417 -61.18 -22.99 15.86
N THR D 418 -62.00 -22.01 16.29
CA THR D 418 -61.58 -20.92 17.17
C THR D 418 -61.43 -21.43 18.61
N ALA D 419 -62.13 -22.54 18.93
CA ALA D 419 -62.11 -23.24 20.21
C ALA D 419 -62.52 -24.69 20.00
N GLY D 420 -61.96 -25.61 20.77
CA GLY D 420 -62.25 -27.04 20.66
C GLY D 420 -61.47 -27.73 19.57
N VAL D 421 -61.67 -29.06 19.39
CA VAL D 421 -60.94 -29.83 18.38
C VAL D 421 -61.84 -30.76 17.57
N VAL D 422 -61.42 -31.05 16.33
CA VAL D 422 -62.06 -31.98 15.39
C VAL D 422 -61.08 -33.14 15.22
N MET D 423 -61.50 -34.36 15.59
CA MET D 423 -60.63 -35.55 15.57
C MET D 423 -61.13 -36.64 14.63
N LEU D 424 -60.17 -37.28 13.95
CA LEU D 424 -60.37 -38.43 13.07
C LEU D 424 -59.66 -39.62 13.72
N ASP D 425 -60.45 -40.57 14.26
CA ASP D 425 -60.02 -41.77 14.97
C ASP D 425 -59.04 -41.41 16.11
N GLY D 426 -59.50 -40.54 17.00
CA GLY D 426 -58.73 -40.08 18.16
C GLY D 426 -57.65 -39.06 17.86
N ARG D 427 -57.19 -38.98 16.60
CA ARG D 427 -56.15 -38.07 16.16
C ARG D 427 -56.75 -36.76 15.65
N ASP D 428 -56.26 -35.63 16.20
CA ASP D 428 -56.65 -34.26 15.82
C ASP D 428 -56.21 -33.94 14.38
N LEU D 429 -57.08 -33.24 13.61
CA LEU D 429 -56.83 -32.86 12.22
C LEU D 429 -55.62 -31.94 12.06
N ARG D 430 -55.25 -31.20 13.12
CA ARG D 430 -54.10 -30.28 13.13
C ARG D 430 -52.79 -31.05 12.94
N THR D 431 -52.67 -32.23 13.59
CA THR D 431 -51.49 -33.08 13.53
C THR D 431 -51.51 -33.93 12.25
N LEU D 432 -52.67 -33.99 11.57
CA LEU D 432 -52.83 -34.76 10.35
C LEU D 432 -52.45 -33.96 9.11
N ASP D 433 -51.86 -34.65 8.13
CA ASP D 433 -51.46 -34.14 6.83
C ASP D 433 -52.70 -33.74 6.04
N PRO D 434 -52.82 -32.46 5.62
CA PRO D 434 -54.03 -32.02 4.91
C PRO D 434 -54.26 -32.68 3.55
N SER D 435 -53.18 -32.86 2.76
CA SER D 435 -53.26 -33.49 1.42
C SER D 435 -53.71 -34.94 1.53
N TRP D 436 -53.32 -35.63 2.62
CA TRP D 436 -53.69 -37.01 2.93
C TRP D 436 -55.17 -37.10 3.26
N LEU D 437 -55.66 -36.17 4.11
CA LEU D 437 -57.05 -36.09 4.57
C LEU D 437 -58.05 -35.81 3.43
N ARG D 438 -57.73 -34.82 2.58
CA ARG D 438 -58.60 -34.41 1.47
C ARG D 438 -58.48 -35.34 0.25
N GLY D 439 -57.26 -35.80 -0.04
CA GLY D 439 -56.96 -36.63 -1.20
C GLY D 439 -57.09 -38.14 -1.08
N GLN D 440 -57.26 -38.68 0.15
CA GLN D 440 -57.37 -40.14 0.35
C GLN D 440 -58.43 -40.57 1.38
N VAL D 441 -58.79 -39.70 2.34
CA VAL D 441 -59.74 -40.05 3.40
C VAL D 441 -61.14 -39.52 3.16
N VAL D 442 -61.29 -38.20 2.93
CA VAL D 442 -62.62 -37.61 2.81
C VAL D 442 -63.00 -37.33 1.37
N GLY D 443 -64.20 -37.80 1.02
CA GLY D 443 -64.84 -37.59 -0.27
C GLY D 443 -65.96 -36.58 -0.13
N PHE D 444 -65.73 -35.35 -0.60
CA PHE D 444 -66.69 -34.25 -0.53
C PHE D 444 -67.54 -34.15 -1.79
N ILE D 445 -68.85 -33.87 -1.61
CA ILE D 445 -69.86 -33.71 -2.67
C ILE D 445 -70.67 -32.43 -2.35
N SER D 446 -70.47 -31.37 -3.17
CA SER D 446 -71.14 -30.07 -3.01
C SER D 446 -72.49 -30.05 -3.73
N GLN D 447 -73.35 -29.06 -3.39
CA GLN D 447 -74.68 -28.86 -3.97
C GLN D 447 -74.60 -28.44 -5.45
N GLU D 448 -73.47 -27.83 -5.85
CA GLU D 448 -73.17 -27.40 -7.21
C GLU D 448 -71.82 -28.02 -7.63
N PRO D 449 -71.81 -28.98 -8.58
CA PRO D 449 -70.54 -29.62 -8.97
C PRO D 449 -69.68 -28.73 -9.87
N VAL D 450 -68.35 -28.91 -9.81
CA VAL D 450 -67.40 -28.16 -10.62
C VAL D 450 -66.66 -29.10 -11.57
N LEU D 451 -66.85 -28.90 -12.88
CA LEU D 451 -66.22 -29.70 -13.93
C LEU D 451 -65.24 -28.84 -14.73
N PHE D 452 -64.00 -29.32 -14.86
CA PHE D 452 -62.92 -28.62 -15.56
C PHE D 452 -63.05 -28.76 -17.09
N GLY D 453 -62.29 -27.94 -17.81
CA GLY D 453 -62.28 -27.90 -19.27
C GLY D 453 -61.38 -28.93 -19.94
N THR D 454 -61.56 -30.22 -19.57
CA THR D 454 -60.84 -31.37 -20.13
C THR D 454 -61.86 -32.45 -20.51
N THR D 455 -61.39 -33.67 -20.84
CA THR D 455 -62.26 -34.79 -21.20
C THR D 455 -62.94 -35.36 -19.94
N ILE D 456 -64.07 -36.08 -20.13
CA ILE D 456 -64.87 -36.72 -19.08
C ILE D 456 -64.00 -37.73 -18.31
N MET D 457 -63.21 -38.58 -19.01
CA MET D 457 -62.35 -39.56 -18.36
C MET D 457 -61.30 -38.87 -17.49
N GLU D 458 -60.68 -37.77 -17.99
CA GLU D 458 -59.67 -37.03 -17.23
C GLU D 458 -60.30 -36.23 -16.09
N ASN D 459 -61.57 -35.82 -16.23
CA ASN D 459 -62.31 -35.05 -15.23
C ASN D 459 -62.63 -35.92 -14.02
N ILE D 460 -62.96 -37.22 -14.23
CA ILE D 460 -63.25 -38.17 -13.15
C ILE D 460 -61.91 -38.57 -12.50
N ARG D 461 -60.83 -38.74 -13.32
CA ARG D 461 -59.47 -39.10 -12.92
C ARG D 461 -58.82 -38.09 -11.94
N PHE D 462 -59.55 -37.01 -11.61
CA PHE D 462 -59.12 -35.96 -10.70
C PHE D 462 -59.10 -36.46 -9.23
N GLY D 463 -59.88 -37.51 -8.93
CA GLY D 463 -59.98 -38.10 -7.59
C GLY D 463 -58.71 -38.77 -7.11
N LYS D 464 -58.08 -39.58 -7.98
CA LYS D 464 -56.83 -40.28 -7.73
C LYS D 464 -55.88 -40.06 -8.91
N LEU D 465 -54.70 -39.47 -8.65
CA LEU D 465 -53.69 -39.12 -9.66
C LEU D 465 -53.11 -40.36 -10.37
N GLU D 466 -52.74 -41.41 -9.61
CA GLU D 466 -52.15 -42.64 -10.13
C GLU D 466 -53.24 -43.70 -10.42
N ALA D 467 -54.33 -43.30 -11.10
CA ALA D 467 -55.44 -44.21 -11.42
C ALA D 467 -55.39 -44.65 -12.88
N SER D 468 -55.64 -45.95 -13.12
CA SER D 468 -55.65 -46.55 -14.45
C SER D 468 -56.98 -46.28 -15.17
N ASP D 469 -57.02 -46.52 -16.50
CA ASP D 469 -58.20 -46.33 -17.34
C ASP D 469 -59.36 -47.23 -16.89
N GLU D 470 -59.04 -48.47 -16.46
CA GLU D 470 -60.00 -49.47 -15.98
C GLU D 470 -60.61 -49.08 -14.64
N GLU D 471 -59.87 -48.30 -13.80
CA GLU D 471 -60.33 -47.82 -12.49
C GLU D 471 -61.44 -46.78 -12.61
N VAL D 472 -61.37 -45.93 -13.65
CA VAL D 472 -62.31 -44.84 -13.92
C VAL D 472 -63.69 -45.42 -14.32
N TYR D 473 -63.73 -46.42 -15.23
CA TYR D 473 -64.95 -47.08 -15.71
C TYR D 473 -65.66 -47.86 -14.59
N THR D 474 -64.89 -48.46 -13.66
CA THR D 474 -65.40 -49.23 -12.52
C THR D 474 -66.06 -48.24 -11.53
N ALA D 475 -65.47 -47.05 -11.37
CA ALA D 475 -65.97 -45.99 -10.49
C ALA D 475 -67.22 -45.34 -11.09
N ALA D 476 -67.25 -45.17 -12.43
CA ALA D 476 -68.36 -44.57 -13.17
C ALA D 476 -69.60 -45.47 -13.14
N ARG D 477 -69.40 -46.80 -13.13
CA ARG D 477 -70.46 -47.80 -13.07
C ARG D 477 -71.14 -47.80 -11.69
N GLU D 478 -70.38 -47.44 -10.64
CA GLU D 478 -70.86 -47.37 -9.26
C GLU D 478 -71.71 -46.11 -9.00
N ALA D 479 -71.58 -45.08 -9.87
CA ALA D 479 -72.31 -43.82 -9.77
C ALA D 479 -73.34 -43.63 -10.91
N ASN D 480 -73.68 -44.74 -11.64
CA ASN D 480 -74.62 -44.80 -12.78
C ASN D 480 -74.28 -43.75 -13.86
N ALA D 481 -72.97 -43.51 -14.06
CA ALA D 481 -72.45 -42.54 -15.01
C ALA D 481 -72.08 -43.18 -16.34
N HIS D 482 -71.49 -44.40 -16.31
CA HIS D 482 -71.04 -45.18 -17.47
C HIS D 482 -72.17 -45.40 -18.51
N GLU D 483 -73.42 -45.50 -18.04
CA GLU D 483 -74.61 -45.71 -18.87
C GLU D 483 -74.86 -44.55 -19.84
N PHE D 484 -74.73 -43.29 -19.39
CA PHE D 484 -74.98 -42.13 -20.26
C PHE D 484 -73.69 -41.61 -20.93
N ILE D 485 -72.50 -41.91 -20.38
CA ILE D 485 -71.21 -41.47 -20.96
C ILE D 485 -70.96 -42.23 -22.29
N THR D 486 -71.19 -43.57 -22.29
CA THR D 486 -71.03 -44.45 -23.46
C THR D 486 -72.00 -44.04 -24.60
N SER D 487 -73.19 -43.50 -24.24
CA SER D 487 -74.24 -43.04 -25.15
C SER D 487 -73.79 -41.88 -26.05
N PHE D 488 -72.79 -41.08 -25.59
CA PHE D 488 -72.25 -39.95 -26.35
C PHE D 488 -71.43 -40.41 -27.57
N PRO D 489 -71.30 -39.58 -28.66
CA PRO D 489 -70.56 -40.04 -29.84
C PRO D 489 -69.09 -40.39 -29.55
N GLU D 490 -68.33 -39.47 -28.93
CA GLU D 490 -66.93 -39.70 -28.57
C GLU D 490 -66.84 -40.51 -27.27
N GLY D 491 -67.77 -40.25 -26.35
CA GLY D 491 -67.85 -40.95 -25.07
C GLY D 491 -67.04 -40.31 -23.97
N TYR D 492 -66.00 -41.02 -23.50
CA TYR D 492 -65.10 -40.57 -22.44
C TYR D 492 -64.08 -39.55 -22.96
N ASN D 493 -63.90 -39.49 -24.28
CA ASN D 493 -62.97 -38.55 -24.93
C ASN D 493 -63.67 -37.21 -25.24
N THR D 494 -64.94 -37.05 -24.78
CA THR D 494 -65.72 -35.83 -24.98
C THR D 494 -65.34 -34.76 -23.95
N VAL D 495 -64.97 -33.56 -24.44
CA VAL D 495 -64.60 -32.43 -23.59
C VAL D 495 -65.85 -31.85 -22.96
N VAL D 496 -65.74 -31.31 -21.73
CA VAL D 496 -66.86 -30.73 -21.00
C VAL D 496 -66.45 -29.35 -20.44
N GLY D 497 -67.42 -28.44 -20.34
CA GLY D 497 -67.24 -27.08 -19.86
C GLY D 497 -67.75 -26.04 -20.84
N GLU D 498 -67.02 -24.91 -20.95
CA GLU D 498 -67.36 -23.79 -21.83
C GLU D 498 -67.23 -24.19 -23.31
N ARG D 499 -66.08 -24.77 -23.70
CA ARG D 499 -65.81 -25.23 -25.06
C ARG D 499 -66.51 -26.57 -25.37
N GLY D 500 -66.66 -27.41 -24.35
CA GLY D 500 -67.28 -28.72 -24.46
C GLY D 500 -68.80 -28.71 -24.42
N THR D 501 -69.40 -29.92 -24.44
CA THR D 501 -70.84 -30.15 -24.41
C THR D 501 -71.41 -29.80 -23.02
N THR D 502 -72.49 -28.99 -22.99
CA THR D 502 -73.17 -28.58 -21.76
C THR D 502 -74.02 -29.75 -21.25
N LEU D 503 -73.86 -30.11 -19.97
CA LEU D 503 -74.58 -31.24 -19.35
C LEU D 503 -75.61 -30.79 -18.31
N SER D 504 -76.69 -31.58 -18.16
CA SER D 504 -77.78 -31.36 -17.21
C SER D 504 -77.28 -31.52 -15.77
N GLY D 505 -77.97 -30.88 -14.83
CA GLY D 505 -77.67 -30.91 -13.40
C GLY D 505 -77.46 -32.29 -12.81
N GLY D 506 -78.37 -33.22 -13.16
CA GLY D 506 -78.32 -34.62 -12.73
C GLY D 506 -77.15 -35.39 -13.31
N GLN D 507 -76.76 -35.06 -14.55
CA GLN D 507 -75.64 -35.69 -15.26
C GLN D 507 -74.30 -35.25 -14.65
N LYS D 508 -74.17 -33.93 -14.32
CA LYS D 508 -72.99 -33.31 -13.75
C LYS D 508 -72.67 -33.87 -12.35
N GLN D 509 -73.71 -34.01 -11.49
CA GLN D 509 -73.59 -34.52 -10.12
C GLN D 509 -73.20 -36.00 -10.09
N ARG D 510 -73.69 -36.81 -11.07
CA ARG D 510 -73.38 -38.23 -11.21
C ARG D 510 -71.87 -38.45 -11.45
N LEU D 511 -71.24 -37.51 -12.21
CA LEU D 511 -69.81 -37.52 -12.52
C LEU D 511 -68.97 -37.19 -11.28
N ALA D 512 -69.46 -36.25 -10.44
CA ALA D 512 -68.80 -35.80 -9.21
C ALA D 512 -68.71 -36.93 -8.18
N ILE D 513 -69.74 -37.81 -8.12
CA ILE D 513 -69.82 -38.96 -7.22
C ILE D 513 -68.72 -39.97 -7.60
N ALA D 514 -68.60 -40.28 -8.92
CA ALA D 514 -67.62 -41.19 -9.48
C ALA D 514 -66.19 -40.69 -9.26
N ARG D 515 -66.02 -39.35 -9.27
CA ARG D 515 -64.74 -38.66 -9.04
C ARG D 515 -64.24 -38.90 -7.60
N ALA D 516 -65.15 -38.72 -6.61
CA ALA D 516 -64.84 -38.89 -5.20
C ALA D 516 -64.70 -40.38 -4.78
N LEU D 517 -65.20 -41.32 -5.59
CA LEU D 517 -65.15 -42.74 -5.27
C LEU D 517 -63.83 -43.44 -5.67
N ILE D 518 -63.03 -42.86 -6.59
CA ILE D 518 -61.76 -43.46 -7.03
C ILE D 518 -60.75 -43.50 -5.88
N LYS D 519 -60.64 -42.40 -5.09
CA LYS D 519 -59.68 -42.30 -3.99
C LYS D 519 -60.04 -43.23 -2.81
N GLN D 520 -61.14 -44.03 -2.95
CA GLN D 520 -61.68 -44.99 -1.98
C GLN D 520 -61.76 -44.30 -0.61
N PRO D 521 -62.77 -43.40 -0.42
CA PRO D 521 -62.85 -42.65 0.84
C PRO D 521 -63.36 -43.46 2.02
N THR D 522 -62.90 -43.09 3.21
CA THR D 522 -63.28 -43.70 4.49
C THR D 522 -64.44 -42.87 5.07
N VAL D 523 -64.40 -41.54 4.86
CA VAL D 523 -65.40 -40.56 5.29
C VAL D 523 -65.97 -39.92 4.02
N LEU D 524 -67.28 -39.61 4.03
CA LEU D 524 -67.99 -39.03 2.90
C LEU D 524 -68.90 -37.89 3.34
N ILE D 525 -68.75 -36.72 2.71
CA ILE D 525 -69.58 -35.55 3.00
C ILE D 525 -70.53 -35.32 1.83
N LEU D 526 -71.85 -35.24 2.10
CA LEU D 526 -72.86 -34.98 1.09
C LEU D 526 -73.66 -33.73 1.47
N ASP D 527 -73.21 -32.55 0.98
CA ASP D 527 -73.84 -31.27 1.28
C ASP D 527 -74.82 -30.88 0.16
N GLU D 528 -76.13 -31.18 0.40
CA GLU D 528 -77.30 -30.90 -0.47
C GLU D 528 -77.03 -31.33 -1.93
N ALA D 529 -76.49 -32.55 -2.11
CA ALA D 529 -76.14 -33.13 -3.41
C ALA D 529 -77.27 -33.07 -4.47
N THR D 530 -78.55 -33.16 -4.03
CA THR D 530 -79.71 -33.12 -4.91
C THR D 530 -80.54 -31.82 -4.68
N SER D 531 -79.86 -30.66 -4.62
CA SER D 531 -80.49 -29.36 -4.37
C SER D 531 -81.33 -28.87 -5.57
N ALA D 532 -80.67 -28.38 -6.64
CA ALA D 532 -81.34 -27.81 -7.81
C ALA D 532 -81.58 -28.87 -8.92
N LEU D 533 -81.93 -30.11 -8.53
CA LEU D 533 -82.18 -31.19 -9.48
C LEU D 533 -83.68 -31.39 -9.70
N ASP D 534 -84.05 -31.69 -10.96
CA ASP D 534 -85.42 -31.98 -11.40
C ASP D 534 -85.89 -33.28 -10.76
N ALA D 535 -87.20 -33.39 -10.46
CA ALA D 535 -87.85 -34.55 -9.81
C ALA D 535 -87.32 -35.91 -10.30
N GLU D 536 -87.16 -36.09 -11.63
CA GLU D 536 -86.66 -37.33 -12.24
C GLU D 536 -85.16 -37.53 -11.96
N SER D 537 -84.32 -36.50 -12.25
CA SER D 537 -82.87 -36.53 -12.04
C SER D 537 -82.50 -36.73 -10.56
N GLU D 538 -83.30 -36.15 -9.64
CA GLU D 538 -83.15 -36.21 -8.19
C GLU D 538 -83.23 -37.66 -7.68
N ARG D 539 -84.17 -38.45 -8.24
CA ARG D 539 -84.39 -39.85 -7.87
C ARG D 539 -83.23 -40.76 -8.33
N VAL D 540 -82.62 -40.43 -9.50
CA VAL D 540 -81.51 -41.19 -10.10
C VAL D 540 -80.22 -41.00 -9.28
N VAL D 541 -79.83 -39.74 -9.04
CA VAL D 541 -78.62 -39.32 -8.32
C VAL D 541 -78.63 -39.86 -6.87
N GLN D 542 -79.78 -39.72 -6.15
CA GLN D 542 -79.95 -40.18 -4.77
C GLN D 542 -79.76 -41.71 -4.65
N GLU D 543 -80.27 -42.47 -5.64
CA GLU D 543 -80.17 -43.94 -5.70
C GLU D 543 -78.71 -44.40 -5.77
N ALA D 544 -77.88 -43.67 -6.55
CA ALA D 544 -76.45 -43.97 -6.72
C ALA D 544 -75.63 -43.50 -5.50
N LEU D 545 -76.11 -42.44 -4.81
CA LEU D 545 -75.47 -41.88 -3.61
C LEU D 545 -75.56 -42.85 -2.44
N ASP D 546 -76.71 -43.55 -2.31
CA ASP D 546 -76.96 -44.52 -1.25
C ASP D 546 -76.07 -45.77 -1.41
N ARG D 547 -75.82 -46.18 -2.67
CA ARG D 547 -74.95 -47.32 -3.02
C ARG D 547 -73.49 -47.03 -2.64
N ALA D 548 -73.05 -45.78 -2.87
CA ALA D 548 -71.70 -45.30 -2.53
C ALA D 548 -71.54 -45.09 -1.01
N SER D 549 -72.67 -44.82 -0.31
CA SER D 549 -72.72 -44.60 1.14
C SER D 549 -72.52 -45.89 1.96
N ALA D 550 -72.66 -47.07 1.31
CA ALA D 550 -72.52 -48.38 1.95
C ALA D 550 -71.09 -48.66 2.39
N GLY D 551 -70.94 -49.01 3.68
CA GLY D 551 -69.66 -49.34 4.30
C GLY D 551 -68.71 -48.17 4.47
N ARG D 552 -69.25 -46.96 4.67
CA ARG D 552 -68.48 -45.72 4.85
C ARG D 552 -69.14 -44.81 5.88
N THR D 553 -68.34 -43.91 6.51
CA THR D 553 -68.85 -42.92 7.45
C THR D 553 -69.40 -41.78 6.60
N VAL D 554 -70.72 -41.54 6.64
CA VAL D 554 -71.31 -40.53 5.76
C VAL D 554 -72.02 -39.43 6.56
N LEU D 555 -71.66 -38.16 6.29
CA LEU D 555 -72.27 -36.97 6.87
C LEU D 555 -73.21 -36.35 5.83
N VAL D 556 -74.52 -36.67 5.94
CA VAL D 556 -75.54 -36.25 4.99
C VAL D 556 -76.24 -34.96 5.44
N ILE D 557 -75.92 -33.87 4.75
CA ILE D 557 -76.52 -32.57 4.99
C ILE D 557 -77.56 -32.38 3.88
N ALA D 558 -78.80 -32.84 4.12
CA ALA D 558 -79.88 -32.79 3.13
C ALA D 558 -81.00 -31.83 3.52
N HIS D 559 -81.67 -31.27 2.49
CA HIS D 559 -82.81 -30.36 2.57
C HIS D 559 -84.12 -31.17 2.61
N ARG D 560 -84.21 -32.24 1.80
CA ARG D 560 -85.35 -33.15 1.77
C ARG D 560 -85.22 -34.14 2.93
N LEU D 561 -86.05 -33.97 3.98
CA LEU D 561 -86.04 -34.78 5.19
C LEU D 561 -86.44 -36.25 4.94
N SER D 562 -87.03 -36.54 3.76
CA SER D 562 -87.46 -37.88 3.36
C SER D 562 -86.29 -38.86 3.19
N THR D 563 -85.10 -38.37 2.76
CA THR D 563 -83.92 -39.21 2.56
C THR D 563 -83.15 -39.45 3.88
N VAL D 564 -83.24 -38.52 4.84
CA VAL D 564 -82.55 -38.63 6.13
C VAL D 564 -83.36 -39.45 7.17
N ARG D 565 -84.55 -39.94 6.78
CA ARG D 565 -85.44 -40.73 7.65
C ARG D 565 -84.80 -42.07 8.04
N GLY D 566 -84.03 -42.68 7.13
CA GLY D 566 -83.33 -43.94 7.34
C GLY D 566 -81.84 -43.80 7.57
N ALA D 567 -81.44 -42.99 8.56
CA ALA D 567 -80.04 -42.75 8.93
C ALA D 567 -79.74 -43.35 10.31
N HIS D 568 -78.45 -43.36 10.74
CA HIS D 568 -78.02 -43.88 12.04
C HIS D 568 -78.66 -43.04 13.16
N CYS D 569 -78.64 -41.70 13.00
CA CYS D 569 -79.24 -40.68 13.87
C CYS D 569 -79.23 -39.33 13.16
N ILE D 570 -80.21 -38.48 13.49
CA ILE D 570 -80.38 -37.15 12.91
C ILE D 570 -79.95 -36.10 13.96
N VAL D 571 -79.24 -35.06 13.51
CA VAL D 571 -78.77 -33.95 14.33
C VAL D 571 -79.48 -32.65 13.89
N VAL D 572 -80.12 -31.94 14.83
CA VAL D 572 -80.85 -30.68 14.54
C VAL D 572 -80.04 -29.51 15.13
N MET D 573 -79.69 -28.54 14.27
CA MET D 573 -78.90 -27.37 14.66
C MET D 573 -79.74 -26.11 14.83
N ALA D 574 -79.42 -25.33 15.87
CA ALA D 574 -80.08 -24.07 16.19
C ALA D 574 -79.05 -23.06 16.70
N ASP D 575 -78.82 -21.99 15.90
CA ASP D 575 -77.89 -20.87 16.16
C ASP D 575 -76.43 -21.37 16.38
N GLY D 576 -76.04 -22.39 15.62
CA GLY D 576 -74.70 -22.97 15.67
C GLY D 576 -74.44 -23.96 16.78
N ARG D 577 -75.50 -24.51 17.40
CA ARG D 577 -75.39 -25.50 18.48
C ARG D 577 -76.32 -26.69 18.22
N VAL D 578 -75.95 -27.89 18.73
CA VAL D 578 -76.75 -29.12 18.60
C VAL D 578 -77.95 -29.01 19.56
N TRP D 579 -79.14 -28.73 19.00
CA TRP D 579 -80.38 -28.53 19.74
C TRP D 579 -81.05 -29.86 20.11
N GLU D 580 -81.17 -30.78 19.13
CA GLU D 580 -81.78 -32.09 19.30
C GLU D 580 -80.99 -33.16 18.56
N ALA D 581 -80.87 -34.35 19.15
CA ALA D 581 -80.13 -35.47 18.57
C ALA D 581 -80.78 -36.81 18.90
N GLY D 582 -80.69 -37.75 17.97
CA GLY D 582 -81.26 -39.09 18.10
C GLY D 582 -81.80 -39.63 16.79
N THR D 583 -82.34 -40.86 16.82
CA THR D 583 -82.91 -41.54 15.64
C THR D 583 -84.21 -40.85 15.18
N HIS D 584 -84.78 -41.32 14.04
CA HIS D 584 -86.01 -40.79 13.45
C HIS D 584 -87.19 -40.89 14.43
N GLU D 585 -87.39 -42.07 15.05
CA GLU D 585 -88.48 -42.34 15.99
C GLU D 585 -88.30 -41.59 17.31
N GLU D 586 -87.04 -41.49 17.79
CA GLU D 586 -86.68 -40.82 19.05
C GLU D 586 -87.04 -39.33 19.04
N LEU D 587 -86.73 -38.62 17.93
CA LEU D 587 -86.98 -37.19 17.77
C LEU D 587 -88.48 -36.88 17.61
N LEU D 588 -89.26 -37.84 17.07
CA LEU D 588 -90.70 -37.71 16.89
C LEU D 588 -91.41 -37.84 18.24
N LYS D 589 -90.95 -38.80 19.08
CA LYS D 589 -91.45 -39.07 20.42
C LYS D 589 -91.08 -37.94 21.39
N LYS D 590 -89.93 -37.26 21.13
CA LYS D 590 -89.44 -36.13 21.92
C LYS D 590 -90.33 -34.89 21.71
N GLY D 591 -90.87 -34.74 20.50
CA GLY D 591 -91.75 -33.65 20.12
C GLY D 591 -91.14 -32.27 20.18
N GLY D 592 -89.99 -32.10 19.54
CA GLY D 592 -89.25 -30.85 19.52
C GLY D 592 -89.21 -30.16 18.17
N LEU D 593 -88.01 -29.67 17.80
CA LEU D 593 -87.71 -28.96 16.56
C LEU D 593 -87.91 -29.86 15.34
N TYR D 594 -87.51 -31.16 15.44
CA TYR D 594 -87.67 -32.15 14.37
C TYR D 594 -89.15 -32.45 14.12
N ALA D 595 -89.96 -32.48 15.19
CA ALA D 595 -91.41 -32.74 15.13
C ALA D 595 -92.14 -31.60 14.40
N GLU D 596 -91.72 -30.34 14.61
CA GLU D 596 -92.29 -29.16 13.96
C GLU D 596 -91.87 -29.10 12.49
N LEU D 597 -90.66 -29.60 12.18
CA LEU D 597 -90.11 -29.65 10.82
C LEU D 597 -90.80 -30.71 9.97
N ILE D 598 -91.09 -31.88 10.58
CA ILE D 598 -91.75 -33.00 9.90
C ILE D 598 -93.27 -32.70 9.73
N ARG D 599 -93.82 -31.77 10.57
CA ARG D 599 -95.23 -31.34 10.53
C ARG D 599 -95.46 -30.41 9.32
N ARG D 600 -94.52 -29.48 9.07
CA ARG D 600 -94.57 -28.53 7.95
C ARG D 600 -94.35 -29.28 6.63
N GLN D 601 -93.52 -30.35 6.66
CA GLN D 601 -93.20 -31.22 5.53
C GLN D 601 -94.42 -32.05 5.13
N ALA D 602 -95.25 -32.44 6.13
CA ALA D 602 -96.48 -33.23 5.95
C ALA D 602 -97.57 -32.40 5.25
N LEU D 603 -97.63 -31.08 5.55
CA LEU D 603 -98.59 -30.15 4.98
C LEU D 603 -98.25 -29.84 3.51
N ASP D 604 -96.94 -29.76 3.19
CA ASP D 604 -96.43 -29.49 1.84
C ASP D 604 -96.65 -30.71 0.94
N PHE E 23 14.95 6.34 34.07
CA PHE E 23 16.22 6.06 34.72
C PHE E 23 16.06 5.09 35.89
N ASN E 24 15.04 5.31 36.75
CA ASN E 24 14.72 4.48 37.92
C ASN E 24 14.17 3.12 37.48
N TRP E 25 13.24 3.13 36.49
CA TRP E 25 12.57 1.92 36.00
C TRP E 25 13.10 1.47 34.62
N LYS E 26 13.70 2.39 33.84
CA LYS E 26 14.27 2.12 32.52
C LYS E 26 15.48 1.18 32.62
N LEU E 27 16.35 1.38 33.62
CA LEU E 27 17.53 0.56 33.87
C LEU E 27 17.19 -0.69 34.69
N PHE E 28 16.15 -0.61 35.55
CA PHE E 28 15.67 -1.71 36.40
C PHE E 28 15.18 -2.89 35.57
N TRP E 29 14.51 -2.61 34.43
CA TRP E 29 13.97 -3.64 33.53
C TRP E 29 15.09 -4.40 32.80
N GLN E 30 16.26 -3.76 32.58
CA GLN E 30 17.43 -4.35 31.91
C GLN E 30 18.02 -5.52 32.71
N PHE E 31 18.00 -5.43 34.06
CA PHE E 31 18.53 -6.46 34.96
C PHE E 31 17.50 -7.55 35.26
N LEU E 32 16.19 -7.20 35.19
CA LEU E 32 15.06 -8.09 35.47
C LEU E 32 14.74 -9.01 34.27
N HIS E 33 14.88 -8.49 33.03
CA HIS E 33 14.60 -9.17 31.76
C HIS E 33 15.26 -10.57 31.60
N PRO E 34 16.58 -10.82 31.88
CA PRO E 34 17.10 -12.19 31.68
C PRO E 34 16.62 -13.20 32.73
N HIS E 35 16.30 -12.72 33.95
CA HIS E 35 15.84 -13.54 35.07
C HIS E 35 14.31 -13.73 35.08
N LEU E 36 13.59 -13.05 34.14
CA LEU E 36 12.13 -13.07 34.00
C LEU E 36 11.57 -14.46 33.66
N LEU E 37 12.36 -15.30 32.93
CA LEU E 37 11.94 -16.66 32.55
C LEU E 37 11.88 -17.58 33.78
N VAL E 38 12.88 -17.46 34.68
CA VAL E 38 13.02 -18.21 35.93
C VAL E 38 11.94 -17.72 36.91
N LEU E 39 11.67 -16.41 36.89
CA LEU E 39 10.68 -15.70 37.70
C LEU E 39 9.25 -16.24 37.43
N GLY E 40 8.96 -16.53 36.17
CA GLY E 40 7.67 -17.06 35.74
C GLY E 40 7.38 -18.46 36.26
N VAL E 41 8.44 -19.30 36.40
CA VAL E 41 8.38 -20.67 36.91
C VAL E 41 7.91 -20.63 38.38
N ALA E 42 8.47 -19.68 39.17
CA ALA E 42 8.16 -19.47 40.58
C ALA E 42 6.68 -19.05 40.77
N VAL E 43 6.12 -18.28 39.81
CA VAL E 43 4.73 -17.82 39.81
C VAL E 43 3.80 -19.05 39.68
N VAL E 44 4.14 -19.98 38.78
CA VAL E 44 3.42 -21.24 38.53
C VAL E 44 3.46 -22.11 39.80
N LEU E 45 4.65 -22.23 40.43
CA LEU E 45 4.86 -23.01 41.65
C LEU E 45 4.07 -22.44 42.83
N ALA E 46 3.97 -21.10 42.92
CA ALA E 46 3.22 -20.38 43.96
C ALA E 46 1.72 -20.55 43.79
N LEU E 47 1.23 -20.53 42.52
CA LEU E 47 -0.19 -20.73 42.20
C LEU E 47 -0.61 -22.16 42.50
N GLY E 48 0.29 -23.10 42.22
CA GLY E 48 0.08 -24.52 42.48
C GLY E 48 0.09 -24.86 43.96
N ALA E 49 0.97 -24.18 44.74
CA ALA E 49 1.11 -24.36 46.18
C ALA E 49 -0.17 -23.97 46.94
N ALA E 50 -0.82 -22.86 46.54
CA ALA E 50 -2.07 -22.39 47.17
C ALA E 50 -3.28 -23.13 46.59
N LEU E 51 -3.12 -23.80 45.43
CA LEU E 51 -4.16 -24.62 44.79
C LEU E 51 -4.38 -25.90 45.61
N VAL E 52 -3.27 -26.42 46.19
CA VAL E 52 -3.22 -27.60 47.07
C VAL E 52 -3.84 -27.20 48.43
N ASN E 53 -3.62 -25.94 48.86
CA ASN E 53 -4.13 -25.37 50.11
C ASN E 53 -5.66 -25.21 50.10
N VAL E 54 -6.29 -25.14 48.91
CA VAL E 54 -7.75 -25.03 48.74
C VAL E 54 -8.40 -26.39 49.09
N GLN E 55 -7.78 -27.49 48.62
CA GLN E 55 -8.24 -28.86 48.82
C GLN E 55 -7.88 -29.41 50.23
N ILE E 56 -6.96 -28.72 50.96
CA ILE E 56 -6.51 -29.12 52.29
C ILE E 56 -7.68 -29.10 53.32
N PRO E 57 -8.46 -28.00 53.57
CA PRO E 57 -9.56 -28.09 54.54
C PRO E 57 -10.79 -28.79 53.96
N LEU E 58 -10.86 -28.92 52.62
CA LEU E 58 -11.92 -29.59 51.87
C LEU E 58 -11.89 -31.09 52.18
N LEU E 59 -10.69 -31.72 52.08
CA LEU E 59 -10.48 -33.14 52.36
C LEU E 59 -10.40 -33.38 53.88
N LEU E 60 -10.02 -32.34 54.65
CA LEU E 60 -9.93 -32.40 56.12
C LEU E 60 -11.33 -32.47 56.72
N GLY E 61 -12.27 -31.75 56.08
CA GLY E 61 -13.67 -31.70 56.46
C GLY E 61 -14.38 -33.02 56.20
N GLN E 62 -13.89 -33.77 55.19
CA GLN E 62 -14.41 -35.08 54.81
C GLN E 62 -13.98 -36.13 55.85
N LEU E 63 -12.78 -35.97 56.44
CA LEU E 63 -12.23 -36.88 57.44
C LEU E 63 -12.95 -36.72 58.78
N VAL E 64 -13.34 -35.48 59.17
CA VAL E 64 -14.06 -35.21 60.42
C VAL E 64 -15.50 -35.79 60.34
N GLU E 65 -16.04 -35.96 59.11
CA GLU E 65 -17.35 -36.57 58.87
C GLU E 65 -17.27 -38.06 59.17
N VAL E 66 -16.12 -38.69 58.83
CA VAL E 66 -15.82 -40.11 59.08
C VAL E 66 -15.54 -40.29 60.58
N VAL E 67 -14.83 -39.32 61.21
CA VAL E 67 -14.50 -39.29 62.63
C VAL E 67 -15.79 -39.16 63.48
N ALA E 68 -16.79 -38.40 62.98
CA ALA E 68 -18.09 -38.19 63.63
C ALA E 68 -18.92 -39.49 63.69
N LYS E 69 -18.81 -40.33 62.64
CA LYS E 69 -19.49 -41.61 62.52
C LYS E 69 -18.82 -42.66 63.40
N MET E 79 -11.49 -48.10 59.92
CA MET E 79 -10.05 -47.98 60.12
C MET E 79 -9.31 -47.91 58.79
N THR E 80 -9.72 -48.74 57.81
CA THR E 80 -9.14 -48.82 56.47
C THR E 80 -9.55 -47.61 55.63
N GLU E 81 -10.78 -47.07 55.86
CA GLU E 81 -11.32 -45.89 55.17
C GLU E 81 -10.56 -44.63 55.59
N SER E 82 -10.20 -44.54 56.88
CA SER E 82 -9.45 -43.44 57.47
C SER E 82 -7.99 -43.47 57.05
N GLN E 83 -7.39 -44.68 56.99
CA GLN E 83 -5.99 -44.95 56.62
C GLN E 83 -5.72 -44.55 55.15
N ASN E 84 -6.70 -44.76 54.26
CA ASN E 84 -6.60 -44.43 52.84
C ASN E 84 -6.65 -42.91 52.60
N LEU E 85 -7.41 -42.19 53.45
CA LEU E 85 -7.58 -40.73 53.35
C LEU E 85 -6.47 -39.96 54.10
N SER E 86 -5.94 -40.55 55.20
CA SER E 86 -4.84 -39.96 56.00
C SER E 86 -3.53 -40.00 55.23
N THR E 87 -3.26 -41.10 54.51
CA THR E 87 -2.06 -41.28 53.68
C THR E 87 -2.12 -40.32 52.48
N HIS E 88 -3.35 -40.12 51.94
CA HIS E 88 -3.61 -39.22 50.80
C HIS E 88 -3.34 -37.76 51.18
N LEU E 89 -3.77 -37.35 52.41
CA LEU E 89 -3.57 -36.00 52.93
C LEU E 89 -2.10 -35.70 53.22
N LEU E 90 -1.32 -36.71 53.67
CA LEU E 90 0.11 -36.61 53.97
C LEU E 90 0.92 -36.38 52.69
N ILE E 91 0.43 -36.90 51.55
CA ILE E 91 1.05 -36.75 50.23
C ILE E 91 0.91 -35.29 49.79
N LEU E 92 -0.28 -34.68 50.02
CA LEU E 92 -0.58 -33.30 49.67
C LEU E 92 0.26 -32.28 50.45
N TYR E 93 0.59 -32.58 51.73
CA TYR E 93 1.40 -31.69 52.57
C TYR E 93 2.84 -31.60 52.05
N GLY E 94 3.39 -32.75 51.66
CA GLY E 94 4.74 -32.87 51.11
C GLY E 94 4.87 -32.19 49.77
N VAL E 95 3.78 -32.26 48.95
CA VAL E 95 3.72 -31.64 47.62
C VAL E 95 3.70 -30.10 47.82
N GLN E 96 2.87 -29.63 48.78
CA GLN E 96 2.73 -28.21 49.12
C GLN E 96 4.05 -27.66 49.70
N GLY E 97 4.73 -28.46 50.53
CA GLY E 97 6.01 -28.11 51.14
C GLY E 97 7.16 -28.04 50.15
N LEU E 98 7.09 -28.85 49.09
CA LEU E 98 8.06 -28.91 47.99
C LEU E 98 7.82 -27.74 47.05
N LEU E 99 6.54 -27.41 46.80
CA LEU E 99 6.09 -26.31 45.94
C LEU E 99 6.48 -24.96 46.54
N THR E 100 6.39 -24.82 47.87
CA THR E 100 6.73 -23.61 48.61
C THR E 100 8.24 -23.42 48.61
N PHE E 101 9.01 -24.49 48.91
CA PHE E 101 10.48 -24.48 48.96
C PHE E 101 11.09 -24.03 47.63
N GLY E 102 10.66 -24.65 46.53
CA GLY E 102 11.12 -24.35 45.18
C GLY E 102 10.84 -22.93 44.73
N TYR E 103 9.62 -22.45 45.00
CA TYR E 103 9.14 -21.11 44.67
C TYR E 103 9.94 -20.06 45.47
N LEU E 104 10.38 -20.39 46.70
CA LEU E 104 11.18 -19.52 47.56
C LEU E 104 12.66 -19.55 47.15
N VAL E 105 13.17 -20.74 46.72
CA VAL E 105 14.55 -20.93 46.27
C VAL E 105 14.77 -20.19 44.94
N LEU E 106 13.81 -20.30 43.99
CA LEU E 106 13.88 -19.62 42.69
C LEU E 106 13.90 -18.10 42.87
N LEU E 107 13.13 -17.60 43.84
CA LEU E 107 13.03 -16.19 44.17
C LEU E 107 14.35 -15.69 44.76
N SER E 108 14.99 -16.50 45.60
CA SER E 108 16.28 -16.19 46.22
C SER E 108 17.40 -16.19 45.18
N HIS E 109 17.32 -17.14 44.21
CA HIS E 109 18.29 -17.28 43.13
C HIS E 109 18.22 -16.08 42.18
N VAL E 110 17.00 -15.67 41.76
CA VAL E 110 16.76 -14.53 40.86
C VAL E 110 17.26 -13.24 41.52
N GLY E 111 16.92 -13.06 42.80
CA GLY E 111 17.33 -11.92 43.61
C GLY E 111 18.83 -11.76 43.77
N GLU E 112 19.55 -12.88 44.01
CA GLU E 112 21.00 -12.87 44.21
C GLU E 112 21.76 -12.65 42.89
N ARG E 113 21.30 -13.29 41.79
CA ARG E 113 21.92 -13.18 40.46
C ARG E 113 21.77 -11.77 39.89
N MET E 114 20.62 -11.12 40.19
CA MET E 114 20.31 -9.76 39.76
C MET E 114 21.21 -8.75 40.51
N ALA E 115 21.53 -9.05 41.79
CA ALA E 115 22.39 -8.22 42.64
C ALA E 115 23.83 -8.19 42.13
N VAL E 116 24.36 -9.35 41.68
CA VAL E 116 25.72 -9.49 41.16
C VAL E 116 25.86 -8.68 39.86
N ASP E 117 24.84 -8.74 38.98
CA ASP E 117 24.81 -8.00 37.71
C ASP E 117 24.82 -6.49 37.96
N MET E 118 24.15 -6.04 39.05
CA MET E 118 24.07 -4.63 39.43
C MET E 118 25.40 -4.14 40.02
N ARG E 119 26.03 -4.95 40.90
CA ARG E 119 27.30 -4.64 41.55
C ARG E 119 28.45 -4.59 40.55
N ARG E 120 28.41 -5.50 39.54
CA ARG E 120 29.38 -5.61 38.45
C ARG E 120 29.32 -4.35 37.57
N ALA E 121 28.09 -3.92 37.21
CA ALA E 121 27.83 -2.76 36.37
C ALA E 121 28.11 -1.44 37.10
N LEU E 122 27.89 -1.37 38.43
CA LEU E 122 28.14 -0.15 39.20
C LEU E 122 29.64 0.05 39.43
N PHE E 123 30.37 -1.01 39.83
CA PHE E 123 31.81 -0.97 40.09
C PHE E 123 32.60 -0.59 38.83
N SER E 124 32.15 -1.08 37.66
CA SER E 124 32.74 -0.80 36.36
C SER E 124 32.54 0.68 36.00
N SER E 125 31.34 1.22 36.26
CA SER E 125 30.97 2.62 36.01
C SER E 125 31.67 3.56 36.99
N LEU E 126 31.90 3.10 38.24
CA LEU E 126 32.57 3.87 39.30
C LEU E 126 34.05 4.08 38.99
N LEU E 127 34.74 3.02 38.52
CA LEU E 127 36.16 3.05 38.17
C LEU E 127 36.42 3.93 36.94
N ARG E 128 35.46 3.99 35.99
CA ARG E 128 35.54 4.78 34.76
C ARG E 128 35.45 6.30 35.02
N GLN E 129 34.78 6.71 36.13
CA GLN E 129 34.56 8.11 36.54
C GLN E 129 35.87 8.87 36.75
N ASP E 130 35.86 10.19 36.46
CA ASP E 130 36.99 11.12 36.60
C ASP E 130 37.42 11.33 38.07
N ILE E 131 38.69 11.76 38.29
CA ILE E 131 39.32 12.01 39.60
C ILE E 131 38.56 13.10 40.39
N THR E 132 37.96 14.07 39.68
CA THR E 132 37.16 15.16 40.24
C THR E 132 36.04 14.60 41.16
N PHE E 133 35.39 13.51 40.72
CA PHE E 133 34.32 12.82 41.41
C PHE E 133 34.82 12.15 42.69
N PHE E 134 36.01 11.50 42.64
CA PHE E 134 36.62 10.80 43.78
C PHE E 134 37.08 11.77 44.88
N ASP E 135 37.28 13.05 44.54
CA ASP E 135 37.67 14.10 45.48
C ASP E 135 36.42 14.67 46.15
N ALA E 136 35.29 14.67 45.41
CA ALA E 136 33.99 15.16 45.87
C ALA E 136 33.24 14.11 46.70
N ASN E 137 33.44 12.81 46.39
CA ASN E 137 32.77 11.71 47.09
C ASN E 137 33.77 10.84 47.88
N LYS E 138 33.44 10.53 49.15
CA LYS E 138 34.26 9.72 50.05
C LYS E 138 34.30 8.26 49.61
N THR E 139 35.45 7.58 49.84
CA THR E 139 35.68 6.18 49.49
C THR E 139 34.77 5.26 50.29
N GLY E 140 34.52 5.61 51.55
CA GLY E 140 33.65 4.89 52.47
C GLY E 140 32.20 4.89 52.04
N GLN E 141 31.72 6.04 51.50
CA GLN E 141 30.35 6.20 51.02
C GLN E 141 30.15 5.38 49.73
N LEU E 142 31.12 5.44 48.79
CA LEU E 142 31.09 4.72 47.52
C LEU E 142 31.08 3.19 47.72
N VAL E 143 31.73 2.68 48.79
CA VAL E 143 31.79 1.26 49.13
C VAL E 143 30.41 0.82 49.68
N SER E 144 29.78 1.66 50.50
CA SER E 144 28.45 1.36 51.08
C SER E 144 27.36 1.34 50.01
N ARG E 145 27.46 2.22 48.99
CA ARG E 145 26.49 2.30 47.88
C ARG E 145 26.54 1.03 47.01
N LEU E 146 27.73 0.44 46.89
CA LEU E 146 28.01 -0.74 46.10
C LEU E 146 27.62 -2.05 46.83
N THR E 147 27.74 -2.11 48.18
CA THR E 147 27.49 -3.34 48.94
C THR E 147 26.17 -3.30 49.75
N THR E 148 25.96 -2.26 50.59
CA THR E 148 24.79 -2.15 51.46
C THR E 148 23.51 -1.81 50.68
N ASP E 149 23.52 -0.73 49.88
CA ASP E 149 22.35 -0.26 49.12
C ASP E 149 21.83 -1.27 48.08
N VAL E 150 22.69 -2.16 47.56
CA VAL E 150 22.29 -3.22 46.63
C VAL E 150 21.53 -4.30 47.42
N GLN E 151 22.13 -4.77 48.54
CA GLN E 151 21.56 -5.79 49.43
C GLN E 151 20.27 -5.30 50.10
N GLU E 152 20.18 -3.97 50.35
CA GLU E 152 19.00 -3.31 50.93
C GLU E 152 17.83 -3.41 49.96
N PHE E 153 18.12 -3.30 48.66
CA PHE E 153 17.15 -3.39 47.57
C PHE E 153 16.80 -4.85 47.28
N LYS E 154 17.83 -5.72 47.13
CA LYS E 154 17.72 -7.15 46.83
C LYS E 154 16.79 -7.87 47.83
N SER E 155 17.07 -7.76 49.15
CA SER E 155 16.29 -8.41 50.21
C SER E 155 14.89 -7.81 50.31
N SER E 156 14.73 -6.52 49.96
CA SER E 156 13.44 -5.83 49.94
C SER E 156 12.59 -6.34 48.78
N PHE E 157 13.24 -6.56 47.60
CA PHE E 157 12.63 -7.10 46.38
C PHE E 157 12.15 -8.52 46.64
N LYS E 158 12.95 -9.30 47.40
CA LYS E 158 12.63 -10.68 47.78
C LYS E 158 11.35 -10.70 48.62
N LEU E 159 11.32 -9.89 49.70
CA LEU E 159 10.19 -9.80 50.65
C LEU E 159 8.87 -9.38 50.01
N VAL E 160 8.90 -8.41 49.09
CA VAL E 160 7.70 -7.91 48.43
C VAL E 160 7.10 -9.02 47.55
N ILE E 161 7.94 -9.78 46.82
CA ILE E 161 7.43 -10.86 45.97
C ILE E 161 7.08 -12.09 46.85
N SER E 162 7.85 -12.38 47.92
CA SER E 162 7.60 -13.52 48.82
C SER E 162 6.22 -13.40 49.46
N GLN E 163 5.91 -12.24 50.08
CA GLN E 163 4.63 -11.98 50.72
C GLN E 163 3.57 -11.70 49.67
N GLY E 164 3.92 -10.86 48.70
CA GLY E 164 3.04 -10.44 47.61
C GLY E 164 2.45 -11.56 46.79
N LEU E 165 3.30 -12.51 46.34
CA LEU E 165 2.84 -13.65 45.54
C LEU E 165 1.97 -14.57 46.39
N ARG E 166 2.42 -14.88 47.63
CA ARG E 166 1.70 -15.73 48.59
C ARG E 166 0.31 -15.17 48.94
N SER E 167 0.25 -13.87 49.28
CA SER E 167 -0.95 -13.12 49.64
C SER E 167 -1.92 -12.98 48.45
N CYS E 168 -1.39 -12.69 47.24
CA CYS E 168 -2.19 -12.51 46.02
C CYS E 168 -2.83 -13.83 45.55
N THR E 169 -2.17 -14.99 45.82
CA THR E 169 -2.74 -16.29 45.44
C THR E 169 -3.88 -16.68 46.40
N GLN E 170 -3.86 -16.14 47.65
CA GLN E 170 -4.93 -16.36 48.63
C GLN E 170 -6.21 -15.61 48.20
N VAL E 171 -6.04 -14.50 47.44
CA VAL E 171 -7.11 -13.67 46.89
C VAL E 171 -7.63 -14.26 45.58
N ALA E 172 -6.72 -14.59 44.64
CA ALA E 172 -7.03 -15.17 43.32
C ALA E 172 -7.81 -16.49 43.44
N GLY E 173 -7.44 -17.32 44.42
CA GLY E 173 -8.08 -18.59 44.70
C GLY E 173 -9.50 -18.45 45.21
N CYS E 174 -9.75 -17.40 46.01
CA CYS E 174 -11.06 -17.10 46.57
C CYS E 174 -11.96 -16.42 45.53
N LEU E 175 -11.35 -15.57 44.66
CA LEU E 175 -12.04 -14.80 43.62
C LEU E 175 -12.65 -15.69 42.52
N VAL E 176 -11.89 -16.67 42.00
CA VAL E 176 -12.34 -17.57 40.93
C VAL E 176 -13.41 -18.55 41.47
N SER E 177 -13.28 -18.97 42.75
CA SER E 177 -14.16 -19.90 43.43
C SER E 177 -15.53 -19.32 43.82
N LEU E 178 -15.59 -18.03 44.23
CA LEU E 178 -16.85 -17.38 44.64
C LEU E 178 -17.49 -16.55 43.50
N SER E 179 -16.67 -15.77 42.76
CA SER E 179 -17.10 -14.88 41.68
C SER E 179 -16.89 -15.44 40.26
N MET E 180 -17.69 -14.91 39.31
CA MET E 180 -17.64 -15.21 37.88
C MET E 180 -16.79 -14.16 37.14
N LEU E 181 -16.83 -14.12 35.78
CA LEU E 181 -16.09 -13.17 34.92
C LEU E 181 -16.47 -11.69 35.19
N SER E 182 -17.75 -11.44 35.57
CA SER E 182 -18.27 -10.10 35.83
C SER E 182 -18.01 -9.64 37.27
N THR E 183 -18.16 -10.55 38.25
CA THR E 183 -17.95 -10.25 39.67
C THR E 183 -16.47 -10.17 40.07
N ARG E 184 -15.58 -11.00 39.47
CA ARG E 184 -14.14 -11.01 39.79
C ARG E 184 -13.42 -9.75 39.27
N LEU E 185 -13.96 -9.12 38.20
CA LEU E 185 -13.42 -7.89 37.62
C LEU E 185 -13.64 -6.69 38.56
N THR E 186 -14.74 -6.74 39.36
CA THR E 186 -15.12 -5.72 40.35
C THR E 186 -14.14 -5.71 41.52
N LEU E 187 -13.67 -6.92 41.93
CA LEU E 187 -12.72 -7.10 43.02
C LEU E 187 -11.31 -6.60 42.64
N LEU E 188 -10.95 -6.70 41.34
CA LEU E 188 -9.66 -6.28 40.78
C LEU E 188 -9.48 -4.76 40.84
N LEU E 189 -10.57 -3.98 40.70
CA LEU E 189 -10.55 -2.53 40.77
C LEU E 189 -10.20 -2.06 42.19
N MET E 190 -10.62 -2.83 43.21
CA MET E 190 -10.37 -2.55 44.64
C MET E 190 -8.91 -2.82 45.03
N VAL E 191 -8.22 -3.74 44.33
CA VAL E 191 -6.82 -4.10 44.59
C VAL E 191 -5.89 -3.04 43.93
N ALA E 192 -6.25 -2.54 42.73
CA ALA E 192 -5.48 -1.53 41.99
C ALA E 192 -5.61 -0.12 42.58
N THR E 193 -6.66 0.15 43.40
CA THR E 193 -6.91 1.45 44.04
C THR E 193 -5.77 1.82 45.04
N PRO E 194 -5.43 1.01 46.09
CA PRO E 194 -4.31 1.41 46.98
C PRO E 194 -2.94 1.35 46.29
N ALA E 195 -2.83 0.60 45.17
CA ALA E 195 -1.60 0.49 44.37
C ALA E 195 -1.37 1.80 43.60
N LEU E 196 -2.48 2.43 43.14
CA LEU E 196 -2.49 3.72 42.42
C LEU E 196 -2.11 4.86 43.38
N MET E 197 -2.48 4.73 44.67
CA MET E 197 -2.16 5.67 45.75
C MET E 197 -0.74 5.41 46.26
N GLY E 198 -0.34 4.14 46.26
CA GLY E 198 0.96 3.64 46.72
C GLY E 198 2.15 4.21 45.98
N VAL E 199 2.18 4.02 44.65
CA VAL E 199 3.25 4.48 43.76
C VAL E 199 3.26 6.03 43.72
N GLY E 200 2.07 6.63 43.60
CA GLY E 200 1.85 8.07 43.54
C GLY E 200 2.45 8.88 44.68
N THR E 201 2.38 8.35 45.91
CA THR E 201 2.93 8.98 47.12
C THR E 201 4.45 8.80 47.20
N LEU E 202 4.95 7.63 46.73
CA LEU E 202 6.38 7.27 46.70
C LEU E 202 7.17 8.15 45.73
N MET E 203 6.49 8.72 44.71
CA MET E 203 7.06 9.60 43.70
C MET E 203 6.96 11.07 44.12
N GLY E 204 6.01 11.37 45.01
CA GLY E 204 5.71 12.70 45.53
C GLY E 204 6.83 13.40 46.28
N SER E 205 6.58 14.68 46.64
CA SER E 205 7.53 15.54 47.37
C SER E 205 7.55 15.23 48.88
N GLY E 206 6.67 14.35 49.34
CA GLY E 206 6.56 13.96 50.73
C GLY E 206 7.59 12.94 51.17
N LEU E 207 7.27 11.65 50.98
CA LEU E 207 8.10 10.51 51.37
C LEU E 207 9.49 10.52 50.74
N ARG E 208 9.61 10.93 49.46
CA ARG E 208 10.86 10.98 48.70
C ARG E 208 11.86 11.99 49.28
N LYS E 209 11.37 13.16 49.74
CA LYS E 209 12.23 14.20 50.32
C LYS E 209 12.67 13.82 51.74
N LEU E 210 11.81 13.10 52.48
CA LEU E 210 12.08 12.66 53.85
C LEU E 210 13.21 11.63 53.90
N SER E 211 13.21 10.66 52.95
CA SER E 211 14.23 9.61 52.85
C SER E 211 15.56 10.19 52.36
N ARG E 212 15.52 11.18 51.45
CA ARG E 212 16.71 11.85 50.91
C ARG E 212 17.42 12.64 52.02
N GLN E 213 16.63 13.28 52.91
CA GLN E 213 17.13 14.05 54.06
C GLN E 213 17.69 13.11 55.14
N CYS E 214 17.10 11.90 55.26
CA CYS E 214 17.51 10.85 56.19
C CYS E 214 18.85 10.23 55.76
N GLN E 215 19.03 9.99 54.44
CA GLN E 215 20.25 9.41 53.86
C GLN E 215 21.41 10.41 53.93
N GLU E 216 21.10 11.72 53.91
CA GLU E 216 22.07 12.82 54.00
C GLU E 216 22.72 12.86 55.39
N GLN E 217 21.91 12.70 56.46
CA GLN E 217 22.35 12.68 57.86
C GLN E 217 23.02 11.34 58.21
N ILE E 218 22.65 10.24 57.50
CA ILE E 218 23.22 8.91 57.70
C ILE E 218 24.68 8.91 57.26
N ALA E 219 24.98 9.56 56.12
CA ALA E 219 26.33 9.69 55.55
C ALA E 219 27.17 10.69 56.36
N ARG E 220 26.52 11.74 56.91
CA ARG E 220 27.17 12.78 57.72
C ARG E 220 27.73 12.21 59.03
N ALA E 221 26.92 11.41 59.74
CA ALA E 221 27.30 10.76 61.00
C ALA E 221 28.32 9.64 60.74
N MET E 222 28.26 9.03 59.53
CA MET E 222 29.18 7.98 59.09
C MET E 222 30.60 8.52 58.90
N GLY E 223 30.70 9.76 58.44
CA GLY E 223 31.96 10.46 58.23
C GLY E 223 32.65 10.87 59.50
N VAL E 224 31.87 11.09 60.58
CA VAL E 224 32.37 11.48 61.91
C VAL E 224 33.04 10.25 62.54
N ALA E 225 32.41 9.06 62.42
CA ALA E 225 32.93 7.79 62.93
C ALA E 225 34.22 7.39 62.22
N ASP E 226 34.24 7.53 60.87
CA ASP E 226 35.38 7.22 59.99
C ASP E 226 36.60 8.09 60.30
N GLU E 227 36.36 9.38 60.62
CA GLU E 227 37.42 10.32 60.95
C GLU E 227 37.96 10.05 62.36
N ALA E 228 37.07 9.69 63.30
CA ALA E 228 37.44 9.41 64.69
C ALA E 228 38.20 8.09 64.81
N LEU E 229 37.59 6.97 64.38
CA LEU E 229 38.15 5.61 64.46
C LEU E 229 39.35 5.42 63.52
N GLY E 230 39.33 6.11 62.37
CA GLY E 230 40.40 6.05 61.39
C GLY E 230 41.67 6.71 61.86
N ASN E 231 41.52 7.79 62.65
CA ASN E 231 42.63 8.56 63.22
C ASN E 231 42.60 8.46 64.75
N VAL E 232 42.23 7.27 65.28
CA VAL E 232 42.11 6.94 66.70
C VAL E 232 43.43 7.22 67.46
N ARG E 233 44.57 6.92 66.81
CA ARG E 233 45.92 7.10 67.35
C ARG E 233 46.18 8.58 67.70
N THR E 234 45.72 9.51 66.84
CA THR E 234 45.85 10.96 67.03
C THR E 234 44.89 11.43 68.13
N VAL E 235 43.68 10.83 68.22
CA VAL E 235 42.65 11.12 69.21
C VAL E 235 43.18 10.77 70.61
N ARG E 236 43.87 9.61 70.72
CA ARG E 236 44.46 9.13 71.96
C ARG E 236 45.66 9.97 72.38
N ALA E 237 46.50 10.36 71.39
CA ALA E 237 47.70 11.17 71.57
C ALA E 237 47.43 12.48 72.32
N PHE E 238 46.26 13.11 72.07
CA PHE E 238 45.87 14.37 72.71
C PHE E 238 44.73 14.16 73.73
N ALA E 239 44.40 12.87 74.01
CA ALA E 239 43.39 12.37 74.96
C ALA E 239 42.04 13.12 74.85
N MET E 240 41.56 13.35 73.62
CA MET E 240 40.29 14.02 73.36
C MET E 240 39.28 13.00 72.84
N GLU E 241 38.99 11.96 73.66
CA GLU E 241 38.04 10.89 73.35
C GLU E 241 36.61 11.33 73.62
N GLN E 242 36.38 12.01 74.78
CA GLN E 242 35.07 12.53 75.20
C GLN E 242 34.56 13.61 74.23
N ARG E 243 35.49 14.35 73.58
CA ARG E 243 35.17 15.37 72.59
C ARG E 243 34.66 14.72 71.31
N GLU E 244 35.29 13.58 70.91
CA GLU E 244 34.90 12.80 69.73
C GLU E 244 33.59 12.06 69.95
N GLU E 245 33.33 11.61 71.19
CA GLU E 245 32.11 10.93 71.59
C GLU E 245 30.93 11.90 71.56
N GLU E 246 31.20 13.17 71.92
CA GLU E 246 30.23 14.27 71.94
C GLU E 246 29.89 14.69 70.51
N ARG E 247 30.93 14.82 69.65
CA ARG E 247 30.85 15.20 68.23
C ARG E 247 30.04 14.15 67.46
N TYR E 248 30.21 12.86 67.81
CA TYR E 248 29.47 11.75 67.20
C TYR E 248 28.07 11.68 67.80
N GLY E 249 27.97 11.85 69.13
CA GLY E 249 26.73 11.83 69.89
C GLY E 249 25.70 12.85 69.42
N ALA E 250 26.18 14.04 69.00
CA ALA E 250 25.36 15.13 68.48
C ALA E 250 24.80 14.74 67.11
N GLU E 251 25.65 14.14 66.25
CA GLU E 251 25.29 13.66 64.91
C GLU E 251 24.40 12.42 65.01
N LEU E 252 24.47 11.71 66.16
CA LEU E 252 23.72 10.50 66.47
C LEU E 252 22.28 10.80 66.85
N GLU E 253 22.05 11.92 67.58
CA GLU E 253 20.68 12.30 67.97
C GLU E 253 19.97 12.92 66.78
N ALA E 254 20.77 13.52 65.87
CA ALA E 254 20.35 14.10 64.60
C ALA E 254 20.04 12.98 63.60
N CYS E 255 20.70 11.82 63.78
CA CYS E 255 20.50 10.60 62.97
C CYS E 255 19.09 10.03 63.27
N ARG E 256 18.64 10.13 64.53
CA ARG E 256 17.35 9.67 65.04
C ARG E 256 16.21 10.60 64.62
N YCM E 257 16.37 11.91 64.82
CA YCM E 257 15.33 12.89 64.50
CB YCM E 257 15.75 14.34 64.79
SG YCM E 257 14.40 15.54 64.78
CD YCM E 257 14.26 15.98 66.53
CE YCM E 257 15.52 16.59 67.12
OZ1 YCM E 257 16.25 15.94 67.88
NZ2 YCM E 257 15.79 17.83 66.73
C YCM E 257 14.82 12.78 63.05
O YCM E 257 13.61 12.61 62.86
N ARG E 258 15.74 12.80 62.07
CA ARG E 258 15.43 12.71 60.63
C ARG E 258 14.77 11.38 60.26
N ALA E 259 15.17 10.30 60.95
CA ALA E 259 14.62 8.97 60.74
C ALA E 259 13.23 8.84 61.35
N GLU E 260 13.02 9.48 62.52
CA GLU E 260 11.75 9.50 63.24
C GLU E 260 10.70 10.29 62.42
N GLU E 261 11.17 11.32 61.69
CA GLU E 261 10.37 12.18 60.80
C GLU E 261 9.87 11.36 59.59
N LEU E 262 10.72 10.45 59.07
CA LEU E 262 10.39 9.55 57.97
C LEU E 262 9.48 8.42 58.52
N GLY E 263 9.77 7.98 59.74
CA GLY E 263 9.03 6.95 60.46
C GLY E 263 7.58 7.34 60.71
N ARG E 264 7.37 8.61 61.09
CA ARG E 264 6.05 9.19 61.33
C ARG E 264 5.29 9.34 59.99
N GLY E 265 6.05 9.59 58.92
CA GLY E 265 5.54 9.75 57.56
C GLY E 265 5.06 8.45 56.95
N ILE E 266 5.86 7.37 57.10
CA ILE E 266 5.55 6.03 56.60
C ILE E 266 4.33 5.47 57.34
N ALA E 267 4.21 5.77 58.65
CA ALA E 267 3.10 5.35 59.50
C ALA E 267 1.80 6.07 59.13
N LEU E 268 1.91 7.32 58.61
CA LEU E 268 0.78 8.12 58.17
C LEU E 268 0.14 7.50 56.94
N PHE E 269 0.97 7.02 55.98
CA PHE E 269 0.52 6.35 54.77
C PHE E 269 -0.22 5.06 55.13
N GLN E 270 0.39 4.22 55.99
CA GLN E 270 -0.14 2.92 56.46
C GLN E 270 -1.53 3.06 57.11
N GLY E 271 -1.70 4.10 57.93
CA GLY E 271 -2.94 4.42 58.61
C GLY E 271 -4.03 4.90 57.68
N LEU E 272 -3.69 5.84 56.78
CA LEU E 272 -4.59 6.40 55.78
C LEU E 272 -5.00 5.37 54.75
N SER E 273 -4.09 4.42 54.43
CA SER E 273 -4.37 3.34 53.50
C SER E 273 -5.42 2.37 54.07
N ASN E 274 -5.42 2.18 55.42
CA ASN E 274 -6.39 1.33 56.12
C ASN E 274 -7.79 1.96 56.04
N ILE E 275 -7.88 3.30 56.18
CA ILE E 275 -9.13 4.06 56.09
C ILE E 275 -9.63 4.04 54.64
N ALA E 276 -8.71 4.26 53.67
CA ALA E 276 -8.99 4.28 52.24
C ALA E 276 -9.67 2.99 51.79
N PHE E 277 -9.13 1.83 52.22
CA PHE E 277 -9.66 0.51 51.86
C PHE E 277 -11.06 0.26 52.45
N ASN E 278 -11.25 0.62 53.72
CA ASN E 278 -12.52 0.45 54.42
C ASN E 278 -13.62 1.28 53.75
N CYS E 279 -13.26 2.50 53.31
CA CYS E 279 -14.16 3.44 52.62
C CYS E 279 -14.48 2.92 51.22
N MET E 280 -13.55 2.16 50.62
CA MET E 280 -13.72 1.53 49.31
C MET E 280 -14.80 0.47 49.39
N VAL E 281 -14.88 -0.27 50.52
CA VAL E 281 -15.89 -1.31 50.76
C VAL E 281 -17.28 -0.66 50.82
N LEU E 282 -17.40 0.46 51.57
CA LEU E 282 -18.64 1.22 51.72
C LEU E 282 -19.05 1.88 50.39
N GLY E 283 -18.04 2.30 49.62
CA GLY E 283 -18.21 2.94 48.32
C GLY E 283 -18.77 2.02 47.26
N THR E 284 -18.20 0.80 47.14
CA THR E 284 -18.63 -0.20 46.15
C THR E 284 -19.99 -0.80 46.53
N LEU E 285 -20.35 -0.78 47.84
CA LEU E 285 -21.63 -1.29 48.34
C LEU E 285 -22.79 -0.39 47.86
N PHE E 286 -22.56 0.93 47.80
CA PHE E 286 -23.56 1.90 47.34
C PHE E 286 -23.54 2.06 45.82
N ILE E 287 -22.35 1.89 45.18
CA ILE E 287 -22.19 1.98 43.72
C ILE E 287 -22.78 0.72 43.09
N GLY E 288 -22.44 -0.45 43.63
CA GLY E 288 -22.93 -1.75 43.17
C GLY E 288 -24.38 -2.00 43.54
N GLY E 289 -24.81 -1.44 44.67
CA GLY E 289 -26.19 -1.54 45.16
C GLY E 289 -27.19 -0.84 44.25
N SER E 290 -26.75 0.29 43.63
CA SER E 290 -27.55 1.08 42.68
C SER E 290 -27.70 0.32 41.35
N LEU E 291 -26.69 -0.51 40.99
CA LEU E 291 -26.66 -1.34 39.79
C LEU E 291 -27.42 -2.67 39.99
N VAL E 292 -27.54 -3.12 41.26
CA VAL E 292 -28.25 -4.35 41.66
C VAL E 292 -29.76 -4.23 41.38
N ALA E 293 -30.36 -3.06 41.69
CA ALA E 293 -31.78 -2.78 41.46
C ALA E 293 -32.10 -2.60 39.97
N GLY E 294 -31.10 -2.14 39.19
CA GLY E 294 -31.22 -1.88 37.76
C GLY E 294 -30.83 -3.03 36.85
N GLN E 295 -30.96 -4.29 37.33
CA GLN E 295 -30.69 -5.56 36.63
C GLN E 295 -29.26 -5.67 36.01
N GLN E 296 -28.37 -4.71 36.30
CA GLN E 296 -26.98 -4.69 35.80
C GLN E 296 -26.11 -5.73 36.49
N LEU E 297 -26.34 -5.95 37.80
CA LEU E 297 -25.63 -6.93 38.63
C LEU E 297 -26.63 -7.68 39.51
N THR E 298 -26.46 -9.01 39.69
CA THR E 298 -27.37 -9.80 40.54
C THR E 298 -27.08 -9.53 42.04
N GLY E 299 -28.09 -9.78 42.88
CA GLY E 299 -28.01 -9.61 44.32
C GLY E 299 -27.03 -10.56 44.99
N GLY E 300 -26.85 -11.71 44.37
CA GLY E 300 -25.92 -12.74 44.83
C GLY E 300 -24.47 -12.34 44.65
N ASP E 301 -24.19 -11.50 43.63
CA ASP E 301 -22.85 -10.99 43.31
C ASP E 301 -22.40 -9.97 44.35
N LEU E 302 -23.28 -9.00 44.69
CA LEU E 302 -23.03 -7.93 45.67
C LEU E 302 -22.80 -8.54 47.06
N MET E 303 -23.58 -9.59 47.41
CA MET E 303 -23.50 -10.32 48.66
C MET E 303 -22.18 -11.10 48.76
N SER E 304 -21.73 -11.67 47.63
CA SER E 304 -20.50 -12.45 47.53
C SER E 304 -19.26 -11.55 47.58
N PHE E 305 -19.34 -10.36 46.94
CA PHE E 305 -18.26 -9.39 46.84
C PHE E 305 -17.86 -8.85 48.21
N LEU E 306 -18.84 -8.64 49.12
CA LEU E 306 -18.60 -8.15 50.48
C LEU E 306 -17.79 -9.18 51.29
N VAL E 307 -17.99 -10.48 50.97
CA VAL E 307 -17.30 -11.64 51.54
C VAL E 307 -15.90 -11.76 50.90
N ALA E 308 -15.77 -11.29 49.64
CA ALA E 308 -14.52 -11.31 48.90
C ALA E 308 -13.59 -10.15 49.30
N SER E 309 -14.16 -8.94 49.56
CA SER E 309 -13.42 -7.73 49.94
C SER E 309 -12.80 -7.83 51.33
N GLN E 310 -13.49 -8.52 52.26
CA GLN E 310 -13.04 -8.77 53.62
C GLN E 310 -11.80 -9.70 53.63
N THR E 311 -11.72 -10.60 52.62
CA THR E 311 -10.62 -11.55 52.43
C THR E 311 -9.40 -10.81 51.85
N VAL E 312 -9.65 -9.82 50.96
CA VAL E 312 -8.62 -8.99 50.33
C VAL E 312 -8.05 -8.02 51.38
N GLN E 313 -8.91 -7.45 52.25
CA GLN E 313 -8.54 -6.53 53.33
C GLN E 313 -7.48 -7.13 54.25
N ARG E 314 -7.62 -8.44 54.54
CA ARG E 314 -6.69 -9.20 55.39
C ARG E 314 -5.39 -9.49 54.64
N SER E 315 -5.49 -9.70 53.32
CA SER E 315 -4.37 -10.01 52.43
C SER E 315 -3.50 -8.76 52.14
N MET E 316 -4.14 -7.61 51.84
CA MET E 316 -3.50 -6.32 51.54
C MET E 316 -2.79 -5.77 52.77
N ALA E 317 -3.31 -6.08 53.97
CA ALA E 317 -2.78 -5.67 55.27
C ALA E 317 -1.33 -6.14 55.47
N ASN E 318 -0.97 -7.32 54.91
CA ASN E 318 0.37 -7.91 54.98
C ASN E 318 1.40 -7.03 54.25
N LEU E 319 1.01 -6.50 53.07
CA LEU E 319 1.83 -5.62 52.24
C LEU E 319 1.96 -4.23 52.88
N SER E 320 0.93 -3.79 53.65
CA SER E 320 0.90 -2.50 54.36
C SER E 320 1.97 -2.46 55.46
N VAL E 321 2.31 -3.63 56.05
CA VAL E 321 3.34 -3.80 57.09
C VAL E 321 4.75 -3.65 56.45
N LEU E 322 4.90 -4.16 55.22
CA LEU E 322 6.15 -4.13 54.45
C LEU E 322 6.40 -2.80 53.73
N PHE E 323 5.47 -1.82 53.82
CA PHE E 323 5.60 -0.52 53.15
C PHE E 323 6.88 0.20 53.57
N GLY E 324 7.30 0.02 54.82
CA GLY E 324 8.53 0.59 55.34
C GLY E 324 9.75 0.07 54.60
N GLN E 325 9.70 -1.22 54.20
CA GLN E 325 10.75 -1.88 53.42
C GLN E 325 10.70 -1.41 51.97
N VAL E 326 9.48 -1.15 51.44
CA VAL E 326 9.27 -0.68 50.07
C VAL E 326 9.95 0.70 49.90
N VAL E 327 9.80 1.59 50.90
CA VAL E 327 10.41 2.92 50.93
C VAL E 327 11.94 2.78 50.99
N ARG E 328 12.45 2.00 51.99
CA ARG E 328 13.86 1.73 52.23
C ARG E 328 14.55 1.09 51.00
N GLY E 329 13.87 0.13 50.36
CA GLY E 329 14.33 -0.59 49.19
C GLY E 329 14.44 0.24 47.94
N LEU E 330 13.40 1.05 47.65
CA LEU E 330 13.37 1.93 46.47
C LEU E 330 14.36 3.08 46.59
N SER E 331 14.53 3.64 47.82
CA SER E 331 15.49 4.70 48.12
C SER E 331 16.90 4.18 47.86
N ALA E 332 17.12 2.90 48.25
CA ALA E 332 18.37 2.19 48.07
C ALA E 332 18.61 1.91 46.58
N GLY E 333 17.57 1.45 45.88
CA GLY E 333 17.64 1.15 44.45
C GLY E 333 17.97 2.36 43.60
N ALA E 334 17.41 3.53 43.95
CA ALA E 334 17.62 4.79 43.24
C ALA E 334 19.08 5.26 43.32
N ARG E 335 19.76 5.03 44.48
CA ARG E 335 21.17 5.41 44.69
C ARG E 335 22.12 4.54 43.87
N VAL E 336 21.77 3.26 43.66
CA VAL E 336 22.56 2.29 42.90
C VAL E 336 22.53 2.68 41.41
N PHE E 337 21.35 3.03 40.89
CA PHE E 337 21.17 3.43 39.48
C PHE E 337 21.60 4.87 39.23
N GLU E 338 21.76 5.68 40.29
CA GLU E 338 22.19 7.08 40.22
C GLU E 338 23.61 7.19 39.65
N TYR E 339 24.56 6.51 40.31
CA TYR E 339 25.98 6.54 39.96
C TYR E 339 26.33 5.56 38.83
N MET E 340 25.40 4.65 38.49
CA MET E 340 25.60 3.67 37.42
C MET E 340 25.46 4.32 36.04
N ALA E 341 24.56 5.31 35.91
CA ALA E 341 24.26 6.02 34.67
C ALA E 341 25.27 7.14 34.36
N LEU E 342 26.06 7.59 35.37
CA LEU E 342 27.05 8.67 35.25
C LEU E 342 28.11 8.40 34.17
N ASN E 343 28.36 9.42 33.32
CA ASN E 343 29.36 9.38 32.25
C ASN E 343 30.49 10.38 32.54
N PRO E 344 31.78 9.94 32.58
CA PRO E 344 32.86 10.89 32.89
C PRO E 344 33.19 11.82 31.72
N CYS E 345 33.97 12.87 32.00
CA CYS E 345 34.41 13.86 31.02
C CYS E 345 35.48 13.23 30.11
N ILE E 346 36.52 12.61 30.70
CA ILE E 346 37.60 11.94 29.99
C ILE E 346 37.32 10.43 29.92
N PRO E 347 37.32 9.80 28.71
CA PRO E 347 37.05 8.35 28.63
C PRO E 347 38.30 7.52 28.99
N LEU E 348 38.24 6.20 28.78
CA LEU E 348 39.35 5.30 29.10
C LEU E 348 39.94 4.63 27.85
N SER E 349 39.11 4.34 26.84
CA SER E 349 39.56 3.68 25.61
C SER E 349 39.58 4.61 24.39
N GLY E 350 38.84 5.73 24.47
CA GLY E 350 38.71 6.71 23.40
C GLY E 350 39.97 7.45 23.03
N GLY E 351 40.53 7.09 21.88
CA GLY E 351 41.74 7.72 21.35
C GLY E 351 42.50 6.91 20.32
N CYS E 352 43.73 7.36 20.01
CA CYS E 352 44.61 6.72 19.02
C CYS E 352 45.92 6.28 19.67
N CYS E 353 46.51 5.17 19.15
CA CYS E 353 47.77 4.61 19.60
C CYS E 353 48.89 4.94 18.60
N VAL E 354 50.11 5.12 19.12
CA VAL E 354 51.31 5.42 18.32
C VAL E 354 52.29 4.22 18.46
N PRO E 355 52.80 3.63 17.35
CA PRO E 355 53.72 2.48 17.49
C PRO E 355 55.06 2.86 18.11
N LYS E 356 55.76 1.87 18.71
CA LYS E 356 57.07 2.03 19.36
C LYS E 356 58.14 2.56 18.39
N GLU E 357 58.00 2.25 17.08
CA GLU E 357 58.91 2.69 16.02
C GLU E 357 58.74 4.20 15.74
N GLN E 358 57.51 4.74 15.92
CA GLN E 358 57.18 6.15 15.69
C GLN E 358 57.30 6.98 16.98
N LEU E 359 56.98 6.39 18.15
CA LEU E 359 57.04 7.04 19.46
C LEU E 359 58.49 7.33 19.86
N ARG E 360 58.82 8.62 20.05
CA ARG E 360 60.16 9.08 20.43
C ARG E 360 60.21 9.56 21.89
N GLY E 361 59.13 10.20 22.34
CA GLY E 361 58.99 10.71 23.71
C GLY E 361 59.25 12.18 23.89
N SER E 362 58.64 13.03 23.04
CA SER E 362 58.79 14.48 23.14
C SER E 362 57.51 15.09 23.72
N VAL E 363 57.58 15.55 24.98
CA VAL E 363 56.44 16.17 25.69
C VAL E 363 56.51 17.69 25.50
N THR E 364 55.39 18.33 25.12
CA THR E 364 55.34 19.78 24.91
C THR E 364 54.09 20.40 25.52
N PHE E 365 54.30 21.38 26.41
CA PHE E 365 53.26 22.18 27.06
C PHE E 365 53.24 23.55 26.40
N GLN E 366 52.15 23.88 25.69
CA GLN E 366 52.07 25.16 24.98
C GLN E 366 50.99 26.04 25.60
N ASN E 367 51.42 27.12 26.31
CA ASN E 367 50.58 28.11 27.00
C ASN E 367 49.46 27.42 27.80
N VAL E 368 49.85 26.43 28.61
CA VAL E 368 48.96 25.60 29.41
C VAL E 368 48.49 26.35 30.67
N CYS E 369 47.19 26.58 30.76
CA CYS E 369 46.53 27.21 31.90
C CYS E 369 45.61 26.20 32.54
N PHE E 370 45.62 26.11 33.87
CA PHE E 370 44.80 25.15 34.57
C PHE E 370 44.29 25.70 35.91
N SER E 371 43.04 25.38 36.21
CA SER E 371 42.32 25.68 37.45
C SER E 371 41.45 24.46 37.77
N TYR E 372 41.67 23.85 38.96
CA TYR E 372 40.96 22.65 39.43
C TYR E 372 39.43 22.80 39.31
N PRO E 373 38.66 21.73 38.98
CA PRO E 373 37.20 21.90 38.85
C PRO E 373 36.51 22.20 40.18
N YCM E 374 37.17 21.87 41.31
CA YCM E 374 36.70 22.11 42.66
CB YCM E 374 37.55 21.33 43.68
SG YCM E 374 37.76 19.57 43.27
CD YCM E 374 39.44 19.56 42.58
CE YCM E 374 39.89 18.18 42.16
OZ1 YCM E 374 40.73 17.55 42.82
NZ2 YCM E 374 39.34 17.70 41.06
C YCM E 374 36.75 23.61 42.99
O YCM E 374 35.78 24.16 43.51
N ARG E 375 37.88 24.29 42.65
CA ARG E 375 38.08 25.73 42.81
C ARG E 375 38.19 26.37 41.42
N PRO E 376 37.06 26.68 40.73
CA PRO E 376 37.15 27.23 39.36
C PRO E 376 37.76 28.62 39.29
N GLY E 377 37.71 29.37 40.39
CA GLY E 377 38.25 30.71 40.49
C GLY E 377 39.75 30.75 40.73
N PHE E 378 40.24 29.92 41.68
CA PHE E 378 41.66 29.82 42.07
C PHE E 378 42.50 29.14 40.97
N GLU E 379 43.24 29.96 40.19
CA GLU E 379 44.10 29.48 39.10
C GLU E 379 45.41 28.92 39.66
N VAL E 380 45.64 27.61 39.42
CA VAL E 380 46.83 26.90 39.92
C VAL E 380 48.00 27.03 38.92
N LEU E 381 47.72 26.79 37.62
CA LEU E 381 48.71 26.87 36.54
C LEU E 381 48.36 28.02 35.61
N LYS E 382 49.27 29.00 35.47
CA LYS E 382 49.05 30.18 34.63
C LYS E 382 50.11 30.30 33.54
N ASP E 383 49.69 30.18 32.26
CA ASP E 383 50.51 30.30 31.05
C ASP E 383 51.84 29.51 31.18
N PHE E 384 51.71 28.18 31.30
CA PHE E 384 52.85 27.26 31.43
C PHE E 384 53.35 26.82 30.06
N THR E 385 54.64 27.06 29.77
CA THR E 385 55.27 26.70 28.50
C THR E 385 56.60 25.97 28.78
N LEU E 386 56.60 24.64 28.58
CA LEU E 386 57.77 23.77 28.78
C LEU E 386 57.80 22.63 27.77
N THR E 387 58.99 22.33 27.23
CA THR E 387 59.17 21.25 26.27
C THR E 387 60.29 20.31 26.74
N LEU E 388 59.99 19.00 26.80
CA LEU E 388 60.89 17.93 27.25
C LEU E 388 61.50 17.19 26.04
N PRO E 389 62.84 17.29 25.81
CA PRO E 389 63.45 16.60 24.66
C PRO E 389 63.47 15.07 24.84
N PRO E 390 63.30 14.28 23.74
CA PRO E 390 63.28 12.81 23.89
C PRO E 390 64.63 12.23 24.36
N GLY E 391 64.57 11.42 25.41
CA GLY E 391 65.72 10.78 26.02
C GLY E 391 66.41 11.61 27.08
N LYS E 392 66.16 12.94 27.09
CA LYS E 392 66.74 13.91 28.02
C LYS E 392 65.94 13.99 29.33
N ILE E 393 66.65 14.18 30.45
CA ILE E 393 66.10 14.26 31.80
C ILE E 393 65.91 15.74 32.19
N VAL E 394 64.65 16.20 32.24
CA VAL E 394 64.29 17.59 32.58
C VAL E 394 63.89 17.65 34.06
N ALA E 395 64.56 18.55 34.82
CA ALA E 395 64.31 18.77 36.24
C ALA E 395 63.27 19.86 36.46
N LEU E 396 62.39 19.68 37.46
CA LEU E 396 61.32 20.62 37.80
C LEU E 396 61.41 21.00 39.28
N VAL E 397 61.76 22.28 39.55
CA VAL E 397 61.95 22.83 40.90
C VAL E 397 60.94 23.97 41.16
N GLY E 398 60.57 24.16 42.42
CA GLY E 398 59.67 25.21 42.87
C GLY E 398 59.24 25.10 44.32
N GLN E 399 58.55 26.16 44.82
CA GLN E 399 58.03 26.22 46.19
C GLN E 399 56.80 25.32 46.34
N SER E 400 56.55 24.83 47.58
CA SER E 400 55.42 23.95 47.90
C SER E 400 54.08 24.63 47.65
N GLY E 401 53.33 24.08 46.70
CA GLY E 401 52.03 24.58 46.28
C GLY E 401 52.05 25.39 44.99
N GLY E 402 53.20 25.37 44.29
CA GLY E 402 53.42 26.09 43.04
C GLY E 402 52.81 25.45 41.80
N GLY E 403 52.36 24.20 41.94
CA GLY E 403 51.74 23.43 40.86
C GLY E 403 52.62 22.37 40.23
N LYS E 404 53.58 21.82 41.00
CA LYS E 404 54.54 20.82 40.54
C LYS E 404 53.84 19.48 40.23
N THR E 405 53.14 18.90 41.22
CA THR E 405 52.42 17.63 41.13
C THR E 405 51.21 17.80 40.15
N THR E 406 50.70 19.05 39.99
CA THR E 406 49.60 19.43 39.09
C THR E 406 50.00 19.17 37.63
N VAL E 407 51.28 19.45 37.28
CA VAL E 407 51.85 19.25 35.94
C VAL E 407 51.86 17.75 35.62
N ALA E 408 52.40 16.93 36.54
CA ALA E 408 52.53 15.48 36.45
C ALA E 408 51.17 14.81 36.18
N SER E 409 50.10 15.26 36.86
CA SER E 409 48.74 14.73 36.70
C SER E 409 48.13 15.10 35.34
N LEU E 410 48.53 16.24 34.74
CA LEU E 410 48.07 16.69 33.43
C LEU E 410 48.69 15.85 32.32
N LEU E 411 49.97 15.42 32.50
CA LEU E 411 50.73 14.57 31.58
C LEU E 411 50.14 13.15 31.57
N GLU E 412 49.67 12.68 32.74
CA GLU E 412 49.00 11.39 32.95
C GLU E 412 47.54 11.43 32.46
N ARG E 413 47.09 12.64 32.06
CA ARG E 413 45.76 13.01 31.57
C ARG E 413 44.66 12.69 32.60
N PHE E 414 44.91 13.04 33.88
CA PHE E 414 43.93 12.89 34.97
C PHE E 414 42.92 14.03 34.84
N TYR E 415 43.40 15.16 34.33
CA TYR E 415 42.65 16.38 34.04
C TYR E 415 43.14 16.97 32.70
N ASP E 416 42.30 17.77 32.05
CA ASP E 416 42.65 18.45 30.80
C ASP E 416 42.82 19.96 31.07
N PRO E 417 43.74 20.67 30.39
CA PRO E 417 43.92 22.12 30.67
C PRO E 417 42.69 22.97 30.35
N THR E 418 42.53 24.09 31.08
CA THR E 418 41.43 25.05 30.87
C THR E 418 41.71 25.88 29.62
N ALA E 419 43.00 26.03 29.26
CA ALA E 419 43.51 26.74 28.08
C ALA E 419 44.88 26.15 27.70
N GLY E 420 45.17 26.12 26.40
CA GLY E 420 46.42 25.57 25.87
C GLY E 420 46.35 24.06 25.70
N VAL E 421 47.44 23.45 25.17
CA VAL E 421 47.48 21.99 24.94
C VAL E 421 48.78 21.35 25.43
N VAL E 422 48.68 20.05 25.77
CA VAL E 422 49.79 19.18 26.17
C VAL E 422 49.92 18.13 25.06
N MET E 423 51.09 18.09 24.41
CA MET E 423 51.33 17.18 23.28
C MET E 423 52.45 16.18 23.53
N LEU E 424 52.24 14.95 23.05
CA LEU E 424 53.19 13.85 23.06
C LEU E 424 53.55 13.55 21.61
N ASP E 425 54.79 13.90 21.21
CA ASP E 425 55.35 13.76 19.86
C ASP E 425 54.42 14.39 18.80
N GLY E 426 54.11 15.66 19.01
CA GLY E 426 53.25 16.46 18.13
C GLY E 426 51.77 16.18 18.25
N ARG E 427 51.40 15.01 18.78
CA ARG E 427 50.01 14.59 18.96
C ARG E 427 49.48 15.02 20.33
N ASP E 428 48.34 15.73 20.33
CA ASP E 428 47.64 16.21 21.54
C ASP E 428 47.09 15.02 22.33
N LEU E 429 47.18 15.08 23.68
CA LEU E 429 46.73 14.02 24.59
C LEU E 429 45.22 13.76 24.49
N ARG E 430 44.44 14.77 24.06
CA ARG E 430 42.98 14.67 23.89
C ARG E 430 42.61 13.64 22.82
N THR E 431 43.38 13.60 21.70
CA THR E 431 43.18 12.68 20.59
C THR E 431 43.79 11.28 20.87
N LEU E 432 44.70 11.16 21.87
CA LEU E 432 45.36 9.89 22.19
C LEU E 432 44.51 8.99 23.13
N ASP E 433 44.79 7.67 23.13
CA ASP E 433 44.09 6.68 23.97
C ASP E 433 44.61 6.73 25.41
N PRO E 434 43.73 6.99 26.39
CA PRO E 434 44.18 7.12 27.80
C PRO E 434 44.72 5.81 28.41
N SER E 435 44.20 4.65 27.96
CA SER E 435 44.63 3.33 28.43
C SER E 435 46.03 2.98 27.94
N TRP E 436 46.37 3.47 26.74
CA TRP E 436 47.63 3.27 26.05
C TRP E 436 48.73 4.17 26.63
N LEU E 437 48.42 5.45 26.91
CA LEU E 437 49.37 6.45 27.43
C LEU E 437 49.78 6.16 28.87
N ARG E 438 48.83 5.78 29.75
CA ARG E 438 49.11 5.49 31.16
C ARG E 438 49.71 4.08 31.35
N GLY E 439 49.22 3.11 30.59
CA GLY E 439 49.62 1.71 30.68
C GLY E 439 50.81 1.21 29.89
N GLN E 440 51.34 2.02 28.94
CA GLN E 440 52.49 1.60 28.12
C GLN E 440 53.52 2.71 27.91
N VAL E 441 53.06 3.98 27.77
CA VAL E 441 53.93 5.13 27.49
C VAL E 441 54.54 5.77 28.76
N VAL E 442 53.72 6.29 29.70
CA VAL E 442 54.19 7.02 30.89
C VAL E 442 54.30 6.12 32.15
N GLY E 443 55.43 6.24 32.83
CA GLY E 443 55.74 5.54 34.08
C GLY E 443 55.80 6.51 35.24
N PHE E 444 54.76 6.52 36.09
CA PHE E 444 54.64 7.45 37.22
C PHE E 444 55.16 6.84 38.53
N ILE E 445 55.87 7.68 39.32
CA ILE E 445 56.46 7.34 40.63
C ILE E 445 56.11 8.48 41.61
N SER E 446 55.22 8.21 42.58
CA SER E 446 54.79 9.20 43.59
C SER E 446 55.72 9.21 44.80
N GLN E 447 55.61 10.28 45.64
CA GLN E 447 56.41 10.47 46.85
C GLN E 447 56.06 9.44 47.94
N GLU E 448 54.83 8.91 47.89
CA GLU E 448 54.32 7.87 48.79
C GLU E 448 53.80 6.69 47.93
N PRO E 449 54.47 5.52 47.95
CA PRO E 449 54.03 4.41 47.10
C PRO E 449 52.79 3.71 47.63
N VAL E 450 52.01 3.11 46.71
CA VAL E 450 50.79 2.39 47.06
C VAL E 450 50.96 0.91 46.69
N LEU E 451 50.93 0.04 47.72
CA LEU E 451 51.05 -1.41 47.56
C LEU E 451 49.75 -2.09 47.96
N PHE E 452 49.21 -2.93 47.06
CA PHE E 452 47.96 -3.65 47.28
C PHE E 452 48.15 -4.86 48.21
N GLY E 453 47.03 -5.43 48.67
CA GLY E 453 47.00 -6.56 49.58
C GLY E 453 47.11 -7.92 48.92
N THR E 454 48.15 -8.11 48.08
CA THR E 454 48.45 -9.36 47.38
C THR E 454 49.94 -9.69 47.58
N THR E 455 50.48 -10.69 46.84
CA THR E 455 51.89 -11.08 46.93
C THR E 455 52.77 -10.04 46.24
N ILE E 456 54.08 -10.02 46.60
CA ILE E 456 55.09 -9.11 46.04
C ILE E 456 55.20 -9.33 44.52
N MET E 457 55.24 -10.59 44.06
CA MET E 457 55.32 -10.98 42.64
C MET E 457 54.12 -10.47 41.84
N GLU E 458 52.91 -10.50 42.44
CA GLU E 458 51.68 -10.03 41.79
C GLU E 458 51.55 -8.50 41.89
N ASN E 459 52.14 -7.89 42.94
CA ASN E 459 52.11 -6.45 43.17
C ASN E 459 52.95 -5.71 42.13
N ILE E 460 54.12 -6.27 41.75
CA ILE E 460 55.02 -5.70 40.72
C ILE E 460 54.38 -5.93 39.34
N ARG E 461 53.76 -7.13 39.14
CA ARG E 461 53.07 -7.56 37.91
C ARG E 461 51.88 -6.65 37.51
N PHE E 462 51.62 -5.59 38.32
CA PHE E 462 50.55 -4.62 38.08
C PHE E 462 50.91 -3.68 36.90
N GLY E 463 52.21 -3.55 36.59
CA GLY E 463 52.73 -2.71 35.51
C GLY E 463 52.34 -3.17 34.12
N LYS E 464 52.46 -4.48 33.85
CA LYS E 464 52.09 -5.12 32.59
C LYS E 464 51.27 -6.37 32.90
N LEU E 465 50.02 -6.42 32.38
CA LEU E 465 49.06 -7.51 32.62
C LEU E 465 49.53 -8.86 32.05
N GLU E 466 50.03 -8.86 30.79
CA GLU E 466 50.49 -10.08 30.12
C GLU E 466 52.01 -10.27 30.29
N ALA E 467 52.50 -10.16 31.55
CA ALA E 467 53.91 -10.32 31.88
C ALA E 467 54.20 -11.69 32.50
N SER E 468 55.29 -12.33 32.06
CA SER E 468 55.71 -13.64 32.54
C SER E 468 56.45 -13.52 33.89
N ASP E 469 56.64 -14.66 34.59
CA ASP E 469 57.33 -14.74 35.88
C ASP E 469 58.79 -14.28 35.75
N GLU E 470 59.45 -14.60 34.61
CA GLU E 470 60.83 -14.23 34.31
C GLU E 470 60.98 -12.73 34.07
N GLU E 471 59.92 -12.05 33.58
CA GLU E 471 59.89 -10.60 33.30
C GLU E 471 59.92 -9.78 34.59
N VAL E 472 59.27 -10.28 35.66
CA VAL E 472 59.18 -9.61 36.96
C VAL E 472 60.57 -9.58 37.64
N TYR E 473 61.28 -10.73 37.69
CA TYR E 473 62.61 -10.86 38.31
C TYR E 473 63.66 -10.00 37.58
N THR E 474 63.54 -9.85 36.25
CA THR E 474 64.44 -9.02 35.42
C THR E 474 64.19 -7.55 35.74
N ALA E 475 62.92 -7.16 35.97
CA ALA E 475 62.51 -5.80 36.32
C ALA E 475 62.91 -5.46 37.76
N ALA E 476 62.82 -6.44 38.67
CA ALA E 476 63.16 -6.30 40.09
C ALA E 476 64.67 -6.11 40.28
N ARG E 477 65.49 -6.75 39.42
CA ARG E 477 66.95 -6.66 39.44
C ARG E 477 67.42 -5.27 38.98
N GLU E 478 66.62 -4.61 38.11
CA GLU E 478 66.91 -3.27 37.58
C GLU E 478 66.61 -2.18 38.60
N ALA E 479 65.78 -2.48 39.62
CA ALA E 479 65.39 -1.55 40.69
C ALA E 479 65.96 -1.95 42.06
N ASN E 480 66.98 -2.84 42.09
CA ASN E 480 67.68 -3.37 43.28
C ASN E 480 66.69 -3.92 44.33
N ALA E 481 65.60 -4.55 43.84
CA ALA E 481 64.54 -5.11 44.67
C ALA E 481 64.75 -6.62 44.91
N HIS E 482 65.21 -7.36 43.88
CA HIS E 482 65.46 -8.80 43.90
C HIS E 482 66.39 -9.22 45.04
N GLU E 483 67.35 -8.35 45.43
CA GLU E 483 68.33 -8.57 46.49
C GLU E 483 67.67 -8.76 47.87
N PHE E 484 66.68 -7.91 48.22
CA PHE E 484 66.01 -8.00 49.52
C PHE E 484 64.75 -8.88 49.49
N ILE E 485 64.12 -9.09 48.31
CA ILE E 485 62.91 -9.92 48.18
C ILE E 485 63.27 -11.40 48.41
N THR E 486 64.39 -11.87 47.81
CA THR E 486 64.90 -13.24 47.93
C THR E 486 65.29 -13.56 49.40
N SER E 487 65.73 -12.53 50.15
CA SER E 487 66.14 -12.62 51.56
C SER E 487 65.00 -13.02 52.50
N PHE E 488 63.73 -12.75 52.11
CA PHE E 488 62.53 -13.10 52.88
C PHE E 488 62.30 -14.62 52.90
N PRO E 489 61.62 -15.18 53.95
CA PRO E 489 61.41 -16.65 53.99
C PRO E 489 60.63 -17.18 52.79
N GLU E 490 59.45 -16.63 52.49
CA GLU E 490 58.62 -17.04 51.35
C GLU E 490 59.14 -16.40 50.06
N GLY E 491 59.61 -15.15 50.18
CA GLY E 491 60.17 -14.38 49.06
C GLY E 491 59.14 -13.60 48.28
N TYR E 492 58.93 -13.98 47.01
CA TYR E 492 57.98 -13.34 46.10
C TYR E 492 56.54 -13.75 46.41
N ASN E 493 56.35 -14.86 47.14
CA ASN E 493 55.05 -15.38 47.53
C ASN E 493 54.57 -14.75 48.85
N THR E 494 55.34 -13.77 49.41
CA THR E 494 55.01 -13.08 50.65
C THR E 494 54.00 -11.97 50.37
N VAL E 495 52.89 -11.99 51.12
CA VAL E 495 51.83 -10.98 51.02
C VAL E 495 52.30 -9.69 51.68
N VAL E 496 51.83 -8.55 51.17
CA VAL E 496 52.20 -7.22 51.68
C VAL E 496 50.91 -6.40 51.94
N GLY E 497 51.02 -5.42 52.84
CA GLY E 497 49.91 -4.54 53.20
C GLY E 497 49.54 -4.63 54.67
N GLU E 498 48.23 -4.52 54.95
CA GLU E 498 47.68 -4.59 56.31
C GLU E 498 47.85 -5.99 56.91
N ARG E 499 47.42 -7.04 56.16
CA ARG E 499 47.52 -8.44 56.58
C ARG E 499 48.96 -8.98 56.42
N GLY E 500 49.68 -8.47 55.42
CA GLY E 500 51.04 -8.88 55.12
C GLY E 500 52.11 -8.21 55.97
N THR E 501 53.38 -8.51 55.65
CA THR E 501 54.57 -7.98 56.34
C THR E 501 54.73 -6.49 56.02
N THR E 502 54.93 -5.67 57.08
CA THR E 502 55.12 -4.22 56.95
C THR E 502 56.55 -3.95 56.47
N LEU E 503 56.68 -3.14 55.40
CA LEU E 503 57.97 -2.81 54.79
C LEU E 503 58.36 -1.35 54.99
N SER E 504 59.69 -1.10 55.08
CA SER E 504 60.28 0.23 55.25
C SER E 504 60.07 1.08 53.99
N GLY E 505 60.11 2.41 54.18
CA GLY E 505 59.93 3.40 53.11
C GLY E 505 60.77 3.16 51.88
N GLY E 506 62.06 2.90 52.09
CA GLY E 506 63.04 2.61 51.03
C GLY E 506 62.76 1.33 50.28
N GLN E 507 62.23 0.31 51.00
CA GLN E 507 61.89 -1.00 50.44
C GLN E 507 60.64 -0.91 49.55
N LYS E 508 59.62 -0.15 50.01
CA LYS E 508 58.35 0.08 49.33
C LYS E 508 58.53 0.81 48.00
N GLN E 509 59.37 1.88 47.99
CA GLN E 509 59.64 2.70 46.81
C GLN E 509 60.43 1.92 45.74
N ARG E 510 61.34 1.01 46.17
CA ARG E 510 62.14 0.16 45.28
C ARG E 510 61.24 -0.78 44.46
N LEU E 511 60.13 -1.25 45.07
CA LEU E 511 59.13 -2.12 44.44
C LEU E 511 58.31 -1.36 43.40
N ALA E 512 57.99 -0.09 43.68
CA ALA E 512 57.21 0.80 42.81
C ALA E 512 57.96 1.11 41.50
N ILE E 513 59.32 1.22 41.57
CA ILE E 513 60.20 1.47 40.43
C ILE E 513 60.17 0.27 39.48
N ALA E 514 60.28 -0.96 40.04
CA ALA E 514 60.24 -2.23 39.31
C ALA E 514 58.89 -2.45 38.64
N ARG E 515 57.81 -1.95 39.28
CA ARG E 515 56.43 -2.03 38.79
C ARG E 515 56.26 -1.20 37.50
N ALA E 516 56.77 0.05 37.51
CA ALA E 516 56.69 0.98 36.39
C ALA E 516 57.64 0.62 35.23
N LEU E 517 58.67 -0.21 35.49
CA LEU E 517 59.67 -0.59 34.48
C LEU E 517 59.24 -1.77 33.58
N ILE E 518 58.27 -2.62 34.00
CA ILE E 518 57.82 -3.79 33.21
C ILE E 518 57.15 -3.34 31.91
N LYS E 519 56.25 -2.34 31.97
CA LYS E 519 55.52 -1.82 30.81
C LYS E 519 56.44 -1.13 29.76
N GLN E 520 57.76 -1.02 30.07
CA GLN E 520 58.83 -0.41 29.25
C GLN E 520 58.40 1.02 28.86
N PRO E 521 58.49 1.97 29.81
CA PRO E 521 58.00 3.33 29.51
C PRO E 521 58.97 4.15 28.65
N THR E 522 58.38 5.06 27.84
CA THR E 522 59.10 5.99 26.96
C THR E 522 59.29 7.31 27.74
N VAL E 523 58.29 7.65 28.56
CA VAL E 523 58.23 8.84 29.44
C VAL E 523 58.23 8.34 30.90
N LEU E 524 58.91 9.07 31.80
CA LEU E 524 59.00 8.72 33.21
C LEU E 524 58.79 9.94 34.10
N ILE E 525 57.86 9.85 35.06
CA ILE E 525 57.59 10.94 36.00
C ILE E 525 58.09 10.52 37.39
N LEU E 526 58.96 11.33 38.01
CA LEU E 526 59.48 11.06 39.34
C LEU E 526 59.16 12.24 40.27
N ASP E 527 58.00 12.18 40.96
CA ASP E 527 57.53 13.23 41.85
C ASP E 527 57.94 12.95 43.30
N GLU E 528 59.08 13.56 43.73
CA GLU E 528 59.71 13.49 45.07
C GLU E 528 59.83 12.04 45.57
N ALA E 529 60.32 11.13 44.70
CA ALA E 529 60.49 9.70 44.96
C ALA E 529 61.24 9.39 46.27
N THR E 530 62.20 10.25 46.67
CA THR E 530 62.99 10.07 47.90
C THR E 530 62.66 11.16 48.95
N SER E 531 61.34 11.42 49.17
CA SER E 531 60.87 12.45 50.11
C SER E 531 61.09 12.07 51.58
N ALA E 532 60.28 11.14 52.14
CA ALA E 532 60.35 10.74 53.54
C ALA E 532 61.26 9.50 53.75
N LEU E 533 62.38 9.44 53.02
CA LEU E 533 63.33 8.34 53.14
C LEU E 533 64.52 8.71 54.02
N ASP E 534 65.00 7.74 54.82
CA ASP E 534 66.18 7.87 55.70
C ASP E 534 67.43 8.02 54.85
N ALA E 535 68.44 8.77 55.35
CA ALA E 535 69.72 9.06 54.68
C ALA E 535 70.31 7.86 53.91
N GLU E 536 70.33 6.67 54.53
CA GLU E 536 70.84 5.43 53.94
C GLU E 536 69.94 4.92 52.82
N SER E 537 68.62 4.77 53.09
CA SER E 537 67.60 4.30 52.13
C SER E 537 67.49 5.22 50.90
N GLU E 538 67.64 6.55 51.13
CA GLU E 538 67.59 7.61 50.11
C GLU E 538 68.68 7.43 49.05
N ARG E 539 69.90 7.04 49.48
CA ARG E 539 71.05 6.82 48.59
C ARG E 539 70.88 5.57 47.72
N VAL E 540 70.21 4.53 48.26
CA VAL E 540 69.97 3.25 47.59
C VAL E 540 68.93 3.43 46.46
N VAL E 541 67.75 3.99 46.80
CA VAL E 541 66.61 4.22 45.89
C VAL E 541 67.01 5.15 44.73
N GLN E 542 67.73 6.27 45.02
CA GLN E 542 68.18 7.24 44.02
C GLN E 542 69.13 6.60 43.00
N GLU E 543 70.02 5.70 43.46
CA GLU E 543 71.00 4.97 42.64
C GLU E 543 70.31 4.09 41.58
N ALA E 544 69.19 3.44 41.98
CA ALA E 544 68.39 2.58 41.10
C ALA E 544 67.50 3.41 40.15
N LEU E 545 67.08 4.62 40.60
CA LEU E 545 66.26 5.54 39.83
C LEU E 545 67.01 6.10 38.63
N ASP E 546 68.33 6.38 38.81
CA ASP E 546 69.21 6.91 37.77
C ASP E 546 69.46 5.87 36.67
N ARG E 547 69.55 4.58 37.05
CA ARG E 547 69.75 3.45 36.14
C ARG E 547 68.52 3.29 35.23
N ALA E 548 67.31 3.44 35.81
CA ALA E 548 66.03 3.36 35.11
C ALA E 548 65.78 4.58 34.23
N SER E 549 66.40 5.73 34.59
CA SER E 549 66.29 7.02 33.87
C SER E 549 67.08 7.04 32.56
N ALA E 550 68.00 6.07 32.36
CA ALA E 550 68.85 5.96 31.18
C ALA E 550 68.04 5.61 29.91
N GLY E 551 68.21 6.43 28.88
CA GLY E 551 67.56 6.27 27.58
C GLY E 551 66.06 6.49 27.57
N ARG E 552 65.56 7.38 28.44
CA ARG E 552 64.14 7.72 28.57
C ARG E 552 63.94 9.21 28.84
N THR E 553 62.74 9.73 28.51
CA THR E 553 62.36 11.12 28.79
C THR E 553 61.94 11.14 30.25
N VAL E 554 62.69 11.84 31.11
CA VAL E 554 62.38 11.82 32.55
C VAL E 554 62.07 13.22 33.09
N LEU E 555 60.92 13.36 33.76
CA LEU E 555 60.49 14.60 34.42
C LEU E 555 60.72 14.41 35.92
N VAL E 556 61.87 14.89 36.41
CA VAL E 556 62.27 14.74 37.82
C VAL E 556 61.81 15.97 38.63
N ILE E 557 60.86 15.75 39.55
CA ILE E 557 60.35 16.77 40.46
C ILE E 557 60.94 16.45 41.83
N ALA E 558 62.21 16.85 42.03
CA ALA E 558 62.93 16.55 43.27
C ALA E 558 63.06 17.76 44.19
N HIS E 559 63.10 17.50 45.51
CA HIS E 559 63.27 18.48 46.58
C HIS E 559 64.77 18.71 46.83
N ARG E 560 65.58 17.62 46.77
CA ARG E 560 67.03 17.68 46.93
C ARG E 560 67.63 18.17 45.61
N LEU E 561 68.20 19.39 45.63
CA LEU E 561 68.79 20.03 44.46
C LEU E 561 70.08 19.34 43.98
N SER E 562 70.70 18.50 44.84
CA SER E 562 71.93 17.77 44.55
C SER E 562 71.79 16.75 43.41
N THR E 563 70.60 16.13 43.27
CA THR E 563 70.35 15.13 42.22
C THR E 563 69.98 15.79 40.87
N VAL E 564 69.40 17.01 40.90
CA VAL E 564 68.96 17.73 39.70
C VAL E 564 70.10 18.56 39.09
N ARG E 565 71.31 18.55 39.71
CA ARG E 565 72.49 19.29 39.24
C ARG E 565 72.98 18.80 37.86
N GLY E 566 72.86 17.49 37.62
CA GLY E 566 73.27 16.86 36.36
C GLY E 566 72.11 16.45 35.47
N ALA E 567 71.23 17.42 35.13
CA ALA E 567 70.07 17.23 34.27
C ALA E 567 70.26 17.95 32.94
N HIS E 568 69.34 17.75 31.97
CA HIS E 568 69.37 18.40 30.65
C HIS E 568 69.20 19.91 30.82
N CYS E 569 68.24 20.33 31.68
CA CYS E 569 67.93 21.70 32.08
C CYS E 569 66.97 21.69 33.28
N ILE E 570 67.07 22.71 34.12
CA ILE E 570 66.25 22.89 35.34
C ILE E 570 65.20 23.98 35.06
N VAL E 571 63.94 23.73 35.46
CA VAL E 571 62.80 24.64 35.28
C VAL E 571 62.29 25.08 36.67
N VAL E 572 62.31 26.39 36.96
CA VAL E 572 61.84 26.93 38.24
C VAL E 572 60.44 27.55 38.06
N MET E 573 59.53 27.25 39.01
CA MET E 573 58.14 27.72 38.99
C MET E 573 57.84 28.74 40.09
N ALA E 574 57.08 29.79 39.72
CA ALA E 574 56.63 30.86 40.61
C ALA E 574 55.19 31.28 40.25
N ASP E 575 54.26 31.02 41.19
CA ASP E 575 52.81 31.30 41.10
C ASP E 575 52.15 30.64 39.86
N GLY E 576 52.61 29.42 39.53
CA GLY E 576 52.10 28.63 38.41
C GLY E 576 52.65 28.98 37.04
N ARG E 577 53.78 29.72 36.98
CA ARG E 577 54.43 30.12 35.73
C ARG E 577 55.94 29.84 35.77
N VAL E 578 56.55 29.59 34.58
CA VAL E 578 57.98 29.30 34.45
C VAL E 578 58.76 30.63 34.66
N TRP E 579 59.38 30.77 35.84
CA TRP E 579 60.14 31.95 36.27
C TRP E 579 61.56 31.97 35.71
N GLU E 580 62.29 30.85 35.84
CA GLU E 580 63.66 30.70 35.38
C GLU E 580 63.85 29.35 34.72
N ALA E 581 64.61 29.30 33.60
CA ALA E 581 64.86 28.07 32.86
C ALA E 581 66.27 28.05 32.27
N GLY E 582 66.84 26.85 32.16
CA GLY E 582 68.17 26.62 31.61
C GLY E 582 68.95 25.56 32.38
N THR E 583 70.20 25.32 31.95
CA THR E 583 71.10 24.33 32.57
C THR E 583 71.55 24.79 33.99
N HIS E 584 72.31 23.93 34.69
CA HIS E 584 72.83 24.19 36.03
C HIS E 584 73.71 25.45 36.07
N GLU E 585 74.66 25.57 35.13
CA GLU E 585 75.60 26.69 35.02
C GLU E 585 74.89 27.98 34.56
N GLU E 586 73.91 27.86 33.66
CA GLU E 586 73.15 28.99 33.10
C GLU E 586 72.32 29.72 34.18
N LEU E 587 71.67 28.98 35.08
CA LEU E 587 70.84 29.53 36.16
C LEU E 587 71.69 30.19 37.26
N LEU E 588 72.94 29.71 37.43
CA LEU E 588 73.89 30.26 38.41
C LEU E 588 74.43 31.60 37.91
N LYS E 589 74.73 31.69 36.59
CA LYS E 589 75.23 32.88 35.91
C LYS E 589 74.13 33.94 35.81
N LYS E 590 72.85 33.50 35.74
CA LYS E 590 71.67 34.38 35.66
C LYS E 590 71.45 35.10 37.00
N GLY E 591 71.79 34.44 38.10
CA GLY E 591 71.68 34.97 39.46
C GLY E 591 70.27 35.29 39.91
N GLY E 592 69.38 34.31 39.79
CA GLY E 592 67.98 34.47 40.17
C GLY E 592 67.56 33.66 41.37
N LEU E 593 66.37 33.03 41.26
CA LEU E 593 65.72 32.18 42.28
C LEU E 593 66.56 30.94 42.59
N TYR E 594 67.13 30.30 41.53
CA TYR E 594 67.98 29.12 41.62
C TYR E 594 69.30 29.44 42.36
N ALA E 595 69.85 30.65 42.12
CA ALA E 595 71.09 31.14 42.73
C ALA E 595 70.94 31.32 44.23
N GLU E 596 69.77 31.83 44.67
CA GLU E 596 69.47 32.04 46.08
C GLU E 596 69.25 30.70 46.80
N LEU E 597 68.69 29.71 46.07
CA LEU E 597 68.41 28.37 46.57
C LEU E 597 69.70 27.57 46.75
N ILE E 598 70.63 27.68 45.78
CA ILE E 598 71.91 26.97 45.79
C ILE E 598 72.88 27.62 46.81
N ARG E 599 72.64 28.90 47.17
CA ARG E 599 73.44 29.65 48.15
C ARG E 599 73.14 29.17 49.57
N ARG E 600 71.84 28.95 49.87
CA ARG E 600 71.38 28.46 51.18
C ARG E 600 71.79 27.00 51.38
N GLN E 601 71.83 26.23 50.27
CA GLN E 601 72.22 24.82 50.23
C GLN E 601 73.71 24.67 50.50
N ALA E 602 74.52 25.66 50.05
CA ALA E 602 75.98 25.70 50.23
C ALA E 602 76.36 25.95 51.69
N LEU E 603 75.55 26.78 52.40
CA LEU E 603 75.75 27.12 53.80
C LEU E 603 75.42 25.93 54.72
N ASP E 604 74.38 25.16 54.35
CA ASP E 604 73.94 23.96 55.07
C ASP E 604 74.95 22.82 54.91
N ALA E 605 75.57 22.72 53.72
CA ALA E 605 76.57 21.69 53.38
C ALA E 605 77.87 21.91 54.14
N ALA E 606 78.31 23.18 54.29
CA ALA E 606 79.52 23.57 55.01
C ALA E 606 79.39 23.29 56.51
N GLU E 607 78.15 23.43 57.04
CA GLU E 607 77.81 23.19 58.44
C GLU E 607 77.85 21.70 58.75
N PHE F 23 25.16 -12.95 76.75
CA PHE F 23 25.81 -11.87 76.00
C PHE F 23 24.90 -11.34 74.88
N ASN F 24 24.29 -12.26 74.09
CA ASN F 24 23.37 -11.92 72.98
C ASN F 24 22.06 -11.34 73.52
N TRP F 25 21.50 -11.98 74.57
CA TRP F 25 20.22 -11.58 75.16
C TRP F 25 20.38 -10.85 76.49
N LYS F 26 21.51 -11.05 77.19
CA LYS F 26 21.82 -10.41 78.48
C LYS F 26 21.98 -8.90 78.32
N LEU F 27 22.65 -8.46 77.24
CA LEU F 27 22.89 -7.05 76.93
C LEU F 27 21.70 -6.44 76.18
N PHE F 28 20.96 -7.26 75.40
CA PHE F 28 19.79 -6.85 74.62
C PHE F 28 18.66 -6.34 75.52
N TRP F 29 18.48 -6.97 76.70
CA TRP F 29 17.46 -6.60 77.68
C TRP F 29 17.74 -5.25 78.34
N GLN F 30 19.04 -4.86 78.45
CA GLN F 30 19.48 -3.60 79.05
C GLN F 30 19.02 -2.38 78.23
N PHE F 31 18.97 -2.51 76.88
CA PHE F 31 18.54 -1.45 75.97
C PHE F 31 17.02 -1.42 75.79
N LEU F 32 16.36 -2.58 75.95
CA LEU F 32 14.91 -2.76 75.80
C LEU F 32 14.12 -2.29 77.03
N HIS F 33 14.68 -2.52 78.25
CA HIS F 33 14.09 -2.20 79.55
C HIS F 33 13.58 -0.74 79.69
N PRO F 34 14.30 0.35 79.33
CA PRO F 34 13.73 1.70 79.54
C PRO F 34 12.60 2.06 78.57
N HIS F 35 12.61 1.45 77.36
CA HIS F 35 11.60 1.68 76.33
C HIS F 35 10.39 0.79 76.49
N LEU F 36 10.47 -0.24 77.36
CA LEU F 36 9.44 -1.25 77.62
C LEU F 36 8.09 -0.65 78.04
N LEU F 37 8.09 0.52 78.72
CA LEU F 37 6.87 1.22 79.16
C LEU F 37 6.10 1.77 77.94
N VAL F 38 6.84 2.35 76.97
CA VAL F 38 6.32 2.92 75.72
C VAL F 38 5.84 1.77 74.81
N LEU F 39 6.57 0.64 74.84
CA LEU F 39 6.30 -0.59 74.10
C LEU F 39 4.95 -1.19 74.48
N GLY F 40 4.60 -1.13 75.77
CA GLY F 40 3.34 -1.63 76.30
C GLY F 40 2.13 -0.86 75.81
N VAL F 41 2.29 0.46 75.60
CA VAL F 41 1.25 1.38 75.10
C VAL F 41 0.88 0.97 73.66
N ALA F 42 1.89 0.64 72.84
CA ALA F 42 1.73 0.20 71.46
C ALA F 42 0.97 -1.13 71.37
N VAL F 43 1.15 -2.02 72.37
CA VAL F 43 0.47 -3.33 72.46
C VAL F 43 -1.05 -3.08 72.64
N VAL F 44 -1.40 -2.13 73.52
CA VAL F 44 -2.79 -1.71 73.81
C VAL F 44 -3.40 -1.10 72.53
N LEU F 45 -2.63 -0.24 71.81
CA LEU F 45 -3.02 0.43 70.56
C LEU F 45 -3.25 -0.57 69.43
N ALA F 46 -2.44 -1.66 69.39
CA ALA F 46 -2.57 -2.73 68.40
C ALA F 46 -3.82 -3.53 68.70
N LEU F 47 -4.08 -3.80 70.00
CA LEU F 47 -5.24 -4.52 70.48
C LEU F 47 -6.51 -3.70 70.26
N GLY F 48 -6.38 -2.39 70.39
CA GLY F 48 -7.45 -1.42 70.20
C GLY F 48 -7.90 -1.37 68.76
N ALA F 49 -6.93 -1.25 67.84
CA ALA F 49 -7.18 -1.23 66.39
C ALA F 49 -7.74 -2.57 65.89
N ALA F 50 -7.45 -3.68 66.62
CA ALA F 50 -7.89 -5.03 66.24
C ALA F 50 -9.23 -5.40 66.89
N LEU F 51 -9.57 -4.80 68.06
CA LEU F 51 -10.86 -5.02 68.71
C LEU F 51 -11.95 -4.32 67.88
N VAL F 52 -11.57 -3.15 67.28
CA VAL F 52 -12.39 -2.34 66.38
C VAL F 52 -12.66 -3.17 65.12
N ASN F 53 -11.60 -3.80 64.56
CA ASN F 53 -11.60 -4.64 63.36
C ASN F 53 -12.57 -5.85 63.44
N VAL F 54 -13.05 -6.21 64.65
CA VAL F 54 -13.99 -7.32 64.88
C VAL F 54 -15.43 -6.85 64.58
N GLN F 55 -15.76 -5.62 65.03
CA GLN F 55 -17.08 -4.99 64.86
C GLN F 55 -17.29 -4.41 63.46
N ILE F 56 -16.20 -4.24 62.67
CA ILE F 56 -16.24 -3.67 61.31
C ILE F 56 -17.10 -4.55 60.36
N PRO F 57 -16.85 -5.89 60.14
CA PRO F 57 -17.73 -6.65 59.24
C PRO F 57 -19.07 -7.03 59.90
N LEU F 58 -19.13 -6.94 61.24
CA LEU F 58 -20.31 -7.22 62.05
C LEU F 58 -21.39 -6.16 61.78
N LEU F 59 -20.99 -4.87 61.83
CA LEU F 59 -21.87 -3.74 61.57
C LEU F 59 -22.08 -3.55 60.05
N LEU F 60 -21.11 -4.01 59.24
CA LEU F 60 -21.18 -3.95 57.77
C LEU F 60 -22.23 -4.93 57.25
N GLY F 61 -22.35 -6.08 57.92
CA GLY F 61 -23.33 -7.12 57.60
C GLY F 61 -24.73 -6.68 57.94
N GLN F 62 -24.87 -5.79 58.95
CA GLN F 62 -26.14 -5.22 59.38
C GLN F 62 -26.64 -4.17 58.38
N LEU F 63 -25.70 -3.45 57.71
CA LEU F 63 -25.99 -2.43 56.71
C LEU F 63 -26.50 -3.05 55.42
N VAL F 64 -25.95 -4.22 55.02
CA VAL F 64 -26.39 -4.92 53.80
C VAL F 64 -27.85 -5.46 54.00
N GLU F 65 -28.25 -5.68 55.27
CA GLU F 65 -29.61 -6.11 55.63
C GLU F 65 -30.58 -4.93 55.38
N VAL F 66 -30.12 -3.68 55.65
CA VAL F 66 -30.86 -2.43 55.45
C VAL F 66 -30.94 -2.15 53.93
N VAL F 67 -29.83 -2.41 53.20
CA VAL F 67 -29.71 -2.25 51.74
C VAL F 67 -30.69 -3.23 51.05
N ALA F 68 -30.83 -4.46 51.59
CA ALA F 68 -31.73 -5.49 51.07
C ALA F 68 -33.22 -5.09 51.19
N LYS F 69 -33.60 -4.39 52.28
CA LYS F 69 -34.95 -3.92 52.54
C LYS F 69 -35.30 -2.73 51.65
N PHE F 78 -35.94 4.30 56.21
CA PHE F 78 -34.96 3.42 55.57
C PHE F 78 -33.73 4.19 55.07
N MET F 79 -33.93 5.43 54.58
CA MET F 79 -32.85 6.31 54.14
C MET F 79 -32.16 6.93 55.37
N THR F 80 -32.95 7.35 56.38
CA THR F 80 -32.47 7.94 57.62
C THR F 80 -31.87 6.89 58.55
N GLU F 81 -32.36 5.63 58.48
CA GLU F 81 -31.85 4.50 59.28
C GLU F 81 -30.45 4.09 58.78
N SER F 82 -30.23 4.15 57.45
CA SER F 82 -28.97 3.84 56.79
C SER F 82 -27.94 4.96 57.01
N GLN F 83 -28.39 6.23 56.99
CA GLN F 83 -27.57 7.43 57.19
C GLN F 83 -26.98 7.49 58.61
N ASN F 84 -27.73 7.02 59.61
CA ASN F 84 -27.32 6.98 61.02
C ASN F 84 -26.25 5.89 61.27
N LEU F 85 -26.33 4.77 60.52
CA LEU F 85 -25.42 3.64 60.62
C LEU F 85 -24.16 3.83 59.75
N SER F 86 -24.28 4.53 58.58
CA SER F 86 -23.17 4.81 57.68
C SER F 86 -22.21 5.81 58.30
N THR F 87 -22.74 6.83 59.01
CA THR F 87 -21.97 7.87 59.69
C THR F 87 -21.24 7.23 60.89
N HIS F 88 -21.90 6.27 61.56
CA HIS F 88 -21.35 5.52 62.71
C HIS F 88 -20.15 4.66 62.29
N LEU F 89 -20.22 3.99 61.13
CA LEU F 89 -19.13 3.15 60.64
C LEU F 89 -17.95 3.99 60.16
N LEU F 90 -18.21 5.18 59.58
CA LEU F 90 -17.16 6.10 59.12
C LEU F 90 -16.32 6.61 60.31
N ILE F 91 -16.94 6.69 61.51
CA ILE F 91 -16.29 7.10 62.76
C ILE F 91 -15.30 5.99 63.18
N LEU F 92 -15.72 4.71 63.05
CA LEU F 92 -14.94 3.53 63.41
C LEU F 92 -13.69 3.36 62.52
N TYR F 93 -13.76 3.76 61.22
CA TYR F 93 -12.63 3.67 60.29
C TYR F 93 -11.51 4.66 60.67
N GLY F 94 -11.91 5.90 60.99
CA GLY F 94 -11.01 6.96 61.41
C GLY F 94 -10.36 6.67 62.75
N VAL F 95 -11.08 5.94 63.61
CA VAL F 95 -10.63 5.50 64.93
C VAL F 95 -9.56 4.41 64.72
N GLN F 96 -9.85 3.42 63.83
CA GLN F 96 -8.96 2.31 63.50
C GLN F 96 -7.67 2.81 62.83
N GLY F 97 -7.79 3.82 61.97
CA GLY F 97 -6.66 4.44 61.26
C GLY F 97 -5.74 5.22 62.18
N LEU F 98 -6.32 5.81 63.24
CA LEU F 98 -5.60 6.57 64.26
C LEU F 98 -4.87 5.62 65.22
N LEU F 99 -5.52 4.50 65.58
CA LEU F 99 -4.95 3.48 66.47
C LEU F 99 -3.76 2.77 65.81
N THR F 100 -3.84 2.51 64.48
CA THR F 100 -2.80 1.86 63.69
C THR F 100 -1.59 2.79 63.56
N PHE F 101 -1.83 4.08 63.23
CA PHE F 101 -0.79 5.10 63.07
C PHE F 101 0.06 5.25 64.34
N GLY F 102 -0.60 5.42 65.49
CA GLY F 102 0.04 5.57 66.80
C GLY F 102 0.89 4.38 67.22
N TYR F 103 0.34 3.16 67.01
CA TYR F 103 0.99 1.88 67.32
C TYR F 103 2.23 1.68 66.43
N LEU F 104 2.21 2.19 65.19
CA LEU F 104 3.34 2.11 64.26
C LEU F 104 4.39 3.21 64.57
N VAL F 105 3.93 4.41 65.01
CA VAL F 105 4.79 5.56 65.36
C VAL F 105 5.57 5.22 66.65
N LEU F 106 4.87 4.65 67.66
CA LEU F 106 5.49 4.25 68.94
C LEU F 106 6.56 3.18 68.74
N LEU F 107 6.32 2.24 67.81
CA LEU F 107 7.25 1.16 67.48
C LEU F 107 8.47 1.69 66.73
N SER F 108 8.28 2.74 65.91
CA SER F 108 9.37 3.40 65.18
C SER F 108 10.22 4.22 66.15
N HIS F 109 9.57 4.88 67.14
CA HIS F 109 10.23 5.69 68.17
C HIS F 109 11.09 4.82 69.09
N VAL F 110 10.53 3.70 69.59
CA VAL F 110 11.21 2.74 70.48
C VAL F 110 12.43 2.14 69.75
N GLY F 111 12.23 1.74 68.50
CA GLY F 111 13.27 1.17 67.66
C GLY F 111 14.44 2.09 67.41
N GLU F 112 14.15 3.35 66.97
CA GLU F 112 15.15 4.37 66.68
C GLU F 112 15.90 4.86 67.92
N ARG F 113 15.20 5.00 69.07
CA ARG F 113 15.83 5.45 70.31
C ARG F 113 16.74 4.35 70.86
N MET F 114 16.35 3.07 70.65
CA MET F 114 17.13 1.90 71.06
C MET F 114 18.44 1.85 70.27
N ALA F 115 18.35 2.14 68.95
CA ALA F 115 19.48 2.14 68.01
C ALA F 115 20.54 3.15 68.40
N VAL F 116 20.12 4.36 68.82
CA VAL F 116 21.02 5.46 69.23
C VAL F 116 21.79 5.05 70.49
N ASP F 117 21.10 4.42 71.47
CA ASP F 117 21.70 3.95 72.72
C ASP F 117 22.75 2.87 72.45
N MET F 118 22.53 2.03 71.41
CA MET F 118 23.44 0.95 71.01
C MET F 118 24.67 1.52 70.29
N ARG F 119 24.47 2.48 69.37
CA ARG F 119 25.54 3.14 68.61
C ARG F 119 26.45 3.96 69.52
N ARG F 120 25.86 4.62 70.53
CA ARG F 120 26.55 5.44 71.53
C ARG F 120 27.44 4.57 72.40
N ALA F 121 26.91 3.41 72.86
CA ALA F 121 27.62 2.45 73.69
C ALA F 121 28.70 1.67 72.92
N LEU F 122 28.49 1.41 71.60
CA LEU F 122 29.48 0.69 70.79
C LEU F 122 30.65 1.59 70.42
N PHE F 123 30.39 2.84 69.98
CA PHE F 123 31.42 3.82 69.59
C PHE F 123 32.32 4.17 70.77
N SER F 124 31.74 4.26 71.98
CA SER F 124 32.46 4.53 73.23
C SER F 124 33.40 3.36 73.57
N SER F 125 32.92 2.12 73.40
CA SER F 125 33.67 0.89 73.66
C SER F 125 34.75 0.67 72.59
N LEU F 126 34.49 1.10 71.33
CA LEU F 126 35.42 0.98 70.21
C LEU F 126 36.62 1.89 70.38
N LEU F 127 36.40 3.14 70.83
CA LEU F 127 37.46 4.13 71.04
C LEU F 127 38.38 3.76 72.22
N ARG F 128 37.81 3.08 73.25
CA ARG F 128 38.53 2.62 74.44
C ARG F 128 39.51 1.47 74.12
N GLN F 129 39.23 0.68 73.04
CA GLN F 129 40.01 -0.47 72.55
C GLN F 129 41.43 -0.10 72.16
N ASP F 130 42.39 -0.95 72.56
CA ASP F 130 43.84 -0.80 72.32
C ASP F 130 44.20 -0.83 70.83
N ILE F 131 45.35 -0.19 70.49
CA ILE F 131 45.92 -0.01 69.14
C ILE F 131 46.08 -1.36 68.41
N THR F 132 46.38 -2.45 69.17
CA THR F 132 46.54 -3.81 68.66
C THR F 132 45.30 -4.23 67.85
N PHE F 133 44.11 -3.89 68.37
CA PHE F 133 42.82 -4.19 67.77
C PHE F 133 42.61 -3.43 66.45
N PHE F 134 42.98 -2.13 66.42
CA PHE F 134 42.83 -1.28 65.23
C PHE F 134 43.76 -1.69 64.09
N ASP F 135 44.83 -2.45 64.40
CA ASP F 135 45.78 -2.96 63.42
C ASP F 135 45.27 -4.28 62.86
N ALA F 136 44.52 -5.04 63.68
CA ALA F 136 43.93 -6.32 63.34
C ALA F 136 42.59 -6.16 62.59
N ASN F 137 41.84 -5.07 62.87
CA ASN F 137 40.54 -4.80 62.25
C ASN F 137 40.58 -3.54 61.38
N LYS F 138 40.01 -3.62 60.15
CA LYS F 138 39.92 -2.53 59.18
C LYS F 138 38.95 -1.44 59.67
N THR F 139 39.25 -0.17 59.36
CA THR F 139 38.44 1.00 59.75
C THR F 139 37.06 0.97 59.08
N GLY F 140 37.00 0.51 57.83
CA GLY F 140 35.76 0.39 57.05
C GLY F 140 34.73 -0.53 57.68
N GLN F 141 35.19 -1.75 58.10
CA GLN F 141 34.35 -2.78 58.72
C GLN F 141 33.82 -2.34 60.09
N LEU F 142 34.58 -1.49 60.81
CA LEU F 142 34.19 -0.96 62.12
C LEU F 142 33.05 0.06 61.97
N VAL F 143 33.12 0.89 60.90
CA VAL F 143 32.11 1.90 60.55
C VAL F 143 30.80 1.19 60.15
N SER F 144 30.92 0.08 59.38
CA SER F 144 29.80 -0.74 58.93
C SER F 144 29.08 -1.37 60.13
N ARG F 145 29.84 -1.99 61.05
CA ARG F 145 29.29 -2.66 62.24
C ARG F 145 28.53 -1.68 63.13
N LEU F 146 28.98 -0.42 63.15
CA LEU F 146 28.41 0.67 63.94
C LEU F 146 27.16 1.28 63.27
N THR F 147 27.09 1.31 61.93
CA THR F 147 25.99 1.97 61.20
C THR F 147 25.04 1.02 60.46
N THR F 148 25.57 0.10 59.62
CA THR F 148 24.78 -0.84 58.82
C THR F 148 24.17 -1.95 59.70
N ASP F 149 24.99 -2.67 60.48
CA ASP F 149 24.58 -3.79 61.35
C ASP F 149 23.50 -3.36 62.36
N VAL F 150 23.60 -2.13 62.90
CA VAL F 150 22.63 -1.60 63.86
C VAL F 150 21.27 -1.43 63.14
N GLN F 151 21.27 -0.73 61.99
CA GLN F 151 20.10 -0.46 61.16
C GLN F 151 19.49 -1.74 60.59
N GLU F 152 20.34 -2.77 60.34
CA GLU F 152 19.93 -4.09 59.85
C GLU F 152 19.09 -4.81 60.91
N PHE F 153 19.47 -4.63 62.19
CA PHE F 153 18.80 -5.22 63.37
C PHE F 153 17.56 -4.40 63.72
N LYS F 154 17.69 -3.06 63.79
CA LYS F 154 16.63 -2.12 64.16
C LYS F 154 15.41 -2.29 63.25
N SER F 155 15.59 -2.19 61.91
CA SER F 155 14.49 -2.32 60.94
C SER F 155 13.89 -3.73 60.95
N SER F 156 14.70 -4.76 61.29
CA SER F 156 14.29 -6.15 61.40
C SER F 156 13.51 -6.38 62.70
N PHE F 157 13.84 -5.62 63.77
CA PHE F 157 13.15 -5.66 65.06
C PHE F 157 11.77 -5.03 64.89
N LYS F 158 11.73 -3.92 64.11
CA LYS F 158 10.51 -3.17 63.77
C LYS F 158 9.53 -4.08 63.03
N LEU F 159 10.00 -4.80 61.98
CA LEU F 159 9.20 -5.70 61.14
C LEU F 159 8.63 -6.90 61.87
N VAL F 160 9.42 -7.53 62.76
CA VAL F 160 8.96 -8.71 63.49
C VAL F 160 7.83 -8.32 64.45
N ILE F 161 7.94 -7.17 65.13
CA ILE F 161 6.88 -6.71 66.05
C ILE F 161 5.70 -6.13 65.24
N SER F 162 5.95 -5.42 64.12
CA SER F 162 4.90 -4.83 63.28
C SER F 162 3.97 -5.92 62.74
N GLN F 163 4.52 -6.98 62.14
CA GLN F 163 3.74 -8.09 61.61
C GLN F 163 3.29 -9.00 62.73
N GLY F 164 4.20 -9.30 63.65
CA GLY F 164 3.96 -10.16 64.81
C GLY F 164 2.83 -9.73 65.71
N LEU F 165 2.77 -8.44 66.08
CA LEU F 165 1.72 -7.89 66.94
C LEU F 165 0.39 -7.90 66.18
N ARG F 166 0.39 -7.44 64.91
CA ARG F 166 -0.80 -7.41 64.04
C ARG F 166 -1.38 -8.82 63.82
N SER F 167 -0.49 -9.78 63.53
CA SER F 167 -0.78 -11.19 63.28
C SER F 167 -1.30 -11.91 64.53
N CYS F 168 -0.72 -11.61 65.70
CA CYS F 168 -1.06 -12.24 66.98
C CYS F 168 -2.40 -11.72 67.53
N THR F 169 -2.79 -10.46 67.24
CA THR F 169 -4.08 -9.93 67.72
C THR F 169 -5.23 -10.55 66.91
N GLN F 170 -4.97 -10.90 65.62
CA GLN F 170 -5.96 -11.56 64.76
C GLN F 170 -6.24 -13.00 65.25
N VAL F 171 -5.26 -13.59 65.97
CA VAL F 171 -5.35 -14.93 66.55
C VAL F 171 -6.02 -14.85 67.94
N ALA F 172 -5.58 -13.91 68.81
CA ALA F 172 -6.13 -13.69 70.16
C ALA F 172 -7.63 -13.38 70.14
N GLY F 173 -8.07 -12.60 69.14
CA GLY F 173 -9.47 -12.22 68.94
C GLY F 173 -10.34 -13.40 68.54
N CYS F 174 -9.77 -14.33 67.74
CA CYS F 174 -10.46 -15.54 67.28
C CYS F 174 -10.46 -16.61 68.37
N LEU F 175 -9.37 -16.69 69.18
CA LEU F 175 -9.18 -17.66 70.26
C LEU F 175 -10.19 -17.49 71.40
N VAL F 176 -10.38 -16.25 71.90
CA VAL F 176 -11.29 -15.94 72.99
C VAL F 176 -12.75 -16.16 72.57
N SER F 177 -13.07 -15.81 71.31
CA SER F 177 -14.40 -15.90 70.70
C SER F 177 -14.86 -17.33 70.37
N LEU F 178 -13.95 -18.22 69.91
CA LEU F 178 -14.34 -19.56 69.47
C LEU F 178 -13.99 -20.69 70.44
N SER F 179 -12.74 -20.76 70.93
CA SER F 179 -12.27 -21.85 71.78
C SER F 179 -12.82 -21.79 73.21
N MET F 180 -13.06 -22.98 73.81
CA MET F 180 -13.47 -23.17 75.21
C MET F 180 -12.20 -23.37 76.07
N LEU F 181 -12.32 -23.81 77.34
CA LEU F 181 -11.18 -24.01 78.26
C LEU F 181 -10.19 -25.09 77.78
N SER F 182 -10.70 -26.15 77.11
CA SER F 182 -9.91 -27.28 76.62
C SER F 182 -9.31 -27.01 75.23
N THR F 183 -10.09 -26.36 74.34
CA THR F 183 -9.70 -26.03 72.96
C THR F 183 -8.63 -24.91 72.95
N ARG F 184 -8.58 -24.06 74.00
CA ARG F 184 -7.61 -22.97 74.15
C ARG F 184 -6.19 -23.52 74.34
N LEU F 185 -6.05 -24.57 75.19
CA LEU F 185 -4.78 -25.23 75.50
C LEU F 185 -4.17 -25.90 74.27
N THR F 186 -5.01 -26.54 73.42
CA THR F 186 -4.60 -27.22 72.18
C THR F 186 -4.15 -26.20 71.13
N LEU F 187 -4.82 -25.03 71.09
CA LEU F 187 -4.53 -23.94 70.15
C LEU F 187 -3.18 -23.29 70.48
N LEU F 188 -2.94 -22.94 71.76
CA LEU F 188 -1.71 -22.30 72.25
C LEU F 188 -0.51 -23.23 72.10
N LEU F 189 -0.72 -24.55 72.23
CA LEU F 189 0.33 -25.56 72.08
C LEU F 189 0.79 -25.65 70.63
N MET F 190 -0.15 -25.50 69.66
CA MET F 190 0.14 -25.55 68.23
C MET F 190 0.92 -24.30 67.75
N VAL F 191 0.78 -23.16 68.47
CA VAL F 191 1.48 -21.91 68.15
C VAL F 191 2.90 -21.99 68.73
N ALA F 192 3.05 -22.61 69.92
CA ALA F 192 4.32 -22.78 70.62
C ALA F 192 5.24 -23.81 69.97
N THR F 193 4.69 -24.78 69.18
CA THR F 193 5.47 -25.84 68.52
C THR F 193 6.45 -25.25 67.45
N PRO F 194 6.04 -24.47 66.41
CA PRO F 194 7.03 -23.96 65.45
C PRO F 194 7.99 -22.93 66.06
N ALA F 195 7.61 -22.30 67.20
CA ALA F 195 8.44 -21.34 67.91
C ALA F 195 9.61 -22.06 68.60
N LEU F 196 9.36 -23.30 69.10
CA LEU F 196 10.34 -24.16 69.75
C LEU F 196 11.34 -24.68 68.72
N MET F 197 10.84 -24.95 67.50
CA MET F 197 11.65 -25.40 66.36
C MET F 197 12.43 -24.20 65.78
N GLY F 198 11.80 -23.02 65.80
CA GLY F 198 12.34 -21.76 65.29
C GLY F 198 13.62 -21.30 65.92
N VAL F 199 13.59 -21.10 67.25
CA VAL F 199 14.74 -20.64 68.04
C VAL F 199 15.84 -21.72 68.03
N GLY F 200 15.44 -22.98 68.22
CA GLY F 200 16.33 -24.16 68.24
C GLY F 200 17.24 -24.33 67.04
N THR F 201 16.72 -24.03 65.84
CA THR F 201 17.47 -24.11 64.58
C THR F 201 18.39 -22.91 64.41
N LEU F 202 17.96 -21.72 64.88
CA LEU F 202 18.71 -20.46 64.82
C LEU F 202 19.97 -20.50 65.70
N MET F 203 19.96 -21.37 66.74
CA MET F 203 21.06 -21.57 67.68
C MET F 203 22.02 -22.69 67.19
N GLY F 204 21.48 -23.58 66.37
CA GLY F 204 22.18 -24.75 65.82
C GLY F 204 23.38 -24.48 64.94
N SER F 205 24.05 -25.57 64.52
CA SER F 205 25.25 -25.57 63.68
C SER F 205 24.92 -25.33 62.19
N GLY F 206 23.63 -25.36 61.85
CA GLY F 206 23.16 -25.18 60.48
C GLY F 206 23.14 -23.75 60.01
N LEU F 207 22.02 -23.05 60.28
CA LEU F 207 21.75 -21.68 59.88
C LEU F 207 22.80 -20.68 60.39
N ARG F 208 23.28 -20.86 61.64
CA ARG F 208 24.27 -19.98 62.29
C ARG F 208 25.64 -20.01 61.59
N LYS F 209 26.07 -21.19 61.11
CA LYS F 209 27.36 -21.34 60.41
C LYS F 209 27.27 -20.80 58.98
N LEU F 210 26.08 -20.92 58.34
CA LEU F 210 25.84 -20.46 56.97
C LEU F 210 25.90 -18.92 56.89
N SER F 211 25.30 -18.22 57.88
CA SER F 211 25.27 -16.76 57.94
C SER F 211 26.65 -16.20 58.29
N ARG F 212 27.41 -16.91 59.17
CA ARG F 212 28.76 -16.53 59.57
C ARG F 212 29.71 -16.61 58.37
N GLN F 213 29.55 -17.64 57.52
CA GLN F 213 30.33 -17.86 56.31
C GLN F 213 29.96 -16.82 55.23
N CYS F 214 28.68 -16.38 55.22
CA CYS F 214 28.13 -15.38 54.30
C CYS F 214 28.68 -13.99 54.66
N GLN F 215 28.74 -13.66 55.97
CA GLN F 215 29.25 -12.38 56.47
C GLN F 215 30.75 -12.26 56.27
N GLU F 216 31.47 -13.40 56.27
CA GLU F 216 32.92 -13.48 56.05
C GLU F 216 33.27 -13.09 54.61
N GLN F 217 32.50 -13.59 53.63
CA GLN F 217 32.68 -13.32 52.20
C GLN F 217 32.17 -11.91 51.85
N ILE F 218 31.18 -11.38 52.61
CA ILE F 218 30.61 -10.04 52.41
C ILE F 218 31.67 -8.98 52.73
N ALA F 219 32.42 -9.18 53.82
CA ALA F 219 33.49 -8.30 54.27
C ALA F 219 34.74 -8.44 53.37
N ARG F 220 34.99 -9.65 52.85
CA ARG F 220 36.13 -9.97 51.97
C ARG F 220 36.02 -9.22 50.65
N ALA F 221 34.83 -9.27 50.02
CA ALA F 221 34.54 -8.59 48.74
C ALA F 221 34.47 -7.07 48.94
N MET F 222 34.09 -6.63 50.16
CA MET F 222 34.01 -5.22 50.55
C MET F 222 35.40 -4.59 50.61
N GLY F 223 36.39 -5.37 51.05
CA GLY F 223 37.79 -4.96 51.17
C GLY F 223 38.48 -4.81 49.82
N VAL F 224 38.01 -5.58 48.80
CA VAL F 224 38.54 -5.54 47.43
C VAL F 224 38.11 -4.22 46.78
N ALA F 225 36.83 -3.84 46.96
CA ALA F 225 36.26 -2.59 46.44
C ALA F 225 36.93 -1.36 47.08
N ASP F 226 37.13 -1.39 48.41
CA ASP F 226 37.76 -0.32 49.20
C ASP F 226 39.22 -0.10 48.79
N GLU F 227 39.95 -1.19 48.46
CA GLU F 227 41.35 -1.11 48.04
C GLU F 227 41.43 -0.60 46.60
N ALA F 228 40.49 -1.01 45.74
CA ALA F 228 40.46 -0.60 44.33
C ALA F 228 40.05 0.87 44.18
N LEU F 229 38.85 1.24 44.68
CA LEU F 229 38.30 2.59 44.58
C LEU F 229 39.05 3.61 45.44
N GLY F 230 39.59 3.16 46.57
CA GLY F 230 40.37 4.00 47.49
C GLY F 230 41.70 4.43 46.90
N ASN F 231 42.33 3.53 46.11
CA ASN F 231 43.59 3.75 45.45
C ASN F 231 43.41 3.73 43.93
N VAL F 232 42.28 4.30 43.46
CA VAL F 232 41.87 4.39 42.05
C VAL F 232 42.95 5.09 41.19
N ARG F 233 43.58 6.14 41.75
CA ARG F 233 44.62 6.93 41.09
C ARG F 233 45.82 6.05 40.71
N THR F 234 46.21 5.10 41.60
CA THR F 234 47.31 4.16 41.39
C THR F 234 46.91 3.09 40.35
N VAL F 235 45.62 2.67 40.36
CA VAL F 235 45.04 1.68 39.44
C VAL F 235 45.07 2.25 38.02
N ARG F 236 44.73 3.55 37.87
CA ARG F 236 44.72 4.26 36.59
C ARG F 236 46.13 4.48 36.08
N ALA F 237 47.08 4.84 36.98
CA ALA F 237 48.48 5.11 36.70
C ALA F 237 49.17 3.96 35.96
N PHE F 238 48.80 2.69 36.28
CA PHE F 238 49.36 1.49 35.65
C PHE F 238 48.34 0.81 34.72
N ALA F 239 47.18 1.48 34.49
CA ALA F 239 46.05 1.09 33.64
C ALA F 239 45.63 -0.39 33.82
N MET F 240 45.54 -0.84 35.09
CA MET F 240 45.13 -2.20 35.42
C MET F 240 43.71 -2.18 36.03
N GLU F 241 42.74 -1.67 35.26
CA GLU F 241 41.33 -1.58 35.66
C GLU F 241 40.61 -2.90 35.47
N GLN F 242 40.85 -3.59 34.33
CA GLN F 242 40.25 -4.89 33.99
C GLN F 242 40.72 -5.99 34.96
N ARG F 243 41.94 -5.84 35.52
CA ARG F 243 42.52 -6.76 36.51
C ARG F 243 41.79 -6.60 37.84
N GLU F 244 41.46 -5.35 38.22
CA GLU F 244 40.73 -5.03 39.45
C GLU F 244 39.26 -5.43 39.34
N GLU F 245 38.67 -5.33 38.13
CA GLU F 245 37.29 -5.73 37.85
C GLU F 245 37.15 -7.26 37.93
N GLU F 246 38.21 -7.98 37.50
CA GLU F 246 38.31 -9.45 37.54
C GLU F 246 38.46 -9.92 38.99
N ARG F 247 39.35 -9.24 39.77
CA ARG F 247 39.65 -9.50 41.19
C ARG F 247 38.40 -9.31 42.03
N TYR F 248 37.57 -8.29 41.69
CA TYR F 248 36.33 -8.00 42.38
C TYR F 248 35.24 -8.97 41.89
N GLY F 249 35.21 -9.22 40.58
CA GLY F 249 34.26 -10.12 39.92
C GLY F 249 34.31 -11.55 40.44
N ALA F 250 35.52 -12.03 40.78
CA ALA F 250 35.75 -13.36 41.35
C ALA F 250 35.20 -13.43 42.77
N GLU F 251 35.41 -12.36 43.58
CA GLU F 251 34.91 -12.22 44.95
C GLU F 251 33.40 -11.97 44.94
N LEU F 252 32.87 -11.47 43.81
CA LEU F 252 31.46 -11.17 43.59
C LEU F 252 30.64 -12.42 43.31
N GLU F 253 31.22 -13.42 42.58
CA GLU F 253 30.53 -14.68 42.30
C GLU F 253 30.54 -15.56 43.54
N ALA F 254 31.60 -15.43 44.36
CA ALA F 254 31.75 -16.15 45.63
C ALA F 254 30.79 -15.57 46.67
N CYS F 255 30.48 -14.25 46.55
CA CYS F 255 29.53 -13.51 47.40
C CYS F 255 28.11 -14.06 47.19
N ARG F 256 27.78 -14.42 45.92
CA ARG F 256 26.50 -15.01 45.53
C ARG F 256 26.44 -16.46 46.01
N CYS F 257 27.52 -17.24 45.78
CA CYS F 257 27.67 -18.65 46.13
C CYS F 257 27.33 -18.91 47.60
N ARG F 258 27.93 -18.15 48.53
CA ARG F 258 27.71 -18.29 49.97
C ARG F 258 26.32 -17.81 50.40
N ALA F 259 25.76 -16.79 49.71
CA ALA F 259 24.44 -16.22 49.99
C ALA F 259 23.31 -17.11 49.46
N GLU F 260 23.58 -17.87 48.38
CA GLU F 260 22.64 -18.81 47.76
C GLU F 260 22.50 -20.04 48.65
N GLU F 261 23.60 -20.46 49.32
CA GLU F 261 23.66 -21.58 50.26
C GLU F 261 22.79 -21.28 51.48
N LEU F 262 22.88 -20.04 51.99
CA LEU F 262 22.09 -19.55 53.12
C LEU F 262 20.62 -19.40 52.68
N GLY F 263 20.42 -18.92 51.45
CA GLY F 263 19.12 -18.72 50.83
C GLY F 263 18.33 -20.01 50.69
N ARG F 264 19.05 -21.09 50.27
CA ARG F 264 18.49 -22.44 50.11
C ARG F 264 18.19 -23.05 51.48
N GLY F 265 18.99 -22.67 52.48
CA GLY F 265 18.86 -23.12 53.86
C GLY F 265 17.67 -22.52 54.57
N ILE F 266 17.47 -21.19 54.41
CA ILE F 266 16.36 -20.43 55.01
C ILE F 266 15.04 -20.91 54.39
N ALA F 267 15.05 -21.23 53.07
CA ALA F 267 13.89 -21.73 52.32
C ALA F 267 13.51 -23.15 52.76
N LEU F 268 14.51 -23.94 53.20
CA LEU F 268 14.30 -25.31 53.69
C LEU F 268 13.52 -25.28 55.00
N PHE F 269 13.86 -24.34 55.91
CA PHE F 269 13.19 -24.14 57.19
C PHE F 269 11.73 -23.76 56.95
N GLN F 270 11.49 -22.75 56.08
CA GLN F 270 10.17 -22.21 55.73
C GLN F 270 9.24 -23.30 55.18
N GLY F 271 9.77 -24.16 54.32
CA GLY F 271 9.05 -25.28 53.70
C GLY F 271 8.69 -26.37 54.68
N LEU F 272 9.67 -26.78 55.52
CA LEU F 272 9.50 -27.80 56.57
C LEU F 272 8.55 -27.32 57.66
N SER F 273 8.56 -25.99 57.92
CA SER F 273 7.70 -25.33 58.90
C SER F 273 6.24 -25.39 58.46
N ASN F 274 5.99 -25.36 57.14
CA ASN F 274 4.66 -25.44 56.54
C ASN F 274 4.09 -26.87 56.69
N ILE F 275 4.95 -27.88 56.52
CA ILE F 275 4.59 -29.30 56.65
C ILE F 275 4.33 -29.60 58.14
N ALA F 276 5.22 -29.11 59.03
CA ALA F 276 5.13 -29.30 60.49
C ALA F 276 3.80 -28.83 61.06
N PHE F 277 3.31 -27.66 60.61
CA PHE F 277 2.05 -27.07 61.06
C PHE F 277 0.85 -27.88 60.56
N ASN F 278 0.89 -28.32 59.28
CA ASN F 278 -0.16 -29.11 58.62
C ASN F 278 -0.33 -30.48 59.29
N CYS F 279 0.78 -31.04 59.78
CA CYS F 279 0.81 -32.32 60.47
C CYS F 279 0.31 -32.17 61.90
N MET F 280 0.48 -30.96 62.49
CA MET F 280 -0.01 -30.64 63.84
C MET F 280 -1.53 -30.62 63.85
N VAL F 281 -2.15 -30.12 62.76
CA VAL F 281 -3.60 -30.04 62.55
C VAL F 281 -4.16 -31.47 62.50
N LEU F 282 -3.50 -32.37 61.73
CA LEU F 282 -3.88 -33.77 61.57
C LEU F 282 -3.72 -34.54 62.88
N GLY F 283 -2.69 -34.16 63.66
CA GLY F 283 -2.38 -34.77 64.95
C GLY F 283 -3.42 -34.50 66.02
N THR F 284 -3.82 -33.22 66.16
CA THR F 284 -4.81 -32.79 67.15
C THR F 284 -6.24 -33.26 66.77
N LEU F 285 -6.49 -33.49 65.46
CA LEU F 285 -7.77 -33.96 64.94
C LEU F 285 -8.03 -35.41 65.39
N PHE F 286 -6.97 -36.24 65.45
CA PHE F 286 -7.06 -37.63 65.88
C PHE F 286 -6.99 -37.76 67.41
N ILE F 287 -6.22 -36.86 68.07
CA ILE F 287 -6.08 -36.84 69.53
C ILE F 287 -7.39 -36.34 70.17
N GLY F 288 -7.90 -35.21 69.67
CA GLY F 288 -9.15 -34.62 70.13
C GLY F 288 -10.38 -35.41 69.74
N GLY F 289 -10.33 -36.03 68.55
CA GLY F 289 -11.38 -36.86 67.99
C GLY F 289 -11.69 -38.10 68.80
N SER F 290 -10.67 -38.64 69.50
CA SER F 290 -10.78 -39.80 70.38
C SER F 290 -11.57 -39.43 71.66
N LEU F 291 -11.46 -38.16 72.11
CA LEU F 291 -12.14 -37.61 73.27
C LEU F 291 -13.57 -37.17 72.93
N VAL F 292 -13.84 -36.85 71.65
CA VAL F 292 -15.14 -36.41 71.12
C VAL F 292 -16.18 -37.53 71.23
N ALA F 293 -15.78 -38.78 70.90
CA ALA F 293 -16.65 -39.95 70.95
C ALA F 293 -16.96 -40.36 72.41
N GLY F 294 -16.03 -40.08 73.32
CA GLY F 294 -16.14 -40.41 74.74
C GLY F 294 -16.76 -39.34 75.63
N GLN F 295 -17.62 -38.48 75.05
CA GLN F 295 -18.37 -37.38 75.70
C GLN F 295 -17.48 -36.38 76.51
N GLN F 296 -16.14 -36.49 76.38
CA GLN F 296 -15.18 -35.62 77.07
C GLN F 296 -15.14 -34.22 76.45
N LEU F 297 -15.28 -34.14 75.12
CA LEU F 297 -15.32 -32.89 74.33
C LEU F 297 -16.46 -32.98 73.32
N THR F 298 -17.24 -31.90 73.16
CA THR F 298 -18.36 -31.89 72.20
C THR F 298 -17.85 -31.85 70.75
N GLY F 299 -18.70 -32.31 69.83
CA GLY F 299 -18.44 -32.34 68.40
C GLY F 299 -18.32 -30.96 67.79
N GLY F 300 -19.00 -29.99 68.41
CA GLY F 300 -18.97 -28.59 68.01
C GLY F 300 -17.66 -27.91 68.30
N ASP F 301 -16.93 -28.38 69.35
CA ASP F 301 -15.61 -27.87 69.75
C ASP F 301 -14.51 -28.29 68.77
N LEU F 302 -14.51 -29.59 68.36
CA LEU F 302 -13.57 -30.17 67.41
C LEU F 302 -13.75 -29.52 66.02
N MET F 303 -15.01 -29.24 65.64
CA MET F 303 -15.41 -28.59 64.39
C MET F 303 -14.94 -27.13 64.39
N SER F 304 -15.01 -26.45 65.55
CA SER F 304 -14.61 -25.05 65.72
C SER F 304 -13.08 -24.91 65.71
N PHE F 305 -12.36 -25.89 66.32
CA PHE F 305 -10.90 -25.91 66.40
C PHE F 305 -10.26 -25.98 65.01
N LEU F 306 -10.84 -26.79 64.09
CA LEU F 306 -10.35 -26.96 62.72
C LEU F 306 -10.44 -25.67 61.91
N VAL F 307 -11.48 -24.85 62.18
CA VAL F 307 -11.68 -23.57 61.51
C VAL F 307 -10.73 -22.55 62.17
N ALA F 308 -10.48 -22.70 63.49
CA ALA F 308 -9.59 -21.84 64.27
C ALA F 308 -8.12 -22.03 63.90
N SER F 309 -7.70 -23.30 63.64
CA SER F 309 -6.33 -23.65 63.25
C SER F 309 -6.00 -23.12 61.84
N GLN F 310 -7.02 -23.07 60.96
CA GLN F 310 -6.94 -22.56 59.59
C GLN F 310 -6.67 -21.05 59.59
N THR F 311 -7.17 -20.34 60.63
CA THR F 311 -7.00 -18.90 60.84
C THR F 311 -5.58 -18.62 61.36
N VAL F 312 -5.04 -19.52 62.21
CA VAL F 312 -3.69 -19.43 62.78
C VAL F 312 -2.67 -19.74 61.67
N GLN F 313 -2.95 -20.74 60.80
CA GLN F 313 -2.11 -21.16 59.68
C GLN F 313 -1.79 -19.98 58.73
N ARG F 314 -2.79 -19.10 58.52
CA ARG F 314 -2.67 -17.90 57.67
C ARG F 314 -1.84 -16.82 58.36
N SER F 315 -1.94 -16.74 59.71
CA SER F 315 -1.23 -15.77 60.55
C SER F 315 0.23 -16.16 60.76
N MET F 316 0.50 -17.48 60.92
CA MET F 316 1.84 -18.02 61.11
C MET F 316 2.65 -17.91 59.83
N ALA F 317 1.94 -17.99 58.67
CA ALA F 317 2.51 -17.89 57.33
C ALA F 317 3.18 -16.53 57.09
N ASN F 318 2.64 -15.45 57.71
CA ASN F 318 3.17 -14.09 57.59
C ASN F 318 4.53 -13.97 58.29
N LEU F 319 4.70 -14.66 59.43
CA LEU F 319 5.95 -14.67 60.21
C LEU F 319 6.99 -15.56 59.55
N SER F 320 6.55 -16.64 58.87
CA SER F 320 7.39 -17.60 58.14
C SER F 320 8.08 -16.92 56.94
N VAL F 321 7.43 -15.89 56.37
CA VAL F 321 7.92 -15.09 55.23
C VAL F 321 9.09 -14.20 55.72
N LEU F 322 8.93 -13.62 56.92
CA LEU F 322 9.93 -12.74 57.54
C LEU F 322 11.08 -13.48 58.20
N PHE F 323 11.10 -14.84 58.15
CA PHE F 323 12.16 -15.65 58.76
C PHE F 323 13.55 -15.28 58.21
N GLY F 324 13.62 -14.90 56.93
CA GLY F 324 14.84 -14.45 56.28
C GLY F 324 15.40 -13.21 56.93
N GLN F 325 14.50 -12.31 57.38
CA GLN F 325 14.83 -11.08 58.08
C GLN F 325 15.24 -11.39 59.51
N VAL F 326 14.62 -12.41 60.14
CA VAL F 326 14.92 -12.85 61.50
C VAL F 326 16.37 -13.32 61.58
N VAL F 327 16.82 -14.10 60.57
CA VAL F 327 18.19 -14.62 60.46
C VAL F 327 19.15 -13.43 60.28
N ARG F 328 18.89 -12.59 59.24
CA ARG F 328 19.69 -11.41 58.87
C ARG F 328 19.83 -10.43 60.03
N GLY F 329 18.72 -10.16 60.72
CA GLY F 329 18.64 -9.25 61.85
C GLY F 329 19.39 -9.69 63.07
N LEU F 330 19.21 -10.97 63.48
CA LEU F 330 19.88 -11.52 64.65
C LEU F 330 21.40 -11.59 64.46
N SER F 331 21.87 -11.98 63.27
CA SER F 331 23.30 -12.08 62.96
C SER F 331 23.95 -10.71 62.98
N ALA F 332 23.22 -9.67 62.54
CA ALA F 332 23.68 -8.28 62.53
C ALA F 332 23.79 -7.71 63.94
N GLY F 333 22.75 -7.93 64.76
CA GLY F 333 22.68 -7.50 66.14
C GLY F 333 23.73 -8.16 67.02
N ALA F 334 24.11 -9.41 66.68
CA ALA F 334 25.13 -10.19 67.39
C ALA F 334 26.52 -9.56 67.23
N ARG F 335 26.83 -9.03 66.03
CA ARG F 335 28.09 -8.37 65.71
C ARG F 335 28.22 -7.04 66.46
N VAL F 336 27.07 -6.36 66.69
CA VAL F 336 27.01 -5.09 67.43
C VAL F 336 27.37 -5.33 68.90
N PHE F 337 26.80 -6.37 69.53
CA PHE F 337 27.07 -6.71 70.94
C PHE F 337 28.41 -7.43 71.15
N GLU F 338 29.02 -7.93 70.05
CA GLU F 338 30.31 -8.64 70.07
C GLU F 338 31.43 -7.70 70.52
N TYR F 339 31.58 -6.57 69.80
CA TYR F 339 32.63 -5.58 70.04
C TYR F 339 32.27 -4.59 71.17
N MET F 340 30.99 -4.59 71.61
CA MET F 340 30.53 -3.71 72.68
C MET F 340 31.01 -4.21 74.04
N ALA F 341 31.09 -5.54 74.21
CA ALA F 341 31.49 -6.20 75.45
C ALA F 341 33.02 -6.25 75.66
N LEU F 342 33.81 -6.07 74.58
CA LEU F 342 35.28 -6.11 74.58
C LEU F 342 35.93 -5.13 75.57
N ASN F 343 36.89 -5.64 76.36
CA ASN F 343 37.65 -4.87 77.35
C ASN F 343 39.14 -4.79 76.95
N PRO F 344 39.73 -3.57 76.84
CA PRO F 344 41.13 -3.48 76.42
C PRO F 344 42.11 -3.85 77.54
N CYS F 345 43.39 -4.04 77.17
CA CYS F 345 44.46 -4.38 78.09
C CYS F 345 44.83 -3.16 78.94
N ILE F 346 45.06 -2.01 78.29
CA ILE F 346 45.40 -0.74 78.94
C ILE F 346 44.13 0.12 79.07
N PRO F 347 43.79 0.61 80.29
CA PRO F 347 42.59 1.45 80.44
C PRO F 347 42.84 2.90 80.01
N LEU F 348 41.90 3.81 80.30
CA LEU F 348 42.08 5.21 79.93
C LEU F 348 42.07 6.13 81.16
N SER F 349 41.33 5.75 82.22
CA SER F 349 41.22 6.55 83.44
C SER F 349 41.98 5.94 84.64
N GLY F 350 42.29 4.65 84.56
CA GLY F 350 42.98 3.93 85.63
C GLY F 350 44.42 4.35 85.87
N GLY F 351 44.64 5.09 86.96
CA GLY F 351 45.97 5.55 87.34
C GLY F 351 46.04 6.74 88.28
N CYS F 352 47.27 7.18 88.59
CA CYS F 352 47.58 8.29 89.50
C CYS F 352 48.18 9.48 88.75
N CYS F 353 47.91 10.70 89.25
CA CYS F 353 48.40 11.96 88.70
C CYS F 353 49.50 12.53 89.59
N VAL F 354 50.46 13.23 88.98
CA VAL F 354 51.59 13.87 89.66
C VAL F 354 51.43 15.40 89.51
N PRO F 355 51.49 16.19 90.62
CA PRO F 355 51.31 17.65 90.48
C PRO F 355 52.46 18.33 89.75
N LYS F 356 52.20 19.52 89.16
CA LYS F 356 53.17 20.33 88.40
C LYS F 356 54.38 20.71 89.23
N GLU F 357 54.19 20.85 90.56
CA GLU F 357 55.24 21.17 91.54
C GLU F 357 56.20 20.00 91.74
N GLN F 358 55.71 18.75 91.62
CA GLN F 358 56.48 17.52 91.79
C GLN F 358 57.04 17.01 90.47
N LEU F 359 56.28 17.18 89.35
CA LEU F 359 56.66 16.73 88.02
C LEU F 359 57.85 17.54 87.49
N ARG F 360 58.96 16.84 87.19
CA ARG F 360 60.20 17.44 86.70
C ARG F 360 60.45 17.05 85.24
N GLY F 361 60.09 15.81 84.87
CA GLY F 361 60.23 15.31 83.51
C GLY F 361 61.44 14.42 83.27
N SER F 362 61.68 13.43 84.14
CA SER F 362 62.78 12.50 83.98
C SER F 362 62.25 11.15 83.48
N VAL F 363 62.52 10.81 82.22
CA VAL F 363 62.07 9.55 81.59
C VAL F 363 63.19 8.51 81.74
N THR F 364 62.87 7.31 82.25
CA THR F 364 63.85 6.23 82.48
C THR F 364 63.32 4.88 81.99
N PHE F 365 63.94 4.35 80.92
CA PHE F 365 63.65 3.04 80.30
C PHE F 365 64.62 2.01 80.87
N GLN F 366 64.19 1.19 81.82
CA GLN F 366 65.11 0.21 82.42
C GLN F 366 64.89 -1.17 81.85
N ASN F 367 65.95 -1.74 81.22
CA ASN F 367 66.00 -3.08 80.59
C ASN F 367 64.66 -3.43 79.90
N VAL F 368 64.16 -2.48 79.09
CA VAL F 368 62.89 -2.56 78.38
C VAL F 368 63.02 -3.50 77.18
N YCM F 369 62.18 -4.53 77.16
CA YCM F 369 62.09 -5.50 76.09
CB YCM F 369 62.31 -6.93 76.57
SG YCM F 369 63.94 -7.25 77.30
CD YCM F 369 64.25 -8.95 76.77
CE YCM F 369 65.66 -9.43 77.10
OZ1 YCM F 369 66.08 -9.42 78.25
NZ2 YCM F 369 66.38 -9.84 76.07
C YCM F 369 60.70 -5.37 75.53
O YCM F 369 59.74 -5.18 76.28
N PHE F 370 60.60 -5.44 74.20
CA PHE F 370 59.30 -5.35 73.52
C PHE F 370 59.27 -6.22 72.28
N SER F 371 58.08 -6.70 71.99
CA SER F 371 57.71 -7.48 70.82
C SER F 371 56.24 -7.18 70.56
N TYR F 372 55.89 -6.76 69.33
CA TYR F 372 54.52 -6.41 68.97
C TYR F 372 53.56 -7.59 69.21
N PRO F 373 52.31 -7.38 69.68
CA PRO F 373 51.41 -8.52 69.95
C PRO F 373 51.03 -9.29 68.68
N YCM F 374 51.19 -8.66 67.51
CA YCM F 374 50.92 -9.25 66.19
CB YCM F 374 50.91 -8.15 65.13
SG YCM F 374 49.84 -6.75 65.50
CD YCM F 374 50.99 -5.55 66.22
CE YCM F 374 50.35 -4.18 66.34
OZ1 YCM F 374 50.90 -3.19 65.87
NZ2 YCM F 374 49.18 -4.15 66.95
C YCM F 374 51.98 -10.29 65.86
O YCM F 374 51.62 -11.39 65.43
N ARG F 375 53.27 -9.94 66.05
CA ARG F 375 54.40 -10.82 65.83
C ARG F 375 55.05 -11.12 67.19
N PRO F 376 54.53 -12.10 67.98
CA PRO F 376 55.10 -12.35 69.32
C PRO F 376 56.52 -12.91 69.30
N GLY F 377 56.92 -13.51 68.17
CA GLY F 377 58.25 -14.07 67.98
C GLY F 377 59.30 -13.05 67.61
N PHE F 378 58.98 -12.14 66.66
CA PHE F 378 59.88 -11.09 66.16
C PHE F 378 60.07 -9.97 67.20
N GLU F 379 61.21 -10.00 67.91
CA GLU F 379 61.59 -9.03 68.94
C GLU F 379 62.09 -7.75 68.30
N VAL F 380 61.39 -6.64 68.56
CA VAL F 380 61.67 -5.31 68.01
C VAL F 380 62.68 -4.58 68.92
N LEU F 381 62.40 -4.56 70.23
CA LEU F 381 63.23 -3.91 71.25
C LEU F 381 63.82 -4.95 72.19
N LYS F 382 65.16 -5.02 72.25
CA LYS F 382 65.87 -5.99 73.09
C LYS F 382 66.76 -5.29 74.09
N ASP F 383 66.46 -5.44 75.40
CA ASP F 383 67.21 -4.89 76.55
C ASP F 383 67.59 -3.40 76.32
N PHE F 384 66.55 -2.54 76.22
CA PHE F 384 66.72 -1.10 76.00
C PHE F 384 66.86 -0.37 77.34
N THR F 385 67.98 0.36 77.50
CA THR F 385 68.27 1.11 78.71
C THR F 385 68.68 2.54 78.34
N LEU F 386 67.77 3.51 78.55
CA LEU F 386 67.99 4.93 78.27
C LEU F 386 67.32 5.80 79.32
N THR F 387 68.02 6.86 79.76
CA THR F 387 67.48 7.81 80.73
C THR F 387 67.60 9.23 80.15
N LEU F 388 66.48 9.95 80.15
CA LEU F 388 66.35 11.33 79.63
C LEU F 388 66.37 12.33 80.80
N PRO F 389 67.41 13.21 80.90
CA PRO F 389 67.45 14.17 82.01
C PRO F 389 66.39 15.27 81.89
N PRO F 390 65.81 15.76 83.01
CA PRO F 390 64.74 16.79 82.91
C PRO F 390 65.25 18.12 82.34
N GLY F 391 64.55 18.61 81.32
CA GLY F 391 64.86 19.85 80.62
C GLY F 391 65.86 19.70 79.48
N LYS F 392 66.61 18.58 79.47
CA LYS F 392 67.64 18.25 78.48
C LYS F 392 67.02 17.58 77.24
N ILE F 393 67.58 17.88 76.05
CA ILE F 393 67.14 17.38 74.76
C ILE F 393 68.02 16.17 74.36
N VAL F 394 67.44 14.97 74.41
CA VAL F 394 68.14 13.71 74.07
C VAL F 394 67.80 13.32 72.63
N ALA F 395 68.83 13.11 71.80
CA ALA F 395 68.68 12.71 70.41
C ALA F 395 68.69 11.18 70.26
N LEU F 396 67.88 10.67 69.33
CA LEU F 396 67.74 9.24 69.06
C LEU F 396 67.98 8.96 67.56
N VAL F 397 69.11 8.30 67.25
CA VAL F 397 69.53 7.96 65.89
C VAL F 397 69.59 6.44 65.70
N GLY F 398 69.37 5.99 64.47
CA GLY F 398 69.40 4.57 64.12
C GLY F 398 68.93 4.26 62.71
N GLN F 399 69.14 3.00 62.28
CA GLN F 399 68.74 2.51 60.95
C GLN F 399 67.24 2.29 60.89
N SER F 400 66.64 2.42 59.69
CA SER F 400 65.20 2.24 59.45
C SER F 400 64.76 0.81 59.80
N GLY F 401 63.89 0.70 60.80
CA GLY F 401 63.35 -0.55 61.30
C GLY F 401 64.01 -1.06 62.58
N GLY F 402 64.85 -0.21 63.18
CA GLY F 402 65.58 -0.51 64.41
C GLY F 402 64.79 -0.38 65.70
N GLY F 403 63.57 0.15 65.61
CA GLY F 403 62.68 0.33 66.74
C GLY F 403 62.60 1.74 67.30
N LYS F 404 62.87 2.77 66.45
CA LYS F 404 62.85 4.19 66.84
C LYS F 404 61.45 4.64 67.25
N THR F 405 60.49 4.56 66.32
CA THR F 405 59.10 4.96 66.51
C THR F 405 58.44 4.07 67.60
N THR F 406 58.94 2.81 67.75
CA THR F 406 58.45 1.84 68.74
C THR F 406 58.73 2.34 70.18
N VAL F 407 59.91 2.97 70.41
CA VAL F 407 60.28 3.54 71.71
C VAL F 407 59.28 4.65 72.08
N ALA F 408 58.99 5.55 71.11
CA ALA F 408 58.10 6.69 71.25
C ALA F 408 56.69 6.26 71.65
N SER F 409 56.14 5.21 71.01
CA SER F 409 54.80 4.69 71.28
C SER F 409 54.70 4.04 72.68
N LEU F 410 55.82 3.52 73.22
CA LEU F 410 55.89 2.92 74.56
C LEU F 410 55.82 4.02 75.64
N LEU F 411 56.41 5.20 75.35
CA LEU F 411 56.39 6.37 76.24
C LEU F 411 54.98 6.97 76.28
N GLU F 412 54.26 6.96 75.13
CA GLU F 412 52.88 7.45 75.04
C GLU F 412 51.91 6.40 75.61
N ARG F 413 52.47 5.25 76.08
CA ARG F 413 51.82 4.09 76.67
C ARG F 413 50.74 3.51 75.73
N PHE F 414 51.07 3.37 74.43
CA PHE F 414 50.18 2.75 73.44
C PHE F 414 50.24 1.23 73.64
N TYR F 415 51.42 0.76 74.08
CA TYR F 415 51.76 -0.63 74.42
C TYR F 415 52.60 -0.64 75.70
N ASP F 416 52.60 -1.77 76.41
CA ASP F 416 53.41 -1.95 77.63
C ASP F 416 54.56 -2.93 77.34
N PRO F 417 55.76 -2.76 77.94
CA PRO F 417 56.88 -3.68 77.62
C PRO F 417 56.62 -5.14 78.01
N THR F 418 57.26 -6.07 77.28
CA THR F 418 57.19 -7.51 77.51
C THR F 418 58.04 -7.88 78.74
N ALA F 419 59.07 -7.06 79.02
CA ALA F 419 59.99 -7.16 80.16
C ALA F 419 60.57 -5.78 80.46
N GLY F 420 60.85 -5.50 81.73
CA GLY F 420 61.38 -4.21 82.16
C GLY F 420 60.29 -3.16 82.35
N VAL F 421 60.67 -1.93 82.77
CA VAL F 421 59.71 -0.85 82.99
C VAL F 421 60.16 0.49 82.40
N VAL F 422 59.17 1.35 82.09
CA VAL F 422 59.33 2.72 81.60
C VAL F 422 58.79 3.64 82.71
N MET F 423 59.67 4.50 83.27
CA MET F 423 59.31 5.35 84.40
C MET F 423 59.40 6.84 84.08
N LEU F 424 58.43 7.61 84.62
CA LEU F 424 58.37 9.06 84.56
C LEU F 424 58.55 9.58 85.99
N ASP F 425 59.71 10.19 86.27
CA ASP F 425 60.12 10.73 87.57
C ASP F 425 59.98 9.67 88.67
N GLY F 426 60.62 8.52 88.45
CA GLY F 426 60.62 7.39 89.38
C GLY F 426 59.36 6.56 89.40
N ARG F 427 58.23 7.13 88.93
CA ARG F 427 56.93 6.47 88.88
C ARG F 427 56.74 5.75 87.56
N ASP F 428 56.40 4.44 87.63
CA ASP F 428 56.12 3.57 86.48
C ASP F 428 54.84 4.02 85.77
N LEU F 429 54.85 3.98 84.42
CA LEU F 429 53.72 4.40 83.56
C LEU F 429 52.47 3.54 83.80
N ARG F 430 52.64 2.29 84.27
CA ARG F 430 51.55 1.35 84.55
C ARG F 430 50.64 1.87 85.67
N THR F 431 51.24 2.46 86.72
CA THR F 431 50.54 3.03 87.88
C THR F 431 50.00 4.42 87.56
N LEU F 432 50.52 5.06 86.48
CA LEU F 432 50.15 6.40 86.03
C LEU F 432 48.90 6.41 85.15
N ASP F 433 48.08 7.46 85.31
CA ASP F 433 46.84 7.70 84.56
C ASP F 433 47.19 8.00 83.09
N PRO F 434 46.78 7.13 82.14
CA PRO F 434 47.16 7.34 80.72
C PRO F 434 46.56 8.60 80.10
N SER F 435 45.35 9.01 80.52
CA SER F 435 44.72 10.25 80.01
C SER F 435 45.51 11.48 80.47
N TRP F 436 46.04 11.43 81.73
CA TRP F 436 46.85 12.50 82.33
C TRP F 436 48.21 12.58 81.63
N LEU F 437 48.83 11.41 81.37
CA LEU F 437 50.13 11.28 80.71
C LEU F 437 50.10 11.82 79.27
N ARG F 438 49.14 11.36 78.44
CA ARG F 438 49.03 11.75 77.02
C ARG F 438 48.45 13.16 76.84
N GLY F 439 47.47 13.52 77.66
CA GLY F 439 46.76 14.78 77.56
C GLY F 439 47.32 16.00 78.29
N GLN F 440 48.32 15.82 79.17
CA GLN F 440 48.93 16.93 79.93
C GLN F 440 50.45 16.86 80.08
N VAL F 441 51.06 15.67 80.00
CA VAL F 441 52.51 15.53 80.22
C VAL F 441 53.30 15.43 78.92
N VAL F 442 52.96 14.46 78.06
CA VAL F 442 53.72 14.22 76.83
C VAL F 442 53.07 14.89 75.60
N GLY F 443 53.89 15.59 74.83
CA GLY F 443 53.53 16.25 73.59
C GLY F 443 54.16 15.54 72.41
N PHE F 444 53.37 14.76 71.66
CA PHE F 444 53.84 13.97 70.52
C PHE F 444 53.68 14.71 69.18
N ILE F 445 54.71 14.59 68.32
CA ILE F 445 54.78 15.18 66.97
C ILE F 445 55.26 14.08 66.00
N SER F 446 54.34 13.61 65.12
CA SER F 446 54.62 12.55 64.13
C SER F 446 55.18 13.13 62.82
N GLN F 447 55.79 12.25 61.98
CA GLN F 447 56.38 12.62 60.70
C GLN F 447 55.33 13.06 59.67
N GLU F 448 54.08 12.59 59.85
CA GLU F 448 52.92 12.93 59.03
C GLU F 448 51.81 13.47 59.96
N PRO F 449 51.47 14.78 59.89
CA PRO F 449 50.44 15.31 60.81
C PRO F 449 49.03 14.91 60.40
N VAL F 450 48.12 14.83 61.38
CA VAL F 450 46.72 14.47 61.17
C VAL F 450 45.83 15.66 61.56
N LEU F 451 45.12 16.22 60.57
CA LEU F 451 44.21 17.35 60.77
C LEU F 451 42.78 16.90 60.50
N PHE F 452 41.89 17.19 61.46
CA PHE F 452 40.47 16.82 61.39
C PHE F 452 39.69 17.78 60.46
N GLY F 453 38.47 17.38 60.10
CA GLY F 453 37.59 18.14 59.22
C GLY F 453 36.77 19.21 59.90
N THR F 454 37.44 20.11 60.65
CA THR F 454 36.83 21.25 61.35
C THR F 454 37.66 22.52 61.04
N THR F 455 37.40 23.63 61.76
CA THR F 455 38.12 24.88 61.57
C THR F 455 39.54 24.79 62.15
N ILE F 456 40.45 25.66 61.69
CA ILE F 456 41.86 25.74 62.14
C ILE F 456 41.90 26.04 63.64
N MET F 457 41.07 26.99 64.13
CA MET F 457 40.98 27.38 65.54
C MET F 457 40.54 26.22 66.44
N GLU F 458 39.61 25.37 65.94
CA GLU F 458 39.12 24.20 66.67
C GLU F 458 40.09 23.01 66.55
N ASN F 459 40.86 22.95 65.44
CA ASN F 459 41.83 21.88 65.18
C ASN F 459 43.02 21.98 66.13
N ILE F 460 43.48 23.22 66.42
CA ILE F 460 44.61 23.47 67.34
C ILE F 460 44.11 23.25 68.77
N ARG F 461 42.88 23.73 69.09
CA ARG F 461 42.24 23.62 70.40
C ARG F 461 42.05 22.15 70.87
N PHE F 462 42.45 21.15 70.03
CA PHE F 462 42.39 19.72 70.33
C PHE F 462 43.39 19.34 71.46
N GLY F 463 44.43 20.14 71.66
CA GLY F 463 45.46 19.94 72.67
C GLY F 463 44.97 20.05 74.10
N LYS F 464 44.17 21.10 74.39
CA LYS F 464 43.56 21.35 75.71
C LYS F 464 42.07 21.67 75.50
N LEU F 465 41.19 20.86 76.12
CA LEU F 465 39.73 20.97 76.00
C LEU F 465 39.17 22.29 76.56
N GLU F 466 39.61 22.69 77.77
CA GLU F 466 39.16 23.91 78.44
C GLU F 466 40.09 25.11 78.13
N ALA F 467 40.41 25.31 76.84
CA ALA F 467 41.28 26.39 76.39
C ALA F 467 40.47 27.54 75.79
N SER F 468 40.84 28.78 76.15
CA SER F 468 40.18 30.00 75.66
C SER F 468 40.68 30.36 74.25
N ASP F 469 39.96 31.26 73.55
CA ASP F 469 40.30 31.72 72.20
C ASP F 469 41.67 32.41 72.18
N GLU F 470 42.00 33.17 73.25
CA GLU F 470 43.26 33.89 73.42
C GLU F 470 44.44 32.92 73.62
N GLU F 471 44.20 31.72 74.19
CA GLU F 471 45.22 30.69 74.44
C GLU F 471 45.71 30.05 73.14
N VAL F 472 44.82 29.91 72.14
CA VAL F 472 45.11 29.30 70.83
C VAL F 472 46.08 30.21 70.04
N TYR F 473 45.77 31.53 69.96
CA TYR F 473 46.57 32.52 69.24
C TYR F 473 47.98 32.66 69.84
N THR F 474 48.10 32.54 71.18
CA THR F 474 49.38 32.62 71.91
C THR F 474 50.23 31.38 71.57
N ALA F 475 49.57 30.21 71.45
CA ALA F 475 50.20 28.93 71.11
C ALA F 475 50.61 28.91 69.62
N ALA F 476 49.79 29.50 68.74
CA ALA F 476 50.03 29.58 67.29
C ALA F 476 51.22 30.51 66.97
N ARG F 477 51.41 31.57 67.78
CA ARG F 477 52.51 32.52 67.63
C ARG F 477 53.85 31.88 68.03
N GLU F 478 53.81 30.88 68.92
CA GLU F 478 54.98 30.15 69.40
C GLU F 478 55.46 29.11 68.38
N ALA F 479 54.59 28.72 67.44
CA ALA F 479 54.88 27.74 66.39
C ALA F 479 54.92 28.36 64.97
N ASN F 480 55.02 29.72 64.89
CA ASN F 480 55.05 30.54 63.66
C ASN F 480 53.88 30.20 62.71
N ALA F 481 52.71 29.91 63.31
CA ALA F 481 51.49 29.54 62.58
C ALA F 481 50.58 30.74 62.36
N HIS F 482 50.45 31.63 63.38
CA HIS F 482 49.61 32.83 63.38
C HIS F 482 49.89 33.74 62.16
N GLU F 483 51.15 33.77 61.69
CA GLU F 483 51.61 34.59 60.55
C GLU F 483 50.90 34.21 59.23
N PHE F 484 50.77 32.89 58.95
CA PHE F 484 50.13 32.44 57.70
C PHE F 484 48.62 32.18 57.86
N ILE F 485 48.13 31.94 59.11
CA ILE F 485 46.69 31.69 59.36
C ILE F 485 45.89 32.98 59.12
N THR F 486 46.41 34.12 59.65
CA THR F 486 45.79 35.45 59.51
C THR F 486 45.72 35.88 58.03
N SER F 487 46.72 35.43 57.21
CA SER F 487 46.84 35.72 55.78
C SER F 487 45.67 35.16 54.95
N PHE F 488 44.98 34.10 55.45
CA PHE F 488 43.83 33.49 54.78
C PHE F 488 42.59 34.42 54.82
N PRO F 489 41.63 34.30 53.85
CA PRO F 489 40.46 35.20 53.87
C PRO F 489 39.62 35.09 55.14
N GLU F 490 39.19 33.88 55.53
CA GLU F 490 38.41 33.66 56.75
C GLU F 490 39.34 33.61 57.97
N GLY F 491 40.52 33.04 57.79
CA GLY F 491 41.54 32.94 58.83
C GLY F 491 41.42 31.69 59.67
N TYR F 492 41.11 31.87 60.97
CA TYR F 492 40.96 30.78 61.94
C TYR F 492 39.61 30.06 61.77
N ASN F 493 38.65 30.69 61.08
CA ASN F 493 37.33 30.13 60.82
C ASN F 493 37.33 29.29 59.52
N THR F 494 38.51 29.12 58.89
CA THR F 494 38.67 28.35 57.65
C THR F 494 38.73 26.85 57.99
N VAL F 495 37.88 26.05 57.32
CA VAL F 495 37.84 24.60 57.48
C VAL F 495 39.03 23.98 56.77
N VAL F 496 39.53 22.85 57.28
CA VAL F 496 40.68 22.15 56.71
C VAL F 496 40.32 20.65 56.53
N GLY F 497 41.01 19.99 55.61
CA GLY F 497 40.82 18.57 55.31
C GLY F 497 40.40 18.32 53.89
N GLU F 498 39.52 17.32 53.70
CA GLU F 498 38.99 16.91 52.40
C GLU F 498 38.08 18.01 51.81
N ARG F 499 37.11 18.49 52.60
CA ARG F 499 36.16 19.54 52.20
C ARG F 499 36.80 20.94 52.27
N GLY F 500 37.73 21.12 53.21
CA GLY F 500 38.44 22.38 53.42
C GLY F 500 39.60 22.62 52.47
N THR F 501 40.32 23.74 52.69
CA THR F 501 41.47 24.15 51.88
C THR F 501 42.66 23.22 52.15
N THR F 502 43.29 22.73 51.05
CA THR F 502 44.46 21.85 51.11
C THR F 502 45.70 22.68 51.46
N LEU F 503 46.45 22.24 52.49
CA LEU F 503 47.64 22.93 52.99
C LEU F 503 48.93 22.16 52.71
N SER F 504 50.04 22.90 52.51
CA SER F 504 51.38 22.38 52.26
C SER F 504 51.92 21.65 53.49
N GLY F 505 52.85 20.72 53.27
CA GLY F 505 53.48 19.91 54.31
C GLY F 505 54.02 20.71 55.50
N GLY F 506 54.73 21.79 55.19
CA GLY F 506 55.31 22.70 56.18
C GLY F 506 54.27 23.47 56.98
N GLN F 507 53.14 23.80 56.33
CA GLN F 507 52.02 24.52 56.95
C GLN F 507 51.27 23.62 57.93
N LYS F 508 51.04 22.35 57.54
CA LYS F 508 50.32 21.32 58.32
C LYS F 508 51.07 20.98 59.61
N GLN F 509 52.41 20.79 59.52
CA GLN F 509 53.27 20.44 60.66
C GLN F 509 53.37 21.59 61.68
N ARG F 510 53.35 22.86 61.20
CA ARG F 510 53.40 24.07 62.04
C ARG F 510 52.17 24.14 62.96
N LEU F 511 51.00 23.68 62.46
CA LEU F 511 49.73 23.63 63.19
C LEU F 511 49.77 22.57 64.29
N ALA F 512 50.40 21.41 63.99
CA ALA F 512 50.54 20.26 64.91
C ALA F 512 51.39 20.62 66.14
N ILE F 513 52.42 21.49 65.94
CA ILE F 513 53.32 21.97 67.01
C ILE F 513 52.52 22.84 67.99
N ALA F 514 51.71 23.77 67.45
CA ALA F 514 50.86 24.68 68.22
C ALA F 514 49.79 23.92 69.01
N ARG F 515 49.31 22.78 68.45
CA ARG F 515 48.31 21.90 69.04
C ARG F 515 48.88 21.25 70.31
N ALA F 516 50.11 20.70 70.24
CA ALA F 516 50.80 20.03 71.33
C ALA F 516 51.31 21.01 72.42
N LEU F 517 51.43 22.31 72.10
CA LEU F 517 51.96 23.31 73.03
C LEU F 517 50.90 23.89 74.00
N ILE F 518 49.58 23.80 73.68
CA ILE F 518 48.51 24.36 74.53
C ILE F 518 48.45 23.62 75.88
N LYS F 519 48.51 22.27 75.86
CA LYS F 519 48.45 21.43 77.08
C LYS F 519 49.67 21.64 78.02
N GLN F 520 50.65 22.48 77.60
CA GLN F 520 51.89 22.82 78.31
C GLN F 520 52.63 21.52 78.69
N PRO F 521 53.29 20.86 77.72
CA PRO F 521 53.93 19.57 78.02
C PRO F 521 55.24 19.68 78.77
N THR F 522 55.52 18.67 79.59
CA THR F 522 56.75 18.55 80.38
C THR F 522 57.75 17.72 79.56
N VAL F 523 57.22 16.74 78.80
CA VAL F 523 57.96 15.84 77.91
C VAL F 523 57.49 16.12 76.47
N LEU F 524 58.41 16.03 75.50
CA LEU F 524 58.12 16.30 74.09
C LEU F 524 58.77 15.23 73.19
N ILE F 525 57.97 14.59 72.32
CA ILE F 525 58.48 13.60 71.38
C ILE F 525 58.42 14.19 69.96
N LEU F 526 59.56 14.17 69.25
CA LEU F 526 59.64 14.67 67.88
C LEU F 526 60.15 13.56 66.96
N ASP F 527 59.22 12.77 66.38
CA ASP F 527 59.54 11.65 65.50
C ASP F 527 59.51 12.07 64.02
N GLU F 528 60.70 12.40 63.48
CA GLU F 528 60.99 12.81 62.09
C GLU F 528 60.03 13.93 61.62
N ALA F 529 59.81 14.96 62.47
CA ALA F 529 58.90 16.09 62.23
C ALA F 529 59.11 16.78 60.87
N THR F 530 60.37 16.82 60.36
CA THR F 530 60.71 17.46 59.09
C THR F 530 61.15 16.40 58.04
N SER F 531 60.37 15.28 57.92
CA SER F 531 60.68 14.18 57.01
C SER F 531 60.46 14.55 55.53
N ALA F 532 59.19 14.63 55.07
CA ALA F 532 58.85 14.92 53.68
C ALA F 532 58.62 16.42 53.43
N LEU F 533 59.46 17.28 54.05
CA LEU F 533 59.34 18.74 53.88
C LEU F 533 60.38 19.25 52.91
N ASP F 534 59.98 20.25 52.08
CA ASP F 534 60.83 20.95 51.10
C ASP F 534 61.91 21.74 51.83
N ALA F 535 63.09 21.89 51.23
CA ALA F 535 64.27 22.59 51.79
C ALA F 535 63.91 23.89 52.55
N GLU F 536 63.04 24.73 51.96
CA GLU F 536 62.59 26.01 52.53
C GLU F 536 61.68 25.79 53.74
N SER F 537 60.61 24.96 53.59
CA SER F 537 59.64 24.63 54.64
C SER F 537 60.31 23.94 55.86
N GLU F 538 61.32 23.08 55.58
CA GLU F 538 62.10 22.33 56.56
C GLU F 538 62.84 23.26 57.54
N ARG F 539 63.42 24.37 57.02
CA ARG F 539 64.15 25.37 57.81
C ARG F 539 63.21 26.17 58.72
N VAL F 540 61.97 26.43 58.27
CA VAL F 540 60.95 27.20 59.00
C VAL F 540 60.43 26.41 60.20
N VAL F 541 59.95 25.16 59.95
CA VAL F 541 59.37 24.24 60.94
C VAL F 541 60.41 23.90 62.04
N GLN F 542 61.66 23.59 61.66
CA GLN F 542 62.74 23.25 62.59
C GLN F 542 63.06 24.41 63.55
N GLU F 543 63.03 25.67 63.03
CA GLU F 543 63.29 26.90 63.79
C GLU F 543 62.26 27.10 64.91
N ALA F 544 60.98 26.77 64.64
CA ALA F 544 59.88 26.87 65.60
C ALA F 544 59.89 25.70 66.60
N LEU F 545 60.40 24.52 66.17
CA LEU F 545 60.50 23.32 66.99
C LEU F 545 61.54 23.50 68.09
N ASP F 546 62.65 24.20 67.79
CA ASP F 546 63.74 24.48 68.74
C ASP F 546 63.29 25.45 69.84
N ARG F 547 62.42 26.43 69.48
CA ARG F 547 61.85 27.41 70.40
C ARG F 547 60.92 26.73 71.41
N ALA F 548 60.13 25.74 70.94
CA ALA F 548 59.21 24.94 71.75
C ALA F 548 59.96 23.94 72.62
N SER F 549 61.17 23.52 72.18
CA SER F 549 62.04 22.56 72.88
C SER F 549 62.72 23.16 74.12
N ALA F 550 62.70 24.50 74.26
CA ALA F 550 63.33 25.22 75.38
C ALA F 550 62.59 24.97 76.70
N GLY F 551 63.36 24.55 77.71
CA GLY F 551 62.86 24.27 79.06
C GLY F 551 61.94 23.06 79.18
N ARG F 552 62.17 22.03 78.33
CA ARG F 552 61.39 20.79 78.31
C ARG F 552 62.27 19.58 78.02
N THR F 553 61.83 18.39 78.44
CA THR F 553 62.53 17.14 78.15
C THR F 553 62.13 16.76 76.73
N VAL F 554 63.08 16.74 75.78
CA VAL F 554 62.73 16.48 74.39
C VAL F 554 63.47 15.24 73.84
N LEU F 555 62.70 14.30 73.26
CA LEU F 555 63.21 13.09 72.61
C LEU F 555 63.13 13.32 71.10
N VAL F 556 64.24 13.76 70.50
CA VAL F 556 64.30 14.07 69.08
C VAL F 556 64.78 12.85 68.29
N ILE F 557 63.86 12.25 67.52
CA ILE F 557 64.17 11.12 66.65
C ILE F 557 64.20 11.69 65.23
N ALA F 558 65.35 12.26 64.84
CA ALA F 558 65.56 12.91 63.53
C ALA F 558 66.41 12.08 62.56
N HIS F 559 66.14 12.25 61.27
CA HIS F 559 66.85 11.61 60.14
C HIS F 559 68.06 12.46 59.76
N ARG F 560 67.90 13.81 59.77
CA ARG F 560 68.98 14.75 59.48
C ARG F 560 69.84 14.89 60.74
N LEU F 561 71.08 14.38 60.68
CA LEU F 561 72.01 14.40 61.81
C LEU F 561 72.51 15.81 62.15
N SER F 562 72.30 16.79 61.23
CA SER F 562 72.71 18.19 61.40
C SER F 562 71.99 18.89 62.55
N THR F 563 70.71 18.53 62.82
CA THR F 563 69.92 19.13 63.90
C THR F 563 70.21 18.49 65.27
N VAL F 564 70.63 17.20 65.29
CA VAL F 564 70.92 16.47 66.52
C VAL F 564 72.37 16.72 67.02
N ARG F 565 73.16 17.53 66.28
CA ARG F 565 74.56 17.86 66.62
C ARG F 565 74.65 18.64 67.95
N GLY F 566 73.67 19.50 68.21
CA GLY F 566 73.60 20.31 69.42
C GLY F 566 72.56 19.84 70.42
N ALA F 567 72.67 18.57 70.84
CA ALA F 567 71.79 17.95 71.83
C ALA F 567 72.55 17.65 73.13
N HIS F 568 71.85 17.21 74.19
CA HIS F 568 72.44 16.85 75.49
C HIS F 568 73.39 15.66 75.31
N CYS F 569 72.92 14.64 74.56
CA CYS F 569 73.65 13.42 74.17
C CYS F 569 72.86 12.68 73.08
N ILE F 570 73.58 11.97 72.21
CA ILE F 570 73.02 11.21 71.10
C ILE F 570 73.05 9.71 71.44
N VAL F 571 71.98 8.99 71.07
CA VAL F 571 71.82 7.54 71.30
C VAL F 571 71.76 6.84 69.92
N VAL F 572 72.61 5.84 69.70
CA VAL F 572 72.65 5.11 68.42
C VAL F 572 72.16 3.67 68.67
N MET F 573 71.09 3.27 67.96
CA MET F 573 70.44 1.96 68.09
C MET F 573 70.87 0.97 67.03
N ALA F 574 71.06 -0.29 67.45
CA ALA F 574 71.43 -1.41 66.59
C ALA F 574 70.73 -2.69 67.05
N ASP F 575 69.83 -3.22 66.18
CA ASP F 575 69.02 -4.43 66.39
C ASP F 575 68.15 -4.35 67.68
N GLY F 576 67.64 -3.16 67.96
CA GLY F 576 66.77 -2.89 69.11
C GLY F 576 67.47 -2.70 70.44
N ARG F 577 68.79 -2.43 70.42
CA ARG F 577 69.60 -2.20 71.62
C ARG F 577 70.47 -0.95 71.47
N VAL F 578 70.79 -0.29 72.60
CA VAL F 578 71.63 0.92 72.63
C VAL F 578 73.10 0.50 72.38
N TRP F 579 73.59 0.75 71.16
CA TRP F 579 74.94 0.39 70.70
C TRP F 579 75.98 1.41 71.15
N GLU F 580 75.71 2.71 70.97
CA GLU F 580 76.61 3.81 71.32
C GLU F 580 75.83 4.95 71.96
N ALA F 581 76.41 5.59 72.98
CA ALA F 581 75.79 6.71 73.69
C ALA F 581 76.83 7.73 74.14
N GLY F 582 76.44 9.00 74.14
CA GLY F 582 77.30 10.11 74.53
C GLY F 582 77.06 11.36 73.71
N THR F 583 77.80 12.44 74.01
CA THR F 583 77.70 13.74 73.32
C THR F 583 78.21 13.64 71.87
N HIS F 584 78.09 14.75 71.10
CA HIS F 584 78.52 14.84 69.70
C HIS F 584 80.03 14.56 69.56
N GLU F 585 80.86 15.21 70.40
CA GLU F 585 82.32 15.08 70.38
C GLU F 585 82.79 13.72 70.89
N GLU F 586 82.09 13.17 71.90
CA GLU F 586 82.40 11.88 72.52
C GLU F 586 82.27 10.71 71.53
N LEU F 587 81.20 10.71 70.72
CA LEU F 587 80.91 9.65 69.73
C LEU F 587 81.87 9.72 68.54
N LEU F 588 82.39 10.93 68.22
CA LEU F 588 83.35 11.14 67.14
C LEU F 588 84.72 10.61 67.55
N LYS F 589 85.12 10.85 68.82
CA LYS F 589 86.38 10.41 69.41
C LYS F 589 86.37 8.88 69.62
N LYS F 590 85.17 8.30 69.85
CA LYS F 590 84.97 6.87 70.04
C LYS F 590 85.20 6.10 68.74
N GLY F 591 84.85 6.72 67.61
CA GLY F 591 85.02 6.18 66.27
C GLY F 591 84.21 4.93 65.99
N GLY F 592 82.91 4.99 66.23
CA GLY F 592 82.01 3.87 66.02
C GLY F 592 81.02 4.05 64.89
N LEU F 593 79.76 3.65 65.16
CA LEU F 593 78.61 3.72 64.25
C LEU F 593 78.29 5.17 63.88
N TYR F 594 78.35 6.10 64.87
CA TYR F 594 78.09 7.53 64.69
C TYR F 594 79.16 8.16 63.79
N ALA F 595 80.43 7.73 63.94
CA ALA F 595 81.58 8.22 63.17
C ALA F 595 81.42 7.87 61.69
N GLU F 596 80.93 6.65 61.38
CA GLU F 596 80.73 6.18 60.01
C GLU F 596 79.54 6.91 59.37
N LEU F 597 78.52 7.25 60.20
CA LEU F 597 77.31 7.96 59.77
C LEU F 597 77.60 9.43 59.46
N ILE F 598 78.45 10.09 60.28
CA ILE F 598 78.84 11.49 60.11
C ILE F 598 79.85 11.64 58.95
N ARG F 599 80.55 10.54 58.60
CA ARG F 599 81.53 10.50 57.50
C ARG F 599 80.81 10.49 56.15
N ARG F 600 79.71 9.70 56.03
CA ARG F 600 78.88 9.62 54.82
C ARG F 600 78.09 10.92 54.62
N GLN F 601 77.72 11.58 55.73
CA GLN F 601 77.00 12.86 55.73
C GLN F 601 77.91 14.00 55.26
N ALA F 602 79.23 13.89 55.57
CA ALA F 602 80.25 14.87 55.18
C ALA F 602 80.51 14.82 53.66
N LEU F 603 80.42 13.62 53.05
CA LEU F 603 80.62 13.40 51.62
C LEU F 603 79.42 13.90 50.82
N PHE G 23 28.70 71.41 -61.01
CA PHE G 23 28.00 70.49 -60.11
C PHE G 23 28.75 70.32 -58.79
N ASN G 24 30.08 70.13 -58.84
CA ASN G 24 30.95 69.96 -57.66
C ASN G 24 31.06 71.28 -56.89
N TRP G 25 31.29 72.40 -57.61
CA TRP G 25 31.48 73.72 -57.01
C TRP G 25 30.24 74.63 -57.15
N LYS G 26 29.38 74.35 -58.16
CA LYS G 26 28.15 75.11 -58.42
C LYS G 26 27.15 74.97 -57.25
N LEU G 27 27.01 73.75 -56.71
CA LEU G 27 26.11 73.43 -55.60
C LEU G 27 26.77 73.72 -54.26
N PHE G 28 28.12 73.62 -54.18
CA PHE G 28 28.91 73.87 -52.98
C PHE G 28 28.79 75.32 -52.50
N TRP G 29 28.72 76.28 -53.45
CA TRP G 29 28.60 77.70 -53.17
C TRP G 29 27.23 78.06 -52.57
N GLN G 30 26.18 77.29 -52.93
CA GLN G 30 24.81 77.49 -52.45
C GLN G 30 24.68 77.27 -50.94
N PHE G 31 25.46 76.30 -50.38
CA PHE G 31 25.45 75.98 -48.95
C PHE G 31 26.41 76.87 -48.16
N LEU G 32 27.48 77.38 -48.81
CA LEU G 32 28.51 78.24 -48.21
C LEU G 32 28.04 79.70 -48.08
N HIS G 33 27.27 80.20 -49.08
CA HIS G 33 26.77 81.56 -49.18
C HIS G 33 26.04 82.10 -47.91
N PRO G 34 25.08 81.39 -47.23
CA PRO G 34 24.44 81.99 -46.05
C PRO G 34 25.35 82.05 -44.82
N HIS G 35 26.32 81.13 -44.72
CA HIS G 35 27.27 81.03 -43.61
C HIS G 35 28.52 81.90 -43.82
N LEU G 36 28.65 82.51 -45.01
CA LEU G 36 29.78 83.36 -45.43
C LEU G 36 29.95 84.62 -44.57
N LEU G 37 28.84 85.18 -44.03
CA LEU G 37 28.84 86.37 -43.18
C LEU G 37 29.50 86.07 -41.83
N VAL G 38 29.19 84.89 -41.24
CA VAL G 38 29.71 84.37 -39.97
C VAL G 38 31.19 83.99 -40.16
N LEU G 39 31.51 83.44 -41.34
CA LEU G 39 32.84 83.00 -41.77
C LEU G 39 33.82 84.18 -41.79
N GLY G 40 33.34 85.35 -42.23
CA GLY G 40 34.11 86.58 -42.31
C GLY G 40 34.53 87.13 -40.95
N VAL G 41 33.67 86.95 -39.93
CA VAL G 41 33.89 87.37 -38.54
C VAL G 41 35.08 86.60 -37.96
N ALA G 42 35.14 85.28 -38.24
CA ALA G 42 36.21 84.38 -37.81
C ALA G 42 37.56 84.77 -38.42
N VAL G 43 37.56 85.30 -39.67
CA VAL G 43 38.76 85.76 -40.39
C VAL G 43 39.35 86.96 -39.64
N VAL G 44 38.49 87.91 -39.23
CA VAL G 44 38.84 89.12 -38.48
C VAL G 44 39.43 88.72 -37.11
N LEU G 45 38.78 87.76 -36.41
CA LEU G 45 39.22 87.25 -35.11
C LEU G 45 40.59 86.57 -35.18
N ALA G 46 40.86 85.84 -36.28
CA ALA G 46 42.12 85.15 -36.51
C ALA G 46 43.24 86.13 -36.83
N LEU G 47 42.94 87.20 -37.61
CA LEU G 47 43.89 88.27 -37.97
C LEU G 47 44.25 89.06 -36.72
N GLY G 48 43.26 89.22 -35.84
CA GLY G 48 43.41 89.90 -34.55
C GLY G 48 44.20 89.07 -33.57
N ALA G 49 43.99 87.73 -33.58
CA ALA G 49 44.68 86.78 -32.70
C ALA G 49 46.18 86.78 -32.96
N ALA G 50 46.59 86.81 -34.25
CA ALA G 50 48.00 86.85 -34.64
C ALA G 50 48.58 88.27 -34.53
N LEU G 51 47.70 89.30 -34.49
CA LEU G 51 48.11 90.71 -34.32
C LEU G 51 48.63 90.90 -32.89
N VAL G 52 48.02 90.19 -31.92
CA VAL G 52 48.39 90.18 -30.50
C VAL G 52 49.70 89.39 -30.36
N ASN G 53 49.88 88.33 -31.19
CA ASN G 53 51.07 87.47 -31.21
C ASN G 53 52.33 88.21 -31.70
N VAL G 54 52.15 89.31 -32.47
CA VAL G 54 53.26 90.13 -32.98
C VAL G 54 53.86 90.96 -31.82
N GLN G 55 52.98 91.51 -30.96
CA GLN G 55 53.34 92.33 -29.79
C GLN G 55 53.79 91.48 -28.59
N ILE G 56 53.52 90.15 -28.61
CA ILE G 56 53.88 89.21 -27.53
C ILE G 56 55.42 89.15 -27.32
N PRO G 57 56.30 88.81 -28.32
CA PRO G 57 57.75 88.80 -28.03
C PRO G 57 58.35 90.22 -27.99
N LEU G 58 57.62 91.21 -28.54
CA LEU G 58 58.00 92.62 -28.57
C LEU G 58 58.00 93.19 -27.15
N LEU G 59 56.91 92.94 -26.39
CA LEU G 59 56.75 93.37 -25.01
C LEU G 59 57.53 92.45 -24.06
N LEU G 60 57.78 91.19 -24.48
CA LEU G 60 58.55 90.21 -23.71
C LEU G 60 60.03 90.57 -23.70
N MET G 79 59.37 100.25 -9.79
CA MET G 79 58.67 99.03 -9.39
C MET G 79 57.19 99.09 -9.77
N THR G 80 56.54 100.26 -9.56
CA THR G 80 55.13 100.52 -9.87
C THR G 80 54.92 100.66 -11.39
N GLU G 81 55.93 101.18 -12.11
CA GLU G 81 55.91 101.35 -13.57
C GLU G 81 55.98 99.99 -14.27
N SER G 82 56.77 99.05 -13.70
CA SER G 82 56.93 97.68 -14.20
C SER G 82 55.70 96.83 -13.90
N GLN G 83 55.09 97.02 -12.70
CA GLN G 83 53.89 96.31 -12.23
C GLN G 83 52.66 96.62 -13.10
N ASN G 84 52.55 97.88 -13.59
CA ASN G 84 51.45 98.35 -14.43
C ASN G 84 51.56 97.78 -15.86
N LEU G 85 52.80 97.56 -16.34
CA LEU G 85 53.07 97.02 -17.68
C LEU G 85 53.06 95.48 -17.69
N SER G 86 53.47 94.84 -16.58
CA SER G 86 53.48 93.37 -16.44
C SER G 86 52.05 92.80 -16.36
N THR G 87 51.15 93.52 -15.65
CA THR G 87 49.74 93.15 -15.51
C THR G 87 49.04 93.34 -16.86
N HIS G 88 49.43 94.39 -17.63
CA HIS G 88 48.90 94.72 -18.95
C HIS G 88 49.30 93.63 -19.97
N LEU G 89 50.54 93.09 -19.84
CA LEU G 89 51.09 92.03 -20.69
C LEU G 89 50.38 90.69 -20.45
N LEU G 90 49.98 90.41 -19.19
CA LEU G 90 49.27 89.20 -18.78
C LEU G 90 47.83 89.18 -19.32
N ILE G 91 47.23 90.39 -19.54
CA ILE G 91 45.89 90.57 -20.07
C ILE G 91 45.90 90.18 -21.57
N LEU G 92 47.00 90.53 -22.29
CA LEU G 92 47.18 90.22 -23.72
C LEU G 92 47.17 88.69 -23.99
N TYR G 93 47.68 87.91 -23.01
CA TYR G 93 47.74 86.44 -23.02
C TYR G 93 46.32 85.83 -22.97
N GLY G 94 45.41 86.49 -22.26
CA GLY G 94 44.02 86.08 -22.12
C GLY G 94 43.19 86.46 -23.33
N VAL G 95 43.44 87.67 -23.88
CA VAL G 95 42.77 88.25 -25.05
C VAL G 95 43.07 87.36 -26.28
N GLN G 96 44.33 86.91 -26.43
CA GLN G 96 44.77 86.04 -27.52
C GLN G 96 44.06 84.67 -27.46
N GLY G 97 43.89 84.12 -26.26
CA GLY G 97 43.23 82.84 -26.03
C GLY G 97 41.73 82.87 -26.28
N LEU G 98 41.12 84.06 -26.09
CA LEU G 98 39.71 84.32 -26.30
C LEU G 98 39.41 84.51 -27.79
N LEU G 99 40.33 85.20 -28.52
CA LEU G 99 40.22 85.45 -29.97
C LEU G 99 40.31 84.15 -30.77
N THR G 100 41.13 83.21 -30.28
CA THR G 100 41.36 81.90 -30.89
C THR G 100 40.14 81.02 -30.66
N PHE G 101 39.67 80.92 -29.40
CA PHE G 101 38.49 80.12 -29.02
C PHE G 101 37.28 80.49 -29.89
N GLY G 102 36.99 81.80 -29.96
CA GLY G 102 35.88 82.35 -30.73
C GLY G 102 35.95 82.03 -32.21
N TYR G 103 37.15 82.17 -32.81
CA TYR G 103 37.41 81.90 -34.23
C TYR G 103 37.26 80.39 -34.53
N LEU G 104 37.64 79.52 -33.57
CA LEU G 104 37.51 78.08 -33.69
C LEU G 104 36.04 77.65 -33.50
N VAL G 105 35.30 78.33 -32.60
CA VAL G 105 33.88 78.05 -32.31
C VAL G 105 33.03 78.45 -33.53
N LEU G 106 33.30 79.62 -34.13
CA LEU G 106 32.58 80.11 -35.32
C LEU G 106 32.78 79.17 -36.51
N LEU G 107 34.00 78.62 -36.65
CA LEU G 107 34.36 77.70 -37.73
C LEU G 107 33.69 76.32 -37.52
N SER G 108 33.50 75.91 -36.25
CA SER G 108 32.83 74.66 -35.90
C SER G 108 31.32 74.82 -36.14
N HIS G 109 30.77 76.01 -35.84
CA HIS G 109 29.35 76.32 -36.03
C HIS G 109 28.98 76.35 -37.51
N VAL G 110 29.80 77.04 -38.34
CA VAL G 110 29.61 77.17 -39.79
C VAL G 110 29.69 75.78 -40.43
N GLY G 111 30.69 74.99 -40.07
CA GLY G 111 30.90 73.64 -40.56
C GLY G 111 29.78 72.66 -40.25
N GLU G 112 29.24 72.73 -39.01
CA GLU G 112 28.15 71.84 -38.56
C GLU G 112 26.81 72.23 -39.18
N ARG G 113 26.51 73.55 -39.27
CA ARG G 113 25.25 74.07 -39.83
C ARG G 113 25.18 73.80 -41.32
N MET G 114 26.33 73.84 -42.02
CA MET G 114 26.44 73.56 -43.45
C MET G 114 26.19 72.08 -43.73
N ALA G 115 26.63 71.20 -42.79
CA ALA G 115 26.47 69.75 -42.87
C ALA G 115 25.00 69.33 -42.77
N VAL G 116 24.24 69.99 -41.88
CA VAL G 116 22.81 69.72 -41.64
C VAL G 116 22.02 70.10 -42.90
N ASP G 117 22.34 71.25 -43.52
CA ASP G 117 21.71 71.73 -44.75
C ASP G 117 21.94 70.75 -45.91
N MET G 118 23.12 70.11 -45.95
CA MET G 118 23.51 69.14 -46.98
C MET G 118 22.79 67.80 -46.77
N ARG G 119 22.72 67.32 -45.51
CA ARG G 119 22.06 66.06 -45.13
C ARG G 119 20.55 66.14 -45.35
N ARG G 120 19.95 67.32 -45.08
CA ARG G 120 18.53 67.62 -45.26
C ARG G 120 18.19 67.59 -46.75
N ALA G 121 19.05 68.20 -47.59
CA ALA G 121 18.89 68.27 -49.04
C ALA G 121 19.09 66.92 -49.73
N LEU G 122 20.06 66.11 -49.23
CA LEU G 122 20.36 64.80 -49.80
C LEU G 122 19.25 63.79 -49.48
N PHE G 123 18.80 63.73 -48.20
CA PHE G 123 17.74 62.81 -47.75
C PHE G 123 16.42 63.08 -48.47
N SER G 124 16.11 64.36 -48.73
CA SER G 124 14.91 64.80 -49.45
C SER G 124 14.95 64.33 -50.91
N SER G 125 16.13 64.46 -51.55
CA SER G 125 16.38 64.05 -52.93
C SER G 125 16.41 62.52 -53.06
N LEU G 126 16.88 61.82 -52.02
CA LEU G 126 16.99 60.36 -51.98
C LEU G 126 15.61 59.71 -51.92
N LEU G 127 14.70 60.27 -51.10
CA LEU G 127 13.32 59.77 -50.92
C LEU G 127 12.47 59.97 -52.18
N ARG G 128 12.74 61.05 -52.95
CA ARG G 128 12.05 61.40 -54.20
C ARG G 128 12.38 60.42 -55.35
N GLN G 129 13.57 59.78 -55.33
CA GLN G 129 14.05 58.80 -56.32
C GLN G 129 13.09 57.64 -56.51
N ASP G 130 12.91 57.14 -57.75
CA ASP G 130 12.01 56.01 -58.06
C ASP G 130 12.57 54.66 -57.55
N ILE G 131 11.68 53.63 -57.44
CA ILE G 131 11.91 52.28 -56.90
C ILE G 131 13.09 51.55 -57.58
N THR G 132 13.29 51.79 -58.90
CA THR G 132 14.37 51.21 -59.72
C THR G 132 15.76 51.47 -59.09
N PHE G 133 15.97 52.68 -58.55
CA PHE G 133 17.22 53.12 -57.91
C PHE G 133 17.45 52.36 -56.58
N PHE G 134 16.40 52.20 -55.76
CA PHE G 134 16.47 51.51 -54.47
C PHE G 134 16.73 50.01 -54.60
N ASP G 135 16.44 49.44 -55.78
CA ASP G 135 16.69 48.03 -56.08
C ASP G 135 18.12 47.86 -56.57
N ALA G 136 18.68 48.89 -57.22
CA ALA G 136 20.04 48.92 -57.75
C ALA G 136 21.07 49.31 -56.68
N ASN G 137 20.66 50.14 -55.69
CA ASN G 137 21.55 50.60 -54.62
C ASN G 137 21.09 50.03 -53.26
N LYS G 138 22.05 49.49 -52.48
CA LYS G 138 21.85 48.91 -51.15
C LYS G 138 21.47 49.99 -50.12
N THR G 139 20.63 49.62 -49.14
CA THR G 139 20.14 50.53 -48.09
C THR G 139 21.29 51.02 -47.19
N GLY G 140 22.25 50.14 -46.91
CA GLY G 140 23.41 50.44 -46.09
C GLY G 140 24.30 51.54 -46.65
N GLN G 141 24.62 51.45 -47.97
CA GLN G 141 25.46 52.41 -48.70
C GLN G 141 24.79 53.77 -48.82
N LEU G 142 23.44 53.80 -48.85
CA LEU G 142 22.61 55.00 -48.92
C LEU G 142 22.73 55.78 -47.61
N VAL G 143 22.70 55.07 -46.48
CA VAL G 143 22.81 55.60 -45.11
C VAL G 143 24.26 56.12 -44.89
N SER G 144 25.24 55.38 -45.44
CA SER G 144 26.68 55.65 -45.39
C SER G 144 27.02 56.96 -46.12
N ARG G 145 26.42 57.19 -47.29
CA ARG G 145 26.65 58.38 -48.11
C ARG G 145 26.05 59.63 -47.44
N LEU G 146 24.97 59.43 -46.70
CA LEU G 146 24.23 60.48 -46.00
C LEU G 146 24.89 60.89 -44.66
N THR G 147 25.56 59.95 -43.96
CA THR G 147 26.16 60.24 -42.65
C THR G 147 27.70 60.30 -42.66
N THR G 148 28.38 59.25 -43.19
CA THR G 148 29.86 59.16 -43.23
C THR G 148 30.49 60.19 -44.17
N ASP G 149 30.10 60.18 -45.44
CA ASP G 149 30.61 61.05 -46.51
C ASP G 149 30.43 62.54 -46.21
N VAL G 150 29.33 62.93 -45.53
CA VAL G 150 29.08 64.32 -45.15
C VAL G 150 30.09 64.70 -44.05
N GLN G 151 30.17 63.87 -43.00
CA GLN G 151 31.05 64.04 -41.84
C GLN G 151 32.54 63.93 -42.22
N GLU G 152 32.84 63.32 -43.38
CA GLU G 152 34.19 63.18 -43.91
C GLU G 152 34.61 64.47 -44.58
N PHE G 153 33.66 65.15 -45.25
CA PHE G 153 33.86 66.41 -45.94
C PHE G 153 33.86 67.57 -44.92
N LYS G 154 32.85 67.58 -44.01
CA LYS G 154 32.62 68.58 -42.97
C LYS G 154 33.90 68.80 -42.13
N SER G 155 34.43 67.73 -41.51
CA SER G 155 35.63 67.77 -40.65
C SER G 155 36.90 68.11 -41.44
N SER G 156 36.94 67.72 -42.74
CA SER G 156 38.05 68.02 -43.64
C SER G 156 38.06 69.51 -43.98
N PHE G 157 36.85 70.09 -44.20
CA PHE G 157 36.63 71.51 -44.49
C PHE G 157 37.05 72.35 -43.27
N LYS G 158 36.74 71.86 -42.05
CA LYS G 158 37.10 72.49 -40.79
C LYS G 158 38.62 72.59 -40.63
N LEU G 159 39.34 71.47 -40.87
CA LEU G 159 40.81 71.36 -40.75
C LEU G 159 41.57 72.23 -41.73
N VAL G 160 41.11 72.31 -43.00
CA VAL G 160 41.78 73.10 -44.03
C VAL G 160 41.69 74.60 -43.66
N ILE G 161 40.53 75.07 -43.18
CA ILE G 161 40.38 76.48 -42.80
C ILE G 161 41.06 76.73 -41.43
N SER G 162 40.99 75.77 -40.47
CA SER G 162 41.63 75.90 -39.14
C SER G 162 43.13 76.13 -39.26
N GLN G 163 43.82 75.25 -40.02
CA GLN G 163 45.25 75.34 -40.25
C GLN G 163 45.56 76.43 -41.27
N GLY G 164 44.78 76.46 -42.35
CA GLY G 164 44.92 77.41 -43.45
C GLY G 164 44.86 78.87 -43.04
N LEU G 165 43.84 79.24 -42.23
CA LEU G 165 43.67 80.61 -41.76
C LEU G 165 44.80 80.99 -40.81
N ARG G 166 45.13 80.09 -39.85
CA ARG G 166 46.21 80.27 -38.87
C ARG G 166 47.57 80.41 -39.55
N SER G 167 47.85 79.53 -40.54
CA SER G 167 49.08 79.48 -41.34
C SER G 167 49.23 80.71 -42.25
N CYS G 168 48.14 81.16 -42.88
CA CYS G 168 48.12 82.30 -43.80
C CYS G 168 48.28 83.63 -43.07
N THR G 169 47.78 83.72 -41.83
CA THR G 169 47.88 84.95 -41.03
C THR G 169 49.33 85.14 -40.54
N GLN G 170 50.08 84.03 -40.34
CA GLN G 170 51.50 84.05 -39.95
C GLN G 170 52.36 84.57 -41.10
N VAL G 171 51.88 84.41 -42.36
CA VAL G 171 52.52 84.86 -43.58
C VAL G 171 52.18 86.32 -43.86
N ALA G 172 50.87 86.68 -43.79
CA ALA G 172 50.36 88.04 -44.02
C ALA G 172 50.96 89.06 -43.04
N GLY G 173 51.16 88.65 -41.78
CA GLY G 173 51.74 89.46 -40.72
C GLY G 173 53.22 89.74 -40.96
N CYS G 174 53.94 88.77 -41.54
CA CYS G 174 55.36 88.89 -41.86
C CYS G 174 55.56 89.69 -43.15
N LEU G 175 54.63 89.52 -44.14
CA LEU G 175 54.66 90.16 -45.46
C LEU G 175 54.51 91.70 -45.38
N VAL G 176 53.51 92.19 -44.60
CA VAL G 176 53.24 93.62 -44.45
C VAL G 176 54.34 94.32 -43.65
N ARG G 184 56.59 92.13 -52.80
CA ARG G 184 55.25 91.64 -52.52
C ARG G 184 54.71 90.78 -53.66
N LEU G 185 54.92 91.25 -54.92
CA LEU G 185 54.48 90.59 -56.15
C LEU G 185 55.17 89.23 -56.33
N THR G 186 56.48 89.15 -56.02
CA THR G 186 57.29 87.93 -56.11
C THR G 186 56.87 86.90 -55.06
N LEU G 187 56.49 87.38 -53.85
CA LEU G 187 56.06 86.56 -52.72
C LEU G 187 54.70 85.91 -53.00
N LEU G 188 53.71 86.71 -53.46
CA LEU G 188 52.35 86.26 -53.80
C LEU G 188 52.35 85.27 -54.96
N LEU G 189 53.28 85.44 -55.92
CA LEU G 189 53.43 84.57 -57.09
C LEU G 189 53.91 83.18 -56.67
N MET G 190 54.81 83.12 -55.67
CA MET G 190 55.38 81.88 -55.15
C MET G 190 54.34 81.08 -54.33
N VAL G 191 53.33 81.76 -53.74
CA VAL G 191 52.26 81.12 -52.95
C VAL G 191 51.21 80.56 -53.94
N ALA G 192 50.95 81.29 -55.04
CA ALA G 192 49.97 80.93 -56.07
C ALA G 192 50.44 79.76 -56.95
N THR G 193 51.76 79.51 -57.06
CA THR G 193 52.33 78.44 -57.87
C THR G 193 51.91 77.02 -57.36
N PRO G 194 52.17 76.59 -56.08
CA PRO G 194 51.74 75.24 -55.68
C PRO G 194 50.22 75.07 -55.62
N ALA G 195 49.47 76.19 -55.51
CA ALA G 195 48.00 76.19 -55.50
C ALA G 195 47.46 75.86 -56.89
N LEU G 196 48.16 76.34 -57.96
CA LEU G 196 47.84 76.09 -59.36
C LEU G 196 48.13 74.64 -59.71
N MET G 197 49.20 74.08 -59.12
CA MET G 197 49.59 72.67 -59.28
C MET G 197 48.65 71.78 -58.45
N GLY G 198 48.22 72.28 -57.28
CA GLY G 198 47.36 71.60 -56.33
C GLY G 198 46.00 71.20 -56.86
N VAL G 199 45.24 72.20 -57.34
CA VAL G 199 43.89 72.02 -57.89
C VAL G 199 43.97 71.22 -59.21
N GLY G 200 44.93 71.57 -60.06
CA GLY G 200 45.17 70.94 -61.37
C GLY G 200 45.36 69.44 -61.34
N THR G 201 46.08 68.92 -60.32
CA THR G 201 46.35 67.50 -60.14
C THR G 201 45.12 66.79 -59.56
N LEU G 202 44.35 67.48 -58.67
CA LEU G 202 43.13 66.97 -58.03
C LEU G 202 42.00 66.74 -59.03
N MET G 203 42.04 67.46 -60.18
CA MET G 203 41.07 67.39 -61.27
C MET G 203 41.49 66.34 -62.32
N GLY G 204 42.80 66.07 -62.38
CA GLY G 204 43.44 65.15 -63.32
C GLY G 204 43.02 63.70 -63.23
N SER G 205 43.54 62.89 -64.18
CA SER G 205 43.27 61.45 -64.29
C SER G 205 44.09 60.61 -63.28
N GLY G 206 45.00 61.25 -62.57
CA GLY G 206 45.85 60.59 -61.59
C GLY G 206 45.18 60.32 -60.26
N LEU G 207 45.22 61.32 -59.36
CA LEU G 207 44.68 61.26 -58.00
C LEU G 207 43.19 60.96 -57.95
N ARG G 208 42.40 61.52 -58.88
CA ARG G 208 40.93 61.35 -58.95
C ARG G 208 40.53 59.90 -59.26
N LYS G 209 41.28 59.21 -60.14
CA LYS G 209 41.00 57.83 -60.51
C LYS G 209 41.41 56.85 -59.41
N LEU G 210 42.47 57.19 -58.64
CA LEU G 210 42.98 56.36 -57.55
C LEU G 210 42.06 56.32 -56.33
N SER G 211 41.47 57.48 -55.96
CA SER G 211 40.55 57.59 -54.82
C SER G 211 39.19 56.98 -55.16
N ARG G 212 38.77 57.08 -56.44
CA ARG G 212 37.52 56.50 -56.94
C ARG G 212 37.58 54.97 -56.87
N GLN G 213 38.75 54.39 -57.22
CA GLN G 213 39.02 52.95 -57.17
C GLN G 213 39.06 52.48 -55.70
N CYS G 214 39.65 53.31 -54.81
CA CYS G 214 39.78 53.06 -53.37
C CYS G 214 38.38 52.95 -52.73
N GLN G 215 37.44 53.84 -53.12
CA GLN G 215 36.06 53.84 -52.59
C GLN G 215 35.23 52.69 -53.12
N GLU G 216 35.58 52.17 -54.32
CA GLU G 216 34.89 51.04 -54.94
C GLU G 216 35.23 49.72 -54.23
N GLN G 217 36.43 49.65 -53.60
CA GLN G 217 36.92 48.50 -52.85
C GLN G 217 36.57 48.64 -51.36
N ILE G 218 36.32 49.88 -50.91
CA ILE G 218 35.91 50.17 -49.54
C ILE G 218 34.44 49.76 -49.38
N ALA G 219 33.61 50.04 -50.40
CA ALA G 219 32.17 49.73 -50.44
C ALA G 219 31.90 48.24 -50.74
N ARG G 220 32.78 47.58 -51.51
CA ARG G 220 32.64 46.15 -51.86
C ARG G 220 32.92 45.27 -50.64
N ALA G 221 34.00 45.56 -49.88
CA ALA G 221 34.38 44.85 -48.64
C ALA G 221 33.34 45.09 -47.54
N MET G 222 32.66 46.27 -47.59
CA MET G 222 31.60 46.66 -46.66
C MET G 222 30.36 45.79 -46.84
N GLY G 223 30.09 45.40 -48.10
CA GLY G 223 28.97 44.55 -48.48
C GLY G 223 29.14 43.10 -48.05
N VAL G 224 30.41 42.64 -47.94
CA VAL G 224 30.76 41.28 -47.51
C VAL G 224 30.48 41.15 -46.01
N ALA G 225 30.86 42.17 -45.22
CA ALA G 225 30.64 42.22 -43.77
C ALA G 225 29.15 42.29 -43.45
N ASP G 226 28.39 43.12 -44.18
CA ASP G 226 26.94 43.33 -44.04
C ASP G 226 26.15 42.05 -44.35
N GLU G 227 26.61 41.27 -45.34
CA GLU G 227 25.96 40.01 -45.71
C GLU G 227 26.28 38.92 -44.69
N ALA G 228 27.53 38.92 -44.16
CA ALA G 228 27.97 37.94 -43.17
C ALA G 228 27.32 38.17 -41.81
N LEU G 229 27.52 39.37 -41.22
CA LEU G 229 27.00 39.75 -39.90
C LEU G 229 25.48 39.92 -39.88
N GLY G 230 24.90 40.34 -41.01
CA GLY G 230 23.46 40.52 -41.16
C GLY G 230 22.72 39.21 -41.16
N ASN G 231 23.33 38.16 -41.74
CA ASN G 231 22.78 36.81 -41.83
C ASN G 231 23.65 35.84 -41.02
N VAL G 232 24.17 36.31 -39.86
CA VAL G 232 25.04 35.58 -38.93
C VAL G 232 24.38 34.27 -38.45
N ARG G 233 23.05 34.30 -38.21
CA ARG G 233 22.25 33.17 -37.75
C ARG G 233 22.34 32.01 -38.76
N THR G 234 22.29 32.32 -40.07
CA THR G 234 22.38 31.34 -41.16
C THR G 234 23.82 30.81 -41.28
N VAL G 235 24.82 31.68 -41.06
CA VAL G 235 26.26 31.37 -41.10
C VAL G 235 26.58 30.36 -39.98
N ARG G 236 26.00 30.58 -38.78
CA ARG G 236 26.20 29.71 -37.61
C ARG G 236 25.49 28.37 -37.81
N ALA G 237 24.27 28.39 -38.39
CA ALA G 237 23.43 27.22 -38.66
C ALA G 237 24.16 26.14 -39.47
N PHE G 238 25.03 26.56 -40.43
CA PHE G 238 25.79 25.64 -41.28
C PHE G 238 27.29 25.64 -40.90
N ALA G 239 27.63 26.33 -39.78
CA ALA G 239 28.97 26.46 -39.17
C ALA G 239 30.08 26.81 -40.20
N MET G 240 29.79 27.76 -41.12
CA MET G 240 30.74 28.20 -42.13
C MET G 240 31.23 29.62 -41.80
N GLU G 241 31.84 29.78 -40.61
CA GLU G 241 32.37 31.05 -40.11
C GLU G 241 33.75 31.35 -40.72
N GLN G 242 34.64 30.33 -40.77
CA GLN G 242 36.00 30.44 -41.32
C GLN G 242 35.96 30.73 -42.83
N ARG G 243 34.89 30.29 -43.52
CA ARG G 243 34.68 30.55 -44.95
C ARG G 243 34.33 32.03 -45.17
N GLU G 244 33.51 32.60 -44.27
CA GLU G 244 33.10 34.01 -44.30
C GLU G 244 34.25 34.93 -43.89
N GLU G 245 35.13 34.47 -42.98
CA GLU G 245 36.32 35.20 -42.53
C GLU G 245 37.35 35.26 -43.65
N GLU G 246 37.42 34.20 -44.47
CA GLU G 246 38.31 34.07 -45.62
C GLU G 246 37.83 34.98 -46.75
N ARG G 247 36.50 34.96 -47.01
CA ARG G 247 35.80 35.76 -48.03
C ARG G 247 35.97 37.26 -47.74
N TYR G 248 35.95 37.63 -46.44
CA TYR G 248 36.14 39.02 -45.98
C TYR G 248 37.63 39.35 -46.00
N GLY G 249 38.46 38.41 -45.54
CA GLY G 249 39.92 38.54 -45.49
C GLY G 249 40.57 38.82 -46.83
N ALA G 250 40.01 38.21 -47.91
CA ALA G 250 40.47 38.40 -49.29
C ALA G 250 40.13 39.83 -49.75
N GLU G 251 38.91 40.30 -49.44
CA GLU G 251 38.43 41.65 -49.76
C GLU G 251 39.14 42.69 -48.89
N LEU G 252 39.68 42.26 -47.74
CA LEU G 252 40.39 43.08 -46.77
C LEU G 252 41.82 43.37 -47.21
N GLU G 253 42.49 42.40 -47.87
CA GLU G 253 43.85 42.62 -48.37
C GLU G 253 43.80 43.48 -49.63
N ALA G 254 42.71 43.36 -50.41
CA ALA G 254 42.46 44.15 -51.62
C ALA G 254 42.13 45.60 -51.24
N CYS G 255 41.50 45.78 -50.04
CA CYS G 255 41.14 47.07 -49.46
C CYS G 255 42.41 47.86 -49.14
N ARG G 256 43.46 47.15 -48.66
CA ARG G 256 44.78 47.71 -48.34
C ARG G 256 45.53 48.05 -49.63
N CYS G 257 45.53 47.10 -50.59
CA CYS G 257 46.20 47.19 -51.90
C CYS G 257 45.84 48.49 -52.64
N ARG G 258 44.53 48.80 -52.78
CA ARG G 258 44.03 49.99 -53.47
C ARG G 258 44.31 51.28 -52.66
N ALA G 259 44.29 51.18 -51.32
CA ALA G 259 44.53 52.32 -50.42
C ALA G 259 46.01 52.66 -50.33
N GLU G 260 46.89 51.66 -50.52
CA GLU G 260 48.35 51.83 -50.51
C GLU G 260 48.80 52.54 -51.79
N GLU G 261 48.11 52.24 -52.92
CA GLU G 261 48.36 52.84 -54.23
C GLU G 261 48.02 54.33 -54.20
N LEU G 262 46.91 54.70 -53.52
CA LEU G 262 46.47 56.08 -53.33
C LEU G 262 47.41 56.78 -52.33
N GLY G 263 47.82 56.04 -51.30
CA GLY G 263 48.74 56.49 -50.26
C GLY G 263 50.10 56.87 -50.81
N ARG G 264 50.63 56.05 -51.74
CA ARG G 264 51.90 56.28 -52.44
C ARG G 264 51.77 57.46 -53.41
N GLY G 265 50.57 57.63 -53.96
CA GLY G 265 50.23 58.71 -54.88
C GLY G 265 50.13 60.06 -54.22
N ILE G 266 49.47 60.13 -53.04
CA ILE G 266 49.32 61.35 -52.25
C ILE G 266 50.68 61.81 -51.72
N ALA G 267 51.54 60.83 -51.35
CA ALA G 267 52.90 61.08 -50.86
C ALA G 267 53.81 61.61 -51.98
N LEU G 268 53.54 61.20 -53.24
CA LEU G 268 54.30 61.64 -54.42
C LEU G 268 54.07 63.13 -54.66
N PHE G 269 52.80 63.58 -54.53
CA PHE G 269 52.41 64.98 -54.69
C PHE G 269 53.09 65.84 -53.63
N GLN G 270 53.01 65.42 -52.34
CA GLN G 270 53.58 66.09 -51.17
C GLN G 270 55.10 66.29 -51.31
N GLY G 271 55.79 65.27 -51.81
CA GLY G 271 57.24 65.29 -52.03
C GLY G 271 57.66 66.21 -53.16
N LEU G 272 56.95 66.12 -54.31
CA LEU G 272 57.18 66.95 -55.50
C LEU G 272 56.85 68.42 -55.21
N SER G 273 55.83 68.68 -54.36
CA SER G 273 55.41 70.02 -53.95
C SER G 273 56.48 70.69 -53.09
N ASN G 274 57.27 69.89 -52.35
CA ASN G 274 58.37 70.38 -51.51
C ASN G 274 59.57 70.80 -52.37
N ILE G 275 59.88 70.02 -53.44
CA ILE G 275 60.98 70.29 -54.39
C ILE G 275 60.64 71.54 -55.20
N ALA G 276 59.41 71.58 -55.78
CA ALA G 276 58.89 72.68 -56.59
C ALA G 276 59.00 74.04 -55.88
N PHE G 277 58.70 74.09 -54.56
CA PHE G 277 58.79 75.32 -53.77
C PHE G 277 60.24 75.75 -53.58
N ASN G 278 61.15 74.79 -53.28
CA ASN G 278 62.58 75.07 -53.06
C ASN G 278 63.26 75.50 -54.36
N CYS G 279 62.76 75.02 -55.51
CA CYS G 279 63.24 75.39 -56.84
C CYS G 279 62.73 76.79 -57.20
N MET G 280 61.55 77.17 -56.67
CA MET G 280 60.95 78.50 -56.86
C MET G 280 61.81 79.56 -56.16
N VAL G 281 62.39 79.21 -54.98
CA VAL G 281 63.28 80.08 -54.20
C VAL G 281 64.55 80.33 -54.99
N LEU G 282 65.13 79.26 -55.59
CA LEU G 282 66.35 79.32 -56.41
C LEU G 282 66.09 80.09 -57.72
N GLY G 283 64.88 79.97 -58.25
CA GLY G 283 64.45 80.64 -59.48
C GLY G 283 64.33 82.15 -59.33
N THR G 284 63.68 82.61 -58.25
CA THR G 284 63.49 84.05 -57.97
C THR G 284 64.81 84.71 -57.54
N LEU G 285 65.76 83.91 -56.98
CA LEU G 285 67.08 84.38 -56.54
C LEU G 285 67.94 84.78 -57.75
N PHE G 286 67.81 84.05 -58.87
CA PHE G 286 68.55 84.31 -60.12
C PHE G 286 67.81 85.35 -60.98
N ILE G 287 66.46 85.37 -60.92
CA ILE G 287 65.63 86.32 -61.67
C ILE G 287 65.76 87.72 -61.04
N GLY G 288 65.62 87.79 -59.71
CA GLY G 288 65.74 89.03 -58.96
C GLY G 288 67.17 89.52 -58.82
N THR G 298 67.02 96.81 -54.85
CA THR G 298 68.17 96.91 -53.94
C THR G 298 68.57 95.51 -53.41
N GLY G 299 69.82 95.41 -52.95
CA GLY G 299 70.40 94.20 -52.37
C GLY G 299 69.74 93.79 -51.07
N GLY G 300 69.22 94.78 -50.34
CA GLY G 300 68.51 94.58 -49.08
C GLY G 300 67.16 93.92 -49.26
N ASP G 301 66.52 94.14 -50.43
CA ASP G 301 65.21 93.57 -50.79
C ASP G 301 65.33 92.06 -51.09
N LEU G 302 66.34 91.68 -51.89
CA LEU G 302 66.65 90.30 -52.28
C LEU G 302 67.02 89.47 -51.05
N MET G 303 67.78 90.09 -50.12
CA MET G 303 68.21 89.49 -48.84
C MET G 303 67.02 89.28 -47.91
N SER G 304 66.04 90.22 -47.92
CA SER G 304 64.82 90.16 -47.11
C SER G 304 63.84 89.11 -47.63
N PHE G 305 63.73 88.99 -48.97
CA PHE G 305 62.84 88.05 -49.66
C PHE G 305 63.20 86.60 -49.33
N LEU G 306 64.51 86.28 -49.25
CA LEU G 306 65.02 84.94 -48.94
C LEU G 306 64.64 84.50 -47.53
N VAL G 307 64.59 85.46 -46.58
CA VAL G 307 64.18 85.20 -45.19
C VAL G 307 62.65 85.07 -45.15
N ALA G 308 61.94 85.85 -46.00
CA ALA G 308 60.49 85.85 -46.11
C ALA G 308 59.95 84.55 -46.74
N SER G 309 60.66 84.01 -47.75
CA SER G 309 60.28 82.77 -48.44
C SER G 309 60.45 81.56 -47.52
N GLN G 310 61.45 81.62 -46.60
CA GLN G 310 61.75 80.60 -45.61
C GLN G 310 60.62 80.50 -44.58
N THR G 311 59.93 81.62 -44.31
CA THR G 311 58.79 81.73 -43.39
C THR G 311 57.53 81.13 -44.05
N VAL G 312 57.38 81.35 -45.38
CA VAL G 312 56.27 80.83 -46.17
C VAL G 312 56.42 79.31 -46.34
N GLN G 313 57.68 78.83 -46.58
CA GLN G 313 58.02 77.41 -46.74
C GLN G 313 57.56 76.56 -45.55
N ARG G 314 57.67 77.13 -44.32
CA ARG G 314 57.25 76.49 -43.08
C ARG G 314 55.73 76.47 -42.95
N SER G 315 55.05 77.52 -43.48
CA SER G 315 53.60 77.69 -43.46
C SER G 315 52.91 76.82 -44.51
N MET G 316 53.51 76.70 -45.70
CA MET G 316 53.00 75.89 -46.81
C MET G 316 53.11 74.40 -46.48
N ALA G 317 54.15 74.04 -45.68
CA ALA G 317 54.44 72.68 -45.23
C ALA G 317 53.29 72.11 -44.37
N ASN G 318 52.59 72.98 -43.61
CA ASN G 318 51.47 72.60 -42.75
C ASN G 318 50.25 72.18 -43.59
N LEU G 319 50.02 72.85 -44.74
CA LEU G 319 48.93 72.56 -45.66
C LEU G 319 49.24 71.31 -46.50
N SER G 320 50.54 71.09 -46.80
CA SER G 320 51.04 69.93 -47.56
C SER G 320 50.82 68.62 -46.79
N VAL G 321 50.81 68.70 -45.44
CA VAL G 321 50.58 67.57 -44.53
C VAL G 321 49.09 67.16 -44.60
N LEU G 322 48.19 68.16 -44.65
CA LEU G 322 46.74 67.96 -44.71
C LEU G 322 46.23 67.61 -46.12
N PHE G 323 47.12 67.50 -47.13
CA PHE G 323 46.74 67.18 -48.52
C PHE G 323 45.99 65.84 -48.60
N GLY G 324 46.35 64.89 -47.74
CA GLY G 324 45.70 63.59 -47.65
C GLY G 324 44.24 63.72 -47.27
N GLN G 325 43.94 64.70 -46.39
CA GLN G 325 42.59 65.03 -45.94
C GLN G 325 41.84 65.75 -47.05
N VAL G 326 42.54 66.60 -47.83
CA VAL G 326 41.98 67.38 -48.94
C VAL G 326 41.44 66.41 -50.00
N VAL G 327 42.20 65.33 -50.30
CA VAL G 327 41.82 64.29 -51.26
C VAL G 327 40.58 63.54 -50.74
N ARG G 328 40.64 62.97 -49.52
CA ARG G 328 39.54 62.20 -48.91
C ARG G 328 38.27 63.05 -48.74
N GLY G 329 38.44 64.32 -48.37
CA GLY G 329 37.35 65.27 -48.18
C GLY G 329 36.61 65.62 -49.45
N LEU G 330 37.36 65.92 -50.52
CA LEU G 330 36.79 66.29 -51.83
C LEU G 330 36.11 65.07 -52.48
N SER G 331 36.71 63.87 -52.34
CA SER G 331 36.16 62.62 -52.87
C SER G 331 34.82 62.31 -52.18
N ALA G 332 34.76 62.58 -50.86
CA ALA G 332 33.58 62.39 -50.01
C ALA G 332 32.47 63.37 -50.37
N GLY G 333 32.82 64.65 -50.51
CA GLY G 333 31.90 65.71 -50.86
C GLY G 333 31.25 65.50 -52.22
N ALA G 334 32.04 64.97 -53.17
CA ALA G 334 31.59 64.69 -54.54
C ALA G 334 30.46 63.66 -54.55
N ARG G 335 30.55 62.62 -53.67
CA ARG G 335 29.53 61.56 -53.55
C ARG G 335 28.22 62.11 -52.97
N VAL G 336 28.33 63.13 -52.08
CA VAL G 336 27.19 63.78 -51.43
C VAL G 336 26.41 64.60 -52.47
N PHE G 337 27.11 65.37 -53.33
CA PHE G 337 26.49 66.17 -54.37
C PHE G 337 26.08 65.34 -55.60
N GLU G 338 26.60 64.08 -55.72
CA GLU G 338 26.31 63.17 -56.82
C GLU G 338 24.83 62.76 -56.83
N TYR G 339 24.35 62.21 -55.71
CA TYR G 339 22.99 61.73 -55.54
C TYR G 339 22.01 62.85 -55.19
N MET G 340 22.54 64.04 -54.83
CA MET G 340 21.76 65.24 -54.47
C MET G 340 21.15 65.91 -55.70
N ALA G 341 21.85 65.83 -56.85
CA ALA G 341 21.45 66.43 -58.12
C ALA G 341 20.52 65.53 -58.95
N LEU G 342 20.46 64.22 -58.64
CA LEU G 342 19.65 63.22 -59.35
C LEU G 342 18.16 63.55 -59.36
N ASN G 343 17.54 63.47 -60.56
CA ASN G 343 16.11 63.71 -60.78
C ASN G 343 15.42 62.41 -61.23
N PRO G 344 14.35 61.95 -60.52
CA PRO G 344 13.70 60.68 -60.91
C PRO G 344 12.84 60.83 -62.17
N CYS G 345 12.42 59.68 -62.73
CA CYS G 345 11.57 59.62 -63.92
C CYS G 345 10.14 60.03 -63.57
N ILE G 346 9.58 59.44 -62.49
CA ILE G 346 8.22 59.74 -62.00
C ILE G 346 8.32 60.77 -60.85
N PRO G 347 7.61 61.92 -60.94
CA PRO G 347 7.67 62.90 -59.84
C PRO G 347 6.75 62.51 -58.67
N LEU G 348 6.59 63.43 -57.71
CA LEU G 348 5.74 63.18 -56.55
C LEU G 348 4.57 64.16 -56.46
N SER G 349 4.76 65.40 -56.93
CA SER G 349 3.74 66.45 -56.89
C SER G 349 3.15 66.78 -58.27
N GLY G 350 3.84 66.40 -59.34
CA GLY G 350 3.41 66.64 -60.71
C GLY G 350 2.18 65.88 -61.16
N GLY G 351 1.05 66.58 -61.26
CA GLY G 351 -0.20 65.97 -61.70
C GLY G 351 -1.47 66.72 -61.29
N CYS G 352 -2.63 66.13 -61.66
CA CYS G 352 -3.97 66.67 -61.40
C CYS G 352 -4.75 65.82 -60.39
N CYS G 353 -5.61 66.49 -59.60
CA CYS G 353 -6.46 65.86 -58.59
C CYS G 353 -7.91 65.81 -59.09
N VAL G 354 -8.65 64.77 -58.68
CA VAL G 354 -10.05 64.56 -59.02
C VAL G 354 -10.88 64.68 -57.73
N PRO G 355 -11.95 65.51 -57.68
CA PRO G 355 -12.71 65.64 -56.42
C PRO G 355 -13.48 64.36 -56.07
N LYS G 356 -13.82 64.19 -54.77
CA LYS G 356 -14.55 63.04 -54.22
C LYS G 356 -15.93 62.87 -54.88
N GLU G 357 -16.54 63.99 -55.33
CA GLU G 357 -17.83 64.02 -56.00
C GLU G 357 -17.75 63.43 -57.42
N GLN G 358 -16.58 63.59 -58.09
CA GLN G 358 -16.32 63.11 -59.45
C GLN G 358 -15.67 61.70 -59.45
N LEU G 359 -14.81 61.41 -58.45
CA LEU G 359 -14.12 60.14 -58.30
C LEU G 359 -15.09 59.01 -57.97
N ARG G 360 -15.16 57.99 -58.84
CA ARG G 360 -16.05 56.83 -58.69
C ARG G 360 -15.27 55.56 -58.36
N GLY G 361 -14.08 55.42 -58.94
CA GLY G 361 -13.19 54.30 -58.71
C GLY G 361 -13.20 53.23 -59.77
N SER G 362 -13.08 53.63 -61.04
CA SER G 362 -13.04 52.68 -62.16
C SER G 362 -11.61 52.57 -62.69
N VAL G 363 -10.96 51.43 -62.44
CA VAL G 363 -9.58 51.18 -62.89
C VAL G 363 -9.62 50.42 -64.23
N THR G 364 -8.85 50.88 -65.23
CA THR G 364 -8.83 50.25 -66.55
C THR G 364 -7.40 50.10 -67.09
N PHE G 365 -7.02 48.87 -67.41
CA PHE G 365 -5.74 48.50 -68.01
C PHE G 365 -6.00 48.21 -69.48
N GLN G 366 -5.45 49.03 -70.39
CA GLN G 366 -5.69 48.82 -71.82
C GLN G 366 -4.39 48.45 -72.52
N ASN G 367 -4.29 47.17 -72.94
CA ASN G 367 -3.15 46.55 -73.64
C ASN G 367 -1.82 46.94 -72.94
N VAL G 368 -1.79 46.78 -71.60
CA VAL G 368 -0.68 47.14 -70.74
C VAL G 368 0.43 46.09 -70.84
N YCM G 369 1.61 46.52 -71.30
CA YCM G 369 2.81 45.70 -71.42
CB YCM G 369 3.35 45.60 -72.85
SG YCM G 369 2.12 45.03 -74.05
CD YCM G 369 3.01 43.80 -75.06
CE YCM G 369 2.18 43.37 -76.25
OZ1 YCM G 369 1.50 44.18 -76.89
NZ2 YCM G 369 2.24 42.08 -76.55
C YCM G 369 3.87 46.29 -70.51
O YCM G 369 4.04 47.51 -70.47
N PHE G 370 4.53 45.43 -69.72
CA PHE G 370 5.55 45.89 -68.80
C PHE G 370 6.72 44.92 -68.71
N SER G 371 7.91 45.50 -68.58
CA SER G 371 9.20 44.86 -68.40
C SER G 371 9.99 45.73 -67.45
N TYR G 372 10.49 45.13 -66.35
CA TYR G 372 11.25 45.84 -65.32
C TYR G 372 12.47 46.58 -65.91
N PRO G 373 12.87 47.76 -65.38
CA PRO G 373 14.04 48.47 -65.96
C PRO G 373 15.36 47.72 -65.74
N YCM G 374 15.39 46.82 -64.74
CA YCM G 374 16.54 45.99 -64.39
CB YCM G 374 16.34 45.32 -63.03
SG YCM G 374 15.86 46.47 -61.70
CD YCM G 374 14.07 46.14 -61.61
CE YCM G 374 13.36 46.95 -60.55
OZ1 YCM G 374 12.98 46.44 -59.49
NZ2 YCM G 374 13.18 48.23 -60.83
C YCM G 374 16.77 44.92 -65.47
O YCM G 374 17.90 44.74 -65.92
N ARG G 375 15.68 44.23 -65.89
CA ARG G 375 15.68 43.21 -66.95
C ARG G 375 14.87 43.74 -68.15
N PRO G 376 15.46 44.59 -69.04
CA PRO G 376 14.66 45.17 -70.13
C PRO G 376 14.19 44.14 -71.17
N GLY G 377 14.89 43.02 -71.25
CA GLY G 377 14.58 41.93 -72.18
C GLY G 377 13.46 41.03 -71.70
N PHE G 378 13.53 40.60 -70.42
CA PHE G 378 12.56 39.70 -69.79
C PHE G 378 11.22 40.40 -69.52
N GLU G 379 10.22 40.12 -70.39
CA GLU G 379 8.87 40.69 -70.32
C GLU G 379 8.05 39.98 -69.25
N VAL G 380 7.63 40.74 -68.23
CA VAL G 380 6.85 40.27 -67.08
C VAL G 380 5.35 40.32 -67.41
N LEU G 381 4.88 41.46 -67.95
CA LEU G 381 3.49 41.68 -68.32
C LEU G 381 3.36 41.85 -69.83
N LYS G 382 2.60 40.96 -70.49
CA LYS G 382 2.43 40.98 -71.94
C LYS G 382 0.95 41.14 -72.32
N ASP G 383 0.61 42.27 -72.97
CA ASP G 383 -0.73 42.64 -73.47
C ASP G 383 -1.83 42.35 -72.41
N PHE G 384 -1.75 43.06 -71.26
CA PHE G 384 -2.69 42.92 -70.15
C PHE G 384 -3.88 43.86 -70.35
N THR G 385 -5.09 43.30 -70.37
CA THR G 385 -6.34 44.06 -70.54
C THR G 385 -7.35 43.63 -69.47
N LEU G 386 -7.55 44.49 -68.46
CA LEU G 386 -8.48 44.26 -67.34
C LEU G 386 -9.14 45.56 -66.90
N THR G 387 -10.45 45.51 -66.62
CA THR G 387 -11.21 46.67 -66.16
C THR G 387 -11.94 46.30 -64.85
N LEU G 388 -11.74 47.13 -63.80
CA LEU G 388 -12.31 46.99 -62.47
C LEU G 388 -13.53 47.91 -62.29
N PRO G 389 -14.76 47.35 -62.14
CA PRO G 389 -15.94 48.21 -61.98
C PRO G 389 -15.98 48.92 -60.63
N PRO G 390 -16.49 50.19 -60.56
CA PRO G 390 -16.51 50.90 -59.27
C PRO G 390 -17.41 50.25 -58.22
N GLY G 391 -16.85 50.02 -57.04
CA GLY G 391 -17.52 49.39 -55.91
C GLY G 391 -17.47 47.88 -55.90
N LYS G 392 -17.16 47.26 -57.07
CA LYS G 392 -17.07 45.82 -57.27
C LYS G 392 -15.68 45.28 -56.89
N ILE G 393 -15.65 44.06 -56.30
CA ILE G 393 -14.44 43.37 -55.85
C ILE G 393 -13.98 42.39 -56.94
N VAL G 394 -12.86 42.72 -57.61
CA VAL G 394 -12.28 41.91 -58.68
C VAL G 394 -11.14 41.05 -58.11
N ALA G 395 -11.22 39.72 -58.30
CA ALA G 395 -10.23 38.75 -57.84
C ALA G 395 -9.17 38.50 -58.91
N LEU G 396 -7.90 38.35 -58.49
CA LEU G 396 -6.76 38.13 -59.38
C LEU G 396 -6.01 36.86 -58.94
N VAL G 397 -6.10 35.81 -59.77
CA VAL G 397 -5.48 34.50 -59.54
C VAL G 397 -4.43 34.19 -60.61
N GLY G 398 -3.38 33.45 -60.23
CA GLY G 398 -2.30 33.07 -61.11
C GLY G 398 -1.15 32.36 -60.43
N GLN G 399 -0.25 31.75 -61.23
CA GLN G 399 0.93 31.02 -60.76
C GLN G 399 1.99 31.97 -60.22
N SER G 400 2.81 31.50 -59.24
CA SER G 400 3.88 32.30 -58.62
C SER G 400 4.94 32.67 -59.65
N GLY G 401 5.01 33.97 -59.95
CA GLY G 401 5.90 34.52 -60.96
C GLY G 401 5.18 34.75 -62.27
N GLY G 402 3.88 35.08 -62.16
CA GLY G 402 2.99 35.36 -63.29
C GLY G 402 2.70 36.83 -63.49
N GLY G 403 3.31 37.68 -62.66
CA GLY G 403 3.18 39.13 -62.69
C GLY G 403 2.02 39.71 -61.91
N LYS G 404 1.58 39.01 -60.84
CA LYS G 404 0.45 39.41 -59.98
C LYS G 404 0.76 40.69 -59.17
N THR G 405 1.88 40.70 -58.42
CA THR G 405 2.34 41.84 -57.59
C THR G 405 2.78 43.00 -58.50
N THR G 406 3.22 42.70 -59.74
CA THR G 406 3.63 43.72 -60.72
C THR G 406 2.43 44.58 -61.14
N VAL G 407 1.23 43.95 -61.31
CA VAL G 407 -0.05 44.60 -61.70
C VAL G 407 -0.42 45.65 -60.64
N ALA G 408 -0.23 45.28 -59.35
CA ALA G 408 -0.52 46.10 -58.18
C ALA G 408 0.40 47.33 -58.08
N SER G 409 1.72 47.14 -58.31
CA SER G 409 2.72 48.21 -58.25
C SER G 409 2.53 49.25 -59.38
N LEU G 410 1.95 48.82 -60.53
CA LEU G 410 1.67 49.71 -61.66
C LEU G 410 0.49 50.63 -61.36
N LEU G 411 -0.50 50.12 -60.58
CA LEU G 411 -1.67 50.88 -60.14
C LEU G 411 -1.26 51.93 -59.09
N GLU G 412 -0.29 51.58 -58.20
CA GLU G 412 0.25 52.49 -57.20
C GLU G 412 1.24 53.48 -57.86
N ARG G 413 1.44 53.34 -59.20
CA ARG G 413 2.31 54.11 -60.08
C ARG G 413 3.78 54.12 -59.57
N PHE G 414 4.28 52.94 -59.17
CA PHE G 414 5.68 52.78 -58.76
C PHE G 414 6.55 52.73 -60.01
N TYR G 415 5.96 52.22 -61.10
CA TYR G 415 6.52 52.11 -62.45
C TYR G 415 5.43 52.47 -63.47
N ASP G 416 5.83 52.89 -64.67
CA ASP G 416 4.92 53.20 -65.76
C ASP G 416 5.02 52.10 -66.85
N PRO G 417 3.92 51.72 -67.53
CA PRO G 417 4.01 50.64 -68.53
C PRO G 417 4.93 50.97 -69.71
N THR G 418 5.54 49.93 -70.31
CA THR G 418 6.40 50.05 -71.49
C THR G 418 5.54 50.29 -72.74
N ALA G 419 4.27 49.84 -72.69
CA ALA G 419 3.25 49.98 -73.73
C ALA G 419 1.86 49.92 -73.09
N GLY G 420 0.91 50.67 -73.65
CA GLY G 420 -0.45 50.75 -73.14
C GLY G 420 -0.60 51.73 -71.99
N VAL G 421 -1.83 51.89 -71.47
CA VAL G 421 -2.08 52.83 -70.37
C VAL G 421 -2.95 52.24 -69.26
N VAL G 422 -2.78 52.78 -68.04
CA VAL G 422 -3.54 52.44 -66.83
C VAL G 422 -4.34 53.71 -66.47
N MET G 423 -5.68 53.60 -66.48
CA MET G 423 -6.56 54.74 -66.24
C MET G 423 -7.44 54.58 -65.00
N LEU G 424 -7.61 55.69 -64.27
CA LEU G 424 -8.49 55.83 -63.11
C LEU G 424 -9.61 56.78 -63.51
N ASP G 425 -10.83 56.25 -63.70
CA ASP G 425 -12.05 56.95 -64.11
C ASP G 425 -11.80 57.76 -65.39
N GLY G 426 -11.32 57.06 -66.43
CA GLY G 426 -11.02 57.66 -67.74
C GLY G 426 -9.73 58.46 -67.82
N ARG G 427 -9.22 58.92 -66.67
CA ARG G 427 -8.01 59.72 -66.57
C ARG G 427 -6.79 58.82 -66.39
N ASP G 428 -5.77 58.99 -67.27
CA ASP G 428 -4.50 58.26 -67.23
C ASP G 428 -3.69 58.66 -65.98
N LEU G 429 -3.04 57.67 -65.34
CA LEU G 429 -2.24 57.85 -64.12
C LEU G 429 -1.04 58.80 -64.32
N ARG G 430 -0.56 58.91 -65.58
CA ARG G 430 0.57 59.78 -65.95
C ARG G 430 0.24 61.25 -65.71
N THR G 431 -1.01 61.66 -66.05
CA THR G 431 -1.50 63.03 -65.89
C THR G 431 -1.93 63.31 -64.44
N LEU G 432 -2.12 62.24 -63.63
CA LEU G 432 -2.57 62.32 -62.25
C LEU G 432 -1.42 62.57 -61.27
N ASP G 433 -1.76 63.22 -60.15
CA ASP G 433 -0.84 63.55 -59.05
C ASP G 433 -0.53 62.28 -58.24
N PRO G 434 0.75 61.82 -58.25
CA PRO G 434 1.09 60.57 -57.54
C PRO G 434 0.82 60.59 -56.04
N SER G 435 1.10 61.72 -55.35
CA SER G 435 0.87 61.88 -53.91
C SER G 435 -0.63 61.79 -53.56
N TRP G 436 -1.47 62.34 -54.44
CA TRP G 436 -2.93 62.32 -54.31
C TRP G 436 -3.45 60.89 -54.49
N LEU G 437 -2.92 60.18 -55.49
CA LEU G 437 -3.29 58.82 -55.85
C LEU G 437 -2.97 57.82 -54.74
N ARG G 438 -1.72 57.84 -54.23
CA ARG G 438 -1.25 56.91 -53.20
C ARG G 438 -1.76 57.27 -51.80
N GLY G 439 -1.82 58.57 -51.50
CA GLY G 439 -2.21 59.08 -50.19
C GLY G 439 -3.67 59.31 -49.89
N GLN G 440 -4.56 59.28 -50.91
CA GLN G 440 -5.98 59.53 -50.70
C GLN G 440 -6.92 58.59 -51.50
N VAL G 441 -6.45 58.02 -52.62
CA VAL G 441 -7.29 57.18 -53.48
C VAL G 441 -7.06 55.69 -53.24
N VAL G 442 -5.81 55.23 -53.38
CA VAL G 442 -5.49 53.81 -53.28
C VAL G 442 -5.01 53.43 -51.89
N GLY G 443 -5.56 52.32 -51.38
CA GLY G 443 -5.20 51.72 -50.10
C GLY G 443 -4.54 50.37 -50.33
N PHE G 444 -3.19 50.32 -50.20
CA PHE G 444 -2.40 49.11 -50.45
C PHE G 444 -2.15 48.30 -49.17
N ILE G 445 -2.26 46.95 -49.29
CA ILE G 445 -2.04 45.97 -48.22
C ILE G 445 -1.12 44.87 -48.77
N SER G 446 0.13 44.81 -48.29
CA SER G 446 1.13 43.82 -48.73
C SER G 446 1.04 42.52 -47.90
N GLN G 447 1.66 41.44 -48.42
CA GLN G 447 1.70 40.11 -47.78
C GLN G 447 2.52 40.12 -46.48
N GLU G 448 3.46 41.07 -46.36
CA GLU G 448 4.31 41.29 -45.20
C GLU G 448 4.16 42.75 -44.76
N PRO G 449 3.52 43.03 -43.60
CA PRO G 449 3.33 44.43 -43.18
C PRO G 449 4.60 45.07 -42.63
N VAL G 450 4.72 46.40 -42.78
CA VAL G 450 5.87 47.17 -42.32
C VAL G 450 5.41 48.15 -41.23
N LEU G 451 5.92 47.97 -40.00
CA LEU G 451 5.61 48.82 -38.85
C LEU G 451 6.87 49.57 -38.43
N PHE G 452 6.75 50.90 -38.30
CA PHE G 452 7.85 51.78 -37.92
C PHE G 452 8.13 51.71 -36.40
N GLY G 453 9.27 52.27 -35.99
CA GLY G 453 9.71 52.29 -34.60
C GLY G 453 9.14 53.39 -33.74
N THR G 454 7.80 53.54 -33.74
CA THR G 454 7.04 54.53 -32.96
C THR G 454 5.90 53.81 -32.22
N THR G 455 4.97 54.57 -31.61
CA THR G 455 3.82 54.02 -30.88
C THR G 455 2.77 53.49 -31.86
N ILE G 456 1.89 52.59 -31.38
CA ILE G 456 0.81 51.95 -32.16
C ILE G 456 -0.15 53.04 -32.69
N MET G 457 -0.55 54.01 -31.82
CA MET G 457 -1.45 55.12 -32.18
C MET G 457 -0.87 56.02 -33.27
N GLU G 458 0.47 56.15 -33.31
CA GLU G 458 1.18 56.97 -34.30
C GLU G 458 1.44 56.19 -35.60
N ASN G 459 1.71 54.86 -35.50
CA ASN G 459 1.98 54.00 -36.65
C ASN G 459 0.75 53.87 -37.54
N ILE G 460 -0.47 53.83 -36.95
CA ILE G 460 -1.74 53.73 -37.70
C ILE G 460 -2.04 55.11 -38.33
N ARG G 461 -1.74 56.21 -37.59
CA ARG G 461 -1.90 57.62 -37.99
C ARG G 461 -1.06 57.97 -39.25
N PHE G 462 -0.31 57.00 -39.80
CA PHE G 462 0.52 57.16 -41.00
C PHE G 462 -0.34 57.26 -42.27
N GLY G 463 -1.59 56.76 -42.20
CA GLY G 463 -2.54 56.78 -43.31
C GLY G 463 -3.01 58.17 -43.72
N LYS G 464 -3.37 58.99 -42.73
CA LYS G 464 -3.80 60.38 -42.90
C LYS G 464 -3.04 61.26 -41.89
N LEU G 465 -2.30 62.26 -42.40
CA LEU G 465 -1.45 63.17 -41.61
C LEU G 465 -2.27 64.05 -40.65
N GLU G 466 -3.37 64.66 -41.14
CA GLU G 466 -4.23 65.54 -40.33
C GLU G 466 -5.41 64.76 -39.72
N ALA G 467 -5.11 63.61 -39.08
CA ALA G 467 -6.12 62.77 -38.43
C ALA G 467 -6.12 62.96 -36.92
N SER G 468 -7.32 63.05 -36.33
CA SER G 468 -7.51 63.22 -34.89
C SER G 468 -7.36 61.89 -34.15
N ASP G 469 -7.19 61.94 -32.82
CA ASP G 469 -7.04 60.76 -31.96
C ASP G 469 -8.29 59.86 -32.03
N GLU G 470 -9.49 60.48 -32.13
CA GLU G 470 -10.79 59.79 -32.23
C GLU G 470 -10.94 59.06 -33.58
N GLU G 471 -10.27 59.55 -34.65
CA GLU G 471 -10.31 58.96 -36.00
C GLU G 471 -9.56 57.62 -36.06
N VAL G 472 -8.46 57.51 -35.28
CA VAL G 472 -7.61 56.31 -35.22
C VAL G 472 -8.38 55.15 -34.57
N TYR G 473 -9.02 55.39 -33.41
CA TYR G 473 -9.79 54.38 -32.67
C TYR G 473 -11.00 53.87 -33.47
N THR G 474 -11.64 54.75 -34.27
CA THR G 474 -12.78 54.40 -35.13
C THR G 474 -12.29 53.49 -36.27
N ALA G 475 -11.09 53.78 -36.80
CA ALA G 475 -10.46 53.01 -37.88
C ALA G 475 -9.96 51.66 -37.35
N ALA G 476 -9.44 51.61 -36.10
CA ALA G 476 -8.94 50.40 -35.44
C ALA G 476 -10.07 49.43 -35.12
N ARG G 477 -11.26 49.95 -34.79
CA ARG G 477 -12.45 49.16 -34.49
C ARG G 477 -13.00 48.48 -35.75
N GLU G 478 -12.76 49.09 -36.93
CA GLU G 478 -13.19 48.58 -38.23
C GLU G 478 -12.28 47.44 -38.72
N ALA G 479 -11.06 47.34 -38.17
CA ALA G 479 -10.08 46.31 -38.54
C ALA G 479 -9.82 45.30 -37.39
N ASN G 480 -10.73 45.26 -36.37
CA ASN G 480 -10.70 44.40 -35.17
C ASN G 480 -9.34 44.49 -34.44
N ALA G 481 -8.75 45.70 -34.42
CA ALA G 481 -7.46 45.98 -33.81
C ALA G 481 -7.62 46.54 -32.39
N HIS G 482 -8.62 47.42 -32.17
CA HIS G 482 -8.93 48.07 -30.89
C HIS G 482 -9.11 47.06 -29.74
N GLU G 483 -9.64 45.86 -30.05
CA GLU G 483 -9.88 44.78 -29.09
C GLU G 483 -8.60 44.27 -28.42
N PHE G 484 -7.50 44.06 -29.20
CA PHE G 484 -6.24 43.55 -28.65
C PHE G 484 -5.28 44.68 -28.24
N ILE G 485 -5.42 45.91 -28.82
CA ILE G 485 -4.55 47.05 -28.48
C ILE G 485 -4.84 47.51 -27.04
N THR G 486 -6.14 47.63 -26.65
CA THR G 486 -6.59 48.04 -25.32
C THR G 486 -6.13 47.03 -24.25
N SER G 487 -6.01 45.73 -24.63
CA SER G 487 -5.58 44.61 -23.77
C SER G 487 -4.14 44.77 -23.25
N PHE G 488 -3.29 45.53 -23.98
CA PHE G 488 -1.89 45.79 -23.62
C PHE G 488 -1.80 46.72 -22.39
N PRO G 489 -0.70 46.67 -21.58
CA PRO G 489 -0.60 47.53 -20.39
C PRO G 489 -0.65 49.03 -20.72
N GLU G 490 0.22 49.52 -21.63
CA GLU G 490 0.25 50.92 -22.05
C GLU G 490 -0.86 51.18 -23.09
N GLY G 491 -1.11 50.20 -23.96
CA GLY G 491 -2.14 50.27 -24.99
C GLY G 491 -1.66 50.87 -26.29
N TYR G 492 -2.21 52.05 -26.64
CA TYR G 492 -1.87 52.78 -27.86
C TYR G 492 -0.53 53.51 -27.73
N ASN G 493 -0.05 53.71 -26.50
CA ASN G 493 1.22 54.37 -26.20
C ASN G 493 2.39 53.35 -26.22
N THR G 494 2.12 52.09 -26.60
CA THR G 494 3.12 51.03 -26.67
C THR G 494 3.90 51.12 -27.98
N VAL G 495 5.24 51.15 -27.87
CA VAL G 495 6.13 51.20 -29.03
C VAL G 495 6.20 49.83 -29.69
N VAL G 496 6.41 49.79 -31.03
CA VAL G 496 6.47 48.56 -31.82
C VAL G 496 7.80 48.53 -32.64
N GLY G 497 8.34 47.33 -32.84
CA GLY G 497 9.57 47.10 -33.59
C GLY G 497 10.61 46.31 -32.83
N GLU G 498 11.89 46.70 -32.97
CA GLU G 498 13.03 46.06 -32.31
C GLU G 498 13.08 46.39 -30.81
N ARG G 499 13.00 47.69 -30.46
CA ARG G 499 12.99 48.18 -29.07
C ARG G 499 11.63 47.93 -28.40
N GLY G 500 10.57 47.94 -29.21
CA GLY G 500 9.21 47.71 -28.77
C GLY G 500 8.82 46.25 -28.71
N THR G 501 7.58 45.98 -28.28
CA THR G 501 7.01 44.64 -28.12
C THR G 501 6.84 43.96 -29.48
N THR G 502 7.31 42.70 -29.60
CA THR G 502 7.20 41.90 -30.83
C THR G 502 5.77 41.36 -30.94
N LEU G 503 5.14 41.58 -32.11
CA LEU G 503 3.76 41.17 -32.38
C LEU G 503 3.66 40.05 -33.41
N SER G 504 2.62 39.21 -33.26
CA SER G 504 2.32 38.08 -34.14
C SER G 504 1.87 38.57 -35.53
N GLY G 505 2.05 37.71 -36.53
CA GLY G 505 1.71 37.98 -37.92
C GLY G 505 0.31 38.52 -38.13
N GLY G 506 -0.68 37.88 -37.48
CA GLY G 506 -2.09 38.27 -37.54
C GLY G 506 -2.38 39.60 -36.88
N GLN G 507 -1.63 39.93 -35.81
CA GLN G 507 -1.75 41.20 -35.07
C GLN G 507 -1.20 42.37 -35.89
N LYS G 508 -0.04 42.15 -36.55
CA LYS G 508 0.66 43.14 -37.38
C LYS G 508 -0.18 43.54 -38.60
N GLN G 509 -0.79 42.55 -39.30
CA GLN G 509 -1.61 42.76 -40.50
C GLN G 509 -2.91 43.51 -40.18
N ARG G 510 -3.50 43.26 -38.98
CA ARG G 510 -4.73 43.92 -38.51
C ARG G 510 -4.50 45.44 -38.36
N LEU G 511 -3.29 45.84 -37.94
CA LEU G 511 -2.88 47.24 -37.76
C LEU G 511 -2.71 47.93 -39.13
N ALA G 512 -2.19 47.20 -40.14
CA ALA G 512 -1.96 47.69 -41.50
C ALA G 512 -3.28 48.03 -42.21
N ILE G 513 -4.35 47.26 -41.93
CA ILE G 513 -5.70 47.44 -42.49
C ILE G 513 -6.28 48.76 -41.96
N ALA G 514 -6.16 48.99 -40.63
CA ALA G 514 -6.64 50.20 -39.94
C ALA G 514 -5.89 51.45 -40.43
N ARG G 515 -4.60 51.29 -40.79
CA ARG G 515 -3.74 52.34 -41.32
C ARG G 515 -4.25 52.83 -42.68
N ALA G 516 -4.57 51.90 -43.58
CA ALA G 516 -5.05 52.19 -44.94
C ALA G 516 -6.50 52.69 -44.97
N LEU G 517 -7.29 52.47 -43.90
CA LEU G 517 -8.70 52.87 -43.85
C LEU G 517 -8.93 54.33 -43.42
N ILE G 518 -7.94 54.99 -42.74
CA ILE G 518 -8.10 56.38 -42.27
C ILE G 518 -8.22 57.36 -43.46
N LYS G 519 -7.36 57.21 -44.49
CA LYS G 519 -7.35 58.08 -45.68
C LYS G 519 -8.64 57.97 -46.53
N GLN G 520 -9.56 57.04 -46.15
CA GLN G 520 -10.85 56.74 -46.79
C GLN G 520 -10.60 56.43 -48.28
N PRO G 521 -10.08 55.21 -48.59
CA PRO G 521 -9.73 54.90 -49.98
C PRO G 521 -10.93 54.58 -50.85
N THR G 522 -10.81 54.90 -52.14
CA THR G 522 -11.81 54.63 -53.18
C THR G 522 -11.47 53.29 -53.84
N VAL G 523 -10.15 53.03 -53.96
CA VAL G 523 -9.56 51.80 -54.52
C VAL G 523 -8.79 51.10 -53.40
N LEU G 524 -8.81 49.76 -53.38
CA LEU G 524 -8.14 48.96 -52.36
C LEU G 524 -7.39 47.78 -52.99
N ILE G 525 -6.10 47.64 -52.68
CA ILE G 525 -5.29 46.53 -53.20
C ILE G 525 -4.97 45.60 -52.03
N LEU G 526 -5.27 44.31 -52.19
CA LEU G 526 -4.98 43.29 -51.18
C LEU G 526 -4.12 42.19 -51.80
N ASP G 527 -2.77 42.34 -51.69
CA ASP G 527 -1.81 41.40 -52.25
C ASP G 527 -1.36 40.37 -51.20
N GLU G 528 -2.02 39.19 -51.21
CA GLU G 528 -1.79 38.02 -50.35
C GLU G 528 -1.73 38.41 -48.86
N ALA G 529 -2.69 39.25 -48.40
CA ALA G 529 -2.79 39.76 -47.04
C ALA G 529 -2.71 38.67 -45.95
N THR G 530 -3.21 37.45 -46.23
CA THR G 530 -3.21 36.32 -45.29
C THR G 530 -2.26 35.19 -45.78
N SER G 531 -1.03 35.55 -46.21
CA SER G 531 -0.04 34.60 -46.73
C SER G 531 0.56 33.70 -45.64
N ALA G 532 1.47 34.23 -44.80
CA ALA G 532 2.16 33.46 -43.77
C ALA G 532 1.44 33.55 -42.40
N LEU G 533 0.09 33.51 -42.41
CA LEU G 533 -0.71 33.57 -41.19
C LEU G 533 -1.18 32.18 -40.77
N ASP G 534 -1.19 31.94 -39.44
CA ASP G 534 -1.66 30.70 -38.81
C ASP G 534 -3.16 30.55 -39.05
N ALA G 535 -3.65 29.29 -39.17
CA ALA G 535 -5.06 28.95 -39.43
C ALA G 535 -6.08 29.83 -38.66
N GLU G 536 -5.83 30.06 -37.35
CA GLU G 536 -6.70 30.87 -36.49
C GLU G 536 -6.62 32.36 -36.84
N SER G 537 -5.38 32.92 -36.92
CA SER G 537 -5.12 34.33 -37.26
C SER G 537 -5.64 34.69 -38.66
N GLU G 538 -5.53 33.75 -39.62
CA GLU G 538 -5.97 33.87 -41.01
C GLU G 538 -7.48 34.14 -41.11
N ARG G 539 -8.28 33.44 -40.29
CA ARG G 539 -9.74 33.58 -40.26
C ARG G 539 -10.18 34.92 -39.68
N VAL G 540 -9.41 35.47 -38.70
CA VAL G 540 -9.69 36.74 -38.03
C VAL G 540 -9.44 37.93 -38.97
N VAL G 541 -8.24 37.99 -39.58
CA VAL G 541 -7.76 39.04 -40.49
C VAL G 541 -8.68 39.12 -41.74
N GLN G 542 -9.02 37.96 -42.35
CA GLN G 542 -9.87 37.89 -43.55
C GLN G 542 -11.29 38.45 -43.27
N GLU G 543 -11.84 38.18 -42.07
CA GLU G 543 -13.16 38.64 -41.62
C GLU G 543 -13.23 40.17 -41.56
N ALA G 544 -12.14 40.81 -41.11
CA ALA G 544 -12.03 42.27 -41.01
C ALA G 544 -11.75 42.91 -42.38
N LEU G 545 -11.06 42.17 -43.28
CA LEU G 545 -10.73 42.62 -44.63
C LEU G 545 -11.99 42.75 -45.50
N ASP G 546 -12.95 41.81 -45.32
CA ASP G 546 -14.22 41.77 -46.05
C ASP G 546 -15.11 42.96 -45.67
N ARG G 547 -15.08 43.37 -44.38
CA ARG G 547 -15.84 44.49 -43.83
C ARG G 547 -15.33 45.82 -44.44
N ALA G 548 -14.00 45.93 -44.59
CA ALA G 548 -13.33 47.10 -45.17
C ALA G 548 -13.52 47.16 -46.69
N SER G 549 -13.74 45.98 -47.33
CA SER G 549 -13.94 45.83 -48.77
C SER G 549 -15.32 46.33 -49.24
N ALA G 550 -16.27 46.51 -48.30
CA ALA G 550 -17.63 46.96 -48.59
C ALA G 550 -17.68 48.40 -49.11
N GLY G 551 -18.33 48.58 -50.25
CA GLY G 551 -18.51 49.89 -50.91
C GLY G 551 -17.26 50.52 -51.47
N ARG G 552 -16.30 49.68 -51.93
CA ARG G 552 -15.02 50.12 -52.50
C ARG G 552 -14.60 49.22 -53.66
N THR G 553 -13.76 49.74 -54.57
CA THR G 553 -13.20 48.97 -55.68
C THR G 553 -12.04 48.18 -55.10
N VAL G 554 -12.14 46.84 -55.05
CA VAL G 554 -11.10 46.04 -54.40
C VAL G 554 -10.45 45.05 -55.39
N LEU G 555 -9.11 45.07 -55.47
CA LEU G 555 -8.30 44.15 -56.28
C LEU G 555 -7.69 43.14 -55.32
N VAL G 556 -8.34 41.97 -55.18
CA VAL G 556 -7.91 40.92 -54.27
C VAL G 556 -6.99 39.92 -54.99
N ILE G 557 -5.71 39.92 -54.62
CA ILE G 557 -4.69 39.01 -55.13
C ILE G 557 -4.47 37.98 -54.02
N ALA G 558 -5.33 36.95 -53.98
CA ALA G 558 -5.25 35.93 -52.92
C ALA G 558 -4.74 34.59 -53.44
N HIS G 559 -4.07 33.84 -52.54
CA HIS G 559 -3.54 32.49 -52.80
C HIS G 559 -4.63 31.44 -52.54
N ARG G 560 -5.43 31.64 -51.47
CA ARG G 560 -6.56 30.77 -51.11
C ARG G 560 -7.73 31.12 -52.02
N LEU G 561 -8.10 30.20 -52.92
CA LEU G 561 -9.18 30.40 -53.88
C LEU G 561 -10.58 30.42 -53.23
N SER G 562 -10.68 29.97 -51.96
CA SER G 562 -11.92 29.91 -51.18
C SER G 562 -12.50 31.32 -50.91
N THR G 563 -11.64 32.34 -50.73
CA THR G 563 -12.07 33.72 -50.45
C THR G 563 -12.46 34.46 -51.77
N VAL G 564 -11.89 34.02 -52.91
CA VAL G 564 -12.14 34.60 -54.23
C VAL G 564 -13.42 34.04 -54.87
N ARG G 565 -14.06 33.04 -54.21
CA ARG G 565 -15.30 32.38 -54.65
C ARG G 565 -16.48 33.35 -54.82
N GLY G 566 -16.60 34.32 -53.91
CA GLY G 566 -17.67 35.31 -53.91
C GLY G 566 -17.24 36.71 -54.29
N ALA G 567 -16.65 36.85 -55.50
CA ALA G 567 -16.17 38.12 -56.05
C ALA G 567 -17.03 38.53 -57.26
N HIS G 568 -16.81 39.75 -57.80
CA HIS G 568 -17.53 40.27 -58.97
C HIS G 568 -17.21 39.40 -60.19
N CYS G 569 -15.90 39.08 -60.37
CA CYS G 569 -15.34 38.20 -61.40
C CYS G 569 -13.88 37.87 -61.06
N ILE G 570 -13.44 36.69 -61.49
CA ILE G 570 -12.09 36.18 -61.25
C ILE G 570 -11.27 36.29 -62.56
N VAL G 571 -9.99 36.70 -62.43
CA VAL G 571 -9.07 36.84 -63.56
C VAL G 571 -7.94 35.81 -63.37
N VAL G 572 -7.70 34.97 -64.40
CA VAL G 572 -6.65 33.94 -64.40
C VAL G 572 -5.51 34.40 -65.31
N MET G 573 -4.28 34.48 -64.77
CA MET G 573 -3.11 34.93 -65.51
C MET G 573 -2.19 33.78 -65.89
N ALA G 574 -1.65 33.84 -67.12
CA ALA G 574 -0.72 32.87 -67.67
C ALA G 574 0.37 33.60 -68.49
N ASP G 575 1.61 33.58 -67.96
CA ASP G 575 2.83 34.17 -68.53
C ASP G 575 2.64 35.68 -68.84
N GLY G 576 2.00 36.38 -67.91
CA GLY G 576 1.75 37.81 -67.98
C GLY G 576 0.60 38.27 -68.84
N ARG G 577 -0.32 37.36 -69.19
CA ARG G 577 -1.49 37.69 -70.00
C ARG G 577 -2.76 37.11 -69.38
N VAL G 578 -3.92 37.78 -69.61
CA VAL G 578 -5.22 37.35 -69.10
C VAL G 578 -5.68 36.13 -69.94
N TRP G 579 -5.56 34.93 -69.35
CA TRP G 579 -5.88 33.65 -69.98
C TRP G 579 -7.38 33.35 -69.92
N GLU G 580 -7.99 33.51 -68.73
CA GLU G 580 -9.41 33.26 -68.49
C GLU G 580 -9.99 34.34 -67.60
N ALA G 581 -11.22 34.79 -67.91
CA ALA G 581 -11.91 35.84 -67.15
C ALA G 581 -13.41 35.57 -67.08
N GLY G 582 -14.02 35.96 -65.97
CA GLY G 582 -15.44 35.78 -65.72
C GLY G 582 -15.74 35.43 -64.28
N THR G 583 -17.03 35.25 -63.94
CA THR G 583 -17.46 34.92 -62.57
C THR G 583 -16.98 33.52 -62.15
N HIS G 584 -17.41 33.07 -60.97
CA HIS G 584 -17.08 31.75 -60.41
C HIS G 584 -17.71 30.63 -61.25
N GLU G 585 -19.02 30.76 -61.57
CA GLU G 585 -19.79 29.78 -62.33
C GLU G 585 -19.36 29.73 -63.80
N GLU G 586 -19.05 30.89 -64.40
CA GLU G 586 -18.63 31.02 -65.80
C GLU G 586 -17.30 30.29 -66.07
N LEU G 587 -16.34 30.39 -65.12
CA LEU G 587 -14.98 29.82 -65.15
C LEU G 587 -14.97 28.30 -64.88
N LEU G 588 -16.08 27.76 -64.35
CA LEU G 588 -16.30 26.33 -64.09
C LEU G 588 -16.95 25.67 -65.33
N LYS G 589 -17.91 26.40 -65.96
CA LYS G 589 -18.62 25.98 -67.16
C LYS G 589 -17.68 26.01 -68.39
N LYS G 590 -16.66 26.90 -68.37
CA LYS G 590 -15.66 27.03 -69.43
C LYS G 590 -14.72 25.82 -69.45
N GLY G 591 -14.44 25.27 -68.26
CA GLY G 591 -13.58 24.10 -68.07
C GLY G 591 -12.16 24.29 -68.51
N GLY G 592 -11.53 25.36 -68.04
CA GLY G 592 -10.14 25.71 -68.37
C GLY G 592 -9.18 25.61 -67.21
N LEU G 593 -8.32 26.63 -67.05
CA LEU G 593 -7.29 26.74 -66.01
C LEU G 593 -7.89 26.87 -64.60
N TYR G 594 -9.06 27.52 -64.47
CA TYR G 594 -9.75 27.70 -63.19
C TYR G 594 -10.39 26.38 -62.73
N ALA G 595 -11.02 25.63 -63.66
CA ALA G 595 -11.70 24.37 -63.37
C ALA G 595 -10.76 23.32 -62.75
N GLU G 596 -9.50 23.23 -63.22
CA GLU G 596 -8.53 22.28 -62.69
C GLU G 596 -7.99 22.76 -61.34
N LEU G 597 -7.84 24.09 -61.16
CA LEU G 597 -7.33 24.71 -59.93
C LEU G 597 -8.29 24.50 -58.73
N ILE G 598 -9.61 24.49 -59.00
CA ILE G 598 -10.65 24.29 -57.98
C ILE G 598 -10.92 22.77 -57.76
N ARG G 599 -10.65 21.92 -58.78
CA ARG G 599 -10.82 20.46 -58.68
C ARG G 599 -9.73 19.87 -57.76
N ARG G 600 -8.53 20.48 -57.77
CA ARG G 600 -7.41 20.09 -56.92
C ARG G 600 -7.62 20.59 -55.49
N GLN G 601 -8.22 21.80 -55.36
CA GLN G 601 -8.53 22.45 -54.07
C GLN G 601 -9.62 21.68 -53.30
N ALA G 602 -10.64 21.17 -54.02
CA ALA G 602 -11.73 20.38 -53.44
C ALA G 602 -11.23 19.01 -52.99
N LEU G 603 -10.31 18.39 -53.78
CA LEU G 603 -9.70 17.10 -53.49
C LEU G 603 -8.85 17.18 -52.21
N ASP G 604 -8.08 18.28 -52.03
CA ASP G 604 -7.26 18.52 -50.85
C ASP G 604 -8.16 18.70 -49.61
N ALA G 605 -9.34 19.35 -49.80
CA ALA G 605 -10.34 19.60 -48.77
C ALA G 605 -11.01 18.31 -48.31
N ALA G 606 -11.34 17.41 -49.26
CA ALA G 606 -11.97 16.11 -48.99
C ALA G 606 -11.01 15.18 -48.23
N GLU G 607 -9.69 15.31 -48.49
CA GLU G 607 -8.63 14.55 -47.83
C GLU G 607 -8.47 14.99 -46.37
N ASN G 608 -8.75 16.28 -46.07
CA ASN G 608 -8.67 16.86 -44.73
C ASN G 608 -9.91 16.48 -43.90
N PHE H 23 43.25 48.18 -21.63
CA PHE H 23 42.39 47.76 -22.73
C PHE H 23 42.54 48.69 -23.94
N ASN H 24 42.52 50.02 -23.72
CA ASN H 24 42.65 51.05 -24.76
C ASN H 24 44.08 51.08 -25.32
N TRP H 25 45.10 51.00 -24.43
CA TRP H 25 46.51 51.07 -24.80
C TRP H 25 47.21 49.69 -24.73
N LYS H 26 46.66 48.75 -23.93
CA LYS H 26 47.19 47.39 -23.78
C LYS H 26 47.08 46.60 -25.10
N LEU H 27 45.94 46.75 -25.81
CA LEU H 27 45.69 46.08 -27.09
C LEU H 27 46.29 46.88 -28.27
N PHE H 28 46.39 48.22 -28.13
CA PHE H 28 46.94 49.13 -29.13
C PHE H 28 48.41 48.81 -29.42
N TRP H 29 49.18 48.46 -28.37
CA TRP H 29 50.61 48.15 -28.47
C TRP H 29 50.85 46.83 -29.22
N GLN H 30 49.88 45.89 -29.17
CA GLN H 30 49.96 44.58 -29.83
C GLN H 30 49.97 44.71 -31.36
N PHE H 31 49.24 45.71 -31.91
CA PHE H 31 49.17 45.96 -33.35
C PHE H 31 50.32 46.86 -33.84
N LEU H 32 50.85 47.72 -32.96
CA LEU H 32 51.94 48.66 -33.25
C LEU H 32 53.33 47.97 -33.25
N HIS H 33 53.53 47.00 -32.32
CA HIS H 33 54.77 46.26 -32.12
C HIS H 33 55.40 45.64 -33.40
N PRO H 34 54.68 44.92 -34.32
CA PRO H 34 55.37 44.35 -35.49
C PRO H 34 55.76 45.40 -36.54
N HIS H 35 55.01 46.53 -36.60
CA HIS H 35 55.24 47.61 -37.55
C HIS H 35 56.23 48.67 -37.01
N LEU H 36 56.66 48.52 -35.73
CA LEU H 36 57.57 49.42 -35.01
C LEU H 36 58.97 49.50 -35.67
N LEU H 37 59.44 48.41 -36.31
CA LEU H 37 60.75 48.35 -36.98
C LEU H 37 60.76 49.24 -38.22
N VAL H 38 59.65 49.21 -39.01
CA VAL H 38 59.44 50.00 -40.23
C VAL H 38 59.23 51.48 -39.84
N LEU H 39 58.55 51.70 -38.70
CA LEU H 39 58.24 53.00 -38.11
C LEU H 39 59.53 53.77 -37.75
N GLY H 40 60.52 53.04 -37.24
CA GLY H 40 61.83 53.59 -36.87
C GLY H 40 62.63 54.13 -38.04
N VAL H 41 62.50 53.47 -39.22
CA VAL H 41 63.16 53.83 -40.48
C VAL H 41 62.65 55.21 -40.93
N ALA H 42 61.32 55.43 -40.82
CA ALA H 42 60.64 56.67 -41.17
C ALA H 42 61.11 57.84 -40.28
N VAL H 43 61.43 57.56 -38.99
CA VAL H 43 61.92 58.55 -38.02
C VAL H 43 63.29 59.06 -38.49
N VAL H 44 64.17 58.14 -38.94
CA VAL H 44 65.52 58.42 -39.45
C VAL H 44 65.41 59.28 -40.73
N LEU H 45 64.49 58.89 -41.64
CA LEU H 45 64.25 59.59 -42.91
C LEU H 45 63.71 61.01 -42.68
N ALA H 46 62.87 61.20 -41.64
CA ALA H 46 62.29 62.50 -41.25
C ALA H 46 63.35 63.42 -40.66
N LEU H 47 64.27 62.87 -39.84
CA LEU H 47 65.36 63.62 -39.22
C LEU H 47 66.36 64.07 -40.28
N GLY H 48 66.60 63.20 -41.26
CA GLY H 48 67.49 63.45 -42.39
C GLY H 48 66.93 64.45 -43.39
N ALA H 49 65.59 64.45 -43.60
CA ALA H 49 64.89 65.36 -44.51
C ALA H 49 65.02 66.81 -44.05
N ALA H 50 64.81 67.06 -42.73
CA ALA H 50 64.93 68.40 -42.15
C ALA H 50 66.40 68.78 -41.94
N LEU H 51 67.31 67.79 -41.98
CA LEU H 51 68.76 68.02 -41.87
C LEU H 51 69.27 68.71 -43.16
N VAL H 52 68.66 68.34 -44.31
CA VAL H 52 68.94 68.92 -45.64
C VAL H 52 68.36 70.34 -45.69
N ASN H 53 67.22 70.55 -45.02
CA ASN H 53 66.50 71.83 -44.92
C ASN H 53 67.28 72.88 -44.13
N VAL H 54 68.21 72.45 -43.24
CA VAL H 54 69.05 73.33 -42.43
C VAL H 54 70.13 73.99 -43.33
N GLN H 55 70.73 73.18 -44.24
CA GLN H 55 71.77 73.61 -45.18
C GLN H 55 71.20 74.38 -46.39
N ILE H 56 69.86 74.29 -46.62
CA ILE H 56 69.17 74.94 -47.74
C ILE H 56 69.30 76.49 -47.67
N PRO H 57 68.90 77.23 -46.59
CA PRO H 57 69.09 78.70 -46.62
C PRO H 57 70.53 79.12 -46.35
N LEU H 58 71.36 78.20 -45.79
CA LEU H 58 72.77 78.44 -45.50
C LEU H 58 73.57 78.56 -46.79
N LEU H 59 73.33 77.64 -47.76
CA LEU H 59 73.97 77.66 -49.08
C LEU H 59 73.29 78.69 -50.00
N LEU H 60 71.99 79.00 -49.74
CA LEU H 60 71.21 79.99 -50.49
C LEU H 60 71.73 81.40 -50.18
N GLY H 61 72.13 81.62 -48.93
CA GLY H 61 72.69 82.88 -48.46
C GLY H 61 74.05 83.15 -49.08
N GLN H 62 74.79 82.07 -49.42
CA GLN H 62 76.10 82.12 -50.08
C GLN H 62 75.94 82.49 -51.57
N LEU H 63 74.82 82.08 -52.19
CA LEU H 63 74.48 82.39 -53.58
C LEU H 63 74.07 83.85 -53.72
N GLU H 81 80.76 79.86 -61.95
CA GLU H 81 80.66 79.84 -60.50
C GLU H 81 79.22 79.61 -60.05
N SER H 82 78.26 80.21 -60.77
CA SER H 82 76.82 80.09 -60.52
C SER H 82 76.30 78.72 -60.96
N GLN H 83 76.81 78.21 -62.11
CA GLN H 83 76.44 76.92 -62.69
C GLN H 83 76.85 75.74 -61.80
N ASN H 84 77.99 75.86 -61.10
CA ASN H 84 78.52 74.84 -60.19
C ASN H 84 77.72 74.78 -58.89
N LEU H 85 77.19 75.93 -58.43
CA LEU H 85 76.39 76.05 -57.20
C LEU H 85 74.91 75.73 -57.45
N SER H 86 74.38 76.06 -58.66
CA SER H 86 72.99 75.80 -59.05
C SER H 86 72.73 74.30 -59.23
N THR H 87 73.69 73.58 -59.85
CA THR H 87 73.62 72.13 -60.08
C THR H 87 73.76 71.37 -58.75
N HIS H 88 74.53 71.95 -57.79
CA HIS H 88 74.75 71.41 -56.45
C HIS H 88 73.48 71.53 -55.60
N LEU H 89 72.80 72.69 -55.69
CA LEU H 89 71.57 72.99 -54.94
C LEU H 89 70.40 72.13 -55.42
N LEU H 90 70.32 71.84 -56.75
CA LEU H 90 69.26 71.03 -57.36
C LEU H 90 69.38 69.57 -56.92
N ILE H 91 70.61 69.11 -56.60
CA ILE H 91 70.89 67.75 -56.12
C ILE H 91 70.32 67.60 -54.70
N LEU H 92 70.52 68.65 -53.85
CA LEU H 92 70.05 68.71 -52.47
C LEU H 92 68.52 68.68 -52.35
N TYR H 93 67.81 69.29 -53.32
CA TYR H 93 66.33 69.34 -53.34
C TYR H 93 65.73 67.97 -53.64
N GLY H 94 66.31 67.27 -54.61
CA GLY H 94 65.90 65.92 -55.02
C GLY H 94 66.14 64.88 -53.94
N VAL H 95 67.20 65.09 -53.13
CA VAL H 95 67.56 64.22 -52.00
C VAL H 95 66.52 64.44 -50.88
N GLN H 96 66.20 65.72 -50.56
CA GLN H 96 65.20 66.08 -49.54
C GLN H 96 63.81 65.58 -49.94
N GLY H 97 63.45 65.76 -51.21
CA GLY H 97 62.17 65.34 -51.78
C GLY H 97 61.97 63.84 -51.75
N LEU H 98 63.08 63.08 -51.85
CA LEU H 98 63.11 61.62 -51.77
C LEU H 98 62.99 61.19 -50.31
N LEU H 99 63.64 61.95 -49.39
CA LEU H 99 63.63 61.72 -47.94
C LEU H 99 62.22 61.92 -47.35
N THR H 100 61.48 62.92 -47.86
CA THR H 100 60.12 63.27 -47.43
C THR H 100 59.13 62.23 -47.97
N PHE H 101 59.22 61.87 -49.27
CA PHE H 101 58.35 60.90 -49.95
C PHE H 101 58.40 59.55 -49.24
N GLY H 102 59.60 59.03 -48.99
CA GLY H 102 59.83 57.74 -48.34
C GLY H 102 59.31 57.66 -46.91
N TYR H 103 59.50 58.75 -46.14
CA TYR H 103 59.05 58.89 -44.76
C TYR H 103 57.51 58.95 -44.70
N LEU H 104 56.88 59.52 -45.74
CA LEU H 104 55.42 59.61 -45.85
C LEU H 104 54.82 58.29 -46.37
N VAL H 105 55.53 57.58 -47.28
CA VAL H 105 55.11 56.30 -47.86
C VAL H 105 55.16 55.20 -46.77
N LEU H 106 56.26 55.18 -45.96
CA LEU H 106 56.43 54.22 -44.87
C LEU H 106 55.35 54.39 -43.80
N LEU H 107 54.96 55.66 -43.51
CA LEU H 107 53.92 55.99 -42.54
C LEU H 107 52.53 55.60 -43.05
N SER H 108 52.32 55.68 -44.39
CA SER H 108 51.06 55.27 -45.02
C SER H 108 50.95 53.75 -45.04
N HIS H 109 52.08 53.06 -45.26
CA HIS H 109 52.17 51.59 -45.29
C HIS H 109 51.91 51.00 -43.90
N VAL H 110 52.57 51.55 -42.84
CA VAL H 110 52.44 51.13 -41.44
C VAL H 110 50.98 51.32 -40.99
N GLY H 111 50.41 52.50 -41.28
CA GLY H 111 49.04 52.85 -40.94
C GLY H 111 47.98 51.97 -41.57
N GLU H 112 48.16 51.60 -42.86
CA GLU H 112 47.23 50.75 -43.61
C GLU H 112 47.33 49.27 -43.20
N ARG H 113 48.56 48.77 -42.98
CA ARG H 113 48.80 47.36 -42.58
C ARG H 113 48.28 47.10 -41.16
N MET H 114 48.37 48.11 -40.28
CA MET H 114 47.89 48.07 -38.90
C MET H 114 46.36 48.02 -38.89
N ALA H 115 45.71 48.71 -39.85
CA ALA H 115 44.26 48.77 -40.00
C ALA H 115 43.68 47.40 -40.41
N VAL H 116 44.37 46.68 -41.31
CA VAL H 116 43.95 45.36 -41.81
C VAL H 116 44.01 44.35 -40.65
N ASP H 117 45.07 44.40 -39.82
CA ASP H 117 45.25 43.53 -38.66
C ASP H 117 44.13 43.76 -37.62
N MET H 118 43.67 45.02 -37.47
CA MET H 118 42.60 45.41 -36.56
C MET H 118 41.22 44.95 -37.06
N ARG H 119 40.95 45.12 -38.38
CA ARG H 119 39.70 44.73 -39.03
C ARG H 119 39.53 43.20 -39.03
N ARG H 120 40.64 42.47 -39.22
CA ARG H 120 40.70 41.01 -39.22
C ARG H 120 40.36 40.46 -37.82
N ALA H 121 40.95 41.07 -36.77
CA ALA H 121 40.76 40.70 -35.37
C ALA H 121 39.37 41.08 -34.84
N LEU H 122 38.79 42.20 -35.34
CA LEU H 122 37.46 42.65 -34.91
C LEU H 122 36.36 41.80 -35.53
N PHE H 123 36.44 41.54 -36.86
CA PHE H 123 35.46 40.73 -37.61
C PHE H 123 35.40 39.30 -37.07
N SER H 124 36.56 38.74 -36.67
CA SER H 124 36.67 37.40 -36.08
C SER H 124 36.00 37.35 -34.71
N SER H 125 36.20 38.40 -33.87
CA SER H 125 35.60 38.52 -32.52
C SER H 125 34.10 38.78 -32.59
N LEU H 126 33.64 39.51 -33.63
CA LEU H 126 32.22 39.83 -33.87
C LEU H 126 31.44 38.56 -34.24
N LEU H 127 32.04 37.70 -35.10
CA LEU H 127 31.46 36.45 -35.58
C LEU H 127 31.30 35.42 -34.47
N ARG H 128 32.22 35.43 -33.48
CA ARG H 128 32.23 34.51 -32.34
C ARG H 128 31.11 34.80 -31.32
N GLN H 129 30.62 36.07 -31.26
CA GLN H 129 29.58 36.53 -30.33
C GLN H 129 28.25 35.77 -30.50
N ASP H 130 27.51 35.63 -29.38
CA ASP H 130 26.21 34.94 -29.31
C ASP H 130 25.08 35.77 -29.98
N ILE H 131 23.94 35.10 -30.27
CA ILE H 131 22.77 35.67 -30.94
C ILE H 131 22.15 36.84 -30.12
N THR H 132 22.23 36.76 -28.76
CA THR H 132 21.72 37.78 -27.82
C THR H 132 22.28 39.17 -28.16
N PHE H 133 23.58 39.23 -28.50
CA PHE H 133 24.30 40.45 -28.87
C PHE H 133 23.78 41.02 -30.20
N PHE H 134 23.53 40.15 -31.20
CA PHE H 134 23.05 40.56 -32.52
C PHE H 134 21.61 41.09 -32.49
N ASP H 135 20.84 40.75 -31.44
CA ASP H 135 19.48 41.23 -31.24
C ASP H 135 19.50 42.58 -30.53
N ALA H 136 20.53 42.81 -29.69
CA ALA H 136 20.74 44.04 -28.93
C ALA H 136 21.44 45.12 -29.78
N ASN H 137 22.30 44.72 -30.74
CA ASN H 137 23.04 45.63 -31.60
C ASN H 137 22.62 45.50 -33.07
N LYS H 138 22.38 46.64 -33.74
CA LYS H 138 21.97 46.70 -35.15
C LYS H 138 23.13 46.30 -36.08
N THR H 139 22.81 45.64 -37.21
CA THR H 139 23.80 45.15 -38.19
C THR H 139 24.57 46.30 -38.84
N GLY H 140 23.87 47.41 -39.10
CA GLY H 140 24.45 48.62 -39.70
C GLY H 140 25.55 49.24 -38.88
N GLN H 141 25.31 49.43 -37.56
CA GLN H 141 26.26 50.02 -36.61
C GLN H 141 27.50 49.13 -36.40
N LEU H 142 27.35 47.79 -36.55
CA LEU H 142 28.45 46.83 -36.43
C LEU H 142 29.39 46.93 -37.63
N VAL H 143 28.82 47.16 -38.84
CA VAL H 143 29.55 47.33 -40.09
C VAL H 143 30.34 48.65 -40.03
N SER H 144 29.69 49.73 -39.52
CA SER H 144 30.24 51.08 -39.38
C SER H 144 31.43 51.10 -38.39
N ARG H 145 31.29 50.39 -37.26
CA ARG H 145 32.31 50.26 -36.21
C ARG H 145 33.55 49.48 -36.71
N LEU H 146 33.37 48.65 -37.75
CA LEU H 146 34.40 47.81 -38.33
C LEU H 146 35.14 48.48 -39.50
N THR H 147 34.44 49.27 -40.33
CA THR H 147 35.00 49.90 -41.53
C THR H 147 35.29 51.42 -41.35
N THR H 148 34.30 52.20 -40.91
CA THR H 148 34.44 53.65 -40.75
C THR H 148 35.33 53.99 -39.54
N ASP H 149 35.04 53.40 -38.36
CA ASP H 149 35.77 53.64 -37.11
C ASP H 149 37.25 53.25 -37.15
N VAL H 150 37.63 52.24 -37.96
CA VAL H 150 39.03 51.82 -38.10
C VAL H 150 39.77 52.86 -38.97
N GLN H 151 39.14 53.30 -40.07
CA GLN H 151 39.68 54.30 -41.00
C GLN H 151 39.77 55.69 -40.35
N GLU H 152 38.83 55.99 -39.43
CA GLU H 152 38.78 57.26 -38.69
C GLU H 152 39.97 57.36 -37.75
N PHE H 153 40.40 56.20 -37.19
CA PHE H 153 41.55 56.09 -36.30
C PHE H 153 42.86 56.07 -37.12
N LYS H 154 42.91 55.22 -38.18
CA LYS H 154 44.06 55.04 -39.07
C LYS H 154 44.57 56.37 -39.65
N SER H 155 43.68 57.12 -40.33
CA SER H 155 43.99 58.42 -40.95
C SER H 155 44.35 59.48 -39.91
N SER H 156 43.78 59.37 -38.70
CA SER H 156 44.05 60.28 -37.58
C SER H 156 45.44 60.01 -37.03
N PHE H 157 45.82 58.72 -36.93
CA PHE H 157 47.13 58.24 -36.49
C PHE H 157 48.21 58.71 -37.48
N LYS H 158 47.90 58.68 -38.79
CA LYS H 158 48.77 59.11 -39.88
C LYS H 158 49.07 60.61 -39.74
N LEU H 159 48.03 61.44 -39.55
CA LEU H 159 48.12 62.89 -39.43
C LEU H 159 48.90 63.37 -38.22
N VAL H 160 48.73 62.72 -37.05
CA VAL H 160 49.42 63.10 -35.82
C VAL H 160 50.93 62.86 -35.97
N ILE H 161 51.33 61.72 -36.57
CA ILE H 161 52.76 61.42 -36.76
C ILE H 161 53.31 62.25 -37.95
N SER H 162 52.51 62.46 -39.03
CA SER H 162 52.93 63.25 -40.20
C SER H 162 53.30 64.67 -39.81
N GLN H 163 52.40 65.36 -39.08
CA GLN H 163 52.62 66.73 -38.61
C GLN H 163 53.58 66.73 -37.43
N GLY H 164 53.35 65.81 -36.49
CA GLY H 164 54.14 65.66 -35.26
C GLY H 164 55.62 65.46 -35.48
N LEU H 165 56.00 64.50 -36.33
CA LEU H 165 57.40 64.22 -36.65
C LEU H 165 58.03 65.37 -37.41
N ARG H 166 57.31 65.96 -38.41
CA ARG H 166 57.77 67.11 -39.21
C ARG H 166 58.01 68.35 -38.33
N SER H 167 57.03 68.68 -37.46
CA SER H 167 57.05 69.82 -36.54
C SER H 167 58.13 69.66 -35.46
N CYS H 168 58.29 68.45 -34.90
CA CYS H 168 59.28 68.15 -33.86
C CYS H 168 60.71 68.25 -34.40
N THR H 169 60.94 67.92 -35.69
CA THR H 169 62.29 67.99 -36.29
C THR H 169 62.66 69.46 -36.55
N GLN H 170 61.66 70.36 -36.73
CA GLN H 170 61.85 71.80 -36.90
C GLN H 170 62.32 72.44 -35.58
N VAL H 171 61.93 71.82 -34.45
CA VAL H 171 62.28 72.22 -33.08
C VAL H 171 63.66 71.65 -32.69
N ALA H 172 63.87 70.32 -32.92
CA ALA H 172 65.12 69.59 -32.61
C ALA H 172 66.32 70.20 -33.36
N GLY H 173 66.10 70.62 -34.61
CA GLY H 173 67.12 71.25 -35.45
C GLY H 173 67.53 72.62 -34.95
N CYS H 174 66.57 73.38 -34.39
CA CYS H 174 66.80 74.72 -33.83
C CYS H 174 67.45 74.62 -32.44
N LEU H 175 67.04 73.60 -31.65
CA LEU H 175 67.53 73.34 -30.28
C LEU H 175 69.02 72.97 -30.25
N LEU H 181 72.86 73.35 -23.78
CA LEU H 181 72.80 72.27 -22.80
C LEU H 181 71.78 72.60 -21.70
N SER H 182 71.96 73.75 -21.01
CA SER H 182 71.07 74.23 -19.94
C SER H 182 69.70 74.65 -20.50
N THR H 183 69.70 75.30 -21.69
CA THR H 183 68.50 75.77 -22.39
C THR H 183 67.69 74.61 -22.94
N ARG H 184 68.36 73.47 -23.25
CA ARG H 184 67.76 72.23 -23.78
C ARG H 184 66.81 71.59 -22.76
N LEU H 185 67.22 71.54 -21.47
CA LEU H 185 66.46 70.96 -20.36
C LEU H 185 65.16 71.76 -20.08
N THR H 186 65.26 73.11 -20.11
CA THR H 186 64.13 74.01 -19.87
C THR H 186 63.15 73.95 -21.07
N LEU H 187 63.71 73.76 -22.28
CA LEU H 187 62.97 73.66 -23.54
C LEU H 187 62.12 72.38 -23.58
N LEU H 188 62.74 71.22 -23.28
CA LEU H 188 62.08 69.91 -23.26
C LEU H 188 60.99 69.84 -22.19
N LEU H 189 61.17 70.56 -21.06
CA LEU H 189 60.21 70.62 -19.97
C LEU H 189 58.94 71.38 -20.41
N MET H 190 59.12 72.44 -21.22
CA MET H 190 58.01 73.26 -21.72
C MET H 190 57.20 72.53 -22.81
N VAL H 191 57.81 71.55 -23.50
CA VAL H 191 57.15 70.75 -24.55
C VAL H 191 56.33 69.64 -23.85
N ALA H 192 56.87 69.09 -22.75
CA ALA H 192 56.26 68.02 -21.96
C ALA H 192 55.06 68.51 -21.13
N THR H 193 54.99 69.82 -20.80
CA THR H 193 53.90 70.41 -20.00
C THR H 193 52.53 70.33 -20.72
N PRO H 194 52.29 70.85 -21.96
CA PRO H 194 50.95 70.72 -22.57
C PRO H 194 50.57 69.28 -22.90
N ALA H 195 51.57 68.38 -23.02
CA ALA H 195 51.34 66.95 -23.27
C ALA H 195 50.76 66.28 -22.02
N LEU H 196 51.22 66.72 -20.83
CA LEU H 196 50.81 66.23 -19.51
C LEU H 196 49.56 66.95 -18.98
N MET H 197 49.61 68.30 -18.93
CA MET H 197 48.54 69.19 -18.42
C MET H 197 47.25 69.09 -19.25
N GLY H 198 47.36 68.53 -20.45
CA GLY H 198 46.23 68.26 -21.34
C GLY H 198 45.48 67.00 -20.95
N VAL H 199 46.08 66.23 -19.99
CA VAL H 199 45.57 64.99 -19.40
C VAL H 199 45.42 65.17 -17.87
N GLY H 200 46.09 66.18 -17.31
CA GLY H 200 46.05 66.53 -15.89
C GLY H 200 44.81 67.32 -15.50
N THR H 201 44.21 68.02 -16.49
CA THR H 201 42.98 68.82 -16.37
C THR H 201 41.79 68.04 -16.97
N LEU H 202 42.11 67.02 -17.80
CA LEU H 202 41.13 66.12 -18.45
C LEU H 202 40.52 65.14 -17.43
N MET H 203 41.15 65.01 -16.23
CA MET H 203 40.65 64.18 -15.13
C MET H 203 39.51 64.91 -14.39
N GLY H 204 39.47 66.24 -14.52
CA GLY H 204 38.41 67.07 -13.95
C GLY H 204 37.16 66.96 -14.81
N SER H 205 37.14 67.71 -15.94
CA SER H 205 36.03 67.68 -16.90
C SER H 205 36.31 66.64 -17.99
N GLY H 206 35.45 65.63 -18.06
CA GLY H 206 35.56 64.55 -19.03
C GLY H 206 35.03 64.91 -20.41
N LEU H 207 35.95 65.17 -21.36
CA LEU H 207 35.64 65.51 -22.75
C LEU H 207 35.04 64.30 -23.48
N ARG H 208 35.43 63.08 -23.05
CA ARG H 208 34.99 61.77 -23.55
C ARG H 208 33.47 61.58 -23.31
N LYS H 209 32.89 62.32 -22.34
CA LYS H 209 31.46 62.28 -22.04
C LYS H 209 30.66 63.01 -23.13
N LEU H 210 31.25 64.04 -23.75
CA LEU H 210 30.67 64.84 -24.84
C LEU H 210 30.65 64.07 -26.15
N SER H 211 31.73 63.31 -26.46
CA SER H 211 31.79 62.52 -27.69
C SER H 211 30.88 61.29 -27.59
N ARG H 212 30.77 60.69 -26.39
CA ARG H 212 29.89 59.54 -26.15
C ARG H 212 28.43 59.93 -26.42
N GLN H 213 28.04 61.16 -26.01
CA GLN H 213 26.71 61.73 -26.21
C GLN H 213 26.48 62.09 -27.69
N CYS H 214 27.57 62.47 -28.39
CA CYS H 214 27.59 62.83 -29.81
C CYS H 214 27.41 61.58 -30.67
N GLN H 215 28.11 60.47 -30.31
CA GLN H 215 28.05 59.18 -31.01
C GLN H 215 26.70 58.51 -30.83
N GLU H 216 26.03 58.78 -29.68
CA GLU H 216 24.69 58.26 -29.35
C GLU H 216 23.63 58.84 -30.28
N GLN H 217 23.69 60.17 -30.53
CA GLN H 217 22.77 60.89 -31.41
C GLN H 217 23.08 60.61 -32.90
N ILE H 218 24.36 60.31 -33.22
CA ILE H 218 24.81 59.99 -34.58
C ILE H 218 24.17 58.67 -35.03
N ALA H 219 24.14 57.67 -34.14
CA ALA H 219 23.55 56.35 -34.38
C ALA H 219 22.01 56.41 -34.39
N ARG H 220 21.43 57.32 -33.56
CA ARG H 220 19.98 57.53 -33.43
C ARG H 220 19.38 58.07 -34.72
N ALA H 221 20.03 59.11 -35.31
CA ALA H 221 19.62 59.74 -36.56
C ALA H 221 19.88 58.80 -37.74
N MET H 222 20.89 57.92 -37.63
CA MET H 222 21.27 56.93 -38.63
C MET H 222 20.18 55.85 -38.76
N GLY H 223 19.54 55.51 -37.64
CA GLY H 223 18.45 54.54 -37.57
C GLY H 223 17.15 55.03 -38.18
N VAL H 224 16.94 56.36 -38.17
CA VAL H 224 15.75 57.02 -38.73
C VAL H 224 15.83 56.95 -40.25
N ALA H 225 17.03 57.24 -40.81
CA ALA H 225 17.31 57.19 -42.25
C ALA H 225 17.17 55.76 -42.79
N ASP H 226 17.72 54.78 -42.06
CA ASP H 226 17.70 53.34 -42.40
C ASP H 226 16.28 52.80 -42.41
N GLU H 227 15.42 53.26 -41.49
CA GLU H 227 14.03 52.82 -41.42
C GLU H 227 13.20 53.48 -42.53
N ALA H 228 13.50 54.75 -42.85
CA ALA H 228 12.79 55.49 -43.89
C ALA H 228 13.16 54.99 -45.29
N LEU H 229 14.45 55.04 -45.66
CA LEU H 229 14.95 54.63 -46.98
C LEU H 229 14.85 53.13 -47.21
N GLY H 230 14.99 52.34 -46.14
CA GLY H 230 14.90 50.89 -46.20
C GLY H 230 13.51 50.39 -46.50
N ASN H 231 12.50 51.11 -45.98
CA ASN H 231 11.08 50.81 -46.16
C ASN H 231 10.41 51.95 -46.96
N VAL H 232 11.13 52.52 -47.95
CA VAL H 232 10.71 53.62 -48.82
C VAL H 232 9.40 53.28 -49.56
N ARG H 233 9.24 52.01 -49.99
CA ARG H 233 8.07 51.52 -50.70
C ARG H 233 6.80 51.69 -49.86
N THR H 234 6.89 51.42 -48.53
CA THR H 234 5.79 51.55 -47.57
C THR H 234 5.49 53.04 -47.31
N VAL H 235 6.54 53.88 -47.28
CA VAL H 235 6.46 55.34 -47.06
C VAL H 235 5.70 55.97 -48.23
N ARG H 236 5.99 55.51 -49.48
CA ARG H 236 5.35 55.99 -50.69
C ARG H 236 3.89 55.53 -50.77
N ALA H 237 3.63 54.27 -50.39
CA ALA H 237 2.31 53.63 -50.39
C ALA H 237 1.27 54.45 -49.62
N PHE H 238 1.67 55.11 -48.51
CA PHE H 238 0.77 55.93 -47.69
C PHE H 238 1.07 57.43 -47.86
N ALA H 239 1.95 57.77 -48.82
CA ALA H 239 2.41 59.12 -49.21
C ALA H 239 2.78 60.02 -48.01
N MET H 240 3.52 59.46 -47.03
CA MET H 240 3.95 60.20 -45.84
C MET H 240 5.46 60.43 -45.90
N GLU H 241 5.91 61.14 -46.96
CA GLU H 241 7.32 61.46 -47.19
C GLU H 241 7.76 62.67 -46.36
N GLN H 242 6.91 63.73 -46.33
CA GLN H 242 7.18 64.96 -45.57
C GLN H 242 7.20 64.69 -44.06
N ARG H 243 6.47 63.65 -43.59
CA ARG H 243 6.43 63.23 -42.19
C ARG H 243 7.77 62.57 -41.82
N GLU H 244 8.33 61.76 -42.75
CA GLU H 244 9.62 61.08 -42.57
C GLU H 244 10.78 62.08 -42.65
N GLU H 245 10.65 63.12 -43.50
CA GLU H 245 11.64 64.17 -43.66
C GLU H 245 11.70 65.04 -42.40
N GLU H 246 10.53 65.24 -41.75
CA GLU H 246 10.36 65.99 -40.51
C GLU H 246 10.96 65.21 -39.33
N ARG H 247 10.67 63.89 -39.28
CA ARG H 247 11.15 62.93 -38.27
C ARG H 247 12.69 62.83 -38.32
N TYR H 248 13.26 62.89 -39.53
CA TYR H 248 14.71 62.87 -39.73
C TYR H 248 15.28 64.26 -39.45
N GLY H 249 14.59 65.31 -39.92
CA GLY H 249 14.96 66.71 -39.72
C GLY H 249 15.11 67.11 -38.27
N ALA H 250 14.25 66.56 -37.40
CA ALA H 250 14.26 66.79 -35.95
C ALA H 250 15.51 66.12 -35.33
N GLU H 251 15.83 64.89 -35.76
CA GLU H 251 17.00 64.13 -35.32
C GLU H 251 18.28 64.73 -35.90
N LEU H 252 18.15 65.48 -37.01
CA LEU H 252 19.24 66.14 -37.73
C LEU H 252 19.68 67.42 -37.03
N GLU H 253 18.73 68.18 -36.43
CA GLU H 253 19.07 69.40 -35.69
C GLU H 253 19.67 69.03 -34.34
N ALA H 254 19.23 67.88 -33.76
CA ALA H 254 19.74 67.33 -32.51
C ALA H 254 21.16 66.78 -32.73
N CYS H 255 21.45 66.30 -33.95
CA CYS H 255 22.75 65.79 -34.40
C CYS H 255 23.78 66.93 -34.37
N ARG H 256 23.35 68.15 -34.78
CA ARG H 256 24.15 69.38 -34.79
C ARG H 256 24.36 69.87 -33.37
N CYS H 257 23.27 69.90 -32.56
CA CYS H 257 23.22 70.36 -31.18
C CYS H 257 24.28 69.67 -30.31
N ARG H 258 24.35 68.33 -30.34
CA ARG H 258 25.31 67.53 -29.57
C ARG H 258 26.75 67.68 -30.10
N ALA H 259 26.90 67.86 -31.43
CA ALA H 259 28.21 68.02 -32.10
C ALA H 259 28.78 69.43 -31.88
N GLU H 260 27.91 70.43 -31.71
CA GLU H 260 28.29 71.82 -31.45
C GLU H 260 28.81 71.96 -30.02
N GLU H 261 28.22 71.17 -29.08
CA GLU H 261 28.60 71.12 -27.67
C GLU H 261 30.01 70.54 -27.53
N LEU H 262 30.32 69.49 -28.32
CA LEU H 262 31.65 68.86 -28.37
C LEU H 262 32.63 69.81 -29.06
N GLY H 263 32.15 70.49 -30.12
CA GLY H 263 32.91 71.47 -30.89
C GLY H 263 33.36 72.66 -30.06
N ARG H 264 32.47 73.15 -29.18
CA ARG H 264 32.74 74.25 -28.25
C ARG H 264 33.70 73.78 -27.15
N GLY H 265 33.62 72.49 -26.80
CA GLY H 265 34.47 71.85 -25.81
C GLY H 265 35.90 71.66 -26.28
N ILE H 266 36.08 71.18 -27.54
CA ILE H 266 37.40 70.97 -28.16
C ILE H 266 38.09 72.32 -28.36
N ALA H 267 37.31 73.37 -28.71
CA ALA H 267 37.80 74.75 -28.91
C ALA H 267 38.23 75.38 -27.59
N LEU H 268 37.60 74.96 -26.46
CA LEU H 268 37.93 75.45 -25.12
C LEU H 268 39.32 74.97 -24.73
N PHE H 269 39.64 73.69 -25.02
CA PHE H 269 40.94 73.09 -24.75
C PHE H 269 42.04 73.82 -25.54
N GLN H 270 41.81 74.00 -26.86
CA GLN H 270 42.72 74.65 -27.81
C GLN H 270 43.09 76.09 -27.37
N GLY H 271 42.08 76.82 -26.92
CA GLY H 271 42.21 78.21 -26.44
C GLY H 271 42.97 78.30 -25.13
N LEU H 272 42.62 77.43 -24.14
CA LEU H 272 43.27 77.36 -22.83
C LEU H 272 44.71 76.87 -22.96
N SER H 273 44.98 76.01 -23.96
CA SER H 273 46.31 75.47 -24.26
C SER H 273 47.24 76.57 -24.78
N ASN H 274 46.66 77.58 -25.48
CA ASN H 274 47.39 78.74 -26.01
C ASN H 274 47.81 79.67 -24.86
N ILE H 275 46.93 79.85 -23.87
CA ILE H 275 47.15 80.67 -22.68
C ILE H 275 48.19 79.98 -21.77
N ALA H 276 48.04 78.66 -21.55
CA ALA H 276 48.95 77.86 -20.71
C ALA H 276 50.39 77.91 -21.21
N PHE H 277 50.61 77.86 -22.55
CA PHE H 277 51.95 77.90 -23.14
C PHE H 277 52.59 79.29 -22.94
N ASN H 278 51.82 80.39 -23.12
CA ASN H 278 52.31 81.76 -22.95
C ASN H 278 52.59 82.05 -21.48
N CYS H 279 51.89 81.36 -20.57
CA CYS H 279 52.08 81.45 -19.13
C CYS H 279 53.33 80.67 -18.73
N MET H 280 53.63 79.58 -19.46
CA MET H 280 54.83 78.76 -19.27
C MET H 280 56.07 79.59 -19.61
N VAL H 281 55.94 80.48 -20.63
CA VAL H 281 56.98 81.40 -21.08
C VAL H 281 57.28 82.41 -19.96
N LEU H 282 56.23 82.93 -19.30
CA LEU H 282 56.34 83.88 -18.18
C LEU H 282 56.88 83.19 -16.92
N GLY H 283 56.54 81.92 -16.74
CA GLY H 283 56.95 81.10 -15.60
C GLY H 283 58.44 80.79 -15.61
N THR H 284 58.97 80.34 -16.76
CA THR H 284 60.39 79.99 -16.92
C THR H 284 61.27 81.27 -16.95
N LEU H 285 60.70 82.43 -17.33
CA LEU H 285 61.38 83.71 -17.36
C LEU H 285 61.72 84.20 -15.94
N PHE H 286 60.82 83.93 -14.97
CA PHE H 286 61.00 84.30 -13.57
C PHE H 286 61.80 83.23 -12.81
N ILE H 287 61.64 81.94 -13.20
CA ILE H 287 62.36 80.82 -12.58
C ILE H 287 63.84 80.87 -13.00
N GLY H 288 64.08 81.00 -14.31
CA GLY H 288 65.42 81.08 -14.88
C GLY H 288 66.11 82.41 -14.60
N THR H 298 73.37 81.40 -17.17
CA THR H 298 73.94 82.63 -17.73
C THR H 298 72.84 83.49 -18.39
N GLY H 299 73.11 84.78 -18.51
CA GLY H 299 72.21 85.76 -19.13
C GLY H 299 71.96 85.54 -20.61
N GLY H 300 72.96 84.98 -21.30
CA GLY H 300 72.91 84.64 -22.71
C GLY H 300 71.99 83.48 -23.01
N ASP H 301 71.80 82.58 -22.01
CA ASP H 301 70.93 81.40 -22.11
C ASP H 301 69.45 81.81 -22.05
N LEU H 302 69.11 82.71 -21.10
CA LEU H 302 67.76 83.24 -20.87
C LEU H 302 67.23 84.00 -22.09
N MET H 303 68.07 84.77 -22.80
CA MET H 303 67.56 85.48 -23.98
C MET H 303 67.54 84.55 -25.20
N SER H 304 68.39 83.49 -25.20
CA SER H 304 68.43 82.47 -26.27
C SER H 304 67.23 81.54 -26.16
N PHE H 305 66.66 81.43 -24.95
CA PHE H 305 65.49 80.59 -24.64
C PHE H 305 64.18 81.25 -25.07
N LEU H 306 64.07 82.58 -24.89
CA LEU H 306 62.87 83.35 -25.25
C LEU H 306 62.62 83.34 -26.76
N VAL H 307 63.71 83.30 -27.57
CA VAL H 307 63.64 83.23 -29.03
C VAL H 307 63.30 81.78 -29.42
N ALA H 308 63.85 80.80 -28.65
CA ALA H 308 63.65 79.37 -28.84
C ALA H 308 62.22 78.94 -28.53
N SER H 309 61.60 79.51 -27.47
CA SER H 309 60.22 79.22 -27.05
C SER H 309 59.22 79.72 -28.08
N GLN H 310 59.55 80.84 -28.76
CA GLN H 310 58.74 81.46 -29.82
C GLN H 310 58.67 80.54 -31.04
N THR H 311 59.75 79.76 -31.29
CA THR H 311 59.88 78.80 -32.38
C THR H 311 59.03 77.54 -32.07
N VAL H 312 59.02 77.13 -30.79
CA VAL H 312 58.27 75.98 -30.29
C VAL H 312 56.77 76.31 -30.29
N GLN H 313 56.40 77.56 -29.90
CA GLN H 313 55.01 78.06 -29.85
C GLN H 313 54.33 77.93 -31.22
N ARG H 314 55.08 78.16 -32.32
CA ARG H 314 54.60 78.05 -33.70
C ARG H 314 54.42 76.57 -34.10
N SER H 315 55.30 75.69 -33.58
CA SER H 315 55.31 74.25 -33.84
C SER H 315 54.23 73.51 -33.05
N MET H 316 53.98 73.93 -31.80
CA MET H 316 52.97 73.36 -30.91
C MET H 316 51.57 73.73 -31.40
N ALA H 317 51.45 74.91 -32.04
CA ALA H 317 50.22 75.44 -32.62
C ALA H 317 49.66 74.52 -33.71
N ASN H 318 50.55 73.84 -34.48
CA ASN H 318 50.19 72.92 -35.56
C ASN H 318 49.51 71.66 -35.00
N LEU H 319 49.97 71.18 -33.82
CA LEU H 319 49.41 70.00 -33.14
C LEU H 319 48.09 70.35 -32.43
N SER H 320 47.98 71.61 -31.94
CA SER H 320 46.79 72.14 -31.27
C SER H 320 45.59 72.21 -32.24
N VAL H 321 45.87 72.40 -33.55
CA VAL H 321 44.88 72.47 -34.64
C VAL H 321 44.31 71.06 -34.88
N LEU H 322 45.18 70.03 -34.85
CA LEU H 322 44.81 68.63 -35.07
C LEU H 322 44.17 67.98 -33.82
N PHE H 323 44.01 68.71 -32.70
CA PHE H 323 43.42 68.18 -31.47
C PHE H 323 42.00 67.63 -31.70
N GLY H 324 41.26 68.25 -32.62
CA GLY H 324 39.93 67.81 -33.00
C GLY H 324 39.95 66.42 -33.61
N GLN H 325 41.01 66.11 -34.38
CA GLN H 325 41.25 64.81 -34.99
C GLN H 325 41.69 63.80 -33.94
N VAL H 326 42.49 64.26 -32.94
CA VAL H 326 42.98 63.43 -31.83
C VAL H 326 41.79 62.88 -31.03
N VAL H 327 40.78 63.74 -30.76
CA VAL H 327 39.55 63.38 -30.04
C VAL H 327 38.76 62.38 -30.87
N ARG H 328 38.47 62.73 -32.15
CA ARG H 328 37.71 61.93 -33.12
C ARG H 328 38.35 60.54 -33.34
N GLY H 329 39.68 60.52 -33.46
CA GLY H 329 40.48 59.32 -33.69
C GLY H 329 40.51 58.36 -32.53
N LEU H 330 40.71 58.88 -31.31
CA LEU H 330 40.77 58.09 -30.08
C LEU H 330 39.38 57.52 -29.72
N SER H 331 38.31 58.32 -29.95
CA SER H 331 36.91 57.93 -29.71
C SER H 331 36.55 56.77 -30.63
N ALA H 332 36.95 56.87 -31.92
CA ALA H 332 36.70 55.84 -32.95
C ALA H 332 37.43 54.55 -32.59
N GLY H 333 38.71 54.68 -32.21
CA GLY H 333 39.56 53.57 -31.80
C GLY H 333 39.05 52.85 -30.58
N ALA H 334 38.45 53.60 -29.62
CA ALA H 334 37.86 53.07 -28.38
C ALA H 334 36.68 52.15 -28.66
N ARG H 335 35.93 52.44 -29.74
CA ARG H 335 34.78 51.66 -30.18
C ARG H 335 35.24 50.39 -30.88
N VAL H 336 36.44 50.42 -31.52
CA VAL H 336 37.05 49.29 -32.25
C VAL H 336 37.50 48.22 -31.23
N PHE H 337 38.11 48.64 -30.11
CA PHE H 337 38.59 47.73 -29.06
C PHE H 337 37.46 47.32 -28.09
N GLU H 338 36.32 48.03 -28.12
CA GLU H 338 35.15 47.75 -27.28
C GLU H 338 34.53 46.39 -27.65
N TYR H 339 34.16 46.22 -28.95
CA TYR H 339 33.55 45.02 -29.51
C TYR H 339 34.59 43.93 -29.87
N MET H 340 35.89 44.15 -29.56
CA MET H 340 36.97 43.20 -29.84
C MET H 340 37.43 42.44 -28.57
N ALA H 341 37.22 43.04 -27.39
CA ALA H 341 37.58 42.47 -26.09
C ALA H 341 36.53 41.49 -25.57
N LEU H 342 35.24 41.72 -25.94
CA LEU H 342 34.09 40.94 -25.54
C LEU H 342 34.26 39.44 -25.83
N ASN H 343 33.83 38.61 -24.89
CA ASN H 343 33.84 37.15 -24.93
C ASN H 343 32.39 36.62 -24.80
N PRO H 344 31.91 35.75 -25.73
CA PRO H 344 30.51 35.27 -25.62
C PRO H 344 30.31 34.24 -24.51
N CYS H 345 29.03 33.95 -24.18
CA CYS H 345 28.66 32.99 -23.15
C CYS H 345 28.92 31.56 -23.64
N ILE H 346 28.41 31.24 -24.86
CA ILE H 346 28.60 29.93 -25.49
C ILE H 346 29.76 30.01 -26.51
N PRO H 347 30.78 29.13 -26.41
CA PRO H 347 31.90 29.18 -27.35
C PRO H 347 31.55 28.53 -28.70
N LEU H 348 32.56 28.34 -29.57
CA LEU H 348 32.34 27.73 -30.89
C LEU H 348 33.10 26.41 -31.05
N SER H 349 34.28 26.28 -30.39
CA SER H 349 35.10 25.08 -30.47
C SER H 349 35.08 24.23 -29.18
N GLY H 350 34.67 24.83 -28.06
CA GLY H 350 34.62 24.17 -26.76
C GLY H 350 33.57 23.08 -26.64
N GLY H 351 34.03 21.83 -26.66
CA GLY H 351 33.16 20.66 -26.52
C GLY H 351 33.73 19.36 -27.04
N CYS H 352 32.91 18.29 -26.97
CA CYS H 352 33.27 16.93 -27.38
C CYS H 352 32.48 16.48 -28.60
N CYS H 353 33.10 15.65 -29.44
CA CYS H 353 32.51 15.11 -30.67
C CYS H 353 32.08 13.66 -30.48
N VAL H 354 31.04 13.25 -31.20
CA VAL H 354 30.51 11.88 -31.19
C VAL H 354 30.70 11.27 -32.59
N PRO H 355 31.35 10.08 -32.74
CA PRO H 355 31.52 9.51 -34.09
C PRO H 355 30.20 9.06 -34.72
N LYS H 356 30.16 8.96 -36.07
CA LYS H 356 28.99 8.55 -36.86
C LYS H 356 28.50 7.14 -36.49
N GLU H 357 29.43 6.27 -36.03
CA GLU H 357 29.15 4.90 -35.60
C GLU H 357 28.40 4.87 -34.26
N GLN H 358 28.65 5.87 -33.39
CA GLN H 358 28.03 6.00 -32.06
C GLN H 358 26.78 6.88 -32.09
N LEU H 359 26.78 7.93 -32.96
CA LEU H 359 25.67 8.88 -33.11
C LEU H 359 24.45 8.19 -33.73
N ARG H 360 23.33 8.19 -33.00
CA ARG H 360 22.07 7.59 -33.41
C ARG H 360 21.01 8.64 -33.72
N GLY H 361 21.00 9.74 -32.95
CA GLY H 361 20.09 10.86 -33.12
C GLY H 361 18.88 10.86 -32.19
N SER H 362 19.08 10.68 -30.87
CA SER H 362 17.98 10.68 -29.89
C SER H 362 18.01 11.96 -29.01
N VAL H 363 17.14 12.93 -29.34
CA VAL H 363 17.04 14.22 -28.64
C VAL H 363 16.10 14.13 -27.43
N THR H 364 16.52 14.65 -26.26
CA THR H 364 15.70 14.59 -25.04
C THR H 364 15.71 15.92 -24.28
N PHE H 365 14.52 16.48 -24.05
CA PHE H 365 14.28 17.71 -23.28
C PHE H 365 13.73 17.29 -21.94
N GLN H 366 14.48 17.53 -20.85
CA GLN H 366 14.02 17.14 -19.52
C GLN H 366 13.77 18.37 -18.65
N ASN H 367 12.47 18.65 -18.38
CA ASN H 367 11.96 19.77 -17.58
C ASN H 367 12.66 21.09 -17.96
N VAL H 368 12.70 21.37 -19.27
CA VAL H 368 13.36 22.52 -19.86
C VAL H 368 12.52 23.79 -19.69
N CYS H 369 13.08 24.76 -18.94
CA CYS H 369 12.47 26.07 -18.72
C CYS H 369 13.37 27.11 -19.35
N PHE H 370 12.80 28.04 -20.14
CA PHE H 370 13.61 29.05 -20.80
C PHE H 370 12.91 30.39 -20.87
N SER H 371 13.69 31.45 -20.62
CA SER H 371 13.28 32.85 -20.69
C SER H 371 14.39 33.60 -21.43
N TYR H 372 14.05 34.29 -22.55
CA TYR H 372 15.01 35.03 -23.37
C TYR H 372 15.87 36.00 -22.53
N PRO H 373 17.16 36.21 -22.85
CA PRO H 373 17.98 37.12 -22.02
C PRO H 373 17.55 38.58 -22.13
N CYS H 374 16.82 38.93 -23.22
CA CYS H 374 16.27 40.26 -23.49
C CYS H 374 15.13 40.57 -22.51
N ARG H 375 14.19 39.60 -22.36
CA ARG H 375 13.06 39.68 -21.44
C ARG H 375 13.24 38.64 -20.32
N PRO H 376 14.04 38.92 -19.26
CA PRO H 376 14.27 37.90 -18.22
C PRO H 376 13.02 37.55 -17.40
N GLY H 377 12.05 38.46 -17.38
CA GLY H 377 10.79 38.28 -16.67
C GLY H 377 9.77 37.44 -17.42
N PHE H 378 9.58 37.73 -18.74
CA PHE H 378 8.63 37.03 -19.62
C PHE H 378 9.11 35.61 -19.96
N GLU H 379 8.53 34.60 -19.28
CA GLU H 379 8.84 33.18 -19.46
C GLU H 379 8.17 32.64 -20.73
N VAL H 380 9.00 32.23 -21.72
CA VAL H 380 8.55 31.70 -23.01
C VAL H 380 8.30 30.19 -22.93
N LEU H 381 9.26 29.45 -22.33
CA LEU H 381 9.18 27.99 -22.17
C LEU H 381 9.11 27.64 -20.68
N LYS H 382 8.04 26.93 -20.27
CA LYS H 382 7.85 26.55 -18.87
C LYS H 382 7.61 25.04 -18.74
N ASP H 383 8.56 24.34 -18.09
CA ASP H 383 8.59 22.89 -17.80
C ASP H 383 8.30 22.05 -19.07
N PHE H 384 9.18 22.16 -20.07
CA PHE H 384 9.06 21.44 -21.34
C PHE H 384 9.73 20.08 -21.25
N THR H 385 8.96 19.00 -21.52
CA THR H 385 9.46 17.62 -21.49
C THR H 385 9.06 16.89 -22.77
N LEU H 386 10.02 16.68 -23.69
CA LEU H 386 9.81 15.99 -24.97
C LEU H 386 11.04 15.17 -25.37
N THR H 387 10.81 13.95 -25.89
CA THR H 387 11.89 13.07 -26.33
C THR H 387 11.62 12.61 -27.78
N LEU H 388 12.61 12.80 -28.67
CA LEU H 388 12.57 12.47 -30.10
C LEU H 388 13.29 11.13 -30.37
N PRO H 389 12.57 10.07 -30.80
CA PRO H 389 13.24 8.78 -31.06
C PRO H 389 14.12 8.82 -32.32
N PRO H 390 15.27 8.10 -32.34
CA PRO H 390 16.15 8.14 -33.52
C PRO H 390 15.51 7.54 -34.77
N GLY H 391 15.54 8.29 -35.86
CA GLY H 391 14.98 7.91 -37.15
C GLY H 391 13.51 8.25 -37.32
N LYS H 392 12.80 8.51 -36.20
CA LYS H 392 11.39 8.83 -36.15
C LYS H 392 11.14 10.33 -36.35
N ILE H 393 10.04 10.67 -37.04
CA ILE H 393 9.64 12.04 -37.37
C ILE H 393 8.61 12.53 -36.32
N VAL H 394 9.04 13.45 -35.43
CA VAL H 394 8.20 14.01 -34.38
C VAL H 394 7.63 15.36 -34.82
N ALA H 395 6.30 15.50 -34.78
CA ALA H 395 5.59 16.72 -35.17
C ALA H 395 5.39 17.64 -33.96
N LEU H 396 5.50 18.96 -34.18
CA LEU H 396 5.34 19.98 -33.16
C LEU H 396 4.29 21.00 -33.60
N VAL H 397 3.14 21.01 -32.90
CA VAL H 397 2.00 21.88 -33.20
C VAL H 397 1.71 22.82 -32.02
N GLY H 398 1.17 24.00 -32.33
CA GLY H 398 0.82 25.01 -31.32
C GLY H 398 0.38 26.34 -31.89
N GLN H 399 -0.13 27.22 -31.01
CA GLN H 399 -0.58 28.58 -31.37
C GLN H 399 0.62 29.48 -31.59
N SER H 400 0.46 30.53 -32.43
CA SER H 400 1.51 31.50 -32.75
C SER H 400 1.96 32.27 -31.50
N GLY H 401 3.22 32.07 -31.12
CA GLY H 401 3.83 32.69 -29.95
C GLY H 401 3.97 31.77 -28.76
N GLY H 402 3.69 30.48 -28.97
CA GLY H 402 3.75 29.43 -27.94
C GLY H 402 5.14 28.90 -27.62
N GLY H 403 6.12 29.25 -28.45
CA GLY H 403 7.50 28.83 -28.31
C GLY H 403 7.88 27.64 -29.17
N LYS H 404 7.45 27.65 -30.45
CA LYS H 404 7.71 26.57 -31.41
C LYS H 404 9.08 26.77 -32.07
N THR H 405 9.40 28.00 -32.48
CA THR H 405 10.68 28.35 -33.10
C THR H 405 11.75 28.44 -31.97
N THR H 406 11.34 28.78 -30.73
CA THR H 406 12.21 28.87 -29.55
C THR H 406 12.83 27.50 -29.24
N VAL H 407 12.06 26.40 -29.46
CA VAL H 407 12.48 25.01 -29.25
C VAL H 407 13.62 24.67 -30.24
N ALA H 408 13.42 25.00 -31.52
CA ALA H 408 14.36 24.78 -32.63
C ALA H 408 15.73 25.40 -32.36
N SER H 409 15.75 26.66 -31.88
CA SER H 409 16.96 27.42 -31.56
C SER H 409 17.74 26.80 -30.40
N LEU H 410 17.03 26.16 -29.44
CA LEU H 410 17.63 25.47 -28.28
C LEU H 410 18.34 24.19 -28.74
N LEU H 411 17.79 23.53 -29.78
CA LEU H 411 18.36 22.31 -30.38
C LEU H 411 19.68 22.62 -31.07
N GLU H 412 19.77 23.81 -31.71
CA GLU H 412 20.96 24.28 -32.42
C GLU H 412 22.00 24.93 -31.47
N ARG H 413 21.72 24.92 -30.14
CA ARG H 413 22.54 25.46 -29.04
C ARG H 413 22.80 26.98 -29.17
N PHE H 414 21.83 27.74 -29.72
CA PHE H 414 21.92 29.20 -29.84
C PHE H 414 21.73 29.86 -28.46
N TYR H 415 20.87 29.25 -27.63
CA TYR H 415 20.55 29.66 -26.26
C TYR H 415 20.50 28.43 -25.34
N ASP H 416 20.92 28.59 -24.06
CA ASP H 416 20.92 27.52 -23.07
C ASP H 416 19.71 27.67 -22.12
N PRO H 417 19.07 26.55 -21.66
CA PRO H 417 17.90 26.71 -20.78
C PRO H 417 18.21 27.33 -19.42
N THR H 418 17.22 28.03 -18.84
CA THR H 418 17.34 28.67 -17.51
C THR H 418 17.25 27.60 -16.42
N ALA H 419 16.57 26.47 -16.73
CA ALA H 419 16.38 25.28 -15.88
C ALA H 419 16.18 24.05 -16.77
N GLY H 420 16.67 22.90 -16.31
CA GLY H 420 16.58 21.66 -17.06
C GLY H 420 17.69 21.50 -18.09
N VAL H 421 17.72 20.35 -18.79
CA VAL H 421 18.77 20.08 -19.80
C VAL H 421 18.21 19.51 -21.11
N VAL H 422 18.95 19.74 -22.20
CA VAL H 422 18.69 19.23 -23.54
C VAL H 422 19.84 18.28 -23.88
N MET H 423 19.51 16.99 -24.12
CA MET H 423 20.51 15.96 -24.40
C MET H 423 20.39 15.33 -25.78
N LEU H 424 21.54 15.08 -26.41
CA LEU H 424 21.67 14.40 -27.71
C LEU H 424 22.33 13.05 -27.44
N ASP H 425 21.54 11.97 -27.57
CA ASP H 425 21.89 10.56 -27.33
C ASP H 425 22.48 10.38 -25.90
N GLY H 426 21.84 11.05 -24.93
CA GLY H 426 22.25 11.03 -23.53
C GLY H 426 23.17 12.17 -23.16
N ARG H 427 24.11 12.51 -24.06
CA ARG H 427 25.12 13.55 -23.87
C ARG H 427 24.49 14.95 -23.93
N ASP H 428 24.75 15.77 -22.89
CA ASP H 428 24.24 17.14 -22.77
C ASP H 428 24.87 18.02 -23.86
N LEU H 429 24.08 18.97 -24.40
CA LEU H 429 24.54 19.88 -25.47
C LEU H 429 25.63 20.84 -24.98
N ARG H 430 25.66 21.15 -23.65
CA ARG H 430 26.66 22.03 -23.04
C ARG H 430 28.07 21.44 -23.14
N THR H 431 28.19 20.11 -22.95
CA THR H 431 29.46 19.38 -23.01
C THR H 431 29.86 19.10 -24.47
N LEU H 432 28.91 19.20 -25.41
CA LEU H 432 29.15 18.95 -26.85
C LEU H 432 29.78 20.17 -27.54
N ASP H 433 30.44 19.91 -28.69
CA ASP H 433 31.11 20.90 -29.53
C ASP H 433 30.06 21.58 -30.42
N PRO H 434 29.85 22.92 -30.26
CA PRO H 434 28.82 23.62 -31.05
C PRO H 434 29.03 23.58 -32.57
N SER H 435 30.29 23.67 -33.04
CA SER H 435 30.64 23.65 -34.46
C SER H 435 30.33 22.27 -35.10
N TRP H 436 30.60 21.17 -34.36
CA TRP H 436 30.37 19.80 -34.80
C TRP H 436 28.88 19.42 -34.87
N LEU H 437 28.05 19.99 -33.97
CA LEU H 437 26.61 19.72 -33.89
C LEU H 437 25.79 20.57 -34.89
N ARG H 438 26.30 21.76 -35.28
CA ARG H 438 25.62 22.66 -36.21
C ARG H 438 26.03 22.40 -37.66
N GLY H 439 27.32 22.11 -37.89
CA GLY H 439 27.86 21.87 -39.22
C GLY H 439 27.94 20.44 -39.72
N GLN H 440 27.51 19.45 -38.91
CA GLN H 440 27.56 18.04 -39.33
C GLN H 440 26.40 17.18 -38.80
N VAL H 441 25.76 17.57 -37.68
CA VAL H 441 24.68 16.78 -37.08
C VAL H 441 23.28 17.32 -37.40
N VAL H 442 23.00 18.60 -37.11
CA VAL H 442 21.67 19.19 -37.29
C VAL H 442 21.55 19.97 -38.61
N GLY H 443 20.48 19.67 -39.34
CA GLY H 443 20.12 20.32 -40.59
C GLY H 443 18.88 21.17 -40.41
N PHE H 444 19.07 22.50 -40.32
CA PHE H 444 17.98 23.46 -40.08
C PHE H 444 17.40 24.02 -41.39
N ILE H 445 16.05 24.15 -41.43
CA ILE H 445 15.26 24.69 -42.56
C ILE H 445 14.25 25.71 -41.98
N SER H 446 14.46 27.01 -42.25
CA SER H 446 13.58 28.08 -41.76
C SER H 446 12.41 28.34 -42.72
N GLN H 447 11.37 29.07 -42.24
CA GLN H 447 10.16 29.42 -43.00
C GLN H 447 10.47 30.40 -44.14
N GLU H 448 11.56 31.17 -43.99
CA GLU H 448 12.07 32.14 -44.97
C GLU H 448 13.54 31.79 -45.27
N PRO H 449 13.87 31.28 -46.48
CA PRO H 449 15.27 30.90 -46.75
C PRO H 449 16.17 32.10 -46.99
N VAL H 450 17.47 31.94 -46.68
CA VAL H 450 18.48 32.98 -46.85
C VAL H 450 19.50 32.53 -47.90
N LEU H 451 19.56 33.25 -49.03
CA LEU H 451 20.48 32.98 -50.13
C LEU H 451 21.47 34.13 -50.26
N PHE H 452 22.77 33.80 -50.27
CA PHE H 452 23.85 34.78 -50.36
C PHE H 452 24.03 35.27 -51.82
N GLY H 453 24.80 36.34 -51.98
CA GLY H 453 25.07 36.98 -53.27
C GLY H 453 26.20 36.36 -54.06
N THR H 454 26.14 35.03 -54.27
CA THR H 454 27.12 34.24 -55.04
C THR H 454 26.36 33.36 -56.04
N THR H 455 27.05 32.40 -56.70
CA THR H 455 26.44 31.48 -57.66
C THR H 455 25.61 30.42 -56.92
N ILE H 456 24.67 29.78 -57.64
CA ILE H 456 23.78 28.73 -57.12
C ILE H 456 24.62 27.53 -56.63
N MET H 457 25.65 27.13 -57.41
CA MET H 457 26.56 26.01 -57.08
C MET H 457 27.34 26.28 -55.79
N GLU H 458 27.75 27.54 -55.56
CA GLU H 458 28.49 27.94 -54.36
C GLU H 458 27.54 28.17 -53.17
N ASN H 459 26.29 28.56 -53.46
CA ASN H 459 25.26 28.82 -52.43
C ASN H 459 24.83 27.51 -51.75
N ILE H 460 24.70 26.41 -52.52
CA ILE H 460 24.34 25.08 -52.00
C ILE H 460 25.56 24.50 -51.26
N ARG H 461 26.78 24.73 -51.81
CA ARG H 461 28.08 24.28 -51.28
C ARG H 461 28.38 24.84 -49.86
N PHE H 462 27.47 25.66 -49.32
CA PHE H 462 27.58 26.25 -47.99
C PHE H 462 27.37 25.21 -46.87
N GLY H 463 26.69 24.10 -47.19
CA GLY H 463 26.40 23.01 -46.27
C GLY H 463 27.61 22.23 -45.79
N LYS H 464 28.52 21.89 -46.74
CA LYS H 464 29.78 21.19 -46.48
C LYS H 464 30.90 21.92 -47.21
N LEU H 465 31.91 22.40 -46.45
CA LEU H 465 33.05 23.17 -46.97
C LEU H 465 33.93 22.36 -47.93
N GLU H 466 34.29 21.11 -47.54
CA GLU H 466 35.15 20.22 -48.34
C GLU H 466 34.30 19.30 -49.24
N ALA H 467 33.36 19.89 -50.02
CA ALA H 467 32.48 19.17 -50.93
C ALA H 467 32.86 19.40 -52.40
N SER H 468 32.80 18.33 -53.21
CA SER H 468 33.11 18.34 -54.64
C SER H 468 31.90 18.77 -55.48
N ASP H 469 32.13 19.11 -56.76
CA ASP H 469 31.11 19.55 -57.73
C ASP H 469 30.05 18.46 -57.97
N GLU H 470 30.47 17.18 -57.96
CA GLU H 470 29.60 16.02 -58.16
C GLU H 470 28.66 15.80 -56.96
N GLU H 471 29.12 16.16 -55.75
CA GLU H 471 28.35 16.04 -54.50
C GLU H 471 27.21 17.05 -54.45
N VAL H 472 27.39 18.22 -55.11
CA VAL H 472 26.42 19.31 -55.19
C VAL H 472 25.23 18.88 -56.07
N TYR H 473 25.49 18.25 -57.22
CA TYR H 473 24.48 17.77 -58.17
C TYR H 473 23.64 16.62 -57.60
N THR H 474 24.27 15.73 -56.79
CA THR H 474 23.62 14.57 -56.15
C THR H 474 22.59 15.05 -55.12
N ALA H 475 22.95 16.04 -54.28
CA ALA H 475 22.09 16.61 -53.25
C ALA H 475 20.94 17.41 -53.87
N ALA H 476 21.19 18.08 -55.03
CA ALA H 476 20.22 18.88 -55.77
C ALA H 476 19.11 18.02 -56.37
N ARG H 477 19.46 16.81 -56.83
CA ARG H 477 18.51 15.85 -57.39
C ARG H 477 17.60 15.27 -56.30
N GLU H 478 18.11 15.22 -55.05
CA GLU H 478 17.37 14.72 -53.88
C GLU H 478 16.35 15.74 -53.38
N ALA H 479 16.53 17.04 -53.72
CA ALA H 479 15.65 18.14 -53.31
C ALA H 479 14.85 18.74 -54.50
N ASN H 480 14.81 18.01 -55.66
CA ASN H 480 14.12 18.39 -56.91
C ASN H 480 14.55 19.79 -57.40
N ALA H 481 15.83 20.14 -57.17
CA ALA H 481 16.40 21.44 -57.53
C ALA H 481 17.12 21.40 -58.87
N HIS H 482 17.86 20.30 -59.16
CA HIS H 482 18.63 20.08 -60.39
C HIS H 482 17.77 20.25 -61.67
N GLU H 483 16.47 19.91 -61.58
CA GLU H 483 15.50 19.99 -62.69
C GLU H 483 15.30 21.43 -63.19
N PHE H 484 15.17 22.42 -62.27
CA PHE H 484 14.94 23.81 -62.66
C PHE H 484 16.26 24.61 -62.75
N ILE H 485 17.36 24.17 -62.09
CA ILE H 485 18.66 24.87 -62.15
C ILE H 485 19.26 24.72 -63.55
N THR H 486 19.22 23.49 -64.12
CA THR H 486 19.73 23.16 -65.47
C THR H 486 18.97 23.96 -66.54
N SER H 487 17.66 24.24 -66.30
CA SER H 487 16.77 24.98 -67.19
C SER H 487 17.21 26.44 -67.44
N PHE H 488 17.98 27.02 -66.50
CA PHE H 488 18.51 28.39 -66.60
C PHE H 488 19.60 28.50 -67.69
N PRO H 489 19.83 29.68 -68.31
CA PRO H 489 20.84 29.79 -69.37
C PRO H 489 22.26 29.42 -68.89
N GLU H 490 22.75 30.05 -67.81
CA GLU H 490 24.08 29.77 -67.24
C GLU H 490 24.02 28.51 -66.37
N GLY H 491 22.90 28.31 -65.66
CA GLY H 491 22.66 27.17 -64.81
C GLY H 491 23.14 27.34 -63.39
N TYR H 492 24.15 26.55 -63.00
CA TYR H 492 24.76 26.58 -61.67
C TYR H 492 25.71 27.77 -61.49
N ASN H 493 26.15 28.38 -62.61
CA ASN H 493 27.04 29.53 -62.62
C ASN H 493 26.25 30.85 -62.55
N THR H 494 24.90 30.77 -62.39
CA THR H 494 24.02 31.92 -62.29
C THR H 494 24.05 32.49 -60.86
N VAL H 495 24.32 33.79 -60.74
CA VAL H 495 24.34 34.49 -59.45
C VAL H 495 22.90 34.70 -58.96
N VAL H 496 22.71 34.71 -57.65
CA VAL H 496 21.40 34.90 -57.03
C VAL H 496 21.48 35.99 -55.94
N GLY H 497 20.34 36.61 -55.65
CA GLY H 497 20.22 37.67 -54.66
C GLY H 497 19.77 39.01 -55.24
N GLU H 498 20.33 40.10 -54.71
CA GLU H 498 20.02 41.48 -55.13
C GLU H 498 20.52 41.73 -56.57
N ARG H 499 21.81 41.42 -56.84
CA ARG H 499 22.44 41.59 -58.15
C ARG H 499 22.02 40.47 -59.13
N GLY H 500 21.79 39.27 -58.60
CA GLY H 500 21.39 38.11 -59.39
C GLY H 500 19.92 38.03 -59.74
N THR H 501 19.51 36.92 -60.37
CA THR H 501 18.15 36.63 -60.82
C THR H 501 17.26 36.36 -59.59
N THR H 502 16.09 37.03 -59.53
CA THR H 502 15.11 36.87 -58.45
C THR H 502 14.36 35.56 -58.64
N LEU H 503 14.31 34.73 -57.58
CA LEU H 503 13.65 33.42 -57.60
C LEU H 503 12.38 33.37 -56.74
N SER H 504 11.41 32.52 -57.18
CA SER H 504 10.13 32.30 -56.50
C SER H 504 10.35 31.59 -55.16
N GLY H 505 9.39 31.76 -54.25
CA GLY H 505 9.40 31.17 -52.91
C GLY H 505 9.68 29.68 -52.87
N GLY H 506 9.01 28.92 -53.74
CA GLY H 506 9.15 27.49 -53.87
C GLY H 506 10.51 27.06 -54.41
N GLN H 507 11.10 27.89 -55.29
CA GLN H 507 12.42 27.65 -55.90
C GLN H 507 13.53 27.87 -54.87
N LYS H 508 13.41 28.95 -54.06
CA LYS H 508 14.35 29.34 -53.01
C LYS H 508 14.46 28.28 -51.91
N GLN H 509 13.30 27.75 -51.44
CA GLN H 509 13.22 26.75 -50.38
C GLN H 509 13.79 25.40 -50.83
N ARG H 510 13.62 25.04 -52.12
CA ARG H 510 14.15 23.80 -52.71
C ARG H 510 15.67 23.77 -52.66
N LEU H 511 16.32 24.95 -52.82
CA LEU H 511 17.77 25.13 -52.77
C LEU H 511 18.29 24.97 -51.35
N ALA H 512 17.53 25.47 -50.35
CA ALA H 512 17.86 25.41 -48.91
C ALA H 512 17.89 23.96 -48.41
N ILE H 513 17.00 23.10 -48.95
CA ILE H 513 16.90 21.67 -48.60
C ILE H 513 18.16 20.94 -49.08
N ALA H 514 18.60 21.21 -50.34
CA ALA H 514 19.79 20.63 -50.96
C ALA H 514 21.07 21.07 -50.22
N ARG H 515 21.06 22.29 -49.67
CA ARG H 515 22.15 22.88 -48.90
C ARG H 515 22.38 22.10 -47.59
N ALA H 516 21.28 21.83 -46.85
CA ALA H 516 21.31 21.11 -45.58
C ALA H 516 21.56 19.60 -45.73
N LEU H 517 21.37 19.04 -46.95
CA LEU H 517 21.55 17.60 -47.20
C LEU H 517 23.00 17.18 -47.49
N ILE H 518 23.88 18.11 -47.92
CA ILE H 518 25.29 17.79 -48.26
C ILE H 518 26.06 17.32 -47.01
N LYS H 519 25.91 18.03 -45.87
CA LYS H 519 26.59 17.71 -44.60
C LYS H 519 26.14 16.35 -44.00
N GLN H 520 25.14 15.67 -44.64
CA GLN H 520 24.55 14.39 -44.25
C GLN H 520 24.08 14.47 -42.78
N PRO H 521 22.94 15.15 -42.53
CA PRO H 521 22.51 15.34 -41.12
C PRO H 521 21.86 14.10 -40.50
N THR H 522 22.03 13.97 -39.17
CA THR H 522 21.45 12.90 -38.36
C THR H 522 20.11 13.39 -37.79
N VAL H 523 20.04 14.70 -37.48
CA VAL H 523 18.87 15.43 -36.99
C VAL H 523 18.47 16.47 -38.03
N LEU H 524 17.16 16.69 -38.19
CA LEU H 524 16.63 17.63 -39.17
C LEU H 524 15.50 18.48 -38.56
N ILE H 525 15.63 19.81 -38.65
CA ILE H 525 14.62 20.73 -38.13
C ILE H 525 13.92 21.38 -39.33
N LEU H 526 12.58 21.29 -39.36
CA LEU H 526 11.76 21.89 -40.42
C LEU H 526 10.75 22.84 -39.78
N ASP H 527 11.13 24.14 -39.64
CA ASP H 527 10.28 25.16 -39.03
C ASP H 527 9.48 25.92 -40.10
N GLU H 528 8.22 25.49 -40.32
CA GLU H 528 7.23 26.04 -41.26
C GLU H 528 7.81 26.23 -42.67
N ALA H 529 8.54 25.22 -43.18
CA ALA H 529 9.21 25.21 -44.48
C ALA H 529 8.30 25.64 -45.66
N THR H 530 7.00 25.32 -45.60
CA THR H 530 6.03 25.65 -46.65
C THR H 530 5.00 26.70 -46.15
N SER H 531 5.48 27.77 -45.49
CA SER H 531 4.65 28.83 -44.91
C SER H 531 4.00 29.72 -45.99
N ALA H 532 4.77 30.64 -46.61
CA ALA H 532 4.27 31.58 -47.62
C ALA H 532 4.42 31.05 -49.06
N LEU H 533 4.17 29.74 -49.26
CA LEU H 533 4.26 29.13 -50.58
C LEU H 533 2.88 28.96 -51.21
N ASP H 534 2.80 29.17 -52.54
CA ASP H 534 1.60 29.01 -53.35
C ASP H 534 1.19 27.54 -53.38
N ALA H 535 -0.12 27.25 -53.47
CA ALA H 535 -0.71 25.90 -53.48
C ALA H 535 0.09 24.86 -54.30
N GLU H 536 0.53 25.24 -55.52
CA GLU H 536 1.30 24.39 -56.43
C GLU H 536 2.73 24.18 -55.92
N SER H 537 3.45 25.27 -55.58
CA SER H 537 4.83 25.24 -55.06
C SER H 537 4.94 24.48 -53.73
N GLU H 538 3.90 24.61 -52.88
CA GLU H 538 3.77 23.97 -51.56
C GLU H 538 3.79 22.44 -51.69
N ARG H 539 3.09 21.88 -52.69
CA ARG H 539 3.00 20.44 -52.95
C ARG H 539 4.34 19.87 -53.45
N VAL H 540 5.12 20.66 -54.22
CA VAL H 540 6.41 20.27 -54.78
C VAL H 540 7.48 20.18 -53.68
N VAL H 541 7.65 21.26 -52.90
CA VAL H 541 8.62 21.40 -51.81
C VAL H 541 8.39 20.33 -50.72
N GLN H 542 7.12 20.11 -50.30
CA GLN H 542 6.76 19.12 -49.27
C GLN H 542 7.11 17.69 -49.71
N GLU H 543 6.93 17.37 -51.00
CA GLU H 543 7.23 16.06 -51.60
C GLU H 543 8.72 15.73 -51.51
N ALA H 544 9.59 16.74 -51.71
CA ALA H 544 11.05 16.61 -51.63
C ALA H 544 11.53 16.58 -50.17
N LEU H 545 10.80 17.25 -49.27
CA LEU H 545 11.11 17.31 -47.84
C LEU H 545 10.90 15.95 -47.18
N ASP H 546 9.86 15.19 -47.60
CA ASP H 546 9.53 13.87 -47.09
C ASP H 546 10.59 12.84 -47.49
N ARG H 547 11.17 12.98 -48.70
CA ARG H 547 12.22 12.12 -49.24
C ARG H 547 13.51 12.29 -48.42
N ALA H 548 13.83 13.54 -48.05
CA ALA H 548 14.99 13.91 -47.24
C ALA H 548 14.81 13.50 -45.78
N SER H 549 13.54 13.40 -45.31
CA SER H 549 13.15 13.04 -43.95
C SER H 549 13.34 11.53 -43.66
N ALA H 550 13.51 10.71 -44.72
CA ALA H 550 13.69 9.26 -44.61
C ALA H 550 15.01 8.88 -43.95
N GLY H 551 14.92 8.05 -42.90
CA GLY H 551 16.06 7.54 -42.13
C GLY H 551 16.79 8.58 -41.30
N ARG H 552 16.06 9.59 -40.81
CA ARG H 552 16.61 10.69 -39.98
C ARG H 552 15.63 11.10 -38.89
N THR H 553 16.15 11.71 -37.81
CA THR H 553 15.33 12.25 -36.72
C THR H 553 14.84 13.59 -37.21
N VAL H 554 13.52 13.76 -37.43
CA VAL H 554 13.00 15.01 -37.96
C VAL H 554 12.00 15.68 -37.00
N LEU H 555 12.25 16.97 -36.69
CA LEU H 555 11.39 17.80 -35.86
C LEU H 555 10.62 18.73 -36.79
N VAL H 556 9.39 18.32 -37.16
CA VAL H 556 8.55 19.08 -38.08
C VAL H 556 7.62 20.03 -37.34
N ILE H 557 7.88 21.34 -37.49
CA ILE H 557 7.07 22.39 -36.88
C ILE H 557 6.24 23.01 -38.00
N ALA H 558 5.15 22.31 -38.39
CA ALA H 558 4.29 22.72 -39.51
C ALA H 558 3.00 23.38 -39.06
N HIS H 559 2.48 24.29 -39.90
CA HIS H 559 1.23 25.03 -39.71
C HIS H 559 0.06 24.19 -40.28
N ARG H 560 0.30 23.54 -41.43
CA ARG H 560 -0.67 22.67 -42.08
C ARG H 560 -0.66 21.32 -41.36
N LEU H 561 -1.76 21.01 -40.66
CA LEU H 561 -1.92 19.78 -39.88
C LEU H 561 -2.03 18.53 -40.77
N SER H 562 -2.29 18.71 -42.08
CA SER H 562 -2.43 17.62 -43.07
C SER H 562 -1.13 16.83 -43.27
N THR H 563 0.04 17.49 -43.17
CA THR H 563 1.34 16.84 -43.36
C THR H 563 1.82 16.14 -42.07
N VAL H 564 1.40 16.61 -40.89
CA VAL H 564 1.79 16.05 -39.60
C VAL H 564 0.90 14.86 -39.17
N ARG H 565 -0.11 14.51 -40.00
CA ARG H 565 -1.05 13.40 -39.74
C ARG H 565 -0.33 12.04 -39.71
N GLY H 566 0.68 11.88 -40.56
CA GLY H 566 1.48 10.66 -40.66
C GLY H 566 2.86 10.76 -40.07
N ALA H 567 2.94 11.16 -38.78
CA ALA H 567 4.19 11.31 -38.02
C ALA H 567 4.28 10.23 -36.93
N HIS H 568 5.44 10.13 -36.22
CA HIS H 568 5.65 9.18 -35.13
C HIS H 568 4.69 9.48 -33.98
N CYS H 569 4.58 10.79 -33.63
CA CYS H 569 3.68 11.35 -32.62
C CYS H 569 3.64 12.88 -32.76
N ILE H 570 2.50 13.48 -32.40
CA ILE H 570 2.27 14.92 -32.46
C ILE H 570 2.32 15.50 -31.03
N VAL H 571 2.95 16.68 -30.87
CA VAL H 571 3.07 17.39 -29.60
C VAL H 571 2.30 18.72 -29.70
N VAL H 572 1.37 18.96 -28.76
CA VAL H 572 0.54 20.17 -28.70
C VAL H 572 1.03 21.07 -27.57
N MET H 573 1.40 22.32 -27.89
CA MET H 573 1.93 23.28 -26.91
C MET H 573 0.90 24.34 -26.52
N ALA H 574 0.86 24.67 -25.22
CA ALA H 574 -0.02 25.67 -24.63
C ALA H 574 0.73 26.44 -23.54
N ASP H 575 0.98 27.76 -23.80
CA ASP H 575 1.68 28.71 -22.92
C ASP H 575 3.10 28.23 -22.52
N GLY H 576 3.80 27.60 -23.47
CA GLY H 576 5.15 27.10 -23.30
C GLY H 576 5.30 25.76 -22.61
N ARG H 577 4.20 24.99 -22.53
CA ARG H 577 4.20 23.66 -21.90
C ARG H 577 3.51 22.63 -22.80
N VAL H 578 3.91 21.35 -22.70
CA VAL H 578 3.35 20.24 -23.46
C VAL H 578 1.95 19.91 -22.86
N TRP H 579 0.90 20.34 -23.56
CA TRP H 579 -0.50 20.17 -23.16
C TRP H 579 -1.03 18.78 -23.51
N GLU H 580 -0.80 18.33 -24.76
CA GLU H 580 -1.22 17.02 -25.27
C GLU H 580 -0.13 16.38 -26.11
N ALA H 581 0.05 15.05 -25.97
CA ALA H 581 1.07 14.29 -26.70
C ALA H 581 0.56 12.90 -27.07
N GLY H 582 1.03 12.39 -28.22
CA GLY H 582 0.66 11.08 -28.73
C GLY H 582 0.48 11.06 -30.23
N THR H 583 0.11 9.88 -30.78
CA THR H 583 -0.12 9.68 -32.22
C THR H 583 -1.37 10.42 -32.70
N HIS H 584 -1.64 10.39 -34.03
CA HIS H 584 -2.78 11.05 -34.67
C HIS H 584 -4.12 10.52 -34.11
N GLU H 585 -4.27 9.19 -34.01
CA GLU H 585 -5.47 8.52 -33.52
C GLU H 585 -5.66 8.71 -32.01
N GLU H 586 -4.56 8.70 -31.24
CA GLU H 586 -4.55 8.85 -29.78
C GLU H 586 -5.10 10.21 -29.34
N LEU H 587 -4.68 11.30 -30.02
CA LEU H 587 -5.09 12.68 -29.71
C LEU H 587 -6.56 12.93 -30.10
N LEU H 588 -7.07 12.20 -31.12
CA LEU H 588 -8.46 12.31 -31.56
C LEU H 588 -9.39 11.62 -30.56
N LYS H 589 -8.96 10.46 -30.02
CA LYS H 589 -9.68 9.67 -29.04
C LYS H 589 -9.68 10.36 -27.68
N LEU H 593 -7.33 19.49 -27.27
CA LEU H 593 -6.88 20.64 -28.04
C LEU H 593 -6.68 20.28 -29.51
N TYR H 594 -6.10 19.10 -29.80
CA TYR H 594 -5.86 18.60 -31.15
C TYR H 594 -7.18 18.31 -31.88
N ALA H 595 -8.19 17.79 -31.14
CA ALA H 595 -9.52 17.47 -31.65
C ALA H 595 -10.27 18.74 -32.08
N GLU H 596 -10.13 19.83 -31.32
CA GLU H 596 -10.75 21.13 -31.61
C GLU H 596 -10.06 21.80 -32.80
N LEU H 597 -8.74 21.57 -32.96
CA LEU H 597 -7.92 22.11 -34.05
C LEU H 597 -8.26 21.42 -35.38
N ILE H 598 -8.46 20.09 -35.34
CA ILE H 598 -8.81 19.30 -36.53
C ILE H 598 -10.26 19.58 -36.96
N ARG H 599 -11.13 19.95 -35.99
CA ARG H 599 -12.55 20.27 -36.21
C ARG H 599 -12.69 21.57 -37.01
N ARG H 600 -11.87 22.60 -36.68
CA ARG H 600 -11.86 23.89 -37.37
C ARG H 600 -11.26 23.74 -38.77
N GLN H 601 -10.29 22.81 -38.91
CA GLN H 601 -9.62 22.48 -40.18
C GLN H 601 -10.59 21.77 -41.13
N ALA H 602 -11.53 20.96 -40.57
CA ALA H 602 -12.55 20.22 -41.32
C ALA H 602 -13.61 21.17 -41.89
N LEU H 603 -13.94 22.26 -41.16
CA LEU H 603 -14.92 23.27 -41.58
C LEU H 603 -14.36 24.13 -42.72
N ASP H 604 -13.05 24.43 -42.67
CA ASP H 604 -12.34 25.22 -43.68
C ASP H 604 -12.19 24.44 -44.98
PB ADP I . -24.86 -53.50 -2.76
O1B ADP I . -26.06 -53.98 -3.47
O2B ADP I . -24.27 -54.55 -1.82
O3B ADP I . -25.11 -52.25 -1.93
PA ADP I . -23.37 -51.85 -4.66
O1A ADP I . -24.60 -51.07 -4.91
O2A ADP I . -22.28 -51.09 -3.91
O3A ADP I . -23.70 -53.16 -3.81
O5' ADP I . -22.71 -52.39 -6.01
C5' ADP I . -23.36 -53.27 -6.96
C4' ADP I . -22.37 -53.66 -8.02
O4' ADP I . -21.61 -52.52 -8.47
C3' ADP I . -21.36 -54.74 -7.65
O3' ADP I . -21.23 -55.69 -8.71
C2' ADP I . -20.07 -53.95 -7.41
O2' ADP I . -18.89 -54.69 -7.71
C1' ADP I . -20.23 -52.77 -8.37
N9 ADP I . -19.56 -51.54 -7.93
C8 ADP I . -19.91 -50.76 -6.86
N7 ADP I . -19.12 -49.72 -6.68
C5 ADP I . -18.20 -49.83 -7.70
C6 ADP I . -17.09 -49.03 -8.06
N6 ADP I . -16.71 -47.94 -7.40
N1 ADP I . -16.37 -49.42 -9.14
C2 ADP I . -16.74 -50.51 -9.81
N3 ADP I . -17.76 -51.34 -9.56
C4 ADP I . -18.46 -50.94 -8.49
MG MG J . -23.83 -51.52 -0.27
CAO Y01 K . 13.35 -21.86 -20.03
CBB Y01 K . 14.43 -22.96 -19.93
CAC Y01 K . 13.96 -24.22 -20.67
CBE Y01 K . 15.82 -22.47 -20.38
CAP Y01 K . 16.20 -21.11 -19.74
CAQ Y01 K . 17.73 -21.07 -19.66
CBG Y01 K . 18.18 -22.31 -20.45
CBI Y01 K . 17.08 -23.35 -20.16
CAE Y01 K . 17.13 -23.90 -18.72
CAU Y01 K . 17.31 -24.49 -21.17
CAS Y01 K . 18.71 -25.10 -21.09
CBF Y01 K . 19.85 -24.06 -21.19
CBD Y01 K . 19.62 -22.83 -20.30
CAK Y01 K . 20.64 -21.75 -20.66
CAI Y01 K . 22.03 -22.29 -20.81
CAZ Y01 K . 22.33 -23.59 -20.95
CAV Y01 K . 23.78 -24.01 -21.07
CBH Y01 K . 21.27 -24.69 -20.99
CAD Y01 K . 21.36 -25.49 -19.66
CAT Y01 K . 21.58 -25.63 -22.17
CAR Y01 K . 23.03 -26.12 -22.22
CBC Y01 K . 24.01 -24.96 -22.26
OAW Y01 K . 25.34 -25.51 -22.06
CAY Y01 K . 26.42 -24.88 -22.55
OAG Y01 K . 26.38 -24.06 -23.43
CAM Y01 K . 27.66 -25.27 -21.80
CAL Y01 K . 28.78 -25.84 -22.66
CAX Y01 K . 29.95 -26.34 -21.87
OAH Y01 K . 31.05 -25.65 -22.07
OAF Y01 K . 29.88 -27.31 -21.14
PB ADP L . -14.45 -53.08 22.36
O1B ADP L . -14.68 -53.61 23.74
O2B ADP L . -15.68 -52.43 21.77
O3B ADP L . -13.96 -54.14 21.36
PA ADP L . -11.74 -52.00 22.35
O1A ADP L . -11.24 -53.26 22.91
O2A ADP L . -11.31 -51.73 20.91
O3A ADP L . -13.32 -51.95 22.38
O5' ADP L . -11.26 -50.73 23.21
C5' ADP L . -11.58 -50.51 24.60
C4' ADP L . -11.10 -49.14 25.02
O4' ADP L . -9.76 -48.91 24.53
C3' ADP L . -11.95 -47.95 24.58
O3' ADP L . -12.10 -47.03 25.66
C2' ADP L . -11.15 -47.38 23.41
O2' ADP L . -11.34 -45.97 23.24
C1' ADP L . -9.72 -47.70 23.79
N9 ADP L . -8.83 -47.90 22.65
C8 ADP L . -8.86 -48.91 21.73
N7 ADP L . -7.96 -48.82 20.79
C5 ADP L . -7.26 -47.66 21.12
C6 ADP L . -6.18 -47.00 20.50
N6 ADP L . -5.59 -47.41 19.38
N1 ADP L . -5.73 -45.85 21.08
C2 ADP L . -6.33 -45.42 22.20
N3 ADP L . -7.35 -45.96 22.86
C4 ADP L . -7.79 -47.08 22.26
MG MG M . -14.16 -54.47 19.14
CAA Y01 N . 30.52 -34.34 1.10
CBA Y01 N . 29.17 -33.90 1.62
CAB Y01 N . 28.06 -34.27 0.65
CAN Y01 N . 29.15 -32.40 1.97
CAJ Y01 N . 28.63 -31.99 3.34
CAO Y01 N . 29.24 -30.69 3.86
CBB Y01 N . 28.49 -29.40 3.47
CAC Y01 N . 27.70 -28.89 4.68
CBE Y01 N . 29.46 -28.35 2.88
CAP Y01 N . 30.32 -28.95 1.72
CAQ Y01 N . 30.72 -27.77 0.83
CBG Y01 N . 30.21 -26.53 1.58
CBI Y01 N . 28.92 -27.02 2.28
CAE Y01 N . 27.77 -27.26 1.29
CAU Y01 N . 28.54 -25.92 3.29
CAS Y01 N . 28.37 -24.54 2.66
CBF Y01 N . 29.58 -24.09 1.80
CBD Y01 N . 30.06 -25.19 0.83
CAK Y01 N . 31.38 -24.76 0.19
CAI Y01 N . 31.36 -23.34 -0.27
CAZ Y01 N . 30.46 -22.43 0.09
CAV Y01 N . 30.54 -21.02 -0.46
CBH Y01 N . 29.31 -22.73 1.06
CAD Y01 N . 28.00 -22.76 0.25
CAT Y01 N . 29.25 -21.60 2.10
CAR Y01 N . 29.24 -20.18 1.51
CBC Y01 N . 30.45 -19.96 0.62
OAW Y01 N . 30.25 -18.68 -0.07
CAY Y01 N . 31.32 -17.97 -0.49
OAG Y01 N . 32.44 -18.10 -0.05
CAM Y01 N . 30.93 -17.06 -1.61
CAL Y01 N . 31.27 -15.60 -1.37
CAX Y01 N . 30.77 -14.70 -2.47
OAH Y01 N . 31.72 -14.11 -3.14
OAF Y01 N . 29.58 -14.55 -2.68
PB ADP O . -83.64 -26.60 -19.66
O1B ADP O . -84.78 -27.22 -20.40
O2B ADP O . -83.08 -27.52 -18.57
O3B ADP O . -84.00 -25.28 -18.98
PA ADP O . -82.12 -25.08 -21.63
O1A ADP O . -83.35 -24.40 -22.05
O2A ADP O . -81.13 -24.17 -20.91
O3A ADP O . -82.44 -26.31 -20.66
O5' ADP O . -81.35 -25.73 -22.88
C5' ADP O . -81.89 -26.73 -23.75
C4' ADP O . -80.82 -27.19 -24.71
O4' ADP O . -80.09 -26.07 -25.25
C3' ADP O . -79.77 -28.17 -24.17
O3' ADP O . -79.52 -29.24 -25.07
C2' ADP O . -78.54 -27.28 -23.94
O2' ADP O . -77.32 -27.99 -24.10
C1' ADP O . -78.70 -26.22 -25.04
N9 ADP O . -78.13 -24.92 -24.71
C8 ADP O . -78.58 -24.05 -23.74
N7 ADP O . -77.86 -22.96 -23.64
C5 ADP O . -76.87 -23.13 -24.59
C6 ADP O . -75.76 -22.32 -24.96
N6 ADP O . -75.46 -21.15 -24.38
N1 ADP O . -74.96 -22.79 -25.95
C2 ADP O . -75.24 -23.96 -26.52
N3 ADP O . -76.24 -24.80 -26.25
C4 ADP O . -77.03 -24.33 -25.26
MG MG P . -83.70 -24.23 -17.12
PB ADP Q . -76.01 -23.24 5.84
O1B ADP Q . -76.41 -23.64 7.22
O2B ADP Q . -77.18 -22.72 5.01
O3B ADP Q . -75.36 -24.37 5.03
PA ADP Q . -73.37 -22.01 6.07
O1A ADP Q . -72.90 -23.20 6.80
O2A ADP Q . -72.78 -21.86 4.67
O3A ADP Q . -74.95 -22.05 5.89
O5' ADP Q . -73.07 -20.65 6.84
C5' ADP Q . -73.57 -20.31 8.15
C4' ADP Q . -73.20 -18.88 8.49
O4' ADP Q . -71.83 -18.63 8.13
C3' ADP Q . -74.05 -17.79 7.84
O3' ADP Q . -74.38 -16.79 8.79
C2' ADP Q . -73.15 -17.28 6.70
O2' ADP Q . -73.37 -15.91 6.37
C1' ADP Q . -71.74 -17.49 7.28
N9 ADP Q . -70.71 -17.74 6.28
C8 ADP Q . -70.60 -18.86 5.50
N7 ADP Q . -69.58 -18.82 4.66
C5 ADP Q . -68.99 -17.59 4.92
C6 ADP Q . -67.88 -16.92 4.35
N6 ADP Q . -67.16 -17.41 3.33
N1 ADP Q . -67.56 -15.71 4.84
C2 ADP Q . -68.30 -15.20 5.83
N3 ADP Q . -69.37 -15.72 6.43
C4 ADP Q . -69.68 -16.92 5.92
MG MG R . -75.36 -25.47 3.09
CAO Y01 S . -31.11 -0.78 -10.48
CBB Y01 S . -31.84 0.44 -11.05
CAC Y01 S . -32.75 1.05 -9.99
CBE Y01 S . -30.86 1.45 -11.69
CAP Y01 S . -29.87 0.77 -12.67
CAQ Y01 S . -29.40 1.86 -13.65
CBG Y01 S . -30.03 3.16 -13.10
CBI Y01 S . -31.36 2.69 -12.48
CAE Y01 S . -32.42 2.28 -13.54
CAU Y01 S . -31.88 3.87 -11.64
CAS Y01 S . -32.03 5.17 -12.45
CBF Y01 S . -30.77 5.59 -13.23
CBD Y01 S . -30.14 4.40 -14.01
CAK Y01 S . -28.77 4.82 -14.54
CAI Y01 S . -28.80 6.17 -15.18
CAZ Y01 S . -29.75 7.07 -15.02
CAV Y01 S . -29.67 8.42 -15.72
CBH Y01 S . -30.99 6.83 -14.14
CAD Y01 S . -32.23 6.66 -15.07
CAT Y01 S . -31.21 8.08 -13.25
CAR Y01 S . -31.20 9.41 -14.01
CBC Y01 S . -29.91 9.59 -14.78
OAW Y01 S . -30.06 10.77 -15.64
CAY Y01 S . -28.99 11.48 -16.02
OAG Y01 S . -27.92 11.45 -15.46
CAM Y01 S . -29.28 12.27 -17.28
PB ADP T . 53.31 21.11 44.84
O1B ADP T . 53.67 19.73 44.28
O2B ADP T . 53.78 21.15 46.30
O3B ADP T . 53.87 22.23 44.03
PA ADP T . 50.58 20.68 43.89
O1A ADP T . 50.06 19.38 44.46
O2A ADP T . 51.11 20.57 42.51
O3A ADP T . 51.72 21.19 44.88
O5' ADP T . 49.40 21.74 44.01
C5' ADP T . 49.50 23.14 43.69
C4' ADP T . 48.24 23.87 44.08
O4' ADP T . 47.08 23.12 43.65
C3' ADP T . 48.04 24.16 45.57
O3' ADP T . 47.56 25.48 45.77
C2' ADP T . 47.05 23.08 46.01
O2' ADP T . 46.24 23.47 47.12
C1' ADP T . 46.22 22.88 44.75
N9 ADP T . 45.68 21.53 44.61
C8 ADP T . 46.37 20.36 44.39
N7 ADP T . 45.63 19.29 44.33
C5 ADP T . 44.34 19.77 44.52
C6 ADP T . 43.09 19.14 44.59
N6 ADP T . 42.94 17.82 44.49
N1 ADP T . 41.99 19.91 44.79
C2 ADP T . 42.15 21.23 44.92
N3 ADP T . 43.29 21.95 44.89
C4 ADP T . 44.35 21.16 44.69
MG MG U . 54.30 17.77 45.03
CBB Y01 V . 5.80 -1.14 43.99
CBE Y01 V . 4.41 -1.65 44.42
CAP Y01 V . 4.20 -3.15 44.07
CAQ Y01 V . 3.17 -3.69 45.08
CBG Y01 V . 2.70 -2.44 45.85
CBI Y01 V . 3.96 -1.54 45.90
CAE Y01 V . 5.02 -2.08 46.87
CAU Y01 V . 3.47 -0.15 46.35
CAS Y01 V . 2.71 -0.18 47.69
CBF Y01 V . 1.55 -1.19 47.73
CBD Y01 V . 1.96 -2.58 47.19
CAK Y01 V . 0.72 -3.46 47.03
CAI Y01 V . -0.21 -3.37 48.20
CAZ Y01 V . -0.18 -2.41 49.13
CAV Y01 V . -1.17 -2.42 50.27
CBH Y01 V . 0.86 -1.27 49.13
CAD Y01 V . 1.88 -1.55 50.26
CAT Y01 V . 0.13 0.06 49.39
CAR Y01 V . -0.82 0.03 50.61
CBC Y01 V . -1.84 -1.07 50.47
OAW Y01 V . -2.54 -1.17 51.76
CAY Y01 V . -3.81 -1.61 51.79
OAG Y01 V . -4.55 -1.61 50.84
CAM Y01 V . -4.15 -2.16 53.14
CAL Y01 V . -5.37 -1.53 53.78
CAX Y01 V . -5.61 -2.01 55.18
OAH Y01 V . -6.72 -2.69 55.33
OAF Y01 V . -4.84 -1.77 56.11
PB ADP W . 61.92 2.92 62.70
O1B ADP W . 61.24 4.19 63.24
O2B ADP W . 62.17 3.14 61.20
O3B ADP W . 63.16 2.54 63.45
PA ADP W . 59.74 1.37 63.87
O1A ADP W . 58.42 1.92 63.37
O2A ADP W . 60.13 1.87 65.21
O3A ADP W . 60.85 1.74 62.79
O5' ADP W . 59.63 -0.21 63.82
C5' ADP W . 60.71 -1.13 64.09
C4' ADP W . 60.26 -2.55 63.79
O4' ADP W . 58.94 -2.78 64.34
C3' ADP W . 60.21 -2.96 62.33
O3' ADP W . 60.77 -4.26 62.14
C2' ADP W . 58.72 -2.89 61.98
O2' ADP W . 58.34 -3.78 60.96
C1' ADP W . 58.07 -3.26 63.33
N9 ADP W . 56.75 -2.66 63.55
C8 ADP W . 56.48 -1.33 63.69
N7 ADP W . 55.19 -1.07 63.82
C5 ADP W . 54.59 -2.32 63.76
C6 ADP W . 53.24 -2.71 63.80
N6 ADP W . 52.22 -1.87 63.87
N1 ADP W . 52.98 -4.04 63.70
C2 ADP W . 54.00 -4.89 63.56
N3 ADP W . 55.31 -4.63 63.50
C4 ADP W . 55.54 -3.31 63.61
MG MG X . 59.80 5.57 62.24
CAA Y01 Y . 11.95 -9.50 69.47
CBA Y01 Y . 12.93 -10.26 68.58
CAB Y01 Y . 13.25 -9.50 67.30
CAN Y01 Y . 12.53 -11.72 68.37
CAJ Y01 Y . 13.25 -12.75 69.26
CAO Y01 Y . 12.73 -14.19 69.18
CBB Y01 Y . 12.66 -14.80 67.77
CAC Y01 Y . 13.85 -15.74 67.55
CBE Y01 Y . 11.28 -15.47 67.51
CAP Y01 Y . 10.10 -14.57 67.95
CAQ Y01 Y . 8.90 -14.97 67.07
CBG Y01 Y . 9.38 -16.21 66.31
CBI Y01 Y . 10.88 -15.93 66.08
CAE Y01 Y . 11.14 -14.82 65.04
CAU Y01 Y . 11.49 -17.26 65.61
CAS Y01 Y . 10.81 -17.83 64.36
CBF Y01 Y . 9.28 -17.95 64.48
CBD Y01 Y . 8.62 -16.67 65.05
CAK Y01 Y . 7.15 -16.95 65.36
CAI Y01 Y . 6.47 -17.69 64.27
CAZ Y01 Y . 7.07 -18.34 63.28
CAV Y01 Y . 6.26 -19.05 62.22
CBH Y01 Y . 8.60 -18.42 63.14
CAD Y01 Y . 9.02 -17.53 61.95
CAT Y01 Y . 9.00 -19.88 62.86
CAR Y01 Y . 8.21 -20.54 61.72
CBC Y01 Y . 6.72 -20.49 61.98
OAW Y01 Y . 6.05 -20.93 60.76
CAY Y01 Y . 4.82 -21.49 60.82
OAG Y01 Y . 4.35 -21.97 61.82
CAM Y01 Y . 4.12 -21.35 59.50
CAL Y01 Y . 3.59 -22.64 58.93
CAX Y01 Y . 3.01 -22.48 57.56
OAH Y01 Y . 1.73 -22.76 57.50
OAF Y01 Y . 3.68 -22.13 56.60
PB ADP Z . 3.87 36.95 -58.36
O1B ADP Z . 3.04 36.61 -59.56
O2B ADP Z . 4.29 35.73 -57.56
O3B ADP Z . 3.18 37.95 -57.42
PA ADP Z . 5.60 39.16 -59.17
O1A ADP Z . 4.41 39.90 -59.65
O2A ADP Z . 6.25 39.75 -57.93
O3A ADP Z . 5.22 37.65 -58.82
O5' ADP Z . 6.74 39.04 -60.27
C5' ADP Z . 6.58 38.43 -61.58
C4' ADP Z . 7.90 38.41 -62.30
O4' ADP Z . 8.57 39.68 -62.16
C3' ADP Z . 8.90 37.34 -61.87
O3' ADP Z . 9.49 36.72 -63.01
C2' ADP Z . 9.91 38.11 -61.01
O2' ADP Z . 11.21 37.56 -61.07
C1' ADP Z . 9.87 39.50 -61.65
N9 ADP Z . 10.16 40.59 -60.72
C8 ADP Z . 9.36 41.01 -59.67
N7 ADP Z . 9.88 42.00 -58.98
C5 ADP Z . 11.08 42.25 -59.62
C6 ADP Z . 12.11 43.18 -59.36
N6 ADP Z . 12.09 44.05 -58.33
N1 ADP Z . 13.20 43.17 -60.17
C2 ADP Z . 13.23 42.30 -61.18
N3 ADP Z . 12.32 41.37 -61.52
C4 ADP Z . 11.27 41.40 -60.69
MG MG AA . 2.97 38.27 -55.25
CBB Y01 BA . 41.41 73.43 -52.33
CBE Y01 BA . 42.75 74.16 -52.06
CAP Y01 BA . 42.60 75.28 -51.01
CAQ Y01 BA . 44.00 75.48 -50.40
CBG Y01 BA . 44.91 74.55 -51.23
CBI Y01 BA . 43.99 73.36 -51.59
CAE Y01 BA . 43.66 72.45 -50.39
CAU Y01 BA . 44.75 72.57 -52.68
CAS Y01 BA . 46.14 72.11 -52.23
CBF Y01 BA . 47.03 73.24 -51.68
CBD Y01 BA . 46.30 74.15 -50.67
CAK Y01 BA . 47.15 75.37 -50.36
CAI Y01 BA . 48.58 75.02 -50.11
CAZ Y01 BA . 49.15 73.85 -50.42
CAV Y01 BA . 50.61 73.60 -50.10
CBH Y01 BA . 48.39 72.70 -51.09
CAD Y01 BA . 48.17 71.58 -50.05
CAT Y01 BA . 49.26 72.16 -52.26
CAR Y01 BA . 50.71 71.85 -51.88
CBC Y01 BA . 51.39 73.06 -51.28
OAW Y01 BA . 52.69 72.64 -50.77
PB ADP CA . 6.09 30.61 -32.54
O1B ADP CA . 5.44 29.69 -31.56
O2B ADP CA . 5.07 31.37 -33.39
O3B ADP CA . 7.06 29.90 -33.48
PA ADP CA . 8.42 31.76 -31.21
O1A ADP CA . 8.89 30.40 -30.87
O2A ADP CA . 9.28 32.49 -32.24
O3A ADP CA . 6.93 31.73 -31.77
O5' ADP CA . 8.35 32.71 -29.92
C5' ADP CA . 7.55 32.47 -28.75
C4' ADP CA . 7.64 33.65 -27.80
O4' ADP CA . 9.01 34.07 -27.67
C3' ADP CA . 6.83 34.88 -28.17
O3' ADP CA . 6.15 35.42 -27.03
C2' ADP CA . 7.87 35.84 -28.75
O2' ADP CA . 7.55 37.22 -28.54
C1' ADP CA . 9.13 35.46 -27.97
N9 ADP CA . 10.38 35.66 -28.70
C8 ADP CA . 10.80 34.99 -29.81
N7 ADP CA . 11.96 35.39 -30.29
C5 ADP CA . 12.32 36.42 -29.42
C6 ADP CA . 13.44 37.28 -29.38
N6 ADP CA . 14.43 37.24 -30.27
N1 ADP CA . 13.49 38.20 -28.39
C2 ADP CA . 12.49 38.24 -27.51
N3 ADP CA . 11.38 37.49 -27.45
C4 ADP CA . 11.36 36.59 -28.44
MG MG DA . 7.60 29.93 -35.60
CBB Y01 EA . 48.31 61.49 -27.80
CBE Y01 EA . 49.23 62.73 -27.73
CAP Y01 EA . 50.47 62.57 -28.63
CAQ Y01 EA . 50.91 64.01 -29.01
CBG Y01 EA . 49.99 64.91 -28.17
CBI Y01 EA . 48.66 64.13 -28.11
CAE Y01 EA . 47.91 64.11 -29.46
CAU Y01 EA . 47.81 64.82 -27.03
CAS Y01 EA . 47.59 66.31 -27.29
CBF Y01 EA . 48.89 67.11 -27.53
CBD Y01 EA . 49.84 66.40 -28.54
CAK Y01 EA . 51.20 67.11 -28.52
CAI Y01 EA . 51.07 68.60 -28.55
CAZ Y01 EA . 49.96 69.28 -28.30
CAV Y01 EA . 49.95 70.79 -28.39
CBH Y01 EA . 48.63 68.60 -27.92
CAD Y01 EA . 47.66 68.71 -29.12
CAT Y01 EA . 48.04 69.34 -26.69
CAR Y01 EA . 47.96 70.85 -26.85
CBC Y01 EA . 49.33 71.44 -27.17
OAW Y01 EA . 49.11 72.85 -27.52
CAY Y01 EA . 50.10 73.75 -27.34
OAG Y01 EA . 51.03 73.60 -26.58
CAM Y01 EA . 49.92 74.93 -28.24
CAL Y01 EA . 49.88 76.27 -27.53
CAX Y01 EA . 49.58 77.41 -28.46
OAH Y01 EA . 50.56 78.28 -28.57
OAF Y01 EA . 48.51 77.53 -29.04
#